data_2OHI
#
_entry.id   2OHI
#
_cell.length_a   97.798
_cell.length_b   123.113
_cell.length_c   135.864
_cell.angle_alpha   90.00
_cell.angle_beta   103.40
_cell.angle_gamma   90.00
#
_symmetry.space_group_name_H-M   'P 1 21 1'
#
loop_
_entity.id
_entity.type
_entity.pdbx_description
1 polymer 'Type A flavoprotein fprA'
2 non-polymer 'FE (III) ION'
3 non-polymer 'FLAVIN MONONUCLEOTIDE'
4 non-polymer 'CHLORIDE ION'
5 water water
#
_entity_poly.entity_id   1
_entity_poly.type   'polypeptide(L)'
_entity_poly.pdbx_seq_one_letter_code
;MKAAAKRISDGVYWTGVLDWDLRNYHGYTLQGTTYNAYLVCGDEGVALIDNSYPGTFDELMARVEDALQQVGMERVDYII
QNHVEKDHSGVLVELHRRFPEAPIYCTEVAVKGLLKHYPSLREAEFMTVKTGDVLDLGGKTLTFLETPLLHWPDSMFTLL
DEDGILFSNDAFGQHLCCPQRLDREIPEYILMDAARKFYANLITPLSKLVLKKFDEVKELGLLERIQMIAPSHGQIWTDP
MKIIEAYTGWATGMVDERVTVIYDTMHGSTRKMAHAIAEGAMSEGVDVRVYCLHEDDRSEIVKDILESGAIALGAPTIYD
EPYPSVGDLLMYLRGLKFNRTLTRKALVFGSMGGNGGATGTMKELLAEAGFDVACEEEVYYVPTGDELDACFEAGRKLAA
EIRR
;
_entity_poly.pdbx_strand_id   A,B,D,E,G,H,I,J
#
loop_
_chem_comp.id
_chem_comp.type
_chem_comp.name
_chem_comp.formula
CL non-polymer 'CHLORIDE ION' 'Cl -1'
FE non-polymer 'FE (III) ION' 'Fe 3'
FMN non-polymer 'FLAVIN MONONUCLEOTIDE' 'C17 H21 N4 O9 P'
#
# COMPACT_ATOMS: atom_id res chain seq x y z
N MET A 1 36.83 -48.62 -4.05
CA MET A 1 35.38 -48.93 -3.86
C MET A 1 35.09 -50.35 -4.36
N LYS A 2 34.30 -51.08 -3.58
CA LYS A 2 33.94 -52.47 -3.88
C LYS A 2 32.67 -52.62 -4.74
N ALA A 3 32.88 -52.95 -6.01
CA ALA A 3 31.81 -53.33 -6.93
C ALA A 3 32.35 -54.35 -7.93
N ALA A 4 31.83 -55.57 -7.84
CA ALA A 4 32.30 -56.69 -8.66
C ALA A 4 31.64 -56.77 -10.05
N ALA A 5 32.45 -57.19 -11.03
CA ALA A 5 31.99 -57.42 -12.39
C ALA A 5 31.41 -58.83 -12.55
N LYS A 6 30.57 -59.03 -13.57
CA LYS A 6 29.85 -60.28 -13.76
C LYS A 6 30.22 -60.98 -15.09
N ARG A 7 30.81 -62.16 -15.01
CA ARG A 7 31.11 -62.97 -16.20
C ARG A 7 29.82 -63.44 -16.88
N ILE A 8 29.61 -63.02 -18.13
CA ILE A 8 28.43 -63.43 -18.88
C ILE A 8 28.79 -64.36 -20.07
N SER A 9 30.09 -64.40 -20.38
CA SER A 9 30.68 -65.35 -21.32
C SER A 9 32.18 -65.25 -21.17
N ASP A 10 32.94 -66.17 -21.78
CA ASP A 10 34.41 -66.15 -21.72
C ASP A 10 34.92 -64.81 -22.21
N GLY A 11 35.69 -64.13 -21.37
CA GLY A 11 36.20 -62.79 -21.67
C GLY A 11 35.16 -61.68 -21.67
N VAL A 12 33.88 -62.02 -21.59
CA VAL A 12 32.83 -60.98 -21.60
C VAL A 12 32.22 -60.81 -20.20
N TYR A 13 32.28 -59.57 -19.73
CA TYR A 13 31.83 -59.21 -18.38
C TYR A 13 30.92 -58.00 -18.41
N TRP A 14 29.83 -58.04 -17.63
CA TRP A 14 29.03 -56.84 -17.37
C TRP A 14 29.78 -55.97 -16.35
N THR A 15 29.78 -54.66 -16.59
CA THR A 15 30.51 -53.70 -15.76
C THR A 15 29.69 -52.42 -15.58
N GLY A 16 28.38 -52.55 -15.66
CA GLY A 16 27.52 -51.38 -15.64
C GLY A 16 27.24 -50.81 -14.26
N VAL A 17 26.26 -49.92 -14.20
CA VAL A 17 25.87 -49.32 -12.93
C VAL A 17 24.43 -49.63 -12.59
N LEU A 18 24.16 -49.85 -11.31
CA LEU A 18 22.84 -50.16 -10.81
C LEU A 18 22.19 -48.90 -10.27
N ASP A 19 21.18 -48.37 -10.97
CA ASP A 19 20.47 -47.18 -10.55
C ASP A 19 19.16 -47.57 -9.85
N TRP A 20 19.27 -47.92 -8.57
CA TRP A 20 18.13 -48.27 -7.73
C TRP A 20 17.13 -47.11 -7.58
N ASP A 21 17.63 -45.88 -7.57
CA ASP A 21 16.82 -44.71 -7.17
C ASP A 21 15.95 -44.12 -8.25
N LEU A 22 16.39 -44.19 -9.51
CA LEU A 22 15.63 -43.61 -10.61
C LEU A 22 14.14 -44.04 -10.59
N ARG A 23 13.25 -43.06 -10.68
CA ARG A 23 11.80 -43.28 -10.70
C ARG A 23 11.14 -42.62 -11.91
N ASN A 24 11.91 -41.75 -12.58
CA ASN A 24 11.40 -40.94 -13.67
C ASN A 24 12.50 -40.55 -14.67
N TYR A 25 12.52 -41.26 -15.79
CA TYR A 25 13.48 -41.03 -16.86
C TYR A 25 12.81 -40.30 -18.03
N HIS A 26 12.90 -38.97 -17.99
CA HIS A 26 12.23 -38.06 -18.95
C HIS A 26 10.78 -38.43 -19.32
N GLY A 27 9.92 -38.45 -18.32
CA GLY A 27 8.50 -38.76 -18.50
C GLY A 27 8.18 -40.24 -18.65
N TYR A 28 9.20 -41.07 -18.47
CA TYR A 28 9.07 -42.53 -18.40
C TYR A 28 9.17 -42.94 -16.92
N THR A 29 8.12 -43.54 -16.36
CA THR A 29 8.17 -44.00 -14.98
C THR A 29 8.75 -45.42 -14.87
N LEU A 30 9.55 -45.63 -13.83
CA LEU A 30 10.18 -46.92 -13.59
C LEU A 30 10.50 -47.08 -12.11
N GLN A 31 10.90 -48.28 -11.72
CA GLN A 31 11.40 -48.55 -10.37
C GLN A 31 12.87 -48.93 -10.51
N GLY A 32 13.66 -47.94 -10.89
CA GLY A 32 15.08 -48.11 -11.10
C GLY A 32 15.39 -48.60 -12.49
N THR A 33 16.62 -48.35 -12.92
CA THR A 33 17.16 -48.94 -14.15
C THR A 33 18.64 -49.28 -13.97
N THR A 34 19.24 -49.85 -15.02
CA THR A 34 20.70 -50.04 -15.07
C THR A 34 21.30 -49.37 -16.29
N TYR A 35 22.60 -49.09 -16.21
CA TYR A 35 23.40 -48.71 -17.38
C TYR A 35 24.45 -49.77 -17.56
N ASN A 36 24.23 -50.63 -18.56
CA ASN A 36 25.10 -51.76 -18.84
C ASN A 36 26.33 -51.41 -19.71
N ALA A 37 27.52 -51.53 -19.15
CA ALA A 37 28.75 -51.47 -19.94
C ALA A 37 29.31 -52.88 -19.98
N TYR A 38 29.92 -53.24 -21.12
CA TYR A 38 30.50 -54.57 -21.27
C TYR A 38 31.98 -54.49 -21.56
N LEU A 39 32.75 -55.28 -20.82
CA LEU A 39 34.18 -55.38 -21.05
C LEU A 39 34.42 -56.63 -21.89
N VAL A 40 34.97 -56.44 -23.09
CA VAL A 40 35.21 -57.53 -24.01
C VAL A 40 36.71 -57.67 -24.24
N CYS A 41 37.24 -58.84 -23.92
CA CYS A 41 38.67 -59.05 -23.78
C CYS A 41 39.15 -60.16 -24.71
N GLY A 42 39.99 -59.81 -25.67
CA GLY A 42 40.66 -60.81 -26.51
C GLY A 42 41.99 -61.23 -25.91
N ASP A 43 42.87 -61.78 -26.76
CA ASP A 43 44.22 -62.19 -26.37
C ASP A 43 45.23 -61.04 -26.50
N GLU A 44 44.89 -60.05 -27.33
CA GLU A 44 45.75 -58.91 -27.61
C GLU A 44 45.25 -57.64 -26.93
N GLY A 45 43.96 -57.38 -27.06
CA GLY A 45 43.36 -56.17 -26.52
C GLY A 45 42.05 -56.34 -25.78
N VAL A 46 41.62 -55.26 -25.14
CA VAL A 46 40.36 -55.24 -24.43
C VAL A 46 39.50 -54.05 -24.89
N ALA A 47 38.24 -54.34 -25.16
CA ALA A 47 37.27 -53.33 -25.57
C ALA A 47 36.29 -53.11 -24.43
N LEU A 48 35.83 -51.86 -24.30
CA LEU A 48 34.78 -51.50 -23.35
C LEU A 48 33.61 -50.96 -24.15
N ILE A 49 32.54 -51.75 -24.24
CA ILE A 49 31.34 -51.34 -24.97
C ILE A 49 30.42 -50.46 -24.08
N ASP A 50 30.30 -49.18 -24.44
CA ASP A 50 29.47 -48.19 -23.72
C ASP A 50 29.88 -47.86 -22.27
N ASN A 51 29.21 -46.88 -21.67
CA ASN A 51 29.42 -46.58 -20.24
C ASN A 51 28.17 -46.17 -19.44
N SER A 52 28.19 -45.04 -18.75
CA SER A 52 27.09 -44.69 -17.83
C SER A 52 26.78 -43.21 -17.62
N TYR A 53 25.67 -42.95 -16.93
CA TYR A 53 25.20 -41.61 -16.55
C TYR A 53 26.29 -40.80 -15.82
N PRO A 54 26.39 -39.47 -16.07
CA PRO A 54 27.42 -38.66 -15.42
C PRO A 54 27.46 -38.82 -13.90
N GLY A 55 28.66 -38.81 -13.32
CA GLY A 55 28.84 -38.87 -11.87
C GLY A 55 28.94 -40.27 -11.28
N THR A 56 28.81 -41.28 -12.14
CA THR A 56 28.79 -42.68 -11.74
C THR A 56 30.05 -43.41 -12.18
N PHE A 57 31.15 -42.67 -12.30
CA PHE A 57 32.40 -43.27 -12.78
C PHE A 57 33.00 -44.27 -11.79
N ASP A 58 33.24 -43.83 -10.55
CA ASP A 58 33.81 -44.70 -9.52
C ASP A 58 33.15 -46.09 -9.45
N GLU A 59 31.84 -46.14 -9.67
CA GLU A 59 31.15 -47.44 -9.66
C GLU A 59 31.49 -48.28 -10.88
N LEU A 60 31.43 -47.70 -12.08
CA LEU A 60 31.81 -48.38 -13.33
C LEU A 60 33.27 -48.80 -13.33
N MET A 61 34.14 -47.88 -12.89
CA MET A 61 35.58 -48.10 -12.88
C MET A 61 35.94 -49.24 -11.93
N ALA A 62 35.21 -49.33 -10.81
CA ALA A 62 35.41 -50.41 -9.86
C ALA A 62 35.14 -51.77 -10.51
N ARG A 63 34.04 -51.86 -11.27
CA ARG A 63 33.69 -53.10 -11.94
C ARG A 63 34.67 -53.46 -13.04
N VAL A 64 35.02 -52.50 -13.90
CA VAL A 64 35.97 -52.77 -14.98
C VAL A 64 37.35 -53.22 -14.47
N GLU A 65 37.75 -52.70 -13.30
CA GLU A 65 39.00 -53.12 -12.62
C GLU A 65 38.93 -54.53 -12.05
N ASP A 66 37.76 -54.92 -11.56
CA ASP A 66 37.51 -56.29 -11.13
C ASP A 66 37.63 -57.26 -12.31
N ALA A 67 36.87 -56.99 -13.38
CA ALA A 67 36.92 -57.77 -14.62
C ALA A 67 38.33 -57.88 -15.20
N LEU A 68 39.13 -56.82 -15.07
CA LEU A 68 40.52 -56.82 -15.54
C LEU A 68 41.42 -57.75 -14.71
N GLN A 69 41.41 -57.58 -13.39
CA GLN A 69 42.06 -58.50 -12.45
C GLN A 69 41.61 -59.96 -12.67
N GLN A 70 40.29 -60.17 -12.80
CA GLN A 70 39.72 -61.50 -13.09
C GLN A 70 40.28 -62.12 -14.38
N VAL A 71 40.29 -61.36 -15.47
CA VAL A 71 40.70 -61.89 -16.77
C VAL A 71 42.22 -61.76 -17.01
N GLY A 72 42.91 -61.06 -16.11
CA GLY A 72 44.38 -60.94 -16.14
C GLY A 72 44.97 -59.87 -17.04
N MET A 73 44.16 -58.91 -17.46
CA MET A 73 44.59 -57.85 -18.39
C MET A 73 44.89 -56.51 -17.67
N GLU A 74 45.75 -55.69 -18.28
CA GLU A 74 46.27 -54.47 -17.64
C GLU A 74 45.33 -53.25 -17.61
N ARG A 75 44.72 -52.91 -18.75
CA ARG A 75 43.81 -51.77 -18.84
C ARG A 75 42.95 -51.84 -20.12
N VAL A 76 42.05 -50.86 -20.30
CA VAL A 76 41.21 -50.77 -21.50
C VAL A 76 41.96 -50.21 -22.72
N ASP A 77 41.87 -50.93 -23.83
CA ASP A 77 42.61 -50.60 -25.06
C ASP A 77 41.75 -49.86 -26.09
N TYR A 78 40.44 -50.11 -26.06
CA TYR A 78 39.50 -49.44 -26.98
C TYR A 78 38.19 -49.07 -26.27
N ILE A 79 37.72 -47.85 -26.56
CA ILE A 79 36.46 -47.36 -26.04
C ILE A 79 35.43 -47.36 -27.16
N ILE A 80 34.30 -48.04 -26.94
CA ILE A 80 33.24 -48.14 -27.95
C ILE A 80 31.97 -47.45 -27.51
N GLN A 81 31.49 -46.52 -28.35
CA GLN A 81 30.24 -45.79 -28.09
C GLN A 81 29.19 -46.07 -29.15
N ASN A 82 28.21 -46.89 -28.79
CA ASN A 82 27.15 -47.26 -29.71
C ASN A 82 26.12 -46.14 -29.84
N HIS A 83 26.01 -45.34 -28.78
CA HIS A 83 24.97 -44.33 -28.61
C HIS A 83 25.58 -43.11 -27.92
N VAL A 84 25.29 -41.91 -28.42
CA VAL A 84 25.81 -40.69 -27.80
C VAL A 84 25.07 -40.22 -26.55
N GLU A 85 23.85 -40.72 -26.33
CA GLU A 85 23.01 -40.27 -25.21
C GLU A 85 23.70 -40.40 -23.84
N LYS A 86 23.50 -39.38 -22.99
CA LYS A 86 24.31 -39.20 -21.78
C LYS A 86 24.17 -40.28 -20.70
N ASP A 87 23.15 -41.13 -20.78
CA ASP A 87 23.09 -42.28 -19.87
C ASP A 87 24.07 -43.39 -20.28
N HIS A 88 24.67 -43.24 -21.46
CA HIS A 88 25.65 -44.23 -21.95
C HIS A 88 27.00 -43.62 -22.26
N SER A 89 27.09 -42.29 -22.19
CA SER A 89 28.31 -41.59 -22.55
C SER A 89 28.77 -40.60 -21.46
N GLY A 90 28.03 -40.59 -20.35
CA GLY A 90 28.25 -39.65 -19.25
C GLY A 90 29.60 -39.69 -18.54
N VAL A 91 30.31 -40.82 -18.64
CA VAL A 91 31.65 -40.90 -18.05
C VAL A 91 32.80 -41.13 -19.08
N LEU A 92 32.55 -40.78 -20.33
CA LEU A 92 33.54 -40.97 -21.40
C LEU A 92 34.78 -40.06 -21.24
N VAL A 93 34.56 -38.86 -20.72
CA VAL A 93 35.64 -37.92 -20.40
C VAL A 93 36.59 -38.52 -19.34
N GLU A 94 36.00 -39.11 -18.30
CA GLU A 94 36.74 -39.80 -17.24
C GLU A 94 37.41 -41.10 -17.70
N LEU A 95 36.86 -41.72 -18.74
CA LEU A 95 37.48 -42.89 -19.37
C LEU A 95 38.63 -42.52 -20.30
N HIS A 96 38.44 -41.45 -21.08
CA HIS A 96 39.51 -40.92 -21.92
C HIS A 96 40.69 -40.40 -21.09
N ARG A 97 40.41 -39.88 -19.89
CA ARG A 97 41.45 -39.41 -18.97
C ARG A 97 42.15 -40.58 -18.24
N ARG A 98 41.37 -41.58 -17.83
CA ARG A 98 41.90 -42.79 -17.21
C ARG A 98 42.69 -43.65 -18.21
N PHE A 99 42.26 -43.64 -19.48
CA PHE A 99 42.95 -44.36 -20.54
C PHE A 99 43.31 -43.44 -21.71
N PRO A 100 44.36 -42.60 -21.53
CA PRO A 100 44.69 -41.55 -22.51
C PRO A 100 45.20 -42.08 -23.86
N GLU A 101 45.42 -43.39 -23.94
CA GLU A 101 45.83 -44.03 -25.18
C GLU A 101 44.66 -44.67 -25.95
N ALA A 102 43.61 -45.07 -25.22
CA ALA A 102 42.50 -45.83 -25.81
C ALA A 102 41.60 -45.04 -26.77
N PRO A 103 41.68 -45.34 -28.10
CA PRO A 103 40.83 -44.70 -29.12
C PRO A 103 39.33 -44.90 -28.86
N ILE A 104 38.54 -43.91 -29.24
CA ILE A 104 37.08 -43.98 -29.16
C ILE A 104 36.52 -44.46 -30.50
N TYR A 105 35.75 -45.55 -30.44
CA TYR A 105 35.18 -46.21 -31.62
C TYR A 105 33.68 -45.99 -31.72
N CYS A 106 33.27 -45.23 -32.71
CA CYS A 106 31.87 -44.87 -32.89
C CYS A 106 31.61 -44.61 -34.37
N THR A 107 30.37 -44.26 -34.72
CA THR A 107 30.02 -43.96 -36.11
C THR A 107 30.50 -42.56 -36.51
N GLU A 108 30.28 -42.19 -37.77
CA GLU A 108 30.60 -40.84 -38.24
C GLU A 108 29.75 -39.78 -37.56
N VAL A 109 28.44 -40.03 -37.49
CA VAL A 109 27.48 -39.07 -36.90
C VAL A 109 27.68 -38.91 -35.39
N ALA A 110 27.90 -40.01 -34.69
CA ALA A 110 28.24 -39.99 -33.27
C ALA A 110 29.34 -39.00 -32.87
N VAL A 111 30.41 -38.91 -33.67
CA VAL A 111 31.53 -38.00 -33.42
C VAL A 111 31.09 -36.53 -33.25
N LYS A 112 30.24 -36.05 -34.17
CA LYS A 112 29.66 -34.71 -34.05
C LYS A 112 28.80 -34.55 -32.79
N GLY A 113 28.01 -35.56 -32.47
CA GLY A 113 27.17 -35.54 -31.27
C GLY A 113 27.99 -35.61 -29.98
N LEU A 114 29.08 -36.38 -30.01
CA LEU A 114 29.92 -36.60 -28.84
C LEU A 114 30.83 -35.40 -28.56
N LEU A 115 31.25 -34.71 -29.60
CA LEU A 115 32.04 -33.49 -29.44
C LEU A 115 31.21 -32.33 -28.90
N LYS A 116 29.92 -32.29 -29.28
CA LYS A 116 28.98 -31.26 -28.84
C LYS A 116 28.60 -31.41 -27.36
N HIS A 117 28.53 -32.67 -26.89
CA HIS A 117 28.27 -32.97 -25.49
C HIS A 117 29.49 -32.68 -24.62
N TYR A 118 30.65 -33.11 -25.09
CA TYR A 118 31.90 -33.02 -24.33
C TYR A 118 32.98 -32.39 -25.21
N PRO A 119 33.08 -31.04 -25.17
CA PRO A 119 34.03 -30.23 -25.95
C PRO A 119 35.49 -30.56 -25.62
N SER A 120 35.70 -31.16 -24.45
CA SER A 120 37.01 -31.60 -23.96
C SER A 120 37.65 -32.64 -24.86
N LEU A 121 36.83 -33.48 -25.49
CA LEU A 121 37.30 -34.55 -26.36
C LEU A 121 37.74 -34.06 -27.75
N ARG A 122 37.93 -32.75 -27.90
CA ARG A 122 38.45 -32.18 -29.14
C ARG A 122 39.81 -32.77 -29.52
N GLU A 123 40.66 -32.99 -28.52
CA GLU A 123 42.02 -33.52 -28.74
C GLU A 123 42.11 -35.02 -28.45
N ALA A 124 40.97 -35.70 -28.52
CA ALA A 124 40.90 -37.16 -28.36
C ALA A 124 40.98 -37.88 -29.70
N GLU A 125 41.47 -39.12 -29.68
CA GLU A 125 41.62 -39.91 -30.89
C GLU A 125 40.35 -40.67 -31.19
N PHE A 126 39.69 -40.31 -32.29
CA PHE A 126 38.47 -40.98 -32.72
C PHE A 126 38.76 -41.97 -33.84
N MET A 127 38.16 -43.15 -33.75
CA MET A 127 38.31 -44.16 -34.78
C MET A 127 36.97 -44.51 -35.41
N THR A 128 36.63 -43.77 -36.47
CA THR A 128 35.31 -43.82 -37.13
C THR A 128 34.98 -45.15 -37.81
N VAL A 129 33.84 -45.74 -37.41
CA VAL A 129 33.40 -47.05 -37.93
C VAL A 129 32.13 -46.97 -38.77
N LYS A 130 31.95 -47.95 -39.66
CA LYS A 130 30.72 -48.13 -40.43
C LYS A 130 30.34 -49.61 -40.53
N THR A 131 29.13 -49.87 -41.01
CA THR A 131 28.60 -51.24 -41.15
C THR A 131 29.55 -52.16 -41.88
N GLY A 132 29.94 -53.24 -41.21
CA GLY A 132 30.83 -54.25 -41.76
C GLY A 132 32.25 -54.14 -41.24
N ASP A 133 32.57 -53.02 -40.58
CA ASP A 133 33.90 -52.83 -40.00
C ASP A 133 34.15 -53.72 -38.78
N VAL A 134 35.42 -54.10 -38.61
CA VAL A 134 35.85 -55.08 -37.61
C VAL A 134 36.95 -54.48 -36.71
N LEU A 135 36.85 -54.75 -35.41
CA LEU A 135 37.93 -54.47 -34.46
C LEU A 135 38.50 -55.79 -33.91
N ASP A 136 39.64 -56.20 -34.44
CA ASP A 136 40.29 -57.46 -34.09
C ASP A 136 40.94 -57.36 -32.71
N LEU A 137 40.55 -58.26 -31.80
CA LEU A 137 41.05 -58.23 -30.41
C LEU A 137 42.03 -59.37 -30.10
N GLY A 138 42.34 -60.17 -31.11
CA GLY A 138 43.17 -61.38 -30.96
C GLY A 138 42.33 -62.58 -30.56
N GLY A 139 41.75 -63.26 -31.56
CA GLY A 139 40.86 -64.40 -31.31
C GLY A 139 39.39 -64.01 -31.27
N LYS A 140 39.11 -62.90 -30.59
CA LYS A 140 37.78 -62.32 -30.61
C LYS A 140 37.73 -61.14 -31.57
N THR A 141 36.70 -61.09 -32.40
CA THR A 141 36.51 -59.96 -33.31
C THR A 141 35.14 -59.32 -33.13
N LEU A 142 35.15 -57.99 -33.02
CA LEU A 142 33.93 -57.19 -33.00
C LEU A 142 33.55 -56.76 -34.41
N THR A 143 32.26 -56.85 -34.74
CA THR A 143 31.71 -56.35 -36.00
C THR A 143 30.71 -55.24 -35.68
N PHE A 144 30.90 -54.10 -36.33
CA PHE A 144 30.06 -52.93 -36.12
C PHE A 144 28.96 -52.88 -37.17
N LEU A 145 27.73 -52.66 -36.72
CA LEU A 145 26.58 -52.53 -37.60
C LEU A 145 25.87 -51.22 -37.27
N GLU A 146 25.72 -50.34 -38.27
CA GLU A 146 25.01 -49.07 -38.07
C GLU A 146 23.51 -49.27 -37.94
N THR A 147 22.91 -48.59 -36.97
CA THR A 147 21.45 -48.57 -36.86
C THR A 147 20.88 -47.15 -36.68
N PRO A 148 20.98 -46.29 -37.71
CA PRO A 148 20.42 -44.94 -37.58
C PRO A 148 18.90 -44.94 -37.38
N LEU A 149 18.42 -44.00 -36.58
CA LEU A 149 16.99 -43.86 -36.25
C LEU A 149 16.44 -45.12 -35.57
N LEU A 150 17.28 -45.70 -34.71
CA LEU A 150 17.10 -47.08 -34.26
C LEU A 150 18.04 -47.38 -33.06
N HIS A 151 18.04 -46.57 -31.99
CA HIS A 151 17.03 -45.55 -31.67
C HIS A 151 17.37 -44.10 -32.10
N TRP A 152 18.66 -43.72 -32.09
CA TRP A 152 19.10 -42.37 -32.53
C TRP A 152 19.87 -42.39 -33.85
N PRO A 153 20.01 -41.22 -34.50
CA PRO A 153 20.83 -41.03 -35.74
C PRO A 153 22.29 -41.51 -35.69
N ASP A 154 22.84 -41.61 -34.48
CA ASP A 154 24.26 -41.91 -34.24
C ASP A 154 24.44 -43.33 -33.73
N SER A 155 23.35 -44.10 -33.72
CA SER A 155 23.34 -45.41 -33.08
C SER A 155 23.94 -46.52 -33.92
N MET A 156 24.45 -47.54 -33.24
CA MET A 156 25.04 -48.72 -33.89
C MET A 156 25.08 -49.94 -32.96
N PHE A 157 25.08 -51.14 -33.54
CA PHE A 157 25.26 -52.41 -32.81
C PHE A 157 26.73 -52.86 -32.88
N THR A 158 27.18 -53.58 -31.87
CA THR A 158 28.46 -54.26 -31.89
C THR A 158 28.11 -55.74 -31.74
N LEU A 159 28.80 -56.58 -32.52
CA LEU A 159 28.55 -58.02 -32.57
C LEU A 159 29.79 -58.81 -32.17
N LEU A 160 29.56 -60.05 -31.76
CA LEU A 160 30.64 -61.00 -31.52
C LEU A 160 30.15 -62.28 -32.18
N ASP A 161 30.80 -62.67 -33.29
CA ASP A 161 30.27 -63.74 -34.14
C ASP A 161 30.70 -65.18 -33.81
N GLU A 162 31.98 -65.39 -33.52
CA GLU A 162 32.43 -66.69 -33.01
C GLU A 162 31.80 -66.99 -31.63
N ASP A 163 30.98 -66.06 -31.15
CA ASP A 163 30.36 -66.15 -29.83
C ASP A 163 28.85 -65.86 -29.90
N GLY A 164 28.40 -65.32 -31.02
CA GLY A 164 26.96 -65.03 -31.25
C GLY A 164 26.29 -64.10 -30.25
N ILE A 165 27.01 -63.08 -29.79
CA ILE A 165 26.49 -62.11 -28.81
C ILE A 165 26.27 -60.72 -29.44
N LEU A 166 25.05 -60.22 -29.37
CA LEU A 166 24.71 -58.90 -29.90
C LEU A 166 24.67 -57.84 -28.80
N PHE A 167 25.55 -56.86 -28.90
CA PHE A 167 25.48 -55.69 -28.05
C PHE A 167 24.60 -54.67 -28.75
N SER A 168 23.34 -54.59 -28.31
CA SER A 168 22.29 -53.88 -29.05
C SER A 168 21.98 -52.46 -28.59
N ASN A 169 22.73 -51.94 -27.62
CA ASN A 169 22.41 -50.65 -26.97
C ASN A 169 20.92 -50.59 -26.53
N ASP A 170 20.22 -49.47 -26.76
CA ASP A 170 18.84 -49.30 -26.31
C ASP A 170 17.85 -50.35 -26.83
N ALA A 171 18.20 -51.01 -27.93
CA ALA A 171 17.35 -52.05 -28.53
C ALA A 171 17.22 -53.26 -27.59
N PHE A 172 15.99 -53.73 -27.39
CA PHE A 172 15.70 -54.93 -26.59
C PHE A 172 15.97 -54.68 -25.09
N GLY A 173 16.06 -53.39 -24.74
CA GLY A 173 16.29 -52.96 -23.37
C GLY A 173 15.01 -52.97 -22.55
N GLN A 174 15.17 -52.85 -21.23
CA GLN A 174 14.08 -52.77 -20.30
C GLN A 174 14.60 -51.99 -19.10
N HIS A 175 13.76 -51.11 -18.57
CA HIS A 175 14.13 -50.34 -17.41
C HIS A 175 13.80 -51.09 -16.14
N LEU A 176 14.77 -51.92 -15.73
CA LEU A 176 14.72 -52.68 -14.48
C LEU A 176 16.08 -52.65 -13.80
N CYS A 177 16.03 -52.56 -12.47
CA CYS A 177 17.25 -52.63 -11.67
C CYS A 177 17.21 -53.83 -10.72
N CYS A 178 17.76 -54.94 -11.14
CA CYS A 178 17.70 -56.17 -10.36
C CYS A 178 19.11 -56.59 -10.05
N PRO A 179 19.35 -57.13 -8.84
CA PRO A 179 20.64 -57.76 -8.54
C PRO A 179 21.02 -58.84 -9.57
N GLN A 180 20.00 -59.54 -10.09
CA GLN A 180 20.18 -60.58 -11.10
C GLN A 180 20.42 -59.96 -12.48
N ARG A 181 21.33 -60.54 -13.25
CA ARG A 181 21.76 -59.91 -14.50
C ARG A 181 21.08 -60.46 -15.74
N LEU A 182 20.62 -61.70 -15.67
CA LEU A 182 20.11 -62.41 -16.86
C LEU A 182 18.60 -62.44 -16.87
N ASP A 183 18.04 -62.51 -18.07
CA ASP A 183 16.59 -62.58 -18.25
C ASP A 183 15.95 -63.75 -17.48
N ARG A 184 16.68 -64.86 -17.37
CA ARG A 184 16.15 -66.12 -16.86
C ARG A 184 16.09 -66.12 -15.34
N GLU A 185 16.75 -65.14 -14.73
CA GLU A 185 16.94 -65.09 -13.29
C GLU A 185 15.86 -64.30 -12.53
N ILE A 186 14.83 -63.83 -13.25
CA ILE A 186 13.74 -62.97 -12.71
C ILE A 186 12.38 -63.34 -13.36
N PRO A 187 11.24 -63.06 -12.68
CA PRO A 187 9.94 -63.47 -13.22
C PRO A 187 9.68 -62.98 -14.64
N GLU A 188 9.15 -63.81 -15.52
CA GLU A 188 9.03 -63.40 -16.92
C GLU A 188 7.91 -62.36 -17.14
N TYR A 189 6.91 -62.37 -16.26
CA TYR A 189 5.90 -61.33 -16.28
C TYR A 189 6.54 -59.93 -16.16
N ILE A 190 7.40 -59.79 -15.16
CA ILE A 190 8.14 -58.56 -14.89
C ILE A 190 9.01 -58.22 -16.09
N LEU A 191 9.89 -59.14 -16.46
CA LEU A 191 10.75 -59.02 -17.64
C LEU A 191 10.00 -58.52 -18.87
N MET A 192 8.97 -59.27 -19.30
CA MET A 192 8.28 -58.97 -20.56
C MET A 192 7.49 -57.67 -20.53
N ASP A 193 6.88 -57.37 -19.39
CA ASP A 193 6.10 -56.15 -19.22
C ASP A 193 7.00 -54.92 -19.27
N ALA A 194 8.18 -55.04 -18.68
CA ALA A 194 9.24 -54.04 -18.81
C ALA A 194 9.58 -53.80 -20.27
N ALA A 195 9.91 -54.89 -20.96
CA ALA A 195 10.27 -54.88 -22.38
C ALA A 195 9.14 -54.35 -23.26
N ARG A 196 7.89 -54.58 -22.82
CA ARG A 196 6.69 -54.11 -23.50
C ARG A 196 6.62 -52.58 -23.46
N LYS A 197 6.66 -52.02 -22.25
CA LYS A 197 6.69 -50.59 -21.96
C LYS A 197 7.84 -49.85 -22.63
N PHE A 198 8.99 -50.52 -22.72
CA PHE A 198 10.15 -49.96 -23.39
C PHE A 198 9.91 -49.88 -24.89
N TYR A 199 9.43 -50.97 -25.51
CA TYR A 199 9.06 -50.92 -26.93
C TYR A 199 8.06 -49.81 -27.18
N ALA A 200 6.97 -49.81 -26.40
CA ALA A 200 5.81 -48.93 -26.62
C ALA A 200 6.17 -47.45 -26.54
N ASN A 201 7.02 -47.10 -25.58
CA ASN A 201 7.41 -45.73 -25.39
C ASN A 201 8.63 -45.31 -26.19
N LEU A 202 9.45 -46.26 -26.62
CA LEU A 202 10.72 -45.90 -27.27
C LEU A 202 10.97 -46.41 -28.69
N ILE A 203 10.45 -47.59 -29.03
CA ILE A 203 10.65 -48.17 -30.35
C ILE A 203 9.46 -48.02 -31.35
N THR A 204 8.24 -47.86 -30.84
CA THR A 204 7.04 -47.81 -31.70
C THR A 204 7.12 -47.04 -33.04
N PRO A 205 7.57 -45.76 -33.03
CA PRO A 205 7.68 -45.04 -34.29
C PRO A 205 8.79 -45.61 -35.19
N LEU A 206 9.66 -46.43 -34.60
CA LEU A 206 10.81 -47.01 -35.29
C LEU A 206 10.46 -48.38 -35.86
N SER A 207 9.22 -48.82 -35.65
CA SER A 207 8.75 -50.17 -35.98
C SER A 207 9.12 -50.69 -37.35
N LYS A 208 8.84 -49.91 -38.39
CA LYS A 208 9.14 -50.27 -39.78
C LYS A 208 10.64 -50.36 -40.05
N LEU A 209 11.41 -49.54 -39.35
CA LEU A 209 12.86 -49.61 -39.41
C LEU A 209 13.44 -50.77 -38.59
N VAL A 210 12.63 -51.34 -37.69
CA VAL A 210 13.05 -52.54 -36.95
C VAL A 210 12.90 -53.82 -37.80
N LEU A 211 11.88 -53.88 -38.65
CA LEU A 211 11.67 -55.03 -39.53
C LEU A 211 12.69 -55.10 -40.67
N LYS A 212 13.01 -53.93 -41.23
CA LYS A 212 14.03 -53.81 -42.25
C LYS A 212 15.43 -54.10 -41.71
N LYS A 213 15.68 -53.70 -40.45
CA LYS A 213 16.93 -54.04 -39.79
C LYS A 213 17.06 -55.54 -39.57
N PHE A 214 15.95 -56.22 -39.30
CA PHE A 214 15.94 -57.69 -39.21
C PHE A 214 16.19 -58.34 -40.56
N ASP A 215 15.68 -57.70 -41.62
CA ASP A 215 15.90 -58.16 -43.00
C ASP A 215 17.34 -58.00 -43.44
N GLU A 216 18.02 -56.98 -42.90
CA GLU A 216 19.40 -56.66 -43.28
C GLU A 216 20.44 -57.54 -42.59
N VAL A 217 20.21 -57.86 -41.32
CA VAL A 217 21.11 -58.77 -40.58
C VAL A 217 21.00 -60.19 -41.18
N LYS A 218 19.79 -60.57 -41.58
CA LYS A 218 19.51 -61.85 -42.25
C LYS A 218 20.14 -61.93 -43.66
N GLU A 219 20.22 -60.78 -44.33
CA GLU A 219 20.80 -60.70 -45.68
C GLU A 219 22.33 -60.79 -45.65
N LEU A 220 22.93 -60.36 -44.53
CA LEU A 220 24.37 -60.41 -44.33
C LEU A 220 24.82 -61.69 -43.58
N GLY A 221 23.85 -62.56 -43.30
CA GLY A 221 24.11 -63.87 -42.68
C GLY A 221 24.69 -63.85 -41.28
N LEU A 222 24.01 -63.15 -40.36
CA LEU A 222 24.55 -62.95 -39.01
C LEU A 222 23.64 -63.38 -37.85
N LEU A 223 22.32 -63.40 -38.07
CA LEU A 223 21.36 -63.61 -36.97
C LEU A 223 21.08 -65.09 -36.61
N GLU A 224 21.31 -66.00 -37.56
CA GLU A 224 21.02 -67.42 -37.28
C GLU A 224 22.14 -68.11 -36.48
N ARG A 225 22.84 -67.31 -35.69
CA ARG A 225 23.93 -67.75 -34.85
C ARG A 225 23.64 -67.36 -33.41
N ILE A 226 22.66 -66.46 -33.26
CA ILE A 226 22.45 -65.67 -32.03
C ILE A 226 22.29 -66.49 -30.76
N GLN A 227 23.18 -66.24 -29.82
CA GLN A 227 23.17 -66.89 -28.52
C GLN A 227 22.70 -65.96 -27.41
N MET A 228 22.98 -64.67 -27.55
CA MET A 228 22.77 -63.72 -26.47
C MET A 228 22.51 -62.29 -26.99
N ILE A 229 21.57 -61.58 -26.35
CA ILE A 229 21.40 -60.15 -26.61
C ILE A 229 21.76 -59.39 -25.33
N ALA A 230 22.71 -58.47 -25.47
CA ALA A 230 23.20 -57.71 -24.34
C ALA A 230 22.89 -56.22 -24.54
N PRO A 231 21.73 -55.76 -24.02
CA PRO A 231 21.34 -54.37 -24.21
C PRO A 231 21.93 -53.44 -23.14
N SER A 232 21.75 -52.14 -23.32
CA SER A 232 22.30 -51.15 -22.42
C SER A 232 21.36 -50.85 -21.23
N HIS A 233 20.19 -51.47 -21.21
CA HIS A 233 19.29 -51.43 -20.05
C HIS A 233 18.73 -52.79 -19.71
N GLY A 234 18.85 -53.15 -18.44
CA GLY A 234 18.11 -54.27 -17.83
C GLY A 234 18.73 -55.63 -17.95
N GLN A 235 17.89 -56.63 -18.20
CA GLN A 235 18.31 -58.04 -18.23
C GLN A 235 18.99 -58.46 -19.52
N ILE A 236 20.04 -59.26 -19.40
CA ILE A 236 20.75 -59.82 -20.56
C ILE A 236 19.95 -61.03 -21.05
N TRP A 237 19.61 -61.03 -22.34
CA TRP A 237 18.71 -62.04 -22.90
C TRP A 237 19.46 -63.30 -23.25
N THR A 238 19.40 -64.31 -22.39
CA THR A 238 20.09 -65.57 -22.71
C THR A 238 19.21 -66.40 -23.64
N ASP A 239 17.92 -66.05 -23.69
CA ASP A 239 16.93 -66.57 -24.66
C ASP A 239 16.56 -65.42 -25.60
N PRO A 240 17.43 -65.12 -26.58
CA PRO A 240 17.23 -63.95 -27.46
C PRO A 240 16.03 -64.04 -28.41
N MET A 241 15.65 -65.25 -28.80
CA MET A 241 14.53 -65.45 -29.71
C MET A 241 13.18 -65.07 -29.11
N LYS A 242 13.12 -64.99 -27.77
CA LYS A 242 11.90 -64.59 -27.08
C LYS A 242 11.63 -63.10 -27.32
N ILE A 243 12.63 -62.26 -27.04
CA ILE A 243 12.55 -60.81 -27.28
C ILE A 243 12.54 -60.42 -28.77
N ILE A 244 13.20 -61.22 -29.61
CA ILE A 244 13.17 -61.00 -31.05
C ILE A 244 11.80 -61.37 -31.62
N GLU A 245 11.22 -62.48 -31.15
CA GLU A 245 9.86 -62.81 -31.59
C GLU A 245 8.81 -61.81 -31.08
N ALA A 246 8.95 -61.36 -29.83
CA ALA A 246 8.05 -60.31 -29.28
C ALA A 246 8.15 -59.00 -30.06
N TYR A 247 9.38 -58.59 -30.38
CA TYR A 247 9.64 -57.38 -31.17
C TYR A 247 9.03 -57.46 -32.57
N THR A 248 8.97 -58.68 -33.10
CA THR A 248 8.35 -58.95 -34.41
C THR A 248 6.84 -58.78 -34.31
N GLY A 249 6.24 -59.24 -33.21
CA GLY A 249 4.81 -59.07 -32.97
C GLY A 249 4.40 -57.63 -32.77
N TRP A 250 5.23 -56.88 -32.04
CA TRP A 250 4.96 -55.48 -31.74
C TRP A 250 5.12 -54.57 -32.96
N ALA A 251 6.03 -54.92 -33.86
CA ALA A 251 6.26 -54.11 -35.07
C ALA A 251 5.24 -54.37 -36.18
N THR A 252 4.63 -55.55 -36.19
CA THR A 252 3.61 -55.91 -37.18
C THR A 252 2.18 -55.83 -36.60
N GLY A 253 2.10 -55.56 -35.30
CA GLY A 253 0.83 -55.26 -34.65
C GLY A 253 -0.05 -56.45 -34.34
N MET A 254 0.51 -57.47 -33.69
CA MET A 254 -0.17 -58.74 -33.46
C MET A 254 -1.38 -58.75 -32.48
N VAL A 255 -1.21 -58.17 -31.29
CA VAL A 255 -2.27 -58.02 -30.25
C VAL A 255 -3.32 -59.12 -29.99
N ASP A 256 -3.59 -59.38 -28.70
CA ASP A 256 -4.79 -60.11 -28.27
C ASP A 256 -5.99 -59.16 -28.33
N GLU A 257 -7.18 -59.70 -28.09
CA GLU A 257 -8.40 -58.89 -28.07
C GLU A 257 -8.51 -58.01 -26.81
N ARG A 258 -8.31 -56.70 -27.01
CA ARG A 258 -8.21 -55.75 -25.91
C ARG A 258 -8.61 -54.34 -26.33
N VAL A 259 -9.46 -53.73 -25.52
CA VAL A 259 -9.76 -52.31 -25.60
C VAL A 259 -9.13 -51.58 -24.38
N THR A 260 -8.58 -50.40 -24.64
CA THR A 260 -8.08 -49.50 -23.60
C THR A 260 -8.99 -48.25 -23.55
N VAL A 261 -9.51 -47.97 -22.35
CA VAL A 261 -10.39 -46.81 -22.15
C VAL A 261 -9.59 -45.77 -21.41
N ILE A 262 -9.54 -44.56 -21.95
CA ILE A 262 -8.82 -43.43 -21.37
C ILE A 262 -9.74 -42.21 -21.26
N TYR A 263 -9.65 -41.46 -20.16
CA TYR A 263 -10.56 -40.32 -20.02
C TYR A 263 -10.03 -39.33 -19.01
N ASP A 264 -10.49 -38.08 -19.11
CA ASP A 264 -10.42 -37.18 -17.96
C ASP A 264 -11.83 -36.67 -17.66
N THR A 265 -12.03 -36.12 -16.47
CA THR A 265 -13.33 -35.62 -16.06
C THR A 265 -13.12 -34.52 -15.05
N MET A 266 -14.10 -33.62 -14.91
CA MET A 266 -14.09 -32.63 -13.82
C MET A 266 -15.15 -32.93 -12.75
N HIS A 267 -16.37 -33.19 -13.16
CA HIS A 267 -17.46 -33.45 -12.21
C HIS A 267 -17.92 -34.91 -12.23
N GLY A 268 -17.25 -35.77 -12.99
CA GLY A 268 -17.60 -37.21 -13.01
C GLY A 268 -18.56 -37.73 -14.08
N SER A 269 -19.09 -36.85 -14.93
CA SER A 269 -20.03 -37.29 -15.98
C SER A 269 -19.36 -38.09 -17.12
N THR A 270 -18.21 -37.62 -17.63
CA THR A 270 -17.37 -38.39 -18.56
C THR A 270 -16.88 -39.72 -17.95
N ARG A 271 -16.60 -39.74 -16.63
CA ARG A 271 -16.26 -40.97 -15.88
C ARG A 271 -17.37 -42.03 -15.92
N LYS A 272 -18.61 -41.61 -15.68
CA LYS A 272 -19.75 -42.52 -15.81
C LYS A 272 -19.87 -43.05 -17.25
N MET A 273 -19.45 -42.25 -18.22
CA MET A 273 -19.47 -42.65 -19.63
C MET A 273 -18.42 -43.68 -19.94
N ALA A 274 -17.20 -43.46 -19.41
CA ALA A 274 -16.06 -44.37 -19.61
C ALA A 274 -16.30 -45.75 -19.01
N HIS A 275 -16.89 -45.77 -17.82
CA HIS A 275 -17.21 -47.00 -17.15
C HIS A 275 -18.26 -47.80 -17.94
N ALA A 276 -19.22 -47.11 -18.56
CA ALA A 276 -20.26 -47.78 -19.37
C ALA A 276 -19.67 -48.31 -20.68
N ILE A 277 -18.83 -47.51 -21.35
CA ILE A 277 -18.05 -47.99 -22.50
C ILE A 277 -17.28 -49.27 -22.16
N ALA A 278 -16.57 -49.28 -21.03
CA ALA A 278 -15.84 -50.45 -20.54
C ALA A 278 -16.75 -51.63 -20.29
N GLU A 279 -17.91 -51.43 -19.68
CA GLU A 279 -18.87 -52.52 -19.47
C GLU A 279 -19.28 -53.15 -20.77
N GLY A 280 -19.48 -52.30 -21.78
CA GLY A 280 -19.90 -52.76 -23.11
C GLY A 280 -18.82 -53.60 -23.75
N ALA A 281 -17.57 -53.14 -23.67
CA ALA A 281 -16.43 -53.90 -24.16
C ALA A 281 -16.33 -55.27 -23.44
N MET A 282 -16.45 -55.24 -22.12
CA MET A 282 -16.45 -56.44 -21.30
C MET A 282 -17.51 -57.47 -21.65
N SER A 283 -18.68 -57.00 -22.08
CA SER A 283 -19.77 -57.91 -22.46
C SER A 283 -19.41 -58.77 -23.69
N GLU A 284 -18.32 -58.42 -24.37
CA GLU A 284 -17.85 -59.15 -25.56
C GLU A 284 -16.73 -60.12 -25.26
N GLY A 285 -16.26 -60.15 -24.01
CA GLY A 285 -15.28 -61.13 -23.57
C GLY A 285 -13.87 -60.73 -23.94
N VAL A 286 -13.70 -59.44 -24.24
CA VAL A 286 -12.42 -58.84 -24.60
C VAL A 286 -11.77 -58.29 -23.32
N ASP A 287 -10.44 -58.27 -23.27
CA ASP A 287 -9.72 -57.66 -22.14
C ASP A 287 -9.88 -56.15 -22.16
N VAL A 288 -9.96 -55.55 -20.98
CA VAL A 288 -10.24 -54.12 -20.87
C VAL A 288 -9.33 -53.45 -19.85
N ARG A 289 -8.88 -52.26 -20.20
CA ARG A 289 -8.08 -51.38 -19.33
C ARG A 289 -8.71 -50.01 -19.28
N VAL A 290 -8.64 -49.39 -18.11
CA VAL A 290 -9.30 -48.12 -17.87
C VAL A 290 -8.32 -47.20 -17.15
N TYR A 291 -7.95 -46.11 -17.82
CA TYR A 291 -7.02 -45.11 -17.29
C TYR A 291 -7.69 -43.76 -17.17
N CYS A 292 -7.41 -43.07 -16.09
CA CYS A 292 -7.77 -41.67 -15.93
C CYS A 292 -6.52 -40.84 -16.11
N LEU A 293 -6.62 -39.78 -16.91
CA LEU A 293 -5.45 -38.94 -17.16
C LEU A 293 -4.97 -38.12 -15.93
N HIS A 294 -5.85 -37.95 -14.93
CA HIS A 294 -5.52 -37.23 -13.69
C HIS A 294 -4.52 -38.00 -12.82
N GLU A 295 -4.50 -39.32 -13.01
CA GLU A 295 -3.80 -40.23 -12.13
C GLU A 295 -2.62 -40.87 -12.84
N ASP A 296 -2.87 -41.34 -14.05
CA ASP A 296 -2.00 -42.31 -14.70
C ASP A 296 -1.00 -41.67 -15.69
N ASP A 297 0.21 -42.22 -15.71
CA ASP A 297 1.30 -41.74 -16.57
C ASP A 297 1.09 -42.13 -18.04
N ARG A 298 1.56 -41.29 -18.96
CA ARG A 298 1.46 -41.59 -20.39
C ARG A 298 2.33 -42.77 -20.83
N SER A 299 3.36 -43.12 -20.08
CA SER A 299 4.17 -44.27 -20.46
C SER A 299 3.46 -45.61 -20.16
N GLU A 300 2.61 -45.61 -19.13
CA GLU A 300 1.83 -46.78 -18.79
C GLU A 300 0.65 -46.91 -19.77
N ILE A 301 -0.05 -45.81 -20.03
CA ILE A 301 -1.17 -45.78 -21.00
C ILE A 301 -0.74 -46.36 -22.36
N VAL A 302 0.35 -45.82 -22.89
CA VAL A 302 0.89 -46.19 -24.18
C VAL A 302 1.29 -47.67 -24.24
N LYS A 303 1.83 -48.21 -23.15
CA LYS A 303 2.16 -49.65 -23.06
C LYS A 303 0.95 -50.56 -23.40
N ASP A 304 -0.21 -50.21 -22.86
CA ASP A 304 -1.47 -50.94 -23.11
C ASP A 304 -2.05 -50.72 -24.52
N ILE A 305 -1.98 -49.48 -24.99
CA ILE A 305 -2.27 -49.11 -26.39
C ILE A 305 -1.52 -50.02 -27.37
N LEU A 306 -0.26 -50.32 -27.06
CA LEU A 306 0.56 -51.18 -27.92
C LEU A 306 -0.07 -52.58 -28.05
N GLU A 307 -0.67 -53.06 -26.96
CA GLU A 307 -1.31 -54.36 -26.90
C GLU A 307 -2.84 -54.29 -27.12
N SER A 308 -3.34 -53.14 -27.57
CA SER A 308 -4.80 -52.98 -27.81
C SER A 308 -5.15 -52.81 -29.28
N GLY A 309 -6.22 -53.44 -29.72
CA GLY A 309 -6.71 -53.23 -31.10
C GLY A 309 -7.50 -51.96 -31.23
N ALA A 310 -8.02 -51.47 -30.09
CA ALA A 310 -9.00 -50.40 -30.02
C ALA A 310 -8.84 -49.57 -28.74
N ILE A 311 -9.02 -48.25 -28.83
CA ILE A 311 -9.02 -47.38 -27.68
C ILE A 311 -10.29 -46.53 -27.64
N ALA A 312 -10.61 -46.01 -26.47
CA ALA A 312 -11.67 -45.02 -26.31
C ALA A 312 -11.07 -43.86 -25.55
N LEU A 313 -11.23 -42.65 -26.07
CA LEU A 313 -10.72 -41.43 -25.42
C LEU A 313 -11.85 -40.47 -25.12
N GLY A 314 -11.97 -40.09 -23.86
CA GLY A 314 -13.06 -39.23 -23.39
C GLY A 314 -12.61 -38.07 -22.55
N ALA A 315 -13.35 -36.97 -22.64
CA ALA A 315 -13.00 -35.74 -21.98
C ALA A 315 -14.17 -34.74 -22.05
N PRO A 316 -14.41 -34.02 -20.96
CA PRO A 316 -15.39 -32.95 -21.04
C PRO A 316 -14.83 -31.77 -21.83
N THR A 317 -15.68 -30.90 -22.35
CA THR A 317 -15.27 -29.71 -23.05
C THR A 317 -15.18 -28.50 -22.11
N ILE A 318 -14.14 -27.72 -22.33
CA ILE A 318 -13.76 -26.63 -21.46
C ILE A 318 -13.36 -25.52 -22.39
N TYR A 319 -14.18 -24.48 -22.42
CA TYR A 319 -13.94 -23.33 -23.29
C TYR A 319 -13.70 -23.70 -24.77
N ASP A 320 -14.50 -24.63 -25.29
CA ASP A 320 -14.45 -25.06 -26.69
C ASP A 320 -13.32 -26.04 -27.01
N GLU A 321 -12.67 -26.54 -25.98
CA GLU A 321 -11.53 -27.45 -26.13
C GLU A 321 -11.79 -28.68 -25.26
N PRO A 322 -11.08 -29.80 -25.54
CA PRO A 322 -11.11 -30.92 -24.61
C PRO A 322 -10.28 -30.61 -23.37
N TYR A 323 -10.58 -31.24 -22.24
CA TYR A 323 -9.79 -31.06 -21.04
C TYR A 323 -8.31 -31.07 -21.44
N PRO A 324 -7.54 -30.06 -20.99
CA PRO A 324 -6.14 -29.87 -21.42
C PRO A 324 -5.23 -31.11 -21.34
N SER A 325 -5.43 -32.00 -20.35
CA SER A 325 -4.59 -33.20 -20.13
C SER A 325 -4.50 -34.10 -21.38
N VAL A 326 -5.60 -34.13 -22.11
CA VAL A 326 -5.69 -34.75 -23.42
C VAL A 326 -4.60 -34.27 -24.41
N GLY A 327 -4.26 -32.98 -24.35
CA GLY A 327 -3.33 -32.41 -25.32
C GLY A 327 -1.95 -33.05 -25.22
N ASP A 328 -1.57 -33.37 -23.98
CA ASP A 328 -0.32 -34.06 -23.64
C ASP A 328 -0.31 -35.48 -24.26
N LEU A 329 -1.29 -36.32 -23.92
CA LEU A 329 -1.40 -37.67 -24.51
C LEU A 329 -1.47 -37.66 -26.04
N LEU A 330 -2.30 -36.79 -26.60
CA LEU A 330 -2.39 -36.69 -28.07
C LEU A 330 -1.08 -36.25 -28.75
N MET A 331 -0.31 -35.36 -28.13
CA MET A 331 0.93 -34.90 -28.74
C MET A 331 1.99 -35.99 -28.67
N TYR A 332 2.00 -36.71 -27.55
CA TYR A 332 2.86 -37.89 -27.39
C TYR A 332 2.48 -38.99 -28.38
N LEU A 333 1.18 -39.27 -28.54
CA LEU A 333 0.74 -40.27 -29.51
C LEU A 333 1.15 -39.90 -30.94
N ARG A 334 1.17 -38.60 -31.20
CA ARG A 334 1.46 -38.06 -32.53
C ARG A 334 2.92 -38.34 -32.90
N GLY A 335 3.78 -38.39 -31.89
CA GLY A 335 5.19 -38.72 -32.07
C GLY A 335 5.51 -40.21 -32.11
N LEU A 336 4.67 -41.02 -31.46
CA LEU A 336 4.83 -42.48 -31.41
C LEU A 336 4.30 -43.20 -32.66
N LYS A 337 3.33 -42.59 -33.35
CA LYS A 337 2.92 -43.06 -34.66
C LYS A 337 2.61 -44.55 -34.65
N PHE A 338 1.64 -44.92 -33.82
CA PHE A 338 1.16 -46.29 -33.73
C PHE A 338 0.63 -46.91 -35.02
N ASN A 339 0.41 -46.09 -36.04
CA ASN A 339 -0.11 -46.56 -37.33
C ASN A 339 0.94 -47.29 -38.16
N ARG A 340 2.18 -47.26 -37.71
CA ARG A 340 3.26 -47.97 -38.37
C ARG A 340 3.31 -49.44 -37.93
N THR A 341 2.38 -49.81 -37.04
CA THR A 341 2.17 -51.19 -36.64
C THR A 341 0.75 -51.61 -37.00
N LEU A 342 -0.23 -50.79 -36.60
CA LEU A 342 -1.64 -51.11 -36.81
C LEU A 342 -2.46 -49.84 -36.61
N THR A 343 -3.25 -49.50 -37.63
CA THR A 343 -4.25 -48.47 -37.49
C THR A 343 -5.33 -48.98 -36.55
N ARG A 344 -5.21 -48.59 -35.29
CA ARG A 344 -6.14 -49.03 -34.26
C ARG A 344 -7.48 -48.27 -34.36
N LYS A 345 -8.54 -48.93 -33.95
CA LYS A 345 -9.86 -48.32 -34.00
C LYS A 345 -10.00 -47.43 -32.76
N ALA A 346 -10.80 -46.37 -32.85
CA ALA A 346 -10.93 -45.45 -31.73
C ALA A 346 -12.36 -44.96 -31.54
N LEU A 347 -12.72 -44.76 -30.28
CA LEU A 347 -14.01 -44.19 -29.88
C LEU A 347 -13.78 -42.91 -29.08
N VAL A 348 -14.46 -41.86 -29.49
CA VAL A 348 -14.32 -40.57 -28.87
C VAL A 348 -15.61 -40.26 -28.08
N PHE A 349 -15.48 -39.82 -26.84
CA PHE A 349 -16.68 -39.52 -26.05
C PHE A 349 -16.47 -38.36 -25.08
N GLY A 350 -17.57 -37.88 -24.50
CA GLY A 350 -17.46 -36.95 -23.38
C GLY A 350 -18.73 -36.19 -23.11
N SER A 351 -18.83 -35.67 -21.89
CA SER A 351 -19.94 -34.83 -21.48
C SER A 351 -19.64 -33.37 -21.74
N MET A 352 -20.68 -32.57 -21.84
CA MET A 352 -20.55 -31.14 -22.08
C MET A 352 -21.80 -30.44 -21.60
N GLY A 353 -21.78 -29.10 -21.60
CA GLY A 353 -22.90 -28.32 -21.13
C GLY A 353 -23.40 -27.18 -22.00
N GLY A 354 -22.92 -27.10 -23.24
CA GLY A 354 -23.29 -26.00 -24.10
C GLY A 354 -23.24 -26.36 -25.56
N ASN A 355 -22.17 -25.95 -26.25
CA ASN A 355 -21.97 -26.24 -27.67
C ASN A 355 -21.12 -27.48 -27.90
N GLY A 356 -20.40 -27.90 -26.85
CA GLY A 356 -19.49 -29.03 -26.95
C GLY A 356 -18.24 -28.64 -27.74
N GLY A 357 -17.68 -29.60 -28.48
CA GLY A 357 -16.50 -29.34 -29.31
C GLY A 357 -15.27 -30.17 -28.99
N ALA A 358 -15.20 -30.72 -27.77
CA ALA A 358 -14.10 -31.60 -27.37
C ALA A 358 -13.98 -32.84 -28.26
N THR A 359 -15.11 -33.49 -28.50
CA THR A 359 -15.11 -34.80 -29.18
C THR A 359 -14.90 -34.63 -30.66
N GLY A 360 -15.24 -33.47 -31.20
CA GLY A 360 -14.90 -33.15 -32.58
C GLY A 360 -13.39 -32.98 -32.70
N THR A 361 -12.80 -32.33 -31.71
CA THR A 361 -11.36 -32.09 -31.71
C THR A 361 -10.57 -33.39 -31.49
N MET A 362 -11.03 -34.25 -30.56
CA MET A 362 -10.33 -35.49 -30.32
C MET A 362 -10.40 -36.45 -31.52
N LYS A 363 -11.56 -36.50 -32.17
CA LYS A 363 -11.75 -37.30 -33.37
C LYS A 363 -10.73 -36.88 -34.44
N GLU A 364 -10.58 -35.58 -34.59
CA GLU A 364 -9.64 -34.96 -35.51
C GLU A 364 -8.17 -35.26 -35.14
N LEU A 365 -7.81 -35.01 -33.88
CA LEU A 365 -6.42 -35.19 -33.44
C LEU A 365 -5.94 -36.64 -33.34
N LEU A 366 -6.85 -37.55 -32.97
CA LEU A 366 -6.59 -39.01 -32.94
C LEU A 366 -6.34 -39.60 -34.33
N ALA A 367 -7.11 -39.17 -35.32
CA ALA A 367 -6.84 -39.55 -36.70
C ALA A 367 -5.48 -39.02 -37.15
N GLU A 368 -5.11 -37.81 -36.74
CA GLU A 368 -3.77 -37.29 -37.05
C GLU A 368 -2.69 -38.18 -36.42
N ALA A 369 -3.04 -38.80 -35.28
CA ALA A 369 -2.14 -39.66 -34.53
C ALA A 369 -2.11 -41.12 -35.01
N GLY A 370 -2.77 -41.40 -36.13
CA GLY A 370 -2.75 -42.70 -36.77
C GLY A 370 -3.80 -43.71 -36.31
N PHE A 371 -4.90 -43.23 -35.75
CA PHE A 371 -6.00 -44.11 -35.34
C PHE A 371 -7.16 -43.94 -36.33
N ASP A 372 -8.02 -44.95 -36.45
CA ASP A 372 -9.19 -44.92 -37.35
C ASP A 372 -10.40 -44.62 -36.49
N VAL A 373 -10.83 -43.36 -36.47
CA VAL A 373 -11.83 -42.95 -35.50
C VAL A 373 -13.15 -42.48 -36.11
N ALA A 374 -14.11 -43.40 -36.19
CA ALA A 374 -15.50 -43.05 -36.44
C ALA A 374 -16.35 -43.13 -35.16
N CYS A 375 -17.28 -42.19 -35.04
CA CYS A 375 -18.27 -42.16 -33.94
C CYS A 375 -17.83 -41.56 -32.60
N GLU A 376 -18.61 -40.57 -32.18
CA GLU A 376 -18.48 -39.98 -30.86
C GLU A 376 -19.77 -40.18 -30.07
N GLU A 377 -19.63 -40.29 -28.75
CA GLU A 377 -20.77 -40.27 -27.83
C GLU A 377 -20.71 -38.96 -27.05
N GLU A 378 -21.69 -38.11 -27.31
CA GLU A 378 -21.74 -36.78 -26.72
C GLU A 378 -23.00 -36.64 -25.88
N VAL A 379 -22.81 -36.35 -24.61
CA VAL A 379 -23.91 -36.27 -23.67
C VAL A 379 -23.96 -34.88 -23.07
N TYR A 380 -25.16 -34.34 -22.94
CA TYR A 380 -25.40 -33.08 -22.23
C TYR A 380 -25.40 -33.32 -20.73
N TYR A 381 -24.45 -32.69 -20.04
CA TYR A 381 -24.29 -32.77 -18.57
C TYR A 381 -24.29 -34.21 -18.05
N VAL A 382 -25.19 -34.54 -17.12
CA VAL A 382 -25.21 -35.88 -16.52
C VAL A 382 -25.95 -36.86 -17.43
N PRO A 383 -25.32 -38.00 -17.77
CA PRO A 383 -25.98 -38.92 -18.67
C PRO A 383 -27.16 -39.64 -18.01
N THR A 384 -28.28 -39.68 -18.72
CA THR A 384 -29.46 -40.43 -18.32
C THR A 384 -29.18 -41.91 -18.44
N GLY A 385 -30.11 -42.74 -17.95
CA GLY A 385 -30.03 -44.18 -18.07
C GLY A 385 -29.90 -44.64 -19.51
N ASP A 386 -30.83 -44.19 -20.36
CA ASP A 386 -30.73 -44.43 -21.81
C ASP A 386 -29.40 -43.95 -22.44
N GLU A 387 -28.89 -42.80 -22.04
CA GLU A 387 -27.60 -42.33 -22.59
C GLU A 387 -26.41 -43.22 -22.21
N LEU A 388 -26.50 -43.85 -21.04
CA LEU A 388 -25.50 -44.82 -20.60
C LEU A 388 -25.69 -46.17 -21.29
N ASP A 389 -26.95 -46.54 -21.56
CA ASP A 389 -27.23 -47.67 -22.46
C ASP A 389 -26.59 -47.44 -23.83
N ALA A 390 -26.58 -46.20 -24.27
CA ALA A 390 -26.00 -45.86 -25.55
C ALA A 390 -24.48 -45.97 -25.48
N CYS A 391 -23.89 -45.58 -24.36
CA CYS A 391 -22.44 -45.73 -24.16
C CYS A 391 -22.01 -47.19 -24.11
N PHE A 392 -22.80 -47.99 -23.39
CA PHE A 392 -22.62 -49.44 -23.34
C PHE A 392 -22.54 -50.03 -24.75
N GLU A 393 -23.53 -49.67 -25.57
CA GLU A 393 -23.62 -50.09 -26.95
C GLU A 393 -22.38 -49.64 -27.78
N ALA A 394 -21.89 -48.44 -27.52
CA ALA A 394 -20.69 -47.95 -28.22
C ALA A 394 -19.46 -48.80 -27.88
N GLY A 395 -19.30 -49.15 -26.60
CA GLY A 395 -18.19 -49.99 -26.15
C GLY A 395 -18.28 -51.42 -26.65
N ARG A 396 -19.48 -51.98 -26.63
CA ARG A 396 -19.74 -53.31 -27.17
C ARG A 396 -19.36 -53.42 -28.64
N LYS A 397 -19.87 -52.48 -29.43
CA LYS A 397 -19.63 -52.36 -30.87
C LYS A 397 -18.15 -52.15 -31.19
N LEU A 398 -17.47 -51.32 -30.39
CA LEU A 398 -16.01 -51.13 -30.53
C LEU A 398 -15.30 -52.44 -30.31
N ALA A 399 -15.73 -53.15 -29.26
CA ALA A 399 -15.16 -54.41 -28.83
C ALA A 399 -15.38 -55.52 -29.86
N ALA A 400 -16.62 -55.67 -30.34
CA ALA A 400 -16.93 -56.66 -31.38
C ALA A 400 -16.14 -56.44 -32.68
N GLU A 401 -15.89 -55.18 -33.06
CA GLU A 401 -15.11 -54.86 -34.27
C GLU A 401 -13.71 -55.47 -34.24
N ILE A 402 -13.12 -55.59 -33.06
CA ILE A 402 -11.74 -56.08 -32.96
C ILE A 402 -11.61 -57.57 -32.67
N ARG A 403 -12.74 -58.26 -32.52
CA ARG A 403 -12.73 -59.71 -32.34
C ARG A 403 -12.51 -60.43 -33.67
N MET B 1 -26.30 -30.22 14.19
CA MET B 1 -24.90 -29.75 14.00
C MET B 1 -24.81 -28.23 14.27
N LYS B 2 -23.70 -27.80 14.87
CA LYS B 2 -23.50 -26.40 15.23
C LYS B 2 -22.59 -25.68 14.24
N ALA B 3 -23.18 -24.80 13.45
CA ALA B 3 -22.45 -23.91 12.54
C ALA B 3 -23.29 -22.64 12.39
N ALA B 4 -22.65 -21.49 12.67
CA ALA B 4 -23.34 -20.19 12.69
C ALA B 4 -23.37 -19.49 11.33
N ALA B 5 -24.48 -18.82 11.05
CA ALA B 5 -24.57 -17.88 9.93
C ALA B 5 -23.82 -16.60 10.26
N LYS B 6 -23.45 -15.84 9.22
CA LYS B 6 -22.72 -14.59 9.39
C LYS B 6 -23.49 -13.44 8.74
N ARG B 7 -23.95 -12.53 9.58
CA ARG B 7 -24.74 -11.37 9.16
C ARG B 7 -23.87 -10.37 8.42
N ILE B 8 -24.28 -10.02 7.20
CA ILE B 8 -23.51 -9.09 6.35
C ILE B 8 -24.25 -7.77 6.09
N SER B 9 -25.55 -7.73 6.41
CA SER B 9 -26.38 -6.54 6.40
C SER B 9 -27.66 -6.85 7.16
N ASP B 10 -28.55 -5.86 7.27
CA ASP B 10 -29.89 -6.04 7.83
C ASP B 10 -30.67 -7.11 7.05
N GLY B 11 -30.95 -8.24 7.69
CA GLY B 11 -31.76 -9.31 7.09
C GLY B 11 -31.03 -10.18 6.06
N VAL B 12 -29.78 -9.83 5.77
CA VAL B 12 -28.96 -10.60 4.83
C VAL B 12 -27.83 -11.34 5.54
N TYR B 13 -27.83 -12.66 5.40
CA TYR B 13 -26.85 -13.56 6.02
C TYR B 13 -26.05 -14.36 4.99
N TRP B 14 -24.79 -14.58 5.29
CA TRP B 14 -24.01 -15.59 4.61
C TRP B 14 -24.35 -16.93 5.28
N THR B 15 -24.66 -17.94 4.47
CA THR B 15 -24.97 -19.28 4.98
C THR B 15 -24.36 -20.38 4.12
N GLY B 16 -23.12 -20.21 3.69
CA GLY B 16 -22.46 -21.15 2.82
C GLY B 16 -21.66 -22.21 3.57
N VAL B 17 -20.68 -22.82 2.91
CA VAL B 17 -19.87 -23.84 3.57
C VAL B 17 -18.37 -23.66 3.32
N LEU B 18 -17.59 -24.06 4.31
CA LEU B 18 -16.14 -23.97 4.27
C LEU B 18 -15.53 -25.30 3.87
N ASP B 19 -14.78 -25.31 2.78
CA ASP B 19 -14.07 -26.50 2.36
C ASP B 19 -12.58 -26.31 2.54
N TRP B 20 -12.12 -26.54 3.76
CA TRP B 20 -10.70 -26.41 4.14
C TRP B 20 -9.74 -27.31 3.34
N ASP B 21 -10.26 -28.44 2.88
CA ASP B 21 -9.44 -29.58 2.44
C ASP B 21 -9.20 -29.68 0.94
N LEU B 22 -10.12 -29.13 0.14
CA LEU B 22 -9.93 -29.10 -1.30
C LEU B 22 -8.54 -28.55 -1.65
N ARG B 23 -7.89 -29.19 -2.62
CA ARG B 23 -6.52 -28.84 -3.03
C ARG B 23 -6.37 -28.80 -4.53
N ASN B 24 -7.36 -29.35 -5.21
CA ASN B 24 -7.32 -29.52 -6.65
C ASN B 24 -8.75 -29.52 -7.13
N TYR B 25 -9.20 -28.39 -7.66
CA TYR B 25 -10.56 -28.24 -8.15
C TYR B 25 -10.55 -28.25 -9.68
N HIS B 26 -10.74 -29.45 -10.23
CA HIS B 26 -10.70 -29.72 -11.69
C HIS B 26 -9.52 -29.11 -12.46
N GLY B 27 -8.31 -29.44 -12.04
CA GLY B 27 -7.09 -28.94 -12.69
C GLY B 27 -6.75 -27.50 -12.35
N TYR B 28 -7.30 -27.06 -11.21
CA TYR B 28 -7.02 -25.77 -10.64
C TYR B 28 -6.59 -26.06 -9.19
N THR B 29 -5.35 -25.71 -8.85
CA THR B 29 -4.83 -25.91 -7.50
C THR B 29 -5.23 -24.77 -6.57
N LEU B 30 -5.43 -25.10 -5.30
CA LEU B 30 -5.88 -24.16 -4.28
C LEU B 30 -5.55 -24.67 -2.89
N GLN B 31 -5.77 -23.83 -1.89
CA GLN B 31 -5.65 -24.22 -0.50
C GLN B 31 -7.04 -24.05 0.11
N GLY B 32 -7.96 -24.90 -0.32
CA GLY B 32 -9.35 -24.83 0.11
C GLY B 32 -10.11 -23.72 -0.58
N THR B 33 -11.43 -23.86 -0.61
CA THR B 33 -12.30 -22.77 -1.02
C THR B 33 -13.57 -22.74 -0.15
N THR B 34 -14.50 -21.85 -0.47
CA THR B 34 -15.79 -21.84 0.15
C THR B 34 -16.88 -21.92 -0.93
N TYR B 35 -18.08 -22.36 -0.56
CA TYR B 35 -19.23 -22.26 -1.44
C TYR B 35 -20.17 -21.32 -0.76
N ASN B 36 -20.34 -20.16 -1.37
CA ASN B 36 -21.09 -19.10 -0.74
C ASN B 36 -22.57 -19.20 -1.10
N ALA B 37 -23.40 -19.21 -0.07
CA ALA B 37 -24.84 -19.14 -0.24
C ALA B 37 -25.28 -18.12 0.78
N TYR B 38 -26.35 -17.39 0.45
CA TYR B 38 -26.78 -16.20 1.16
C TYR B 38 -28.28 -16.26 1.41
N LEU B 39 -28.72 -15.74 2.55
CA LEU B 39 -30.13 -15.79 2.91
C LEU B 39 -30.64 -14.37 3.08
N VAL B 40 -31.65 -14.01 2.29
CA VAL B 40 -32.14 -12.66 2.24
C VAL B 40 -33.52 -12.61 2.89
N CYS B 41 -33.65 -11.84 3.96
CA CYS B 41 -34.88 -11.85 4.76
C CYS B 41 -35.67 -10.55 4.68
N GLY B 42 -36.78 -10.59 3.95
CA GLY B 42 -37.73 -9.46 3.88
C GLY B 42 -38.83 -9.57 4.93
N ASP B 43 -39.89 -8.79 4.76
CA ASP B 43 -41.02 -8.82 5.70
C ASP B 43 -41.90 -10.04 5.51
N GLU B 44 -42.25 -10.31 4.24
CA GLU B 44 -43.16 -11.40 3.89
C GLU B 44 -42.50 -12.79 3.72
N GLY B 45 -41.23 -12.83 3.31
CA GLY B 45 -40.56 -14.10 3.05
C GLY B 45 -39.04 -14.07 3.00
N VAL B 46 -38.43 -15.26 2.93
CA VAL B 46 -36.96 -15.35 2.85
C VAL B 46 -36.49 -16.11 1.60
N ALA B 47 -35.42 -15.62 0.97
CA ALA B 47 -34.87 -16.27 -0.21
C ALA B 47 -33.50 -16.84 0.07
N LEU B 48 -33.23 -18.04 -0.44
CA LEU B 48 -31.88 -18.59 -0.38
C LEU B 48 -31.15 -18.50 -1.73
N ILE B 49 -30.10 -17.68 -1.77
CA ILE B 49 -29.36 -17.47 -3.00
C ILE B 49 -28.18 -18.42 -3.09
N ASP B 50 -28.34 -19.40 -3.99
CA ASP B 50 -27.40 -20.51 -4.21
C ASP B 50 -27.32 -21.45 -3.03
N ASN B 51 -26.60 -22.56 -3.23
CA ASN B 51 -26.31 -23.47 -2.13
C ASN B 51 -24.84 -23.97 -2.16
N SER B 52 -24.60 -25.28 -2.24
CA SER B 52 -23.23 -25.78 -2.10
C SER B 52 -23.03 -27.15 -2.72
N TYR B 53 -21.81 -27.67 -2.55
CA TYR B 53 -21.36 -28.96 -3.09
C TYR B 53 -22.11 -30.14 -2.48
N PRO B 54 -22.34 -31.23 -3.25
CA PRO B 54 -23.12 -32.33 -2.66
C PRO B 54 -22.43 -32.90 -1.42
N GLY B 55 -23.25 -33.32 -0.46
CA GLY B 55 -22.77 -33.82 0.83
C GLY B 55 -22.70 -32.76 1.92
N THR B 56 -22.72 -31.49 1.54
CA THR B 56 -22.49 -30.38 2.48
C THR B 56 -23.78 -29.79 3.03
N PHE B 57 -24.89 -30.50 2.83
CA PHE B 57 -26.23 -30.03 3.25
C PHE B 57 -26.33 -29.72 4.73
N ASP B 58 -25.82 -30.62 5.57
CA ASP B 58 -25.89 -30.51 7.03
C ASP B 58 -25.30 -29.20 7.52
N GLU B 59 -24.12 -28.84 7.00
CA GLU B 59 -23.46 -27.56 7.29
C GLU B 59 -24.24 -26.38 6.74
N LEU B 60 -24.65 -26.43 5.47
CA LEU B 60 -25.42 -25.33 4.89
C LEU B 60 -26.65 -25.08 5.76
N MET B 61 -27.40 -26.16 6.01
CA MET B 61 -28.66 -26.14 6.75
C MET B 61 -28.54 -25.62 8.20
N ALA B 62 -27.48 -26.01 8.89
CA ALA B 62 -27.21 -25.52 10.24
C ALA B 62 -27.11 -23.99 10.21
N ARG B 63 -26.36 -23.48 9.24
CA ARG B 63 -26.19 -22.04 9.01
C ARG B 63 -27.48 -21.31 8.66
N VAL B 64 -28.33 -21.86 7.80
CA VAL B 64 -29.60 -21.20 7.49
C VAL B 64 -30.53 -21.21 8.70
N GLU B 65 -30.57 -22.33 9.40
CA GLU B 65 -31.34 -22.48 10.64
C GLU B 65 -30.90 -21.44 11.67
N ASP B 66 -29.60 -21.25 11.81
CA ASP B 66 -29.06 -20.23 12.66
C ASP B 66 -29.51 -18.82 12.24
N ALA B 67 -29.54 -18.57 10.93
CA ALA B 67 -29.98 -17.28 10.39
C ALA B 67 -31.50 -17.07 10.45
N LEU B 68 -32.28 -18.16 10.32
CA LEU B 68 -33.72 -18.10 10.51
C LEU B 68 -34.04 -17.85 11.98
N GLN B 69 -33.17 -18.38 12.85
CA GLN B 69 -33.16 -18.14 14.29
C GLN B 69 -33.14 -16.66 14.65
N GLN B 70 -32.17 -15.95 14.06
CA GLN B 70 -31.82 -14.58 14.45
C GLN B 70 -32.81 -13.54 13.92
N VAL B 71 -33.39 -13.83 12.76
CA VAL B 71 -34.40 -12.95 12.15
C VAL B 71 -35.82 -13.32 12.60
N GLY B 72 -35.95 -14.45 13.30
CA GLY B 72 -37.25 -14.92 13.79
C GLY B 72 -38.18 -15.44 12.70
N MET B 73 -37.60 -16.03 11.66
CA MET B 73 -38.36 -16.59 10.55
C MET B 73 -38.50 -18.11 10.67
N GLU B 74 -39.39 -18.68 9.85
CA GLU B 74 -39.75 -20.10 9.97
C GLU B 74 -39.15 -20.98 8.90
N ARG B 75 -39.07 -20.46 7.68
CA ARG B 75 -38.66 -21.25 6.53
C ARG B 75 -38.04 -20.40 5.41
N VAL B 76 -37.37 -21.07 4.47
CA VAL B 76 -36.99 -20.48 3.19
C VAL B 76 -38.22 -20.52 2.27
N ASP B 77 -38.56 -19.38 1.68
CA ASP B 77 -39.74 -19.32 0.84
C ASP B 77 -39.43 -19.37 -0.67
N TYR B 78 -38.20 -19.05 -1.04
CA TYR B 78 -37.79 -18.96 -2.43
C TYR B 78 -36.37 -19.47 -2.54
N ILE B 79 -36.11 -20.35 -3.50
CA ILE B 79 -34.76 -20.85 -3.74
C ILE B 79 -34.26 -20.28 -5.06
N ILE B 80 -33.26 -19.43 -5.00
CA ILE B 80 -32.69 -18.83 -6.20
C ILE B 80 -31.47 -19.61 -6.65
N GLN B 81 -31.45 -20.00 -7.94
CA GLN B 81 -30.26 -20.61 -8.56
C GLN B 81 -29.65 -19.63 -9.56
N ASN B 82 -28.56 -18.98 -9.16
CA ASN B 82 -27.81 -18.11 -10.07
C ASN B 82 -27.21 -18.95 -11.20
N HIS B 83 -26.76 -20.14 -10.83
CA HIS B 83 -25.86 -20.97 -11.63
C HIS B 83 -26.09 -22.47 -11.35
N VAL B 84 -25.89 -23.30 -12.36
CA VAL B 84 -26.22 -24.75 -12.31
C VAL B 84 -25.06 -25.66 -11.91
N GLU B 85 -23.84 -25.16 -11.97
CA GLU B 85 -22.67 -25.98 -11.66
C GLU B 85 -22.82 -26.68 -10.30
N LYS B 86 -22.33 -27.93 -10.24
CA LYS B 86 -22.38 -28.83 -9.09
C LYS B 86 -22.09 -28.20 -7.73
N ASP B 87 -21.13 -27.29 -7.67
CA ASP B 87 -20.69 -26.75 -6.38
C ASP B 87 -21.63 -25.70 -5.81
N HIS B 88 -22.59 -25.24 -6.62
CA HIS B 88 -23.56 -24.25 -6.17
C HIS B 88 -24.99 -24.79 -6.18
N SER B 89 -25.20 -25.97 -6.76
CA SER B 89 -26.52 -26.58 -6.92
C SER B 89 -26.58 -27.96 -6.25
N GLY B 90 -25.43 -28.39 -5.73
CA GLY B 90 -25.22 -29.76 -5.26
C GLY B 90 -26.15 -30.23 -4.15
N VAL B 91 -26.77 -29.31 -3.41
CA VAL B 91 -27.75 -29.71 -2.38
C VAL B 91 -29.18 -29.21 -2.67
N LEU B 92 -29.42 -28.81 -3.91
CA LEU B 92 -30.73 -28.34 -4.33
C LEU B 92 -31.87 -29.33 -4.09
N VAL B 93 -31.65 -30.63 -4.32
CA VAL B 93 -32.72 -31.59 -4.05
C VAL B 93 -33.01 -31.84 -2.54
N GLU B 94 -31.98 -31.83 -1.68
CA GLU B 94 -32.17 -31.82 -0.21
C GLU B 94 -32.96 -30.59 0.27
N LEU B 95 -32.61 -29.44 -0.31
CA LEU B 95 -33.32 -28.19 -0.08
C LEU B 95 -34.80 -28.27 -0.48
N HIS B 96 -35.06 -28.85 -1.65
CA HIS B 96 -36.42 -29.01 -2.14
C HIS B 96 -37.21 -30.03 -1.29
N ARG B 97 -36.51 -31.00 -0.70
CA ARG B 97 -37.15 -31.98 0.18
C ARG B 97 -37.52 -31.35 1.54
N ARG B 98 -36.68 -30.42 1.99
CA ARG B 98 -36.83 -29.70 3.27
C ARG B 98 -37.85 -28.55 3.19
N PHE B 99 -37.85 -27.83 2.06
CA PHE B 99 -38.83 -26.76 1.82
C PHE B 99 -39.69 -27.03 0.58
N PRO B 100 -40.68 -27.92 0.69
CA PRO B 100 -41.53 -28.35 -0.42
C PRO B 100 -42.33 -27.23 -1.09
N GLU B 101 -42.66 -26.17 -0.35
CA GLU B 101 -43.48 -25.08 -0.88
C GLU B 101 -42.69 -24.12 -1.77
N ALA B 102 -41.38 -24.04 -1.56
CA ALA B 102 -40.53 -23.02 -2.17
C ALA B 102 -40.27 -23.21 -3.67
N PRO B 103 -40.75 -22.27 -4.50
CA PRO B 103 -40.34 -22.24 -5.92
C PRO B 103 -38.84 -22.03 -6.12
N ILE B 104 -38.31 -22.60 -7.21
CA ILE B 104 -36.92 -22.41 -7.63
C ILE B 104 -36.86 -21.34 -8.72
N TYR B 105 -36.05 -20.31 -8.48
CA TYR B 105 -35.92 -19.17 -9.39
C TYR B 105 -34.60 -19.24 -10.15
N CYS B 106 -34.68 -19.19 -11.48
CA CYS B 106 -33.50 -19.31 -12.33
C CYS B 106 -33.86 -18.88 -13.76
N THR B 107 -32.87 -18.82 -14.65
CA THR B 107 -33.10 -18.47 -16.04
C THR B 107 -33.70 -19.67 -16.76
N GLU B 108 -34.29 -19.43 -17.93
CA GLU B 108 -34.96 -20.49 -18.71
C GLU B 108 -34.01 -21.63 -19.08
N VAL B 109 -32.76 -21.26 -19.40
CA VAL B 109 -31.72 -22.22 -19.77
C VAL B 109 -31.36 -23.10 -18.58
N ALA B 110 -31.28 -22.50 -17.40
CA ALA B 110 -30.82 -23.23 -16.21
C ALA B 110 -31.71 -24.41 -15.86
N VAL B 111 -32.99 -24.31 -16.23
CA VAL B 111 -33.99 -25.34 -15.91
C VAL B 111 -33.71 -26.66 -16.65
N LYS B 112 -33.29 -26.57 -17.92
CA LYS B 112 -32.72 -27.73 -18.63
C LYS B 112 -31.49 -28.29 -17.88
N GLY B 113 -30.54 -27.41 -17.55
CA GLY B 113 -29.34 -27.79 -16.79
C GLY B 113 -29.71 -28.55 -15.52
N LEU B 114 -30.53 -27.91 -14.68
CA LEU B 114 -30.95 -28.44 -13.38
C LEU B 114 -31.74 -29.75 -13.45
N LEU B 115 -32.58 -29.89 -14.46
CA LEU B 115 -33.36 -31.12 -14.64
C LEU B 115 -32.49 -32.27 -15.16
N LYS B 116 -31.48 -31.94 -15.96
CA LYS B 116 -30.49 -32.93 -16.41
C LYS B 116 -29.69 -33.49 -15.23
N HIS B 117 -29.12 -32.61 -14.40
CA HIS B 117 -28.35 -33.00 -13.21
C HIS B 117 -29.12 -33.80 -12.16
N TYR B 118 -30.33 -33.36 -11.85
CA TYR B 118 -31.13 -33.96 -10.77
C TYR B 118 -32.56 -34.10 -11.26
N PRO B 119 -32.86 -35.20 -11.99
CA PRO B 119 -34.17 -35.52 -12.55
C PRO B 119 -35.27 -35.64 -11.52
N SER B 120 -34.92 -35.89 -10.26
CA SER B 120 -35.94 -35.99 -9.20
C SER B 120 -36.66 -34.67 -8.97
N LEU B 121 -36.14 -33.60 -9.56
CA LEU B 121 -36.74 -32.27 -9.51
C LEU B 121 -37.85 -32.12 -10.56
N ARG B 122 -38.47 -33.24 -10.93
CA ARG B 122 -39.41 -33.30 -12.04
C ARG B 122 -40.69 -32.54 -11.71
N GLU B 123 -41.19 -32.67 -10.48
CA GLU B 123 -42.40 -31.93 -10.07
C GLU B 123 -42.11 -30.75 -9.11
N ALA B 124 -40.90 -30.20 -9.19
CA ALA B 124 -40.62 -28.94 -8.52
C ALA B 124 -41.23 -27.78 -9.31
N GLU B 125 -41.68 -26.75 -8.60
CA GLU B 125 -42.13 -25.52 -9.25
C GLU B 125 -40.93 -24.69 -9.63
N PHE B 126 -40.84 -24.32 -10.91
CA PHE B 126 -39.76 -23.49 -11.42
C PHE B 126 -40.32 -22.16 -11.91
N MET B 127 -39.75 -21.08 -11.40
CA MET B 127 -40.09 -19.76 -11.90
C MET B 127 -38.95 -19.24 -12.76
N THR B 128 -39.22 -19.17 -14.06
CA THR B 128 -38.26 -18.65 -15.03
C THR B 128 -38.14 -17.14 -14.85
N VAL B 129 -36.92 -16.64 -14.98
CA VAL B 129 -36.66 -15.20 -14.88
C VAL B 129 -35.68 -14.71 -15.95
N LYS B 130 -35.85 -13.45 -16.35
CA LYS B 130 -34.95 -12.80 -17.29
C LYS B 130 -34.54 -11.43 -16.73
N THR B 131 -33.65 -10.75 -17.45
CA THR B 131 -33.18 -9.41 -17.07
C THR B 131 -34.33 -8.45 -16.74
N GLY B 132 -34.23 -7.76 -15.60
CA GLY B 132 -35.25 -6.81 -15.18
C GLY B 132 -36.25 -7.36 -14.18
N ASP B 133 -36.54 -8.67 -14.28
CA ASP B 133 -37.52 -9.34 -13.41
C ASP B 133 -37.22 -9.15 -11.91
N VAL B 134 -38.29 -8.99 -11.13
CA VAL B 134 -38.15 -8.67 -9.70
C VAL B 134 -38.80 -9.73 -8.81
N LEU B 135 -38.17 -10.00 -7.66
CA LEU B 135 -38.79 -10.81 -6.59
C LEU B 135 -38.90 -10.00 -5.30
N ASP B 136 -40.13 -9.66 -4.93
CA ASP B 136 -40.40 -8.82 -3.77
C ASP B 136 -40.60 -9.67 -2.53
N LEU B 137 -39.76 -9.46 -1.52
CA LEU B 137 -39.84 -10.19 -0.26
C LEU B 137 -40.48 -9.39 0.88
N GLY B 138 -40.75 -8.10 0.63
CA GLY B 138 -41.32 -7.23 1.65
C GLY B 138 -40.25 -6.33 2.24
N GLY B 139 -40.17 -5.10 1.71
CA GLY B 139 -39.10 -4.18 2.08
C GLY B 139 -37.77 -4.59 1.48
N LYS B 140 -37.76 -5.73 0.77
CA LYS B 140 -36.57 -6.24 0.08
C LYS B 140 -36.90 -6.82 -1.29
N THR B 141 -36.34 -6.19 -2.33
CA THR B 141 -36.59 -6.61 -3.71
C THR B 141 -35.34 -7.18 -4.35
N LEU B 142 -35.52 -8.33 -5.01
CA LEU B 142 -34.45 -8.99 -5.76
C LEU B 142 -34.65 -8.73 -7.26
N THR B 143 -33.64 -8.19 -7.92
CA THR B 143 -33.67 -7.94 -9.35
C THR B 143 -32.71 -8.89 -10.04
N PHE B 144 -33.17 -9.54 -11.11
CA PHE B 144 -32.35 -10.51 -11.82
C PHE B 144 -31.76 -9.89 -13.07
N LEU B 145 -30.55 -10.30 -13.37
CA LEU B 145 -29.84 -9.85 -14.54
C LEU B 145 -29.14 -11.04 -15.14
N GLU B 146 -29.59 -11.44 -16.32
CA GLU B 146 -28.99 -12.52 -17.09
C GLU B 146 -27.56 -12.18 -17.49
N THR B 147 -26.64 -13.09 -17.17
CA THR B 147 -25.26 -12.99 -17.65
C THR B 147 -24.84 -14.27 -18.40
N PRO B 148 -25.33 -14.47 -19.63
CA PRO B 148 -24.84 -15.63 -20.39
C PRO B 148 -23.33 -15.59 -20.69
N LEU B 149 -22.71 -16.77 -20.72
CA LEU B 149 -21.25 -16.94 -20.84
C LEU B 149 -20.41 -16.21 -19.76
N LEU B 150 -21.01 -15.89 -18.62
CA LEU B 150 -20.25 -15.31 -17.49
C LEU B 150 -20.63 -15.98 -16.13
N HIS B 151 -20.17 -17.22 -15.90
CA HIS B 151 -19.26 -17.91 -16.83
C HIS B 151 -19.87 -19.07 -17.64
N TRP B 152 -21.17 -19.32 -17.44
CA TRP B 152 -21.93 -20.35 -18.19
C TRP B 152 -23.22 -19.79 -18.83
N PRO B 153 -23.72 -20.44 -19.90
CA PRO B 153 -24.95 -20.01 -20.57
C PRO B 153 -26.16 -19.85 -19.64
N ASP B 154 -26.16 -20.60 -18.54
CA ASP B 154 -27.31 -20.69 -17.63
C ASP B 154 -27.31 -19.58 -16.56
N SER B 155 -26.20 -18.85 -16.43
CA SER B 155 -25.94 -18.01 -15.25
C SER B 155 -26.58 -16.62 -15.24
N MET B 156 -26.68 -16.04 -14.05
CA MET B 156 -27.19 -14.69 -13.85
C MET B 156 -26.64 -14.08 -12.55
N PHE B 157 -26.78 -12.76 -12.41
CA PHE B 157 -26.55 -12.07 -11.14
C PHE B 157 -27.91 -11.77 -10.53
N THR B 158 -28.00 -11.83 -9.22
CA THR B 158 -29.14 -11.26 -8.49
C THR B 158 -28.68 -9.97 -7.80
N LEU B 159 -29.53 -8.95 -7.85
CA LEU B 159 -29.27 -7.68 -7.21
C LEU B 159 -30.36 -7.33 -6.20
N LEU B 160 -29.92 -6.94 -5.01
CA LEU B 160 -30.81 -6.54 -3.92
C LEU B 160 -30.67 -5.03 -3.73
N ASP B 161 -31.69 -4.29 -4.17
CA ASP B 161 -31.69 -2.80 -4.28
C ASP B 161 -31.44 -2.01 -2.99
N GLU B 162 -32.01 -2.47 -1.88
CA GLU B 162 -31.97 -1.70 -0.63
C GLU B 162 -30.62 -1.78 0.10
N ASP B 163 -30.02 -2.97 0.09
CA ASP B 163 -28.69 -3.18 0.68
C ASP B 163 -27.55 -2.95 -0.33
N GLY B 164 -27.89 -2.75 -1.60
CA GLY B 164 -26.87 -2.62 -2.65
C GLY B 164 -25.93 -3.82 -2.79
N ILE B 165 -26.41 -5.02 -2.49
CA ILE B 165 -25.56 -6.19 -2.60
C ILE B 165 -25.75 -6.80 -3.98
N LEU B 166 -24.66 -6.94 -4.71
CA LEU B 166 -24.62 -7.76 -5.93
C LEU B 166 -24.17 -9.23 -5.64
N PHE B 167 -25.11 -10.16 -5.74
CA PHE B 167 -24.81 -11.59 -5.68
C PHE B 167 -24.38 -12.05 -7.09
N SER B 168 -23.09 -12.29 -7.30
CA SER B 168 -22.50 -12.36 -8.65
C SER B 168 -22.15 -13.74 -9.21
N ASN B 169 -22.57 -14.79 -8.49
CA ASN B 169 -22.07 -16.16 -8.65
C ASN B 169 -20.55 -16.25 -8.77
N ASP B 170 -20.03 -16.96 -9.77
CA ASP B 170 -18.59 -17.16 -9.93
C ASP B 170 -17.84 -15.84 -10.12
N ALA B 171 -18.44 -14.90 -10.86
CA ALA B 171 -17.81 -13.59 -11.12
C ALA B 171 -17.29 -12.88 -9.85
N PHE B 172 -16.05 -12.43 -9.89
CA PHE B 172 -15.40 -11.72 -8.76
C PHE B 172 -15.03 -12.68 -7.66
N GLY B 173 -15.30 -13.97 -7.86
CA GLY B 173 -14.96 -15.02 -6.87
C GLY B 173 -13.46 -15.18 -6.70
N GLN B 174 -13.06 -15.89 -5.65
CA GLN B 174 -11.67 -16.29 -5.44
C GLN B 174 -11.70 -17.57 -4.63
N HIS B 175 -10.75 -18.47 -4.88
CA HIS B 175 -10.70 -19.72 -4.14
C HIS B 175 -9.78 -19.58 -2.93
N LEU B 176 -10.41 -19.35 -1.78
CA LEU B 176 -9.75 -19.15 -0.51
C LEU B 176 -10.72 -19.60 0.57
N CYS B 177 -10.19 -20.29 1.56
CA CYS B 177 -10.97 -20.76 2.67
C CYS B 177 -10.40 -20.15 3.97
N CYS B 178 -11.01 -19.05 4.41
CA CYS B 178 -10.56 -18.35 5.61
C CYS B 178 -11.75 -18.33 6.55
N PRO B 179 -11.48 -18.23 7.86
CA PRO B 179 -12.53 -17.95 8.83
C PRO B 179 -13.15 -16.54 8.70
N GLN B 180 -12.38 -15.58 8.16
CA GLN B 180 -12.87 -14.21 7.87
C GLN B 180 -13.68 -14.23 6.59
N ARG B 181 -14.79 -13.49 6.54
CA ARG B 181 -15.68 -13.53 5.37
C ARG B 181 -15.53 -12.31 4.43
N LEU B 182 -14.94 -11.23 4.92
CA LEU B 182 -14.92 -9.99 4.14
C LEU B 182 -13.57 -9.77 3.44
N ASP B 183 -13.55 -9.00 2.35
CA ASP B 183 -12.27 -8.66 1.69
C ASP B 183 -11.25 -7.95 2.60
N ARG B 184 -11.73 -7.01 3.41
CA ARG B 184 -10.88 -6.10 4.22
C ARG B 184 -10.26 -6.79 5.46
N GLU B 185 -10.55 -8.08 5.62
CA GLU B 185 -10.28 -8.80 6.84
C GLU B 185 -9.11 -9.76 6.70
N ILE B 186 -8.56 -9.85 5.50
CA ILE B 186 -7.42 -10.75 5.20
C ILE B 186 -6.29 -9.97 4.50
N PRO B 187 -5.08 -10.55 4.36
CA PRO B 187 -4.04 -9.83 3.61
C PRO B 187 -4.46 -9.53 2.18
N GLU B 188 -4.22 -8.31 1.70
CA GLU B 188 -4.66 -7.95 0.35
C GLU B 188 -3.84 -8.67 -0.73
N TYR B 189 -2.55 -8.90 -0.49
CA TYR B 189 -1.80 -9.71 -1.44
C TYR B 189 -2.55 -11.03 -1.66
N ILE B 190 -2.79 -11.77 -0.58
CA ILE B 190 -3.47 -13.05 -0.63
C ILE B 190 -4.80 -12.94 -1.36
N LEU B 191 -5.55 -11.88 -1.05
CA LEU B 191 -6.86 -11.58 -1.69
C LEU B 191 -6.69 -11.32 -3.16
N MET B 192 -5.84 -10.37 -3.51
CA MET B 192 -5.74 -9.99 -4.91
C MET B 192 -5.13 -11.06 -5.78
N ASP B 193 -4.19 -11.83 -5.22
CA ASP B 193 -3.58 -12.93 -5.98
C ASP B 193 -4.49 -14.11 -6.29
N ALA B 194 -5.37 -14.44 -5.33
CA ALA B 194 -6.42 -15.45 -5.52
C ALA B 194 -7.44 -14.95 -6.55
N ALA B 195 -7.82 -13.68 -6.46
CA ALA B 195 -8.71 -13.03 -7.47
C ALA B 195 -8.12 -13.06 -8.88
N ARG B 196 -6.83 -12.80 -8.98
CA ARG B 196 -6.06 -12.78 -10.22
C ARG B 196 -6.05 -14.16 -10.85
N LYS B 197 -5.79 -15.17 -10.03
CA LYS B 197 -5.76 -16.55 -10.48
C LYS B 197 -7.13 -16.96 -11.00
N PHE B 198 -8.19 -16.52 -10.30
CA PHE B 198 -9.54 -16.92 -10.67
C PHE B 198 -9.80 -16.34 -12.06
N TYR B 199 -9.43 -15.06 -12.24
CA TYR B 199 -9.61 -14.36 -13.53
C TYR B 199 -8.85 -15.04 -14.65
N ALA B 200 -7.58 -15.37 -14.40
CA ALA B 200 -6.68 -15.98 -15.40
C ALA B 200 -7.19 -17.32 -15.91
N ASN B 201 -7.77 -18.10 -15.00
CA ASN B 201 -8.21 -19.45 -15.33
C ASN B 201 -9.67 -19.53 -15.80
N LEU B 202 -10.48 -18.53 -15.50
CA LEU B 202 -11.91 -18.69 -15.70
C LEU B 202 -12.57 -17.56 -16.50
N ILE B 203 -12.07 -16.35 -16.34
CA ILE B 203 -12.68 -15.21 -17.00
C ILE B 203 -11.96 -14.78 -18.27
N THR B 204 -10.69 -15.17 -18.41
CA THR B 204 -9.87 -14.74 -19.54
C THR B 204 -10.53 -14.78 -20.93
N PRO B 205 -11.20 -15.89 -21.30
CA PRO B 205 -11.87 -15.85 -22.64
C PRO B 205 -13.14 -15.00 -22.70
N LEU B 206 -13.65 -14.61 -21.54
CA LEU B 206 -14.92 -13.93 -21.45
C LEU B 206 -14.72 -12.43 -21.42
N SER B 207 -13.47 -12.00 -21.52
CA SER B 207 -13.02 -10.63 -21.29
C SER B 207 -13.83 -9.53 -21.99
N LYS B 208 -14.18 -9.76 -23.26
CA LYS B 208 -14.95 -8.80 -24.03
C LYS B 208 -16.37 -8.70 -23.48
N LEU B 209 -16.96 -9.86 -23.17
CA LEU B 209 -18.27 -9.94 -22.54
C LEU B 209 -18.24 -9.24 -21.18
N VAL B 210 -17.15 -9.42 -20.42
CA VAL B 210 -16.93 -8.72 -19.16
C VAL B 210 -17.09 -7.20 -19.34
N LEU B 211 -16.36 -6.64 -20.32
CA LEU B 211 -16.40 -5.20 -20.61
C LEU B 211 -17.80 -4.70 -21.01
N LYS B 212 -18.40 -5.35 -22.01
CA LYS B 212 -19.75 -5.03 -22.43
C LYS B 212 -20.76 -5.13 -21.29
N LYS B 213 -20.61 -6.14 -20.43
CA LYS B 213 -21.51 -6.32 -19.29
C LYS B 213 -21.34 -5.21 -18.26
N PHE B 214 -20.14 -4.63 -18.21
CA PHE B 214 -19.91 -3.46 -17.37
C PHE B 214 -20.71 -2.26 -17.87
N ASP B 215 -20.74 -2.09 -19.19
CA ASP B 215 -21.49 -1.00 -19.86
C ASP B 215 -22.99 -1.14 -19.66
N GLU B 216 -23.48 -2.38 -19.80
CA GLU B 216 -24.90 -2.68 -19.67
C GLU B 216 -25.37 -2.55 -18.22
N VAL B 217 -24.46 -2.75 -17.26
CA VAL B 217 -24.75 -2.48 -15.86
C VAL B 217 -24.79 -0.95 -15.65
N LYS B 218 -23.88 -0.23 -16.32
CA LYS B 218 -23.84 1.24 -16.32
C LYS B 218 -25.06 1.86 -17.01
N GLU B 219 -25.43 1.32 -18.17
CA GLU B 219 -26.57 1.83 -18.96
C GLU B 219 -27.90 1.68 -18.24
N LEU B 220 -28.13 0.52 -17.62
CA LEU B 220 -29.30 0.32 -16.77
C LEU B 220 -29.23 1.19 -15.52
N GLY B 221 -28.02 1.69 -15.22
CA GLY B 221 -27.81 2.59 -14.09
C GLY B 221 -27.71 1.88 -12.75
N LEU B 222 -26.99 0.76 -12.74
CA LEU B 222 -26.95 -0.10 -11.57
C LEU B 222 -25.64 -0.07 -10.79
N LEU B 223 -24.58 0.49 -11.40
CA LEU B 223 -23.26 0.60 -10.76
C LEU B 223 -23.20 1.54 -9.56
N GLU B 224 -23.99 2.62 -9.62
CA GLU B 224 -24.10 3.59 -8.53
C GLU B 224 -24.63 2.92 -7.27
N ARG B 225 -25.59 2.02 -7.46
CA ARG B 225 -26.27 1.33 -6.37
C ARG B 225 -25.47 0.14 -5.80
N ILE B 226 -24.31 -0.19 -6.37
CA ILE B 226 -23.54 -1.35 -5.88
C ILE B 226 -22.55 -0.99 -4.76
N GLN B 227 -22.90 -1.44 -3.55
CA GLN B 227 -22.16 -1.11 -2.34
C GLN B 227 -21.39 -2.32 -1.80
N MET B 228 -21.78 -3.52 -2.23
CA MET B 228 -21.16 -4.79 -1.81
C MET B 228 -21.28 -5.80 -2.96
N ILE B 229 -20.24 -6.62 -3.13
CA ILE B 229 -20.23 -7.72 -4.13
C ILE B 229 -20.01 -9.07 -3.44
N ALA B 230 -20.98 -9.96 -3.57
CA ALA B 230 -20.97 -11.22 -2.84
C ALA B 230 -20.92 -12.42 -3.79
N PRO B 231 -19.70 -12.92 -4.07
CA PRO B 231 -19.62 -13.98 -5.07
C PRO B 231 -19.90 -15.32 -4.39
N SER B 232 -19.83 -16.40 -5.16
CA SER B 232 -20.07 -17.76 -4.63
C SER B 232 -18.80 -18.47 -4.18
N HIS B 233 -17.64 -17.83 -4.36
CA HIS B 233 -16.40 -18.37 -3.82
C HIS B 233 -15.61 -17.26 -3.16
N GLY B 234 -15.11 -17.54 -1.96
CA GLY B 234 -14.15 -16.66 -1.29
C GLY B 234 -14.76 -15.45 -0.62
N GLN B 235 -13.99 -14.35 -0.61
CA GLN B 235 -14.32 -13.16 0.19
C GLN B 235 -15.49 -12.35 -0.37
N ILE B 236 -16.25 -11.72 0.52
CA ILE B 236 -17.26 -10.72 0.12
C ILE B 236 -16.56 -9.37 -0.05
N TRP B 237 -16.80 -8.68 -1.16
CA TRP B 237 -16.19 -7.35 -1.42
C TRP B 237 -16.98 -6.20 -0.77
N THR B 238 -16.44 -5.71 0.33
CA THR B 238 -16.92 -4.49 0.97
C THR B 238 -16.38 -3.27 0.21
N ASP B 239 -15.35 -3.48 -0.62
CA ASP B 239 -14.92 -2.50 -1.62
C ASP B 239 -15.15 -3.04 -3.04
N PRO B 240 -16.39 -2.94 -3.53
CA PRO B 240 -16.68 -3.43 -4.90
C PRO B 240 -15.78 -2.82 -5.96
N MET B 241 -15.44 -1.55 -5.85
CA MET B 241 -14.66 -0.92 -6.88
C MET B 241 -13.26 -1.48 -7.02
N LYS B 242 -12.68 -1.98 -5.92
CA LYS B 242 -11.36 -2.62 -5.96
C LYS B 242 -11.32 -3.72 -7.03
N ILE B 243 -12.30 -4.61 -7.00
CA ILE B 243 -12.28 -5.75 -7.87
C ILE B 243 -12.78 -5.41 -9.29
N ILE B 244 -13.72 -4.48 -9.39
CA ILE B 244 -14.22 -4.03 -10.72
C ILE B 244 -13.09 -3.38 -11.51
N GLU B 245 -12.34 -2.49 -10.85
CA GLU B 245 -11.11 -1.90 -11.41
C GLU B 245 -10.06 -2.93 -11.84
N ALA B 246 -9.87 -3.96 -11.02
CA ALA B 246 -8.95 -5.05 -11.35
C ALA B 246 -9.41 -5.87 -12.58
N TYR B 247 -10.70 -6.22 -12.60
CA TYR B 247 -11.30 -6.94 -13.73
C TYR B 247 -11.23 -6.14 -15.02
N THR B 248 -11.41 -4.83 -14.92
CA THR B 248 -11.32 -3.94 -16.07
C THR B 248 -9.90 -3.96 -16.65
N GLY B 249 -8.91 -3.79 -15.78
CA GLY B 249 -7.50 -3.89 -16.13
C GLY B 249 -7.14 -5.23 -16.77
N TRP B 250 -7.55 -6.33 -16.15
CA TRP B 250 -7.25 -7.68 -16.70
C TRP B 250 -7.89 -7.87 -18.06
N ALA B 251 -9.11 -7.36 -18.25
CA ALA B 251 -9.87 -7.50 -19.48
C ALA B 251 -9.34 -6.67 -20.65
N THR B 252 -8.69 -5.55 -20.37
CA THR B 252 -8.13 -4.67 -21.39
C THR B 252 -6.60 -4.82 -21.56
N GLY B 253 -6.04 -5.82 -20.90
CA GLY B 253 -4.67 -6.23 -21.11
C GLY B 253 -3.62 -5.33 -20.49
N MET B 254 -3.96 -4.70 -19.37
CA MET B 254 -3.04 -3.72 -18.77
C MET B 254 -1.57 -4.15 -18.62
N VAL B 255 -1.26 -5.00 -17.63
CA VAL B 255 0.10 -5.55 -17.40
C VAL B 255 1.27 -4.58 -17.10
N ASP B 256 2.03 -4.90 -16.05
CA ASP B 256 3.35 -4.29 -15.80
C ASP B 256 4.39 -5.00 -16.67
N GLU B 257 5.64 -4.52 -16.68
CA GLU B 257 6.71 -5.16 -17.46
C GLU B 257 7.10 -6.50 -16.85
N ARG B 258 6.86 -7.57 -17.59
CA ARG B 258 7.06 -8.94 -17.09
C ARG B 258 7.12 -9.95 -18.21
N VAL B 259 8.15 -10.80 -18.12
CA VAL B 259 8.34 -11.96 -19.00
C VAL B 259 8.20 -13.26 -18.19
N THR B 260 7.31 -14.15 -18.66
CA THR B 260 7.12 -15.46 -18.07
C THR B 260 7.90 -16.49 -18.89
N VAL B 261 8.84 -17.18 -18.24
CA VAL B 261 9.63 -18.23 -18.91
C VAL B 261 9.13 -19.63 -18.49
N ILE B 262 8.67 -20.43 -19.46
CA ILE B 262 8.09 -21.76 -19.26
C ILE B 262 8.87 -22.79 -20.12
N TYR B 263 9.25 -23.92 -19.53
CA TYR B 263 9.98 -24.96 -20.26
C TYR B 263 9.82 -26.36 -19.65
N ASP B 264 10.09 -27.37 -20.47
CA ASP B 264 10.43 -28.69 -19.96
C ASP B 264 11.77 -29.14 -20.53
N THR B 265 12.33 -30.23 -19.97
CA THR B 265 13.65 -30.72 -20.32
C THR B 265 13.78 -32.21 -19.96
N MET B 266 14.60 -32.95 -20.72
CA MET B 266 14.92 -34.34 -20.35
C MET B 266 16.33 -34.42 -19.79
N HIS B 267 17.26 -33.76 -20.48
CA HIS B 267 18.70 -33.83 -20.18
C HIS B 267 19.31 -32.51 -19.68
N GLY B 268 18.51 -31.44 -19.65
CA GLY B 268 18.96 -30.16 -19.08
C GLY B 268 19.28 -29.01 -20.03
N SER B 269 19.58 -29.30 -21.29
CA SER B 269 20.00 -28.26 -22.25
C SER B 269 18.97 -27.17 -22.44
N THR B 270 17.71 -27.54 -22.59
CA THR B 270 16.66 -26.53 -22.70
C THR B 270 16.56 -25.73 -21.40
N ARG B 271 16.81 -26.40 -20.26
CA ARG B 271 16.85 -25.74 -18.97
C ARG B 271 17.94 -24.67 -18.96
N LYS B 272 19.15 -25.05 -19.36
CA LYS B 272 20.24 -24.09 -19.54
C LYS B 272 19.85 -22.92 -20.44
N MET B 273 19.25 -23.21 -21.58
CA MET B 273 18.70 -22.17 -22.46
C MET B 273 17.72 -21.25 -21.74
N ALA B 274 16.79 -21.85 -20.97
CA ALA B 274 15.73 -21.12 -20.25
C ALA B 274 16.34 -20.14 -19.26
N HIS B 275 17.36 -20.61 -18.54
CA HIS B 275 18.11 -19.81 -17.58
C HIS B 275 18.76 -18.56 -18.20
N ALA B 276 19.42 -18.73 -19.35
CA ALA B 276 20.07 -17.63 -20.08
C ALA B 276 19.06 -16.61 -20.61
N ILE B 277 17.91 -17.11 -21.04
CA ILE B 277 16.81 -16.25 -21.48
C ILE B 277 16.30 -15.41 -20.31
N ALA B 278 16.13 -16.04 -19.14
CA ALA B 278 15.77 -15.34 -17.90
C ALA B 278 16.75 -14.26 -17.52
N GLU B 279 18.05 -14.57 -17.53
CA GLU B 279 19.13 -13.55 -17.37
C GLU B 279 19.02 -12.38 -18.33
N GLY B 280 18.94 -12.67 -19.63
CA GLY B 280 18.70 -11.63 -20.64
C GLY B 280 17.54 -10.69 -20.31
N ALA B 281 16.36 -11.25 -20.08
CA ALA B 281 15.18 -10.45 -19.73
C ALA B 281 15.41 -9.63 -18.45
N MET B 282 16.15 -10.22 -17.52
CA MET B 282 16.47 -9.60 -16.25
C MET B 282 17.34 -8.36 -16.42
N SER B 283 18.21 -8.38 -17.44
CA SER B 283 19.13 -7.27 -17.71
C SER B 283 18.43 -5.96 -18.07
N GLU B 284 17.17 -6.07 -18.51
CA GLU B 284 16.35 -4.94 -18.94
C GLU B 284 15.46 -4.33 -17.85
N GLY B 285 15.65 -4.74 -16.60
CA GLY B 285 14.88 -4.19 -15.46
C GLY B 285 13.42 -4.63 -15.50
N VAL B 286 13.19 -5.77 -16.14
CA VAL B 286 11.87 -6.33 -16.31
C VAL B 286 11.64 -7.41 -15.24
N ASP B 287 10.40 -7.66 -14.85
CA ASP B 287 10.11 -8.78 -13.96
C ASP B 287 10.20 -10.06 -14.77
N VAL B 288 10.63 -11.15 -14.13
CA VAL B 288 10.89 -12.44 -14.80
C VAL B 288 10.45 -13.59 -13.92
N ARG B 289 9.61 -14.47 -14.47
CA ARG B 289 9.20 -15.66 -13.75
C ARG B 289 9.66 -16.84 -14.54
N VAL B 290 10.12 -17.88 -13.87
CA VAL B 290 10.48 -19.11 -14.55
C VAL B 290 9.67 -20.29 -14.03
N TYR B 291 9.03 -20.97 -14.98
CA TYR B 291 8.26 -22.18 -14.70
C TYR B 291 8.84 -23.40 -15.40
N CYS B 292 8.81 -24.51 -14.69
CA CYS B 292 9.12 -25.80 -15.29
C CYS B 292 7.86 -26.65 -15.29
N LEU B 293 7.50 -27.11 -16.47
CA LEU B 293 6.29 -27.91 -16.62
C LEU B 293 6.37 -29.28 -15.94
N HIS B 294 7.57 -29.81 -15.70
CA HIS B 294 7.65 -31.06 -14.95
C HIS B 294 7.09 -30.88 -13.53
N GLU B 295 7.27 -29.67 -12.99
CA GLU B 295 6.91 -29.35 -11.60
C GLU B 295 5.60 -28.58 -11.44
N ASP B 296 5.42 -27.55 -12.27
CA ASP B 296 4.48 -26.47 -12.00
C ASP B 296 3.13 -26.63 -12.69
N ASP B 297 2.06 -26.30 -11.96
CA ASP B 297 0.70 -26.48 -12.48
C ASP B 297 0.38 -25.45 -13.54
N ARG B 298 -0.52 -25.79 -14.44
CA ARG B 298 -0.90 -24.84 -15.48
C ARG B 298 -1.73 -23.67 -14.97
N SER B 299 -2.50 -23.88 -13.90
CA SER B 299 -3.27 -22.80 -13.29
C SER B 299 -2.38 -21.72 -12.65
N GLU B 300 -1.20 -22.11 -12.17
CA GLU B 300 -0.25 -21.18 -11.56
C GLU B 300 0.46 -20.45 -12.71
N ILE B 301 0.83 -21.20 -13.76
CA ILE B 301 1.46 -20.63 -14.95
C ILE B 301 0.59 -19.57 -15.65
N VAL B 302 -0.67 -19.91 -15.85
CA VAL B 302 -1.61 -19.05 -16.53
C VAL B 302 -1.86 -17.76 -15.72
N LYS B 303 -1.85 -17.86 -14.40
CA LYS B 303 -1.95 -16.67 -13.55
C LYS B 303 -0.86 -15.64 -13.84
N ASP B 304 0.35 -16.11 -14.15
CA ASP B 304 1.42 -15.18 -14.54
C ASP B 304 1.34 -14.71 -15.97
N ILE B 305 0.87 -15.57 -16.86
CA ILE B 305 0.70 -15.17 -18.26
C ILE B 305 -0.23 -13.97 -18.33
N LEU B 306 -1.20 -13.89 -17.43
CA LEU B 306 -2.16 -12.80 -17.41
C LEU B 306 -1.48 -11.44 -17.14
N GLU B 307 -0.46 -11.44 -16.27
CA GLU B 307 0.24 -10.23 -15.88
C GLU B 307 1.53 -10.01 -16.68
N SER B 308 1.71 -10.76 -17.76
CA SER B 308 2.94 -10.78 -18.56
C SER B 308 2.72 -10.22 -19.95
N GLY B 309 3.64 -9.40 -20.44
CA GLY B 309 3.55 -8.89 -21.80
C GLY B 309 4.13 -9.86 -22.81
N ALA B 310 4.98 -10.75 -22.31
CA ALA B 310 5.66 -11.73 -23.16
C ALA B 310 5.89 -13.05 -22.43
N ILE B 311 6.07 -14.12 -23.22
CA ILE B 311 6.48 -15.43 -22.71
C ILE B 311 7.62 -16.05 -23.53
N ALA B 312 8.30 -17.02 -22.92
CA ALA B 312 9.23 -17.90 -23.63
C ALA B 312 8.92 -19.35 -23.28
N LEU B 313 8.50 -20.11 -24.29
CA LEU B 313 8.15 -21.52 -24.12
C LEU B 313 9.19 -22.40 -24.82
N GLY B 314 9.82 -23.26 -24.05
CA GLY B 314 10.88 -24.11 -24.57
C GLY B 314 10.68 -25.57 -24.21
N ALA B 315 11.13 -26.44 -25.11
CA ALA B 315 11.06 -27.87 -24.91
C ALA B 315 11.96 -28.53 -25.93
N PRO B 316 12.59 -29.67 -25.54
CA PRO B 316 13.38 -30.49 -26.46
C PRO B 316 12.50 -31.19 -27.47
N THR B 317 13.07 -31.78 -28.51
CA THR B 317 12.23 -32.52 -29.44
C THR B 317 12.42 -34.03 -29.33
N ILE B 318 11.30 -34.74 -29.26
CA ILE B 318 11.25 -36.20 -29.20
C ILE B 318 10.39 -36.71 -30.35
N TYR B 319 10.97 -37.55 -31.19
CA TYR B 319 10.30 -38.12 -32.37
C TYR B 319 9.54 -37.08 -33.20
N ASP B 320 10.20 -35.95 -33.46
CA ASP B 320 9.69 -34.84 -34.32
C ASP B 320 8.83 -33.76 -33.67
N GLU B 321 8.38 -34.00 -32.43
CA GLU B 321 7.37 -33.20 -31.73
C GLU B 321 7.92 -32.59 -30.44
N PRO B 322 7.20 -31.64 -29.84
CA PRO B 322 7.73 -31.19 -28.55
C PRO B 322 7.55 -32.27 -27.46
N TYR B 323 8.35 -32.19 -26.40
CA TYR B 323 8.08 -33.00 -25.22
C TYR B 323 6.57 -32.87 -24.87
N PRO B 324 5.85 -33.99 -24.69
CA PRO B 324 4.39 -33.92 -24.65
C PRO B 324 3.73 -32.96 -23.63
N SER B 325 4.37 -32.70 -22.47
CA SER B 325 3.78 -31.88 -21.40
C SER B 325 3.37 -30.51 -21.90
N VAL B 326 4.11 -30.04 -22.89
CA VAL B 326 3.86 -28.77 -23.56
C VAL B 326 2.50 -28.79 -24.26
N GLY B 327 2.03 -29.97 -24.63
CA GLY B 327 0.75 -30.14 -25.29
C GLY B 327 -0.41 -29.87 -24.35
N ASP B 328 -0.20 -30.09 -23.06
CA ASP B 328 -1.21 -29.79 -22.06
C ASP B 328 -1.41 -28.29 -21.91
N LEU B 329 -0.32 -27.54 -21.75
CA LEU B 329 -0.40 -26.10 -21.61
C LEU B 329 -1.01 -25.43 -22.87
N LEU B 330 -0.48 -25.77 -24.03
CA LEU B 330 -0.96 -25.18 -25.27
C LEU B 330 -2.45 -25.46 -25.58
N MET B 331 -2.95 -26.64 -25.22
CA MET B 331 -4.38 -26.89 -25.39
C MET B 331 -5.19 -26.01 -24.43
N TYR B 332 -4.69 -25.88 -23.20
CA TYR B 332 -5.33 -25.00 -22.21
C TYR B 332 -5.36 -23.57 -22.74
N LEU B 333 -4.21 -23.05 -23.16
CA LEU B 333 -4.10 -21.70 -23.73
C LEU B 333 -4.98 -21.46 -24.97
N ARG B 334 -5.24 -22.51 -25.76
CA ARG B 334 -6.13 -22.37 -26.92
C ARG B 334 -7.56 -22.17 -26.44
N GLY B 335 -7.90 -22.66 -25.24
CA GLY B 335 -9.22 -22.40 -24.65
C GLY B 335 -9.37 -21.01 -24.05
N LEU B 336 -8.29 -20.52 -23.43
CA LEU B 336 -8.28 -19.30 -22.63
C LEU B 336 -8.21 -18.04 -23.47
N LYS B 337 -7.45 -18.11 -24.58
CA LYS B 337 -7.45 -17.07 -25.60
C LYS B 337 -7.03 -15.71 -25.05
N PHE B 338 -5.76 -15.61 -24.64
CA PHE B 338 -5.23 -14.39 -24.07
C PHE B 338 -5.25 -13.17 -25.02
N ASN B 339 -5.27 -13.43 -26.33
CA ASN B 339 -5.37 -12.37 -27.35
C ASN B 339 -6.58 -11.46 -27.15
N ARG B 340 -7.60 -11.99 -26.49
CA ARG B 340 -8.84 -11.28 -26.19
C ARG B 340 -8.64 -10.11 -25.22
N THR B 341 -7.53 -10.13 -24.48
CA THR B 341 -7.08 -9.03 -23.63
C THR B 341 -5.86 -8.30 -24.24
N LEU B 342 -4.92 -9.06 -24.81
CA LEU B 342 -3.66 -8.56 -25.35
C LEU B 342 -2.99 -9.71 -26.10
N THR B 343 -2.51 -9.42 -27.32
CA THR B 343 -1.69 -10.35 -28.11
C THR B 343 -0.29 -10.25 -27.51
N ARG B 344 0.11 -11.26 -26.74
CA ARG B 344 1.38 -11.22 -26.03
C ARG B 344 2.48 -11.73 -26.96
N LYS B 345 3.71 -11.27 -26.75
CA LYS B 345 4.84 -11.71 -27.57
C LYS B 345 5.30 -13.05 -27.03
N ALA B 346 6.00 -13.83 -27.84
CA ALA B 346 6.42 -15.18 -27.44
C ALA B 346 7.76 -15.51 -28.09
N LEU B 347 8.68 -16.03 -27.28
CA LEU B 347 9.89 -16.65 -27.81
C LEU B 347 9.69 -18.16 -27.72
N VAL B 348 10.08 -18.88 -28.76
CA VAL B 348 10.05 -20.33 -28.76
C VAL B 348 11.48 -20.86 -28.81
N PHE B 349 11.79 -21.85 -27.98
CA PHE B 349 13.17 -22.34 -27.88
C PHE B 349 13.30 -23.83 -27.56
N GLY B 350 14.43 -24.42 -27.91
CA GLY B 350 14.69 -25.78 -27.47
C GLY B 350 15.97 -26.38 -27.98
N SER B 351 16.41 -27.43 -27.28
CA SER B 351 17.51 -28.27 -27.73
C SER B 351 16.95 -29.43 -28.54
N MET B 352 17.79 -29.99 -29.40
CA MET B 352 17.40 -31.09 -30.30
C MET B 352 18.61 -31.91 -30.79
N GLY B 353 18.36 -33.11 -31.29
CA GLY B 353 19.46 -33.99 -31.66
C GLY B 353 19.59 -34.38 -33.11
N GLY B 354 18.68 -33.88 -33.94
CA GLY B 354 18.69 -34.22 -35.35
C GLY B 354 17.95 -33.19 -36.16
N ASN B 355 16.83 -33.61 -36.73
CA ASN B 355 16.00 -32.74 -37.55
C ASN B 355 15.23 -31.71 -36.74
N GLY B 356 15.11 -31.93 -35.43
CA GLY B 356 14.34 -31.06 -34.55
C GLY B 356 12.87 -31.00 -34.91
N GLY B 357 12.22 -29.87 -34.65
CA GLY B 357 10.82 -29.76 -34.96
C GLY B 357 9.91 -29.35 -33.81
N ALA B 358 10.43 -29.31 -32.59
CA ALA B 358 9.63 -28.83 -31.44
C ALA B 358 9.25 -27.36 -31.57
N THR B 359 10.20 -26.54 -32.00
CA THR B 359 9.98 -25.09 -32.10
C THR B 359 8.93 -24.78 -33.18
N GLY B 360 8.96 -25.51 -34.28
CA GLY B 360 7.94 -25.40 -35.32
C GLY B 360 6.54 -25.68 -34.79
N THR B 361 6.34 -26.85 -34.18
CA THR B 361 5.02 -27.20 -33.66
C THR B 361 4.53 -26.19 -32.62
N MET B 362 5.38 -25.82 -31.65
CA MET B 362 5.01 -24.77 -30.68
C MET B 362 4.61 -23.42 -31.31
N LYS B 363 5.30 -23.01 -32.39
CA LYS B 363 4.95 -21.80 -33.12
C LYS B 363 3.50 -21.81 -33.58
N GLU B 364 3.14 -22.87 -34.30
CA GLU B 364 1.77 -23.04 -34.80
C GLU B 364 0.74 -22.99 -33.67
N LEU B 365 0.99 -23.75 -32.61
CA LEU B 365 0.03 -23.85 -31.53
C LEU B 365 -0.03 -22.56 -30.69
N LEU B 366 1.10 -21.87 -30.56
CA LEU B 366 1.13 -20.54 -29.92
C LEU B 366 0.34 -19.51 -30.70
N ALA B 367 0.47 -19.51 -32.02
CA ALA B 367 -0.33 -18.68 -32.92
C ALA B 367 -1.85 -18.92 -32.78
N GLU B 368 -2.28 -20.18 -32.88
CA GLU B 368 -3.70 -20.49 -32.76
C GLU B 368 -4.24 -20.14 -31.37
N ALA B 369 -3.32 -19.98 -30.40
CA ALA B 369 -3.64 -19.61 -29.03
C ALA B 369 -3.63 -18.08 -28.85
N GLY B 370 -3.20 -17.36 -29.88
CA GLY B 370 -3.27 -15.91 -29.90
C GLY B 370 -2.02 -15.23 -29.39
N PHE B 371 -0.89 -15.89 -29.59
CA PHE B 371 0.40 -15.29 -29.29
C PHE B 371 1.11 -14.92 -30.58
N ASP B 372 1.90 -13.84 -30.49
CA ASP B 372 2.69 -13.35 -31.59
C ASP B 372 4.11 -13.87 -31.46
N VAL B 373 4.45 -14.89 -32.23
CA VAL B 373 5.78 -15.45 -32.07
C VAL B 373 6.76 -14.92 -33.11
N ALA B 374 7.72 -14.15 -32.60
CA ALA B 374 8.87 -13.74 -33.38
C ALA B 374 10.09 -14.46 -32.82
N CYS B 375 10.90 -14.96 -33.72
CA CYS B 375 12.07 -15.75 -33.39
C CYS B 375 12.03 -16.90 -32.39
N GLU B 376 12.99 -17.77 -32.63
CA GLU B 376 13.14 -19.04 -31.99
C GLU B 376 14.61 -19.17 -31.68
N GLU B 377 14.96 -20.09 -30.80
CA GLU B 377 16.35 -20.38 -30.50
C GLU B 377 16.40 -21.87 -30.49
N GLU B 378 17.12 -22.42 -31.45
CA GLU B 378 17.23 -23.86 -31.57
C GLU B 378 18.68 -24.28 -31.49
N VAL B 379 18.93 -25.20 -30.57
CA VAL B 379 20.25 -25.61 -30.22
C VAL B 379 20.41 -27.11 -30.44
N TYR B 380 21.51 -27.48 -31.08
CA TYR B 380 21.89 -28.87 -31.23
C TYR B 380 22.58 -29.35 -29.96
N TYR B 381 21.87 -30.16 -29.18
CA TYR B 381 22.37 -30.76 -27.94
C TYR B 381 22.71 -29.74 -26.85
N VAL B 382 23.90 -29.84 -26.25
CA VAL B 382 24.33 -28.93 -25.18
C VAL B 382 24.78 -27.58 -25.79
N PRO B 383 24.20 -26.45 -25.33
CA PRO B 383 24.58 -25.16 -25.91
C PRO B 383 25.97 -24.73 -25.47
N THR B 384 26.81 -24.31 -26.42
CA THR B 384 28.10 -23.66 -26.11
C THR B 384 27.87 -22.28 -25.47
N GLY B 385 28.96 -21.69 -24.99
CA GLY B 385 28.97 -20.34 -24.43
C GLY B 385 28.30 -19.34 -25.35
N ASP B 386 28.73 -19.33 -26.61
CA ASP B 386 28.19 -18.43 -27.64
C ASP B 386 26.71 -18.69 -27.94
N GLU B 387 26.27 -19.93 -27.84
CA GLU B 387 24.87 -20.24 -28.02
C GLU B 387 24.07 -19.76 -26.81
N LEU B 388 24.66 -19.87 -25.61
CA LEU B 388 23.99 -19.37 -24.42
C LEU B 388 23.93 -17.85 -24.38
N ASP B 389 24.98 -17.21 -24.92
CA ASP B 389 24.97 -15.77 -25.21
C ASP B 389 23.81 -15.37 -26.13
N ALA B 390 23.49 -16.21 -27.12
CA ALA B 390 22.40 -15.90 -28.07
C ALA B 390 21.02 -16.01 -27.43
N CYS B 391 20.89 -16.91 -26.47
CA CYS B 391 19.68 -16.99 -25.65
C CYS B 391 19.57 -15.80 -24.71
N PHE B 392 20.69 -15.37 -24.14
CA PHE B 392 20.71 -14.13 -23.36
C PHE B 392 20.22 -12.96 -24.20
N GLU B 393 20.78 -12.79 -25.41
CA GLU B 393 20.34 -11.77 -26.36
C GLU B 393 18.84 -11.82 -26.66
N ALA B 394 18.34 -13.01 -27.02
CA ALA B 394 16.92 -13.23 -27.32
C ALA B 394 16.04 -12.84 -26.13
N GLY B 395 16.46 -13.25 -24.93
CA GLY B 395 15.78 -12.90 -23.70
C GLY B 395 15.68 -11.40 -23.54
N ARG B 396 16.80 -10.72 -23.76
CA ARG B 396 16.88 -9.26 -23.63
C ARG B 396 16.01 -8.51 -24.64
N LYS B 397 16.07 -8.94 -25.90
CA LYS B 397 15.22 -8.38 -26.96
C LYS B 397 13.73 -8.52 -26.63
N LEU B 398 13.34 -9.72 -26.21
CA LEU B 398 11.94 -9.98 -25.86
C LEU B 398 11.49 -8.97 -24.80
N ALA B 399 12.33 -8.77 -23.79
CA ALA B 399 12.03 -7.86 -22.70
C ALA B 399 11.98 -6.40 -23.16
N ALA B 400 13.03 -5.95 -23.87
CA ALA B 400 13.10 -4.58 -24.37
C ALA B 400 11.85 -4.27 -25.19
N GLU B 401 11.43 -5.23 -26.01
CA GLU B 401 10.22 -5.13 -26.83
C GLU B 401 8.98 -4.75 -26.00
N ILE B 402 8.80 -5.34 -24.83
CA ILE B 402 7.63 -5.05 -24.00
C ILE B 402 7.81 -3.96 -22.95
N ARG B 403 9.01 -3.35 -22.90
CA ARG B 403 9.28 -2.19 -22.04
C ARG B 403 8.44 -1.01 -22.48
N MET C 1 -29.59 -49.19 -15.62
CA MET C 1 -28.18 -49.31 -16.07
C MET C 1 -27.91 -50.71 -16.61
N LYS C 2 -27.00 -50.82 -17.58
CA LYS C 2 -26.52 -52.11 -18.10
C LYS C 2 -25.27 -52.60 -17.37
N ALA C 3 -25.47 -53.65 -16.57
CA ALA C 3 -24.39 -54.35 -15.90
C ALA C 3 -24.92 -55.73 -15.56
N ALA C 4 -24.21 -56.75 -16.03
CA ALA C 4 -24.62 -58.13 -15.89
C ALA C 4 -23.98 -58.74 -14.68
N ALA C 5 -24.70 -59.64 -14.02
CA ALA C 5 -24.12 -60.46 -12.97
C ALA C 5 -23.23 -61.51 -13.62
N LYS C 6 -22.50 -62.24 -12.79
CA LYS C 6 -21.63 -63.28 -13.26
C LYS C 6 -21.94 -64.53 -12.44
N ARG C 7 -22.33 -65.60 -13.12
CA ARG C 7 -22.57 -66.87 -12.46
C ARG C 7 -21.25 -67.53 -12.10
N ILE C 8 -21.04 -67.79 -10.82
CA ILE C 8 -19.81 -68.49 -10.38
C ILE C 8 -20.06 -69.92 -9.89
N SER C 9 -21.32 -70.25 -9.62
CA SER C 9 -21.71 -71.57 -9.16
C SER C 9 -23.24 -71.65 -9.30
N ASP C 10 -23.84 -72.83 -9.15
CA ASP C 10 -25.29 -72.99 -9.29
C ASP C 10 -25.99 -72.17 -8.20
N GLY C 11 -26.86 -71.26 -8.64
CA GLY C 11 -27.53 -70.30 -7.75
C GLY C 11 -26.64 -69.26 -7.07
N VAL C 12 -25.36 -69.18 -7.45
CA VAL C 12 -24.43 -68.19 -6.86
C VAL C 12 -23.85 -67.25 -7.94
N TYR C 13 -23.99 -65.96 -7.69
CA TYR C 13 -23.63 -64.94 -8.64
C TYR C 13 -22.80 -63.87 -7.98
N TRP C 14 -21.83 -63.36 -8.72
CA TRP C 14 -21.12 -62.16 -8.33
C TRP C 14 -21.94 -60.99 -8.83
N THR C 15 -22.16 -60.02 -7.93
CA THR C 15 -22.95 -58.86 -8.25
C THR C 15 -22.34 -57.62 -7.61
N GLY C 16 -21.04 -57.43 -7.83
CA GLY C 16 -20.28 -56.37 -7.19
C GLY C 16 -19.99 -55.15 -8.07
N VAL C 17 -19.01 -54.36 -7.69
CA VAL C 17 -18.68 -53.18 -8.48
C VAL C 17 -17.19 -53.11 -8.83
N LEU C 18 -16.91 -52.56 -10.00
CA LEU C 18 -15.56 -52.43 -10.48
C LEU C 18 -15.08 -50.99 -10.29
N ASP C 19 -14.25 -50.79 -9.28
CA ASP C 19 -13.71 -49.47 -9.03
C ASP C 19 -12.42 -49.25 -9.83
N TRP C 20 -12.57 -48.97 -11.12
CA TRP C 20 -11.43 -48.90 -12.04
C TRP C 20 -10.41 -47.86 -11.60
N ASP C 21 -10.90 -46.73 -11.07
CA ASP C 21 -10.10 -45.49 -10.97
C ASP C 21 -9.36 -45.27 -9.66
N LEU C 22 -9.80 -45.91 -8.57
CA LEU C 22 -9.15 -45.78 -7.27
C LEU C 22 -7.65 -46.03 -7.40
N ARG C 23 -6.85 -45.12 -6.85
CA ARG C 23 -5.38 -45.20 -6.91
C ARG C 23 -4.74 -45.22 -5.54
N ASN C 24 -5.51 -44.79 -4.54
CA ASN C 24 -5.01 -44.74 -3.20
C ASN C 24 -6.16 -44.98 -2.24
N TYR C 25 -6.08 -46.08 -1.50
CA TYR C 25 -7.11 -46.41 -0.55
C TYR C 25 -6.52 -46.46 0.87
N HIS C 26 -6.87 -45.46 1.68
CA HIS C 26 -6.32 -45.27 3.04
C HIS C 26 -4.81 -45.45 3.17
N GLY C 27 -4.06 -44.91 2.20
CA GLY C 27 -2.59 -45.02 2.17
C GLY C 27 -2.05 -46.20 1.37
N TYR C 28 -2.95 -47.04 0.90
CA TYR C 28 -2.65 -48.20 0.08
C TYR C 28 -2.70 -47.76 -1.38
N THR C 29 -1.59 -47.90 -2.10
CA THR C 29 -1.55 -47.58 -3.51
C THR C 29 -1.96 -48.82 -4.31
N LEU C 30 -2.72 -48.59 -5.37
CA LEU C 30 -3.36 -49.69 -6.11
C LEU C 30 -3.82 -49.18 -7.47
N GLN C 31 -4.05 -50.09 -8.40
CA GLN C 31 -4.57 -49.73 -9.74
C GLN C 31 -6.02 -50.20 -9.82
N GLY C 32 -6.88 -49.53 -9.06
CA GLY C 32 -8.28 -49.92 -8.98
C GLY C 32 -8.50 -51.14 -8.12
N THR C 33 -9.73 -51.32 -7.64
CA THR C 33 -10.09 -52.48 -6.85
C THR C 33 -11.51 -52.89 -7.17
N THR C 34 -11.99 -53.93 -6.51
CA THR C 34 -13.39 -54.29 -6.62
C THR C 34 -14.02 -54.36 -5.24
N TYR C 35 -15.34 -54.21 -5.23
CA TYR C 35 -16.15 -54.49 -4.04
C TYR C 35 -17.04 -55.65 -4.43
N ASN C 36 -16.70 -56.82 -3.93
CA ASN C 36 -17.38 -58.04 -4.32
C ASN C 36 -18.59 -58.29 -3.43
N ALA C 37 -19.73 -58.48 -4.07
CA ALA C 37 -20.93 -58.86 -3.38
C ALA C 37 -21.48 -60.04 -4.19
N TYR C 38 -22.21 -60.92 -3.52
CA TYR C 38 -22.67 -62.18 -4.10
C TYR C 38 -24.14 -62.42 -3.81
N LEU C 39 -24.87 -62.90 -4.80
CA LEU C 39 -26.25 -63.26 -4.60
C LEU C 39 -26.32 -64.79 -4.54
N VAL C 40 -26.81 -65.31 -3.41
CA VAL C 40 -26.98 -66.75 -3.21
C VAL C 40 -28.47 -67.10 -3.23
N CYS C 41 -28.86 -67.98 -4.15
CA CYS C 41 -30.27 -68.25 -4.44
C CYS C 41 -30.64 -69.70 -4.20
N GLY C 42 -31.61 -69.92 -3.30
CA GLY C 42 -32.14 -71.25 -3.03
C GLY C 42 -33.47 -71.39 -3.71
N ASP C 43 -34.19 -72.49 -3.45
CA ASP C 43 -35.54 -72.70 -3.99
C ASP C 43 -36.57 -71.74 -3.41
N GLU C 44 -36.24 -71.11 -2.28
CA GLU C 44 -37.19 -70.26 -1.54
C GLU C 44 -36.66 -68.86 -1.21
N GLY C 45 -35.49 -68.80 -0.59
CA GLY C 45 -34.93 -67.52 -0.21
C GLY C 45 -33.69 -67.10 -1.00
N VAL C 46 -33.50 -65.80 -1.13
CA VAL C 46 -32.25 -65.28 -1.66
C VAL C 46 -31.54 -64.35 -0.68
N ALA C 47 -30.21 -64.48 -0.63
CA ALA C 47 -29.39 -63.72 0.28
C ALA C 47 -28.33 -62.93 -0.49
N LEU C 48 -28.12 -61.69 -0.09
CA LEU C 48 -27.05 -60.88 -0.66
C LEU C 48 -25.94 -60.78 0.35
N ILE C 49 -24.76 -61.28 0.00
CA ILE C 49 -23.63 -61.16 0.90
C ILE C 49 -22.87 -59.91 0.59
N ASP C 50 -22.89 -58.96 1.53
CA ASP C 50 -22.15 -57.69 1.45
C ASP C 50 -22.62 -56.84 0.27
N ASN C 51 -22.15 -55.59 0.23
CA ASN C 51 -22.47 -54.71 -0.88
C ASN C 51 -21.26 -53.88 -1.36
N SER C 52 -21.34 -52.55 -1.40
CA SER C 52 -20.26 -51.76 -1.99
C SER C 52 -20.13 -50.37 -1.43
N TYR C 53 -19.16 -49.63 -1.95
CA TYR C 53 -18.81 -48.30 -1.48
C TYR C 53 -19.96 -47.31 -1.75
N PRO C 54 -20.15 -46.28 -0.90
CA PRO C 54 -21.23 -45.32 -1.17
C PRO C 54 -21.14 -44.64 -2.53
N GLY C 55 -22.31 -44.44 -3.17
CA GLY C 55 -22.41 -43.87 -4.53
C GLY C 55 -22.52 -44.91 -5.64
N THR C 56 -22.36 -46.19 -5.30
CA THR C 56 -22.28 -47.26 -6.29
C THR C 56 -23.52 -48.13 -6.34
N PHE C 57 -24.62 -47.69 -5.72
CA PHE C 57 -25.84 -48.51 -5.66
C PHE C 57 -26.42 -48.87 -7.02
N ASP C 58 -26.47 -47.91 -7.94
CA ASP C 58 -27.00 -48.14 -9.29
C ASP C 58 -26.36 -49.34 -9.97
N GLU C 59 -25.03 -49.41 -9.94
CA GLU C 59 -24.25 -50.53 -10.50
C GLU C 59 -24.55 -51.89 -9.87
N LEU C 60 -24.50 -51.97 -8.53
CA LEU C 60 -24.79 -53.22 -7.82
C LEU C 60 -26.23 -53.69 -8.02
N MET C 61 -27.19 -52.76 -7.97
CA MET C 61 -28.59 -53.09 -8.17
C MET C 61 -28.85 -53.63 -9.56
N ALA C 62 -28.24 -53.03 -10.58
CA ALA C 62 -28.31 -53.56 -11.95
C ALA C 62 -27.78 -55.01 -12.03
N ARG C 63 -26.70 -55.29 -11.28
CA ARG C 63 -26.15 -56.63 -11.24
C ARG C 63 -27.05 -57.61 -10.51
N VAL C 64 -27.60 -57.22 -9.36
CA VAL C 64 -28.50 -58.12 -8.65
C VAL C 64 -29.79 -58.33 -9.40
N GLU C 65 -30.25 -57.30 -10.09
CA GLU C 65 -31.45 -57.41 -10.94
C GLU C 65 -31.27 -58.37 -12.13
N ASP C 66 -30.08 -58.39 -12.73
CA ASP C 66 -29.78 -59.33 -13.78
C ASP C 66 -29.73 -60.75 -13.22
N ALA C 67 -28.87 -60.97 -12.22
CA ALA C 67 -28.87 -62.17 -11.38
C ALA C 67 -30.27 -62.69 -11.00
N LEU C 68 -31.16 -61.80 -10.54
CA LEU C 68 -32.53 -62.20 -10.23
C LEU C 68 -33.27 -62.76 -11.45
N GLN C 69 -33.04 -62.15 -12.62
CA GLN C 69 -33.66 -62.56 -13.90
C GLN C 69 -33.13 -63.92 -14.35
N GLN C 70 -31.82 -64.08 -14.22
CA GLN C 70 -31.15 -65.33 -14.54
C GLN C 70 -31.72 -66.50 -13.76
N VAL C 71 -31.71 -66.40 -12.42
CA VAL C 71 -32.13 -67.51 -11.54
C VAL C 71 -33.65 -67.74 -11.55
N GLY C 72 -34.43 -66.70 -11.78
CA GLY C 72 -35.89 -66.82 -11.77
C GLY C 72 -36.59 -66.42 -10.48
N MET C 73 -35.92 -65.65 -9.64
CA MET C 73 -36.49 -65.16 -8.37
C MET C 73 -36.87 -63.68 -8.53
N GLU C 74 -37.53 -63.10 -7.52
CA GLU C 74 -38.05 -61.73 -7.64
C GLU C 74 -37.55 -60.65 -6.65
N ARG C 75 -36.82 -61.05 -5.61
CA ARG C 75 -36.33 -60.09 -4.62
C ARG C 75 -35.22 -60.72 -3.79
N VAL C 76 -34.46 -59.87 -3.11
CA VAL C 76 -33.57 -60.30 -2.04
C VAL C 76 -34.40 -60.46 -0.77
N ASP C 77 -34.30 -61.63 -0.15
CA ASP C 77 -35.00 -61.90 1.10
C ASP C 77 -34.15 -61.59 2.32
N TYR C 78 -32.83 -61.72 2.21
CA TYR C 78 -31.95 -61.56 3.36
C TYR C 78 -30.69 -60.80 2.97
N ILE C 79 -30.36 -59.77 3.74
CA ILE C 79 -29.15 -58.97 3.52
C ILE C 79 -28.12 -59.36 4.57
N ILE C 80 -26.97 -59.83 4.12
CA ILE C 80 -25.92 -60.26 5.03
C ILE C 80 -24.78 -59.22 4.98
N GLN C 81 -24.36 -58.77 6.17
CA GLN C 81 -23.19 -57.91 6.29
C GLN C 81 -22.14 -58.62 7.10
N ASN C 82 -21.12 -59.11 6.41
CA ASN C 82 -19.97 -59.75 7.03
C ASN C 82 -19.06 -58.76 7.71
N HIS C 83 -19.12 -57.50 7.30
CA HIS C 83 -18.25 -56.41 7.81
C HIS C 83 -18.92 -55.03 7.70
N VAL C 84 -18.69 -54.19 8.70
CA VAL C 84 -19.33 -52.87 8.74
C VAL C 84 -18.67 -51.82 7.84
N GLU C 85 -17.39 -52.01 7.51
CA GLU C 85 -16.62 -50.99 6.79
C GLU C 85 -17.38 -50.48 5.56
N LYS C 86 -17.23 -49.20 5.25
CA LYS C 86 -18.02 -48.54 4.21
C LYS C 86 -17.83 -49.05 2.76
N ASP C 87 -16.70 -49.70 2.49
CA ASP C 87 -16.48 -50.26 1.15
C ASP C 87 -17.36 -51.47 0.88
N HIS C 88 -17.97 -52.00 1.94
CA HIS C 88 -18.84 -53.18 1.87
C HIS C 88 -20.21 -52.93 2.51
N SER C 89 -20.38 -51.83 3.24
CA SER C 89 -21.70 -51.50 3.78
C SER C 89 -22.28 -50.20 3.23
N GLY C 90 -21.57 -49.58 2.29
CA GLY C 90 -21.88 -48.23 1.82
C GLY C 90 -23.23 -48.05 1.12
N VAL C 91 -23.77 -49.11 0.53
CA VAL C 91 -25.11 -49.00 -0.05
C VAL C 91 -26.19 -49.81 0.69
N LEU C 92 -25.89 -50.15 1.93
CA LEU C 92 -26.83 -50.90 2.80
C LEU C 92 -28.14 -50.15 3.05
N VAL C 93 -28.07 -48.82 3.26
CA VAL C 93 -29.29 -48.01 3.47
C VAL C 93 -30.19 -48.02 2.24
N GLU C 94 -29.58 -47.92 1.04
CA GLU C 94 -30.33 -48.04 -0.20
C GLU C 94 -30.93 -49.43 -0.44
N LEU C 95 -30.28 -50.49 0.04
CA LEU C 95 -30.80 -51.83 -0.14
C LEU C 95 -31.99 -52.04 0.79
N HIS C 96 -31.91 -51.45 1.97
CA HIS C 96 -33.01 -51.53 2.92
C HIS C 96 -34.20 -50.77 2.38
N ARG C 97 -33.91 -49.63 1.75
CA ARG C 97 -34.89 -48.80 1.05
C ARG C 97 -35.57 -49.60 -0.05
N ARG C 98 -34.78 -50.43 -0.75
CA ARG C 98 -35.25 -51.17 -1.92
C ARG C 98 -35.95 -52.47 -1.57
N PHE C 99 -35.43 -53.17 -0.55
CA PHE C 99 -36.01 -54.43 -0.07
C PHE C 99 -36.39 -54.32 1.40
N PRO C 100 -37.52 -53.66 1.70
CA PRO C 100 -37.88 -53.34 3.08
C PRO C 100 -38.20 -54.54 3.96
N GLU C 101 -38.56 -55.67 3.34
CA GLU C 101 -38.85 -56.89 4.12
C GLU C 101 -37.60 -57.65 4.53
N ALA C 102 -36.47 -57.38 3.87
CA ALA C 102 -35.23 -58.11 4.12
C ALA C 102 -34.59 -57.83 5.50
N PRO C 103 -34.53 -58.84 6.39
CA PRO C 103 -33.74 -58.62 7.61
C PRO C 103 -32.23 -58.51 7.32
N ILE C 104 -31.49 -57.86 8.21
CA ILE C 104 -30.04 -57.72 8.09
C ILE C 104 -29.32 -58.67 9.07
N TYR C 105 -28.61 -59.65 8.50
CA TYR C 105 -27.88 -60.65 9.25
C TYR C 105 -26.46 -60.16 9.43
N CYS C 106 -25.98 -60.13 10.67
CA CYS C 106 -24.63 -59.63 10.98
C CYS C 106 -24.33 -59.94 12.44
N THR C 107 -23.07 -59.79 12.88
CA THR C 107 -22.73 -60.14 14.28
C THR C 107 -23.25 -59.09 15.28
N GLU C 108 -23.08 -59.36 16.58
CA GLU C 108 -23.52 -58.45 17.65
C GLU C 108 -22.83 -57.09 17.59
N VAL C 109 -21.51 -57.10 17.45
CA VAL C 109 -20.72 -55.88 17.28
C VAL C 109 -21.12 -55.09 16.02
N ALA C 110 -21.45 -55.80 14.93
CA ALA C 110 -21.85 -55.17 13.66
C ALA C 110 -23.14 -54.37 13.74
N VAL C 111 -24.12 -54.82 14.54
CA VAL C 111 -25.38 -54.10 14.70
C VAL C 111 -25.08 -52.69 15.20
N LYS C 112 -24.32 -52.61 16.30
CA LYS C 112 -23.92 -51.34 16.88
C LYS C 112 -23.11 -50.49 15.86
N GLY C 113 -22.14 -51.12 15.19
CA GLY C 113 -21.33 -50.43 14.18
C GLY C 113 -22.15 -49.88 13.04
N LEU C 114 -23.03 -50.71 12.48
CA LEU C 114 -23.89 -50.29 11.36
C LEU C 114 -24.79 -49.12 11.75
N LEU C 115 -25.36 -49.18 12.94
CA LEU C 115 -26.23 -48.12 13.43
C LEU C 115 -25.46 -46.83 13.68
N LYS C 116 -24.20 -46.94 14.07
CA LYS C 116 -23.35 -45.76 14.19
C LYS C 116 -23.03 -45.13 12.82
N HIS C 117 -22.68 -45.95 11.83
CA HIS C 117 -22.45 -45.47 10.46
C HIS C 117 -23.73 -44.92 9.80
N TYR C 118 -24.86 -45.59 10.01
CA TYR C 118 -26.11 -45.29 9.31
C TYR C 118 -27.34 -45.22 10.24
N PRO C 119 -27.54 -44.07 10.91
CA PRO C 119 -28.64 -43.90 11.87
C PRO C 119 -30.02 -44.26 11.33
N SER C 120 -30.28 -44.04 10.05
CA SER C 120 -31.58 -44.31 9.43
C SER C 120 -31.96 -45.79 9.33
N LEU C 121 -31.01 -46.68 9.60
CA LEU C 121 -31.31 -48.10 9.75
C LEU C 121 -31.98 -48.44 11.08
N ARG C 122 -32.36 -47.41 11.85
CA ARG C 122 -32.95 -47.57 13.19
C ARG C 122 -34.17 -48.50 13.28
N GLU C 123 -35.00 -48.54 12.24
CA GLU C 123 -36.16 -49.42 12.26
C GLU C 123 -36.06 -50.62 11.31
N ALA C 124 -34.84 -50.88 10.83
CA ALA C 124 -34.58 -52.13 10.13
C ALA C 124 -34.58 -53.29 11.15
N GLU C 125 -35.01 -54.45 10.67
CA GLU C 125 -34.90 -55.67 11.43
C GLU C 125 -33.48 -56.23 11.30
N PHE C 126 -32.83 -56.48 12.44
CA PHE C 126 -31.51 -57.10 12.48
C PHE C 126 -31.64 -58.51 13.01
N MET C 127 -31.05 -59.47 12.32
CA MET C 127 -30.93 -60.82 12.84
C MET C 127 -29.47 -61.07 13.27
N THR C 128 -29.21 -60.87 14.56
CA THR C 128 -27.86 -61.07 15.15
C THR C 128 -27.47 -62.54 15.09
N VAL C 129 -26.29 -62.82 14.51
CA VAL C 129 -25.83 -64.21 14.33
C VAL C 129 -24.47 -64.43 14.99
N LYS C 130 -24.25 -65.67 15.43
CA LYS C 130 -23.00 -66.07 16.04
C LYS C 130 -22.50 -67.33 15.35
N THR C 131 -21.33 -67.81 15.75
CA THR C 131 -20.67 -68.98 15.17
C THR C 131 -21.54 -70.24 15.32
N GLY C 132 -21.75 -70.95 14.22
CA GLY C 132 -22.66 -72.10 14.17
C GLY C 132 -24.09 -71.77 13.77
N ASP C 133 -24.40 -70.51 13.54
CA ASP C 133 -25.76 -70.15 13.11
C ASP C 133 -25.98 -70.46 11.65
N VAL C 134 -27.20 -70.84 11.33
CA VAL C 134 -27.55 -71.31 10.00
C VAL C 134 -28.73 -70.53 9.41
N LEU C 135 -28.59 -70.08 8.16
CA LEU C 135 -29.72 -69.50 7.41
C LEU C 135 -30.15 -70.41 6.24
N ASP C 136 -31.31 -71.04 6.38
CA ASP C 136 -31.83 -71.95 5.34
C ASP C 136 -32.51 -71.21 4.16
N LEU C 137 -31.95 -71.35 2.96
CA LEU C 137 -32.49 -70.70 1.76
C LEU C 137 -33.41 -71.58 0.92
N GLY C 138 -33.53 -72.85 1.30
CA GLY C 138 -34.30 -73.84 0.54
C GLY C 138 -33.38 -74.62 -0.37
N GLY C 139 -32.79 -75.68 0.18
CA GLY C 139 -31.76 -76.46 -0.50
C GLY C 139 -30.35 -75.91 -0.31
N LYS C 140 -30.25 -74.63 0.04
CA LYS C 140 -28.95 -74.04 0.36
C LYS C 140 -28.98 -73.50 1.78
N THR C 141 -27.96 -73.81 2.56
CA THR C 141 -27.85 -73.29 3.91
C THR C 141 -26.54 -72.56 4.10
N LEU C 142 -26.61 -71.29 4.50
CA LEU C 142 -25.43 -70.53 4.88
C LEU C 142 -25.15 -70.67 6.37
N THR C 143 -23.88 -70.86 6.70
CA THR C 143 -23.42 -71.02 8.07
C THR C 143 -22.51 -69.84 8.39
N PHE C 144 -22.70 -69.24 9.56
CA PHE C 144 -21.88 -68.08 9.96
C PHE C 144 -20.76 -68.46 10.92
N LEU C 145 -19.64 -67.77 10.76
CA LEU C 145 -18.46 -68.03 11.54
C LEU C 145 -17.79 -66.71 11.92
N GLU C 146 -17.98 -66.31 13.17
CA GLU C 146 -17.38 -65.11 13.72
C GLU C 146 -15.87 -65.13 13.58
N THR C 147 -15.33 -64.03 13.11
CA THR C 147 -13.89 -63.85 12.99
C THR C 147 -13.47 -62.51 13.59
N PRO C 148 -13.63 -62.34 14.92
CA PRO C 148 -13.19 -61.08 15.50
C PRO C 148 -11.71 -60.83 15.20
N LEU C 149 -11.38 -59.57 14.88
CA LEU C 149 -10.03 -59.17 14.51
C LEU C 149 -9.47 -59.95 13.32
N LEU C 150 -10.33 -60.18 12.33
CA LEU C 150 -9.95 -60.74 11.04
C LEU C 150 -10.84 -60.13 9.94
N HIS C 151 -10.69 -58.83 9.64
CA HIS C 151 -9.66 -57.96 10.23
C HIS C 151 -10.22 -56.98 11.27
N TRP C 152 -11.55 -57.01 11.44
CA TRP C 152 -12.29 -56.11 12.36
C TRP C 152 -13.03 -56.90 13.47
N PRO C 153 -13.28 -56.27 14.64
CA PRO C 153 -14.07 -56.90 15.72
C PRO C 153 -15.46 -57.40 15.30
N ASP C 154 -16.03 -56.79 14.26
CA ASP C 154 -17.37 -57.11 13.75
C ASP C 154 -17.43 -58.16 12.62
N SER C 155 -16.26 -58.60 12.14
CA SER C 155 -16.16 -59.46 10.95
C SER C 155 -16.75 -60.84 11.16
N MET C 156 -17.26 -61.43 10.09
CA MET C 156 -17.59 -62.86 10.07
C MET C 156 -17.35 -63.44 8.69
N PHE C 157 -17.06 -64.73 8.61
CA PHE C 157 -17.15 -65.44 7.33
C PHE C 157 -18.56 -65.98 7.19
N THR C 158 -19.01 -66.19 5.96
CA THR C 158 -20.21 -66.97 5.68
C THR C 158 -19.82 -68.17 4.80
N LEU C 159 -20.35 -69.34 5.14
CA LEU C 159 -20.01 -70.58 4.46
C LEU C 159 -21.25 -71.17 3.82
N LEU C 160 -21.13 -71.47 2.53
CA LEU C 160 -22.10 -72.31 1.84
C LEU C 160 -21.52 -73.72 1.87
N ASP C 161 -21.74 -74.41 2.98
CA ASP C 161 -20.98 -75.63 3.34
C ASP C 161 -21.17 -76.84 2.39
N GLU C 162 -22.38 -77.02 1.86
CA GLU C 162 -22.60 -78.13 0.94
C GLU C 162 -22.03 -77.86 -0.47
N ASP C 163 -21.88 -76.58 -0.83
CA ASP C 163 -21.36 -76.23 -2.17
C ASP C 163 -19.86 -75.89 -2.12
N GLY C 164 -19.27 -75.97 -0.92
CA GLY C 164 -17.84 -75.70 -0.70
C GLY C 164 -17.34 -74.26 -0.86
N ILE C 165 -18.23 -73.28 -0.76
CA ILE C 165 -17.86 -71.86 -0.94
C ILE C 165 -17.67 -71.11 0.39
N LEU C 166 -16.50 -70.49 0.55
CA LEU C 166 -16.25 -69.62 1.69
C LEU C 166 -16.29 -68.17 1.25
N PHE C 167 -17.22 -67.42 1.84
CA PHE C 167 -17.31 -65.97 1.63
C PHE C 167 -16.53 -65.32 2.77
N SER C 168 -15.30 -64.94 2.46
CA SER C 168 -14.28 -64.65 3.46
C SER C 168 -14.10 -63.17 3.83
N ASN C 169 -15.08 -62.33 3.51
CA ASN C 169 -14.92 -60.86 3.51
C ASN C 169 -13.51 -60.42 3.06
N ASP C 170 -12.76 -59.66 3.85
CA ASP C 170 -11.47 -59.15 3.37
C ASP C 170 -10.39 -60.23 3.27
N ALA C 171 -10.48 -61.29 4.09
CA ALA C 171 -9.48 -62.35 4.06
C ALA C 171 -9.33 -62.92 2.65
N PHE C 172 -8.06 -63.16 2.28
CA PHE C 172 -7.68 -63.72 0.98
C PHE C 172 -7.97 -62.74 -0.18
N GLY C 173 -8.45 -61.55 0.15
CA GLY C 173 -8.69 -60.48 -0.82
C GLY C 173 -7.39 -60.04 -1.48
N GLN C 174 -7.52 -59.47 -2.68
CA GLN C 174 -6.45 -58.69 -3.33
C GLN C 174 -7.08 -57.44 -3.95
N HIS C 175 -6.33 -56.35 -3.99
CA HIS C 175 -6.80 -55.13 -4.63
C HIS C 175 -6.48 -55.09 -6.12
N LEU C 176 -7.37 -55.69 -6.91
CA LEU C 176 -7.23 -55.75 -8.36
C LEU C 176 -8.56 -55.55 -9.06
N CYS C 177 -8.52 -54.81 -10.17
CA CYS C 177 -9.69 -54.51 -10.94
C CYS C 177 -9.47 -55.02 -12.37
N CYS C 178 -10.13 -56.13 -12.67
CA CYS C 178 -9.99 -56.87 -13.90
C CYS C 178 -11.40 -57.20 -14.37
N PRO C 179 -11.63 -57.16 -15.69
CA PRO C 179 -12.87 -57.65 -16.26
C PRO C 179 -13.15 -59.12 -15.97
N GLN C 180 -12.10 -59.91 -15.74
CA GLN C 180 -12.22 -61.33 -15.36
C GLN C 180 -12.35 -61.50 -13.85
N ARG C 181 -13.28 -62.35 -13.44
CA ARG C 181 -13.61 -62.55 -12.01
C ARG C 181 -12.83 -63.63 -11.24
N LEU C 182 -12.21 -64.55 -11.95
CA LEU C 182 -11.62 -65.73 -11.31
C LEU C 182 -10.10 -65.66 -11.25
N ASP C 183 -9.51 -66.36 -10.28
CA ASP C 183 -8.07 -66.37 -10.07
C ASP C 183 -7.31 -66.85 -11.30
N ARG C 184 -7.79 -67.92 -11.92
CA ARG C 184 -7.14 -68.57 -13.05
C ARG C 184 -7.14 -67.76 -14.36
N GLU C 185 -7.91 -66.68 -14.39
CA GLU C 185 -8.15 -65.95 -15.63
C GLU C 185 -7.20 -64.77 -15.84
N ILE C 186 -6.30 -64.54 -14.87
CA ILE C 186 -5.32 -63.43 -14.91
C ILE C 186 -3.86 -63.93 -14.73
N PRO C 187 -2.85 -63.12 -15.11
CA PRO C 187 -1.46 -63.57 -14.84
C PRO C 187 -1.21 -63.92 -13.36
N GLU C 188 -0.61 -65.09 -13.11
CA GLU C 188 -0.47 -65.56 -11.73
C GLU C 188 0.45 -64.68 -10.90
N TYR C 189 1.49 -64.11 -11.52
CA TYR C 189 2.36 -63.17 -10.83
C TYR C 189 1.58 -61.94 -10.31
N ILE C 190 0.70 -61.41 -11.15
CA ILE C 190 -0.11 -60.25 -10.78
C ILE C 190 -1.03 -60.59 -9.60
N LEU C 191 -1.71 -61.75 -9.70
CA LEU C 191 -2.57 -62.28 -8.64
C LEU C 191 -1.82 -62.42 -7.31
N MET C 192 -0.69 -63.13 -7.34
CA MET C 192 0.06 -63.41 -6.11
C MET C 192 0.74 -62.18 -5.52
N ASP C 193 1.23 -61.26 -6.34
CA ASP C 193 1.72 -59.98 -5.82
C ASP C 193 0.69 -59.11 -5.05
N ALA C 194 -0.52 -58.94 -5.59
CA ALA C 194 -1.61 -58.22 -4.90
C ALA C 194 -1.99 -58.87 -3.56
N ALA C 195 -2.11 -60.19 -3.58
CA ALA C 195 -2.38 -60.99 -2.40
C ALA C 195 -1.33 -60.81 -1.32
N ARG C 196 -0.07 -60.68 -1.75
CA ARG C 196 1.09 -60.51 -0.86
C ARG C 196 0.98 -59.15 -0.20
N LYS C 197 0.70 -58.15 -1.03
CA LYS C 197 0.57 -56.74 -0.60
C LYS C 197 -0.60 -56.59 0.36
N PHE C 198 -1.70 -57.23 0.02
CA PHE C 198 -2.89 -57.20 0.85
C PHE C 198 -2.52 -57.84 2.19
N TYR C 199 -1.94 -59.05 2.16
CA TYR C 199 -1.42 -59.70 3.36
C TYR C 199 -0.52 -58.82 4.24
N ALA C 200 0.53 -58.26 3.62
CA ALA C 200 1.58 -57.52 4.31
C ALA C 200 1.03 -56.32 5.07
N ASN C 201 0.05 -55.65 4.45
CA ASN C 201 -0.53 -54.40 4.94
C ASN C 201 -1.74 -54.60 5.85
N LEU C 202 -2.42 -55.74 5.75
CA LEU C 202 -3.75 -55.90 6.35
C LEU C 202 -3.86 -57.06 7.33
N ILE C 203 -3.10 -58.13 7.07
CA ILE C 203 -3.15 -59.35 7.87
C ILE C 203 -1.94 -59.56 8.82
N THR C 204 -0.77 -59.01 8.48
CA THR C 204 0.41 -59.21 9.33
C THR C 204 0.18 -59.18 10.88
N PRO C 205 -0.46 -58.11 11.44
CA PRO C 205 -0.68 -58.12 12.91
C PRO C 205 -1.60 -59.24 13.41
N LEU C 206 -2.35 -59.84 12.50
CA LEU C 206 -3.37 -60.83 12.85
C LEU C 206 -2.87 -62.23 12.60
N SER C 207 -1.59 -62.35 12.26
CA SER C 207 -0.98 -63.61 11.79
C SER C 207 -1.16 -64.79 12.70
N LYS C 208 -0.96 -64.57 14.00
CA LYS C 208 -1.12 -65.66 14.99
C LYS C 208 -2.59 -66.08 15.08
N LEU C 209 -3.49 -65.10 14.96
CA LEU C 209 -4.93 -65.35 14.97
C LEU C 209 -5.42 -66.01 13.67
N VAL C 210 -4.67 -65.82 12.58
CA VAL C 210 -5.03 -66.48 11.32
C VAL C 210 -4.95 -67.98 11.57
N LEU C 211 -3.81 -68.41 12.10
CA LEU C 211 -3.58 -69.82 12.30
C LEU C 211 -4.62 -70.41 13.26
N LYS C 212 -4.96 -69.67 14.32
CA LYS C 212 -5.97 -70.12 15.28
C LYS C 212 -7.33 -70.31 14.61
N LYS C 213 -7.62 -69.44 13.64
CA LYS C 213 -8.85 -69.53 12.86
C LYS C 213 -8.84 -70.73 11.93
N PHE C 214 -7.65 -71.10 11.45
CA PHE C 214 -7.50 -72.29 10.61
C PHE C 214 -7.95 -73.55 11.35
N ASP C 215 -7.44 -73.73 12.57
CA ASP C 215 -7.70 -74.92 13.41
C ASP C 215 -9.14 -74.96 13.89
N GLU C 216 -9.68 -73.78 14.16
CA GLU C 216 -11.06 -73.65 14.59
C GLU C 216 -12.04 -74.13 13.52
N VAL C 217 -11.64 -73.99 12.25
CA VAL C 217 -12.44 -74.47 11.13
C VAL C 217 -12.30 -75.98 11.02
N LYS C 218 -11.08 -76.48 11.24
CA LYS C 218 -10.82 -77.92 11.28
C LYS C 218 -11.56 -78.61 12.43
N GLU C 219 -11.51 -78.02 13.61
CA GLU C 219 -12.19 -78.55 14.79
C GLU C 219 -13.71 -78.60 14.66
N LEU C 220 -14.27 -77.76 13.78
CA LEU C 220 -15.70 -77.79 13.49
C LEU C 220 -16.02 -78.54 12.19
N GLY C 221 -14.98 -79.10 11.58
CA GLY C 221 -15.09 -79.91 10.35
C GLY C 221 -15.69 -79.17 9.18
N LEU C 222 -15.00 -78.12 8.73
CA LEU C 222 -15.51 -77.23 7.68
C LEU C 222 -14.55 -76.95 6.51
N LEU C 223 -13.25 -77.27 6.69
CA LEU C 223 -12.20 -76.95 5.69
C LEU C 223 -12.04 -77.97 4.54
N GLU C 224 -12.49 -79.20 4.77
CA GLU C 224 -12.29 -80.29 3.79
C GLU C 224 -13.10 -80.16 2.50
N ARG C 225 -14.26 -79.51 2.59
CA ARG C 225 -15.16 -79.33 1.45
C ARG C 225 -14.61 -78.38 0.38
N ILE C 226 -13.78 -77.42 0.83
CA ILE C 226 -13.50 -76.16 0.13
C ILE C 226 -13.32 -76.23 -1.40
N GLN C 227 -14.30 -75.69 -2.11
CA GLN C 227 -14.27 -75.59 -3.56
C GLN C 227 -13.72 -74.23 -3.97
N MET C 228 -14.09 -73.21 -3.20
CA MET C 228 -13.90 -71.83 -3.65
C MET C 228 -13.90 -70.84 -2.48
N ILE C 229 -12.95 -69.92 -2.51
CA ILE C 229 -12.97 -68.77 -1.62
C ILE C 229 -13.41 -67.50 -2.39
N ALA C 230 -14.53 -66.93 -2.00
CA ALA C 230 -15.01 -65.71 -2.60
C ALA C 230 -14.81 -64.54 -1.62
N PRO C 231 -13.72 -63.77 -1.79
CA PRO C 231 -13.45 -62.64 -0.92
C PRO C 231 -14.19 -61.38 -1.33
N SER C 232 -13.97 -60.30 -0.58
CA SER C 232 -14.68 -59.05 -0.80
C SER C 232 -13.93 -58.08 -1.75
N HIS C 233 -12.66 -58.40 -2.04
CA HIS C 233 -11.88 -57.60 -3.00
C HIS C 233 -11.18 -58.52 -3.97
N GLY C 234 -11.14 -58.12 -5.24
CA GLY C 234 -10.35 -58.81 -6.27
C GLY C 234 -10.96 -60.08 -6.80
N GLN C 235 -10.11 -61.08 -6.99
CA GLN C 235 -10.44 -62.32 -7.72
C GLN C 235 -11.05 -63.40 -6.82
N ILE C 236 -11.86 -64.26 -7.41
CA ILE C 236 -12.45 -65.39 -6.70
C ILE C 236 -11.53 -66.60 -6.86
N TRP C 237 -11.15 -67.22 -5.74
CA TRP C 237 -10.18 -68.32 -5.77
C TRP C 237 -10.85 -69.61 -6.17
N THR C 238 -10.57 -70.09 -7.38
CA THR C 238 -11.06 -71.39 -7.85
C THR C 238 -10.08 -72.51 -7.44
N ASP C 239 -8.86 -72.09 -7.11
CA ASP C 239 -7.87 -72.92 -6.43
C ASP C 239 -7.72 -72.38 -5.01
N PRO C 240 -8.66 -72.74 -4.11
CA PRO C 240 -8.61 -72.17 -2.77
C PRO C 240 -7.35 -72.58 -2.02
N MET C 241 -6.86 -73.79 -2.24
CA MET C 241 -5.66 -74.27 -1.56
C MET C 241 -4.40 -73.45 -1.84
N LYS C 242 -4.35 -72.82 -3.01
CA LYS C 242 -3.20 -71.97 -3.38
C LYS C 242 -3.00 -70.78 -2.42
N ILE C 243 -4.08 -70.07 -2.11
CA ILE C 243 -3.97 -68.91 -1.23
C ILE C 243 -3.87 -69.32 0.25
N ILE C 244 -4.52 -70.43 0.62
CA ILE C 244 -4.44 -70.96 1.99
C ILE C 244 -3.01 -71.27 2.36
N GLU C 245 -2.31 -71.99 1.47
CA GLU C 245 -0.87 -72.25 1.60
C GLU C 245 -0.04 -70.96 1.64
N ALA C 246 -0.38 -69.98 0.81
CA ALA C 246 0.35 -68.70 0.81
C ALA C 246 0.21 -68.01 2.17
N TYR C 247 -1.01 -67.96 2.70
CA TYR C 247 -1.29 -67.34 3.99
C TYR C 247 -0.55 -68.02 5.13
N THR C 248 -0.62 -69.37 5.14
CA THR C 248 0.13 -70.21 6.08
C THR C 248 1.63 -69.86 6.07
N GLY C 249 2.21 -69.78 4.88
CA GLY C 249 3.62 -69.41 4.75
C GLY C 249 3.92 -68.00 5.28
N TRP C 250 3.03 -67.04 5.00
CA TRP C 250 3.24 -65.66 5.42
C TRP C 250 3.03 -65.48 6.93
N ALA C 251 2.05 -66.20 7.48
CA ALA C 251 1.76 -66.15 8.93
C ALA C 251 2.80 -66.87 9.82
N THR C 252 3.66 -67.69 9.20
CA THR C 252 4.67 -68.46 9.94
C THR C 252 6.08 -68.00 9.50
N GLY C 253 6.12 -67.02 8.62
CA GLY C 253 7.37 -66.35 8.27
C GLY C 253 8.31 -67.13 7.40
N MET C 254 7.81 -67.69 6.30
CA MET C 254 8.64 -68.55 5.47
C MET C 254 9.84 -67.87 4.77
N VAL C 255 9.58 -66.87 3.94
CA VAL C 255 10.62 -66.10 3.20
C VAL C 255 11.68 -66.86 2.37
N ASP C 256 12.01 -66.31 1.21
CA ASP C 256 13.24 -66.65 0.50
C ASP C 256 14.33 -65.74 1.04
N GLU C 257 15.57 -65.94 0.57
CA GLU C 257 16.70 -65.09 0.99
C GLU C 257 16.60 -63.70 0.34
N ARG C 258 16.26 -62.71 1.18
CA ARG C 258 16.03 -61.34 0.72
C ARG C 258 16.28 -60.32 1.82
N VAL C 259 17.09 -59.32 1.49
CA VAL C 259 17.25 -58.10 2.27
C VAL C 259 16.63 -56.91 1.53
N THR C 260 15.83 -56.12 2.25
CA THR C 260 15.30 -54.86 1.75
C THR C 260 16.04 -53.69 2.40
N VAL C 261 16.52 -52.77 1.58
CA VAL C 261 17.23 -51.59 2.03
C VAL C 261 16.34 -50.35 1.91
N ILE C 262 16.18 -49.65 3.03
CA ILE C 262 15.30 -48.50 3.07
C ILE C 262 16.08 -47.31 3.58
N TYR C 263 15.94 -46.17 2.93
CA TYR C 263 16.63 -44.98 3.39
C TYR C 263 15.89 -43.71 3.01
N ASP C 264 16.19 -42.64 3.74
CA ASP C 264 16.03 -41.29 3.21
C ASP C 264 17.34 -40.50 3.34
N THR C 265 17.44 -39.41 2.58
CA THR C 265 18.65 -38.60 2.54
C THR C 265 18.33 -37.15 2.13
N MET C 266 19.19 -36.21 2.51
CA MET C 266 19.06 -34.81 2.07
C MET C 266 20.10 -34.45 1.01
N HIS C 267 21.36 -34.82 1.27
CA HIS C 267 22.50 -34.44 0.43
C HIS C 267 23.15 -35.65 -0.28
N GLY C 268 22.72 -36.86 0.08
CA GLY C 268 23.09 -38.07 -0.65
C GLY C 268 24.20 -38.92 -0.06
N SER C 269 24.56 -38.68 1.19
CA SER C 269 25.56 -39.54 1.85
C SER C 269 24.96 -40.83 2.40
N THR C 270 23.73 -40.76 2.91
CA THR C 270 23.02 -41.95 3.35
C THR C 270 22.73 -42.82 2.12
N ARG C 271 22.44 -42.19 0.99
CA ARG C 271 22.23 -42.94 -0.27
C ARG C 271 23.45 -43.70 -0.73
N LYS C 272 24.63 -43.07 -0.68
CA LYS C 272 25.87 -43.76 -1.02
C LYS C 272 26.10 -44.98 -0.10
N MET C 273 25.59 -44.89 1.12
CA MET C 273 25.76 -45.95 2.10
C MET C 273 24.77 -47.06 1.81
N ALA C 274 23.56 -46.65 1.50
CA ALA C 274 22.49 -47.54 1.07
C ALA C 274 22.94 -48.39 -0.11
N HIS C 275 23.71 -47.80 -1.02
CA HIS C 275 24.24 -48.51 -2.21
C HIS C 275 25.35 -49.49 -1.87
N ALA C 276 26.21 -49.13 -0.92
CA ALA C 276 27.28 -50.03 -0.51
C ALA C 276 26.68 -51.23 0.20
N ILE C 277 25.72 -50.97 1.09
CA ILE C 277 25.03 -52.06 1.78
C ILE C 277 24.36 -52.98 0.76
N ALA C 278 23.68 -52.39 -0.22
CA ALA C 278 23.09 -53.15 -1.34
C ALA C 278 24.13 -54.00 -2.09
N GLU C 279 25.31 -53.44 -2.38
CA GLU C 279 26.40 -54.23 -2.94
C GLU C 279 26.72 -55.46 -2.06
N GLY C 280 27.13 -55.20 -0.81
CA GLY C 280 27.45 -56.24 0.17
C GLY C 280 26.51 -57.44 0.17
N ALA C 281 25.20 -57.17 0.20
CA ALA C 281 24.17 -58.21 0.20
C ALA C 281 24.13 -58.97 -1.11
N MET C 282 24.31 -58.24 -2.21
CA MET C 282 24.32 -58.82 -3.54
C MET C 282 25.36 -59.90 -3.71
N SER C 283 26.58 -59.63 -3.23
CA SER C 283 27.72 -60.56 -3.36
C SER C 283 27.49 -61.92 -2.71
N GLU C 284 26.62 -61.95 -1.70
CA GLU C 284 26.22 -63.18 -1.03
C GLU C 284 25.18 -63.93 -1.88
N GLY C 285 24.74 -63.31 -2.98
CA GLY C 285 23.78 -63.91 -3.90
C GLY C 285 22.36 -63.87 -3.37
N VAL C 286 22.11 -62.96 -2.45
CA VAL C 286 20.78 -62.77 -1.87
C VAL C 286 19.98 -61.77 -2.73
N ASP C 287 18.67 -61.98 -2.86
CA ASP C 287 17.84 -60.95 -3.51
C ASP C 287 17.88 -59.66 -2.68
N VAL C 288 17.97 -58.52 -3.36
CA VAL C 288 18.00 -57.22 -2.70
C VAL C 288 17.02 -56.26 -3.35
N ARG C 289 16.28 -55.53 -2.54
CA ARG C 289 15.47 -54.41 -3.00
C ARG C 289 15.93 -53.15 -2.28
N VAL C 290 15.86 -52.01 -2.96
CA VAL C 290 16.31 -50.73 -2.41
C VAL C 290 15.24 -49.65 -2.59
N TYR C 291 14.70 -49.21 -1.46
CA TYR C 291 13.60 -48.26 -1.41
C TYR C 291 14.03 -46.91 -0.84
N CYS C 292 13.51 -45.85 -1.44
CA CYS C 292 13.71 -44.49 -0.94
C CYS C 292 12.41 -43.87 -0.46
N LEU C 293 12.42 -43.37 0.77
CA LEU C 293 11.22 -42.86 1.43
C LEU C 293 10.73 -41.50 0.90
N HIS C 294 11.54 -40.81 0.10
CA HIS C 294 11.02 -39.62 -0.53
C HIS C 294 10.15 -39.98 -1.73
N GLU C 295 10.28 -41.21 -2.23
CA GLU C 295 9.66 -41.59 -3.51
C GLU C 295 8.70 -42.77 -3.40
N ASP C 296 8.99 -43.70 -2.49
CA ASP C 296 8.27 -44.97 -2.43
C ASP C 296 7.27 -45.08 -1.27
N ASP C 297 6.16 -45.76 -1.53
CA ASP C 297 5.05 -45.86 -0.56
C ASP C 297 5.37 -46.81 0.58
N ARG C 298 4.68 -46.63 1.70
CA ARG C 298 4.79 -47.60 2.79
C ARG C 298 4.11 -48.94 2.48
N SER C 299 3.03 -48.94 1.68
CA SER C 299 2.34 -50.18 1.35
C SER C 299 3.22 -51.14 0.55
N GLU C 300 4.05 -50.57 -0.32
CA GLU C 300 4.95 -51.34 -1.18
C GLU C 300 6.23 -51.79 -0.44
N ILE C 301 6.80 -50.91 0.38
CA ILE C 301 7.96 -51.27 1.22
C ILE C 301 7.62 -52.46 2.14
N VAL C 302 6.45 -52.36 2.76
CA VAL C 302 5.95 -53.38 3.65
C VAL C 302 5.76 -54.75 2.97
N LYS C 303 5.36 -54.73 1.70
CA LYS C 303 5.22 -55.92 0.87
C LYS C 303 6.54 -56.68 0.72
N ASP C 304 7.61 -55.95 0.49
CA ASP C 304 8.92 -56.57 0.39
C ASP C 304 9.50 -56.99 1.75
N ILE C 305 9.28 -56.16 2.79
CA ILE C 305 9.57 -56.59 4.17
C ILE C 305 8.91 -57.94 4.48
N LEU C 306 7.66 -58.13 4.08
CA LEU C 306 6.99 -59.41 4.30
C LEU C 306 7.82 -60.59 3.78
N GLU C 307 8.47 -60.41 2.63
CA GLU C 307 9.28 -61.48 2.01
C GLU C 307 10.79 -61.40 2.32
N SER C 308 11.16 -60.60 3.32
CA SER C 308 12.55 -60.35 3.67
C SER C 308 12.83 -60.83 5.08
N GLY C 309 13.98 -61.47 5.25
CA GLY C 309 14.44 -61.93 6.55
C GLY C 309 15.27 -60.86 7.24
N ALA C 310 15.68 -59.84 6.47
CA ALA C 310 16.51 -58.75 6.99
C ALA C 310 16.22 -57.42 6.30
N ILE C 311 16.41 -56.33 7.03
CA ILE C 311 16.16 -55.00 6.52
C ILE C 311 17.29 -54.09 6.93
N ALA C 312 17.53 -53.06 6.12
CA ALA C 312 18.45 -51.99 6.49
C ALA C 312 17.72 -50.68 6.35
N LEU C 313 17.76 -49.88 7.40
CA LEU C 313 17.04 -48.60 7.42
C LEU C 313 18.01 -47.49 7.77
N GLY C 314 18.10 -46.50 6.91
CA GLY C 314 19.05 -45.41 7.10
C GLY C 314 18.44 -44.03 6.97
N ALA C 315 18.94 -43.09 7.75
CA ALA C 315 18.46 -41.70 7.68
C ALA C 315 19.50 -40.79 8.26
N PRO C 316 19.65 -39.58 7.68
CA PRO C 316 20.54 -38.59 8.28
C PRO C 316 19.91 -38.04 9.53
N THR C 317 20.71 -37.41 10.36
CA THR C 317 20.19 -36.81 11.57
C THR C 317 19.96 -35.32 11.36
N ILE C 318 18.89 -34.87 11.99
CA ILE C 318 18.43 -33.51 11.89
C ILE C 318 18.01 -33.14 13.31
N TYR C 319 18.61 -32.08 13.84
CA TYR C 319 18.26 -31.58 15.17
C TYR C 319 18.06 -32.71 16.21
N ASP C 320 19.04 -33.61 16.29
CA ASP C 320 19.06 -34.75 17.25
C ASP C 320 18.07 -35.90 16.95
N GLU C 321 17.31 -35.79 15.86
CA GLU C 321 16.35 -36.81 15.45
C GLU C 321 16.65 -37.35 14.04
N PRO C 322 16.13 -38.55 13.69
CA PRO C 322 16.26 -38.96 12.31
C PRO C 322 15.37 -38.12 11.38
N TYR C 323 15.68 -38.17 10.08
CA TYR C 323 14.89 -37.51 9.07
C TYR C 323 13.45 -37.99 9.23
N PRO C 324 12.49 -37.04 9.31
CA PRO C 324 11.06 -37.19 9.60
C PRO C 324 10.29 -38.32 8.91
N SER C 325 10.60 -38.63 7.66
CA SER C 325 9.85 -39.67 6.90
C SER C 325 9.95 -41.07 7.54
N VAL C 326 11.10 -41.34 8.16
CA VAL C 326 11.33 -42.56 8.92
C VAL C 326 10.39 -42.66 10.15
N GLY C 327 9.82 -41.55 10.60
CA GLY C 327 8.84 -41.55 11.68
C GLY C 327 7.54 -42.22 11.25
N ASP C 328 7.13 -41.94 10.01
CA ASP C 328 5.96 -42.53 9.39
C ASP C 328 6.02 -44.07 9.28
N LEU C 329 7.07 -44.58 8.62
CA LEU C 329 7.28 -46.01 8.46
C LEU C 329 7.34 -46.74 9.79
N LEU C 330 8.16 -46.24 10.71
CA LEU C 330 8.32 -46.89 12.02
C LEU C 330 7.04 -46.97 12.82
N MET C 331 6.16 -45.98 12.69
CA MET C 331 4.89 -46.00 13.39
C MET C 331 3.94 -47.03 12.78
N TYR C 332 3.98 -47.12 11.44
CA TYR C 332 3.27 -48.16 10.68
C TYR C 332 3.73 -49.58 11.05
N LEU C 333 5.04 -49.81 11.03
CA LEU C 333 5.64 -51.08 11.44
C LEU C 333 5.32 -51.47 12.88
N ARG C 334 5.03 -50.48 13.70
CA ARG C 334 4.73 -50.72 15.11
C ARG C 334 3.39 -51.42 15.25
N GLY C 335 2.44 -51.05 14.39
CA GLY C 335 1.11 -51.65 14.39
C GLY C 335 1.06 -52.97 13.64
N LEU C 336 1.85 -53.06 12.57
CA LEU C 336 1.92 -54.26 11.73
C LEU C 336 2.50 -55.46 12.47
N LYS C 337 3.41 -55.18 13.40
CA LYS C 337 3.97 -56.19 14.32
C LYS C 337 4.50 -57.42 13.58
N PHE C 338 5.57 -57.18 12.80
CA PHE C 338 6.22 -58.23 11.98
C PHE C 338 6.82 -59.41 12.75
N ASN C 339 7.15 -59.19 14.02
CA ASN C 339 7.69 -60.23 14.92
C ASN C 339 6.73 -61.40 15.13
N ARG C 340 5.44 -61.14 15.00
CA ARG C 340 4.42 -62.17 15.17
C ARG C 340 4.54 -63.28 14.11
N THR C 341 5.30 -62.99 13.06
CA THR C 341 5.58 -63.96 11.99
C THR C 341 7.05 -64.41 12.08
N LEU C 342 7.97 -63.45 12.07
CA LEU C 342 9.40 -63.70 12.08
C LEU C 342 10.10 -62.46 12.61
N THR C 343 10.95 -62.65 13.61
CA THR C 343 11.84 -61.62 14.11
C THR C 343 12.95 -61.48 13.09
N ARG C 344 12.77 -60.51 12.20
CA ARG C 344 13.72 -60.19 11.15
C ARG C 344 14.86 -59.38 11.72
N LYS C 345 16.05 -59.61 11.18
CA LYS C 345 17.22 -58.83 11.58
C LYS C 345 17.17 -57.47 10.89
N ALA C 346 17.83 -56.48 11.47
CA ALA C 346 17.86 -55.14 10.91
C ALA C 346 19.22 -54.46 11.07
N LEU C 347 19.65 -53.76 10.02
CA LEU C 347 20.86 -52.94 10.06
C LEU C 347 20.45 -51.47 10.04
N VAL C 348 20.92 -50.71 11.02
CA VAL C 348 20.58 -49.29 11.08
C VAL C 348 21.83 -48.47 10.75
N PHE C 349 21.67 -47.47 9.88
CA PHE C 349 22.82 -46.73 9.37
C PHE C 349 22.46 -45.26 9.06
N GLY C 350 23.47 -44.44 8.78
CA GLY C 350 23.22 -43.05 8.38
C GLY C 350 24.37 -42.09 8.56
N SER C 351 24.31 -40.97 7.84
CA SER C 351 25.33 -39.92 7.88
C SER C 351 24.88 -38.76 8.75
N MET C 352 25.84 -38.09 9.39
CA MET C 352 25.55 -36.96 10.27
C MET C 352 26.64 -35.88 10.28
N GLY C 353 26.38 -34.77 10.95
CA GLY C 353 27.28 -33.62 10.93
C GLY C 353 27.80 -33.12 12.26
N GLY C 354 27.63 -33.92 13.31
CA GLY C 354 28.12 -33.57 14.65
C GLY C 354 27.93 -34.71 15.62
N ASN C 355 26.93 -34.56 16.49
CA ASN C 355 26.58 -35.55 17.50
C ASN C 355 25.97 -36.83 16.95
N GLY C 356 25.05 -36.69 16.00
CA GLY C 356 24.26 -37.81 15.50
C GLY C 356 23.06 -38.07 16.39
N GLY C 357 22.61 -39.32 16.42
CA GLY C 357 21.47 -39.72 17.25
C GLY C 357 20.35 -40.40 16.48
N ALA C 358 20.37 -40.28 15.16
CA ALA C 358 19.36 -40.92 14.32
C ALA C 358 19.42 -42.45 14.43
N THR C 359 20.63 -42.99 14.38
CA THR C 359 20.86 -44.43 14.38
C THR C 359 20.41 -45.05 15.70
N GLY C 360 20.65 -44.33 16.80
CA GLY C 360 20.19 -44.73 18.13
C GLY C 360 18.68 -44.65 18.32
N THR C 361 18.07 -43.58 17.82
CA THR C 361 16.60 -43.46 17.89
C THR C 361 15.95 -44.56 17.05
N MET C 362 16.46 -44.76 15.83
CA MET C 362 15.95 -45.80 14.91
C MET C 362 16.14 -47.22 15.43
N LYS C 363 17.23 -47.45 16.17
CA LYS C 363 17.49 -48.73 16.81
C LYS C 363 16.43 -49.02 17.87
N GLU C 364 16.14 -48.00 18.68
CA GLU C 364 15.17 -48.06 19.77
C GLU C 364 13.74 -48.32 19.28
N LEU C 365 13.44 -47.78 18.09
CA LEU C 365 12.10 -47.83 17.52
C LEU C 365 11.84 -49.05 16.64
N LEU C 366 12.89 -49.56 16.00
CA LEU C 366 12.82 -50.85 15.30
C LEU C 366 12.66 -52.00 16.29
N ALA C 367 13.27 -51.86 17.47
CA ALA C 367 13.12 -52.86 18.53
C ALA C 367 11.68 -52.89 19.06
N GLU C 368 11.09 -51.72 19.29
CA GLU C 368 9.67 -51.61 19.67
C GLU C 368 8.75 -52.19 18.60
N ALA C 369 9.20 -52.17 17.34
CA ALA C 369 8.44 -52.67 16.20
C ALA C 369 8.65 -54.18 15.94
N GLY C 370 9.43 -54.83 16.78
CA GLY C 370 9.63 -56.28 16.68
C GLY C 370 10.73 -56.72 15.72
N PHE C 371 11.79 -55.92 15.64
CA PHE C 371 12.97 -56.21 14.79
C PHE C 371 14.21 -56.43 15.66
N ASP C 372 15.01 -57.42 15.29
CA ASP C 372 16.24 -57.74 15.99
C ASP C 372 17.33 -56.89 15.36
N VAL C 373 17.53 -55.68 15.88
CA VAL C 373 18.45 -54.74 15.25
C VAL C 373 19.91 -55.02 15.63
N ALA C 374 20.66 -55.44 14.61
CA ALA C 374 22.03 -55.89 14.79
C ALA C 374 22.97 -54.92 14.11
N CYS C 375 23.77 -54.22 14.92
CA CYS C 375 24.87 -53.37 14.42
C CYS C 375 24.42 -52.14 13.62
N GLU C 376 25.30 -51.14 13.54
CA GLU C 376 24.99 -49.88 12.89
C GLU C 376 26.20 -49.22 12.22
N GLU C 377 25.93 -48.50 11.13
CA GLU C 377 26.97 -47.76 10.42
C GLU C 377 26.62 -46.27 10.41
N GLU C 378 27.30 -45.52 11.27
CA GLU C 378 27.14 -44.07 11.38
C GLU C 378 28.43 -43.43 10.86
N VAL C 379 28.28 -42.39 10.05
CA VAL C 379 29.42 -41.80 9.32
C VAL C 379 29.39 -40.25 9.39
N TYR C 380 30.56 -39.64 9.47
CA TYR C 380 30.65 -38.18 9.45
C TYR C 380 30.60 -37.68 8.00
N TYR C 381 29.51 -36.99 7.67
CA TYR C 381 29.28 -36.39 6.34
C TYR C 381 29.40 -37.35 5.16
N VAL C 382 30.29 -37.03 4.23
CA VAL C 382 30.53 -37.87 3.05
C VAL C 382 31.38 -39.10 3.45
N PRO C 383 30.90 -40.32 3.11
CA PRO C 383 31.66 -41.54 3.41
C PRO C 383 32.93 -41.70 2.58
N THR C 384 34.04 -42.01 3.24
CA THR C 384 35.31 -42.29 2.58
C THR C 384 35.28 -43.70 1.99
N GLY C 385 36.18 -43.96 1.04
CA GLY C 385 36.30 -45.28 0.43
C GLY C 385 36.16 -46.40 1.43
N ASP C 386 37.04 -46.40 2.45
CA ASP C 386 37.00 -47.33 3.58
C ASP C 386 35.63 -47.42 4.25
N GLU C 387 35.04 -46.27 4.56
CA GLU C 387 33.69 -46.20 5.16
C GLU C 387 32.64 -46.88 4.28
N LEU C 388 32.75 -46.72 2.97
CA LEU C 388 31.82 -47.40 2.05
C LEU C 388 32.05 -48.91 2.04
N ASP C 389 33.32 -49.31 2.12
CA ASP C 389 33.68 -50.74 2.27
C ASP C 389 33.25 -51.27 3.64
N ALA C 390 33.21 -50.40 4.63
CA ALA C 390 32.64 -50.75 5.94
C ALA C 390 31.14 -51.03 5.81
N CYS C 391 30.45 -50.18 5.06
CA CYS C 391 29.03 -50.36 4.80
C CYS C 391 28.84 -51.65 3.99
N PHE C 392 29.71 -51.86 3.00
CA PHE C 392 29.69 -53.09 2.18
C PHE C 392 29.69 -54.33 3.07
N GLU C 393 30.68 -54.40 3.97
CA GLU C 393 30.84 -55.53 4.90
C GLU C 393 29.58 -55.75 5.76
N ALA C 394 29.06 -54.66 6.34
CA ALA C 394 27.83 -54.68 7.13
C ALA C 394 26.65 -55.33 6.37
N GLY C 395 26.51 -55.00 5.09
CA GLY C 395 25.52 -55.62 4.21
C GLY C 395 25.81 -57.06 3.85
N ARG C 396 27.07 -57.37 3.54
CA ARG C 396 27.48 -58.76 3.31
C ARG C 396 27.18 -59.62 4.55
N LYS C 397 27.64 -59.17 5.71
CA LYS C 397 27.34 -59.83 6.99
C LYS C 397 25.83 -60.02 7.18
N LEU C 398 25.07 -58.97 6.94
CA LEU C 398 23.61 -59.01 7.02
C LEU C 398 23.05 -60.14 6.17
N ALA C 399 23.42 -60.15 4.89
CA ALA C 399 22.95 -61.14 3.92
C ALA C 399 23.31 -62.58 4.33
N ALA C 400 24.52 -62.75 4.87
CA ALA C 400 25.04 -64.06 5.29
C ALA C 400 24.31 -64.62 6.51
N GLU C 401 23.80 -63.73 7.36
CA GLU C 401 23.06 -64.12 8.57
C GLU C 401 21.75 -64.86 8.25
N ILE C 402 21.15 -64.54 7.10
CA ILE C 402 19.89 -65.19 6.71
C ILE C 402 19.97 -66.20 5.56
N ARG C 403 21.17 -66.69 5.26
CA ARG C 403 21.34 -67.74 4.25
C ARG C 403 21.11 -69.13 4.83
N MET D 1 29.42 -17.37 -20.83
CA MET D 1 28.11 -17.11 -20.16
C MET D 1 28.03 -15.72 -19.53
N LYS D 2 26.99 -14.96 -19.89
CA LYS D 2 26.76 -13.61 -19.37
C LYS D 2 25.87 -13.58 -18.12
N ALA D 3 26.46 -13.12 -17.01
CA ALA D 3 25.69 -12.90 -15.78
C ALA D 3 26.23 -11.72 -14.97
N ALA D 4 25.38 -10.71 -14.76
CA ALA D 4 25.74 -9.47 -14.08
C ALA D 4 25.72 -9.61 -12.56
N ALA D 5 26.62 -8.87 -11.90
CA ALA D 5 26.68 -8.82 -10.44
C ALA D 5 26.09 -7.50 -9.97
N LYS D 6 25.39 -7.52 -8.85
CA LYS D 6 24.63 -6.36 -8.39
C LYS D 6 25.31 -5.62 -7.25
N ARG D 7 25.62 -4.34 -7.47
CA ARG D 7 26.15 -3.50 -6.41
C ARG D 7 25.06 -3.26 -5.39
N ILE D 8 25.34 -3.60 -4.13
CA ILE D 8 24.40 -3.38 -3.03
C ILE D 8 24.96 -2.39 -2.03
N SER D 9 26.27 -2.16 -2.08
CA SER D 9 26.95 -1.23 -1.19
C SER D 9 28.35 -0.89 -1.75
N ASP D 10 28.99 0.13 -1.17
CA ASP D 10 30.32 0.57 -1.60
C ASP D 10 31.34 -0.56 -1.49
N GLY D 11 31.86 -1.00 -2.64
CA GLY D 11 32.77 -2.16 -2.70
C GLY D 11 32.17 -3.52 -2.34
N VAL D 12 30.85 -3.56 -2.13
CA VAL D 12 30.13 -4.82 -1.85
C VAL D 12 29.22 -5.19 -3.01
N TYR D 13 29.42 -6.39 -3.56
CA TYR D 13 28.68 -6.86 -4.73
C TYR D 13 28.05 -8.23 -4.50
N TRP D 14 26.82 -8.41 -4.99
CA TRP D 14 26.18 -9.73 -4.96
C TRP D 14 26.65 -10.53 -6.17
N THR D 15 27.18 -11.74 -5.93
CA THR D 15 27.60 -12.62 -7.01
C THR D 15 27.07 -14.05 -6.88
N GLY D 16 25.76 -14.19 -6.62
CA GLY D 16 25.17 -15.48 -6.26
C GLY D 16 24.63 -16.28 -7.42
N VAL D 17 23.89 -17.34 -7.13
CA VAL D 17 23.27 -18.11 -8.20
C VAL D 17 21.75 -18.34 -8.02
N LEU D 18 21.03 -18.04 -9.10
CA LEU D 18 19.59 -18.10 -9.11
C LEU D 18 19.11 -19.51 -9.43
N ASP D 19 18.46 -20.16 -8.47
CA ASP D 19 17.96 -21.52 -8.67
C ASP D 19 16.44 -21.48 -8.88
N TRP D 20 16.04 -21.23 -10.12
CA TRP D 20 14.63 -21.03 -10.45
C TRP D 20 13.83 -22.31 -10.22
N ASP D 21 14.47 -23.44 -10.45
CA ASP D 21 13.81 -24.74 -10.65
C ASP D 21 13.54 -25.58 -9.41
N LEU D 22 14.28 -25.33 -8.33
CA LEU D 22 14.13 -26.08 -7.09
C LEU D 22 12.70 -26.01 -6.52
N ARG D 23 12.08 -27.17 -6.30
CA ARG D 23 10.75 -27.19 -5.67
C ARG D 23 10.74 -27.86 -4.29
N ASN D 24 11.74 -28.70 -4.05
CA ASN D 24 11.88 -29.37 -2.78
C ASN D 24 13.32 -29.34 -2.36
N TYR D 25 13.57 -28.80 -1.16
CA TYR D 25 14.90 -28.81 -0.60
C TYR D 25 14.93 -29.60 0.72
N HIS D 26 15.20 -30.90 0.58
CA HIS D 26 15.22 -31.87 1.68
C HIS D 26 13.92 -31.88 2.49
N GLY D 27 12.80 -31.86 1.78
CA GLY D 27 11.50 -31.89 2.42
C GLY D 27 11.13 -30.52 2.97
N TYR D 28 11.67 -29.49 2.32
CA TYR D 28 11.26 -28.11 2.54
C TYR D 28 10.73 -27.65 1.17
N THR D 29 9.45 -27.30 1.11
CA THR D 29 8.82 -26.85 -0.14
C THR D 29 9.11 -25.37 -0.42
N LEU D 30 9.35 -25.05 -1.69
CA LEU D 30 9.70 -23.70 -2.13
C LEU D 30 9.45 -23.54 -3.64
N GLN D 31 9.40 -22.31 -4.11
CA GLN D 31 9.33 -22.02 -5.55
C GLN D 31 10.69 -21.46 -5.98
N GLY D 32 11.73 -22.28 -5.86
CA GLY D 32 13.08 -21.85 -6.17
C GLY D 32 13.76 -21.15 -5.02
N THR D 33 15.09 -21.07 -5.07
CA THR D 33 15.83 -20.34 -4.06
C THR D 33 17.04 -19.66 -4.69
N THR D 34 17.82 -18.97 -3.86
CA THR D 34 19.09 -18.40 -4.29
C THR D 34 20.24 -18.84 -3.37
N TYR D 35 21.40 -19.04 -3.97
CA TYR D 35 22.60 -19.25 -3.20
C TYR D 35 23.38 -17.95 -3.28
N ASN D 36 23.35 -17.20 -2.18
CA ASN D 36 23.96 -15.88 -2.14
C ASN D 36 25.44 -15.90 -1.80
N ALA D 37 26.24 -15.47 -2.78
CA ALA D 37 27.64 -15.18 -2.53
C ALA D 37 27.81 -13.67 -2.68
N TYR D 38 28.77 -13.14 -1.92
CA TYR D 38 29.04 -11.71 -1.92
C TYR D 38 30.52 -11.43 -2.11
N LEU D 39 30.82 -10.35 -2.81
CA LEU D 39 32.18 -9.91 -3.06
C LEU D 39 32.46 -8.56 -2.39
N VAL D 40 33.43 -8.54 -1.47
CA VAL D 40 33.78 -7.33 -0.71
C VAL D 40 35.18 -6.87 -1.08
N CYS D 41 35.33 -5.58 -1.38
CA CYS D 41 36.56 -5.05 -1.97
C CYS D 41 37.14 -3.80 -1.28
N GLY D 42 38.37 -3.93 -0.76
CA GLY D 42 39.10 -2.77 -0.27
C GLY D 42 39.91 -2.13 -1.39
N ASP D 43 41.22 -1.99 -1.14
CA ASP D 43 42.15 -1.45 -2.13
C ASP D 43 43.40 -2.34 -2.22
N GLU D 44 43.54 -3.20 -1.21
CA GLU D 44 44.57 -4.23 -1.15
C GLU D 44 44.05 -5.51 -1.83
N GLY D 45 42.89 -6.01 -1.39
CA GLY D 45 42.31 -7.25 -1.95
C GLY D 45 40.80 -7.38 -1.84
N VAL D 46 40.24 -8.45 -2.44
CA VAL D 46 38.80 -8.73 -2.38
C VAL D 46 38.49 -10.09 -1.74
N ALA D 47 37.52 -10.11 -0.84
CA ALA D 47 37.05 -11.35 -0.22
C ALA D 47 35.82 -11.84 -0.94
N LEU D 48 35.73 -13.15 -1.16
CA LEU D 48 34.48 -13.75 -1.63
C LEU D 48 33.79 -14.49 -0.47
N ILE D 49 32.60 -14.02 -0.09
CA ILE D 49 31.92 -14.54 1.09
C ILE D 49 30.92 -15.61 0.70
N ASP D 50 31.28 -16.87 1.01
CA ASP D 50 30.54 -18.06 0.57
C ASP D 50 30.57 -18.26 -0.95
N ASN D 51 29.93 -19.34 -1.37
CA ASN D 51 29.70 -19.62 -2.78
C ASN D 51 28.31 -20.26 -3.01
N SER D 52 28.27 -21.40 -3.72
CA SER D 52 26.98 -21.99 -4.09
C SER D 52 27.05 -23.49 -4.26
N TYR D 53 25.88 -24.07 -4.59
CA TYR D 53 25.63 -25.50 -4.78
C TYR D 53 26.48 -26.08 -5.90
N PRO D 54 26.88 -27.37 -5.80
CA PRO D 54 27.80 -27.89 -6.83
C PRO D 54 27.18 -27.83 -8.22
N GLY D 55 28.03 -27.65 -9.23
CA GLY D 55 27.57 -27.57 -10.61
C GLY D 55 27.12 -26.19 -11.05
N THR D 56 27.28 -25.19 -10.17
CA THR D 56 26.83 -23.83 -10.47
C THR D 56 28.00 -22.85 -10.60
N PHE D 57 29.21 -23.38 -10.80
CA PHE D 57 30.42 -22.58 -10.86
C PHE D 57 30.43 -21.54 -12.00
N ASP D 58 29.85 -21.89 -13.14
CA ASP D 58 29.80 -20.96 -14.29
C ASP D 58 29.04 -19.65 -14.03
N GLU D 59 27.88 -19.76 -13.39
CA GLU D 59 27.11 -18.57 -12.98
C GLU D 59 27.85 -17.76 -11.90
N LEU D 60 28.42 -18.46 -10.91
CA LEU D 60 29.10 -17.78 -9.83
C LEU D 60 30.33 -17.06 -10.37
N MET D 61 31.15 -17.80 -11.11
CA MET D 61 32.35 -17.21 -11.69
C MET D 61 32.04 -16.13 -12.74
N ALA D 62 30.92 -16.25 -13.44
CA ALA D 62 30.46 -15.18 -14.36
C ALA D 62 30.16 -13.87 -13.62
N ARG D 63 29.51 -13.98 -12.46
CA ARG D 63 29.16 -12.82 -11.65
C ARG D 63 30.37 -12.19 -10.93
N VAL D 64 31.22 -13.01 -10.32
CA VAL D 64 32.43 -12.46 -9.69
C VAL D 64 33.32 -11.79 -10.74
N GLU D 65 33.24 -12.26 -11.99
CA GLU D 65 34.00 -11.67 -13.10
C GLU D 65 33.52 -10.26 -13.39
N ASP D 66 32.19 -10.09 -13.35
CA ASP D 66 31.55 -8.80 -13.58
C ASP D 66 31.93 -7.81 -12.47
N ALA D 67 31.72 -8.23 -11.23
CA ALA D 67 32.04 -7.42 -10.06
C ALA D 67 33.52 -6.98 -10.04
N LEU D 68 34.43 -7.86 -10.47
CA LEU D 68 35.87 -7.53 -10.54
C LEU D 68 36.16 -6.47 -11.62
N GLN D 69 35.38 -6.51 -12.71
CA GLN D 69 35.44 -5.52 -13.79
C GLN D 69 34.98 -4.13 -13.32
N GLN D 70 33.82 -4.10 -12.66
CA GLN D 70 33.22 -2.87 -12.14
C GLN D 70 34.10 -2.13 -11.12
N VAL D 71 34.76 -2.89 -10.26
CA VAL D 71 35.64 -2.32 -9.23
C VAL D 71 37.06 -2.14 -9.79
N GLY D 72 37.37 -2.87 -10.86
CA GLY D 72 38.70 -2.79 -11.50
C GLY D 72 39.77 -3.55 -10.75
N MET D 73 39.42 -4.76 -10.30
CA MET D 73 40.33 -5.59 -9.52
C MET D 73 40.75 -6.85 -10.29
N GLU D 74 41.91 -7.39 -9.93
CA GLU D 74 42.52 -8.53 -10.62
C GLU D 74 41.85 -9.89 -10.32
N ARG D 75 41.77 -10.25 -9.03
CA ARG D 75 41.37 -11.59 -8.61
C ARG D 75 40.74 -11.61 -7.21
N VAL D 76 40.30 -12.80 -6.79
CA VAL D 76 39.93 -13.05 -5.40
C VAL D 76 41.17 -13.44 -4.58
N ASP D 77 41.46 -12.66 -3.55
CA ASP D 77 42.59 -12.90 -2.67
C ASP D 77 42.22 -13.71 -1.43
N TYR D 78 40.97 -13.64 -1.01
CA TYR D 78 40.49 -14.34 0.19
C TYR D 78 39.17 -15.06 -0.03
N ILE D 79 39.16 -16.37 0.19
CA ILE D 79 37.91 -17.12 0.09
C ILE D 79 37.37 -17.36 1.51
N ILE D 80 36.15 -16.89 1.75
CA ILE D 80 35.53 -16.97 3.07
C ILE D 80 34.38 -18.00 3.09
N GLN D 81 34.44 -18.93 4.04
CA GLN D 81 33.40 -19.95 4.21
C GLN D 81 32.71 -19.83 5.56
N ASN D 82 31.57 -19.16 5.57
CA ASN D 82 30.79 -18.99 6.79
C ASN D 82 30.24 -20.33 7.28
N HIS D 83 29.79 -21.15 6.34
CA HIS D 83 29.02 -22.35 6.61
C HIS D 83 29.47 -23.45 5.66
N VAL D 84 29.49 -24.69 6.15
CA VAL D 84 30.04 -25.81 5.37
C VAL D 84 29.06 -26.54 4.44
N GLU D 85 27.76 -26.39 4.66
CA GLU D 85 26.75 -27.13 3.88
C GLU D 85 26.97 -26.98 2.37
N LYS D 86 26.48 -27.98 1.64
CA LYS D 86 26.64 -28.15 0.19
C LYS D 86 26.28 -26.95 -0.69
N ASP D 87 25.32 -26.13 -0.24
CA ASP D 87 24.74 -25.08 -1.09
C ASP D 87 25.41 -23.72 -0.93
N HIS D 88 26.55 -23.73 -0.24
CA HIS D 88 27.35 -22.52 -0.03
C HIS D 88 28.81 -22.85 -0.14
N SER D 89 29.14 -24.14 -0.14
CA SER D 89 30.52 -24.65 -0.25
C SER D 89 30.69 -25.52 -1.50
N GLY D 90 29.60 -25.74 -2.23
CA GLY D 90 29.57 -26.63 -3.37
C GLY D 90 30.64 -26.45 -4.44
N VAL D 91 31.08 -25.22 -4.66
CA VAL D 91 32.07 -24.94 -5.71
C VAL D 91 33.43 -24.43 -5.14
N LEU D 92 33.68 -24.72 -3.85
CA LEU D 92 34.89 -24.26 -3.17
C LEU D 92 36.14 -24.83 -3.85
N VAL D 93 36.08 -26.13 -4.17
CA VAL D 93 37.14 -26.82 -4.89
C VAL D 93 37.49 -26.14 -6.23
N GLU D 94 36.47 -25.73 -6.99
CA GLU D 94 36.69 -25.08 -8.28
C GLU D 94 37.28 -23.68 -8.13
N LEU D 95 36.87 -22.98 -7.08
CA LEU D 95 37.41 -21.66 -6.74
C LEU D 95 38.88 -21.73 -6.33
N HIS D 96 39.24 -22.78 -5.60
CA HIS D 96 40.64 -23.00 -5.22
C HIS D 96 41.48 -23.38 -6.43
N ARG D 97 40.84 -24.04 -7.40
CA ARG D 97 41.48 -24.35 -8.66
C ARG D 97 41.63 -23.07 -9.49
N ARG D 98 40.62 -22.20 -9.41
CA ARG D 98 40.54 -20.96 -10.18
C ARG D 98 41.28 -19.75 -9.55
N PHE D 99 41.44 -19.77 -8.22
CA PHE D 99 42.23 -18.76 -7.50
C PHE D 99 43.21 -19.43 -6.53
N PRO D 100 44.35 -19.93 -7.05
CA PRO D 100 45.17 -20.92 -6.34
C PRO D 100 45.98 -20.41 -5.15
N GLU D 101 46.10 -19.09 -5.01
CA GLU D 101 46.83 -18.53 -3.88
C GLU D 101 45.95 -17.75 -2.89
N ALA D 102 44.68 -18.12 -2.84
CA ALA D 102 43.73 -17.46 -1.94
C ALA D 102 43.49 -18.30 -0.69
N PRO D 103 43.90 -17.80 0.50
CA PRO D 103 43.56 -18.47 1.75
C PRO D 103 42.06 -18.67 1.96
N ILE D 104 41.69 -19.93 2.19
CA ILE D 104 40.34 -20.31 2.54
C ILE D 104 40.15 -20.06 4.04
N TYR D 105 39.27 -19.10 4.36
CA TYR D 105 39.02 -18.61 5.71
C TYR D 105 37.75 -19.23 6.31
N CYS D 106 37.87 -19.77 7.52
CA CYS D 106 36.70 -20.29 8.24
C CYS D 106 37.02 -20.58 9.71
N THR D 107 36.04 -21.14 10.42
CA THR D 107 36.22 -21.51 11.82
C THR D 107 37.14 -22.74 11.89
N GLU D 108 37.50 -23.14 13.11
CA GLU D 108 38.30 -24.35 13.34
C GLU D 108 37.52 -25.62 12.92
N VAL D 109 36.37 -25.83 13.63
CA VAL D 109 35.54 -26.99 13.37
C VAL D 109 35.17 -27.14 11.88
N ALA D 110 34.94 -26.02 11.21
CA ALA D 110 34.52 -26.07 9.79
C ALA D 110 35.60 -26.66 8.87
N VAL D 111 36.87 -26.55 9.27
CA VAL D 111 37.99 -27.08 8.49
C VAL D 111 37.84 -28.58 8.23
N LYS D 112 37.68 -29.36 9.30
CA LYS D 112 37.49 -30.82 9.19
C LYS D 112 36.25 -31.23 8.39
N GLY D 113 35.17 -30.46 8.48
CA GLY D 113 33.97 -30.69 7.66
C GLY D 113 34.26 -30.52 6.18
N LEU D 114 34.89 -29.40 5.84
CA LEU D 114 35.34 -29.09 4.47
C LEU D 114 36.33 -30.10 3.88
N LEU D 115 37.07 -30.79 4.75
CA LEU D 115 38.00 -31.82 4.29
C LEU D 115 37.27 -33.12 4.03
N LYS D 116 36.26 -33.39 4.85
CA LYS D 116 35.46 -34.61 4.73
C LYS D 116 34.66 -34.60 3.44
N HIS D 117 34.14 -33.43 3.07
CA HIS D 117 33.41 -33.22 1.81
C HIS D 117 34.34 -33.26 0.63
N TYR D 118 35.50 -32.62 0.74
CA TYR D 118 36.42 -32.48 -0.39
C TYR D 118 37.83 -32.89 -0.04
N PRO D 119 38.13 -34.19 -0.20
CA PRO D 119 39.46 -34.76 0.00
C PRO D 119 40.58 -33.94 -0.64
N SER D 120 40.37 -33.43 -1.85
CA SER D 120 41.42 -32.73 -2.58
C SER D 120 41.82 -31.38 -1.98
N LEU D 121 41.03 -30.86 -1.03
CA LEU D 121 41.42 -29.66 -0.27
C LEU D 121 42.53 -29.95 0.75
N ARG D 122 43.15 -31.13 0.61
CA ARG D 122 44.27 -31.54 1.46
C ARG D 122 45.50 -30.65 1.28
N GLU D 123 45.62 -30.04 0.10
CA GLU D 123 46.71 -29.10 -0.19
C GLU D 123 46.20 -27.68 -0.41
N ALA D 124 45.22 -27.29 0.40
CA ALA D 124 44.69 -25.92 0.42
C ALA D 124 45.32 -25.12 1.57
N GLU D 125 45.12 -23.80 1.56
CA GLU D 125 45.69 -22.93 2.59
C GLU D 125 44.56 -22.43 3.50
N PHE D 126 44.22 -23.24 4.50
CA PHE D 126 43.20 -22.88 5.49
C PHE D 126 43.76 -21.91 6.52
N MET D 127 43.01 -20.83 6.76
CA MET D 127 43.37 -19.85 7.77
C MET D 127 42.18 -19.64 8.71
N THR D 128 42.33 -20.20 9.93
CA THR D 128 41.24 -20.33 10.89
C THR D 128 40.94 -19.01 11.62
N VAL D 129 39.62 -18.77 11.85
CA VAL D 129 39.27 -17.54 12.60
C VAL D 129 38.31 -17.82 13.77
N LYS D 130 38.63 -17.20 14.92
CA LYS D 130 37.67 -17.11 16.03
C LYS D 130 36.79 -15.85 15.89
N THR D 131 35.76 -15.79 16.73
CA THR D 131 35.03 -14.51 17.07
C THR D 131 36.15 -13.43 17.47
N GLY D 132 36.23 -12.27 16.70
CA GLY D 132 37.14 -11.11 17.06
C GLY D 132 38.32 -10.87 16.03
N ASP D 133 38.78 -12.14 15.71
CA ASP D 133 39.86 -12.13 14.60
C ASP D 133 39.41 -11.24 13.51
N VAL D 134 40.34 -10.73 12.62
CA VAL D 134 40.03 -9.70 11.56
C VAL D 134 40.77 -9.96 10.23
N LEU D 135 40.12 -9.56 9.12
CA LEU D 135 40.73 -9.71 7.78
C LEU D 135 40.83 -8.39 7.03
N ASP D 136 42.04 -7.82 7.05
CA ASP D 136 42.42 -6.57 6.40
C ASP D 136 42.33 -6.68 4.86
N LEU D 137 41.52 -5.69 4.27
CA LEU D 137 41.31 -5.68 2.81
C LEU D 137 41.87 -4.42 2.15
N GLY D 138 42.38 -3.50 2.98
CA GLY D 138 42.91 -2.20 2.53
C GLY D 138 41.79 -1.17 2.35
N GLY D 139 41.46 -0.46 3.44
CA GLY D 139 40.35 0.50 3.41
C GLY D 139 39.07 -0.07 4.01
N LYS D 140 38.95 -1.40 3.97
CA LYS D 140 37.84 -2.12 4.61
C LYS D 140 38.38 -3.31 5.42
N THR D 141 37.75 -3.61 6.59
CA THR D 141 38.16 -4.76 7.41
C THR D 141 36.96 -5.59 7.82
N LEU D 142 37.11 -6.93 7.59
CA LEU D 142 36.09 -7.92 7.96
C LEU D 142 36.29 -8.39 9.40
N THR D 143 35.15 -8.54 10.14
CA THR D 143 35.20 -9.00 11.54
C THR D 143 34.42 -10.30 11.70
N PHE D 144 35.16 -11.40 11.98
CA PHE D 144 34.54 -12.73 12.07
C PHE D 144 33.90 -12.93 13.42
N LEU D 145 32.78 -13.66 13.44
CA LEU D 145 32.02 -13.91 14.66
C LEU D 145 31.47 -15.33 14.69
N GLU D 146 32.05 -16.16 15.55
CA GLU D 146 31.64 -17.57 15.69
C GLU D 146 30.19 -17.65 16.17
N THR D 147 29.36 -18.34 15.38
CA THR D 147 27.98 -18.63 15.79
C THR D 147 27.79 -20.15 15.86
N PRO D 148 28.27 -20.78 16.96
CA PRO D 148 28.15 -22.25 17.06
C PRO D 148 26.70 -22.68 17.20
N LEU D 149 26.39 -23.88 16.68
CA LEU D 149 25.02 -24.42 16.62
C LEU D 149 23.97 -23.38 16.22
N LEU D 150 24.42 -22.35 15.50
CA LEU D 150 23.55 -21.30 14.98
C LEU D 150 24.19 -20.80 13.70
N HIS D 151 23.97 -21.45 12.56
CA HIS D 151 23.03 -22.56 12.31
C HIS D 151 23.61 -23.96 12.54
N TRP D 152 24.90 -24.13 12.23
CA TRP D 152 25.63 -25.41 12.47
C TRP D 152 26.81 -25.20 13.45
N PRO D 153 27.37 -26.31 13.99
CA PRO D 153 28.54 -26.26 14.89
C PRO D 153 29.85 -25.77 14.24
N ASP D 154 29.76 -25.23 13.02
CA ASP D 154 30.92 -24.77 12.26
C ASP D 154 30.63 -23.46 11.51
N SER D 155 29.56 -22.78 11.95
CA SER D 155 29.05 -21.58 11.28
C SER D 155 29.54 -20.26 11.92
N MET D 156 29.56 -19.19 11.12
CA MET D 156 30.01 -17.86 11.59
C MET D 156 29.41 -16.70 10.80
N PHE D 157 29.21 -15.56 11.46
CA PHE D 157 28.87 -14.34 10.74
C PHE D 157 30.15 -13.59 10.40
N THR D 158 30.20 -13.07 9.18
CA THR D 158 31.24 -12.10 8.81
C THR D 158 30.61 -10.71 8.75
N LEU D 159 31.18 -9.78 9.52
CA LEU D 159 30.70 -8.40 9.60
C LEU D 159 31.63 -7.44 8.88
N LEU D 160 31.03 -6.55 8.10
CA LEU D 160 31.75 -5.43 7.56
C LEU D 160 31.36 -4.25 8.44
N ASP D 161 32.08 -4.09 9.54
CA ASP D 161 31.65 -3.24 10.65
C ASP D 161 31.59 -1.74 10.34
N GLU D 162 32.61 -1.21 9.65
CA GLU D 162 32.64 0.23 9.37
C GLU D 162 31.71 0.61 8.21
N ASP D 163 30.85 -0.34 7.83
CA ASP D 163 29.77 -0.14 6.87
C ASP D 163 28.40 -0.53 7.46
N GLY D 164 28.39 -1.38 8.48
CA GLY D 164 27.16 -1.85 9.08
C GLY D 164 26.47 -2.96 8.29
N ILE D 165 27.25 -3.72 7.52
CA ILE D 165 26.74 -4.90 6.85
C ILE D 165 27.04 -6.13 7.72
N LEU D 166 26.03 -6.98 7.87
CA LEU D 166 26.18 -8.30 8.47
C LEU D 166 25.93 -9.35 7.38
N PHE D 167 26.95 -10.15 7.09
CA PHE D 167 26.80 -11.32 6.22
C PHE D 167 26.45 -12.49 7.13
N SER D 168 25.18 -12.83 7.14
CA SER D 168 24.63 -13.66 8.21
C SER D 168 24.54 -15.16 7.91
N ASN D 169 25.11 -15.59 6.78
CA ASN D 169 24.83 -16.94 6.22
C ASN D 169 23.33 -17.21 6.34
N ASP D 170 22.93 -18.43 6.71
CA ASP D 170 21.51 -18.85 6.71
C ASP D 170 20.56 -18.00 7.57
N ALA D 171 21.05 -17.49 8.71
CA ALA D 171 20.21 -16.68 9.61
C ALA D 171 19.55 -15.56 8.84
N PHE D 172 18.31 -15.21 9.18
CA PHE D 172 17.59 -14.16 8.46
C PHE D 172 17.37 -14.46 6.96
N GLY D 173 17.74 -15.64 6.49
CA GLY D 173 17.50 -16.05 5.09
C GLY D 173 16.04 -16.34 4.76
N GLN D 174 15.73 -16.42 3.47
CA GLN D 174 14.44 -16.95 2.98
C GLN D 174 14.63 -17.64 1.62
N HIS D 175 13.88 -18.72 1.39
CA HIS D 175 14.01 -19.46 0.15
C HIS D 175 13.10 -18.88 -0.92
N LEU D 176 13.59 -17.81 -1.54
CA LEU D 176 12.86 -17.12 -2.60
C LEU D 176 13.80 -16.90 -3.78
N CYS D 177 13.26 -16.97 -4.97
CA CYS D 177 14.01 -16.73 -6.18
C CYS D 177 13.30 -15.69 -7.02
N CYS D 178 13.81 -14.46 -6.96
CA CYS D 178 13.25 -13.33 -7.69
C CYS D 178 14.39 -12.67 -8.45
N PRO D 179 14.08 -12.02 -9.59
CA PRO D 179 15.01 -11.11 -10.28
C PRO D 179 15.52 -9.97 -9.37
N GLN D 180 14.68 -9.53 -8.43
CA GLN D 180 15.01 -8.46 -7.48
C GLN D 180 15.76 -9.00 -6.25
N ARG D 181 16.83 -8.30 -5.84
CA ARG D 181 17.72 -8.75 -4.76
C ARG D 181 17.44 -8.17 -3.36
N LEU D 182 16.67 -7.10 -3.29
CA LEU D 182 16.44 -6.43 -2.02
C LEU D 182 15.05 -6.69 -1.43
N ASP D 183 14.94 -6.63 -0.10
CA ASP D 183 13.66 -6.76 0.61
C ASP D 183 12.58 -5.77 0.14
N ARG D 184 12.97 -4.53 -0.13
CA ARG D 184 12.02 -3.46 -0.48
C ARG D 184 11.46 -3.58 -1.89
N GLU D 185 12.06 -4.43 -2.72
CA GLU D 185 11.71 -4.55 -4.14
C GLU D 185 10.67 -5.63 -4.45
N ILE D 186 10.39 -6.49 -3.47
CA ILE D 186 9.33 -7.51 -3.60
C ILE D 186 8.25 -7.24 -2.51
N PRO D 187 7.02 -7.78 -2.69
CA PRO D 187 5.97 -7.60 -1.66
C PRO D 187 6.36 -8.08 -0.24
N GLU D 188 5.97 -7.31 0.76
CA GLU D 188 6.32 -7.64 2.15
C GLU D 188 5.60 -8.91 2.61
N TYR D 189 4.41 -9.17 2.07
CA TYR D 189 3.74 -10.42 2.39
C TYR D 189 4.53 -11.65 1.92
N ILE D 190 4.98 -11.64 0.67
CA ILE D 190 5.79 -12.74 0.16
C ILE D 190 7.07 -12.85 1.00
N LEU D 191 7.78 -11.74 1.16
CA LEU D 191 9.05 -11.68 1.90
C LEU D 191 8.88 -12.24 3.32
N MET D 192 7.92 -11.70 4.06
CA MET D 192 7.73 -12.10 5.46
C MET D 192 7.27 -13.54 5.66
N ASP D 193 6.42 -14.04 4.79
CA ASP D 193 5.92 -15.40 4.92
C ASP D 193 7.03 -16.43 4.70
N ALA D 194 7.95 -16.11 3.79
CA ALA D 194 9.06 -16.99 3.44
C ALA D 194 10.10 -17.01 4.57
N ALA D 195 10.34 -15.85 5.16
CA ALA D 195 11.15 -15.72 6.36
C ALA D 195 10.49 -16.41 7.56
N ARG D 196 9.18 -16.23 7.70
CA ARG D 196 8.38 -16.94 8.71
C ARG D 196 8.62 -18.43 8.58
N LYS D 197 8.33 -18.97 7.38
CA LYS D 197 8.60 -20.38 7.08
C LYS D 197 10.07 -20.80 7.37
N PHE D 198 11.03 -19.98 6.96
CA PHE D 198 12.44 -20.27 7.15
C PHE D 198 12.78 -20.41 8.64
N TYR D 199 12.33 -19.45 9.45
CA TYR D 199 12.52 -19.51 10.90
C TYR D 199 11.89 -20.77 11.54
N ALA D 200 10.64 -21.04 11.16
CA ALA D 200 9.86 -22.17 11.72
C ALA D 200 10.55 -23.51 11.52
N ASN D 201 11.12 -23.69 10.33
CA ASN D 201 11.74 -24.96 9.96
C ASN D 201 13.20 -25.09 10.33
N LEU D 202 13.90 -23.98 10.50
CA LEU D 202 15.38 -24.06 10.70
C LEU D 202 15.88 -23.43 11.98
N ILE D 203 15.18 -22.43 12.50
CA ILE D 203 15.73 -21.69 13.63
C ILE D 203 15.03 -22.05 14.95
N THR D 204 13.83 -22.60 14.85
CA THR D 204 13.02 -22.93 16.04
C THR D 204 13.74 -23.60 17.21
N PRO D 205 14.52 -24.69 16.96
CA PRO D 205 15.31 -25.25 18.07
C PRO D 205 16.52 -24.39 18.54
N LEU D 206 16.87 -23.35 17.79
CA LEU D 206 18.00 -22.48 18.12
C LEU D 206 17.54 -21.14 18.71
N SER D 207 16.26 -21.06 19.04
CA SER D 207 15.63 -19.82 19.51
C SER D 207 16.28 -19.19 20.75
N LYS D 208 16.71 -20.02 21.69
CA LYS D 208 17.43 -19.55 22.87
C LYS D 208 18.85 -19.09 22.52
N LEU D 209 19.47 -19.80 21.57
CA LEU D 209 20.79 -19.44 21.06
C LEU D 209 20.76 -18.13 20.26
N VAL D 210 19.64 -17.87 19.59
CA VAL D 210 19.45 -16.63 18.84
C VAL D 210 19.44 -15.40 19.77
N LEU D 211 18.68 -15.48 20.85
CA LEU D 211 18.58 -14.39 21.82
C LEU D 211 19.89 -14.14 22.59
N LYS D 212 20.55 -15.22 23.01
CA LYS D 212 21.87 -15.15 23.60
C LYS D 212 22.89 -14.54 22.62
N LYS D 213 22.56 -14.57 21.34
CA LYS D 213 23.49 -14.10 20.33
C LYS D 213 23.37 -12.60 20.12
N PHE D 214 22.14 -12.10 20.08
CA PHE D 214 21.85 -10.67 19.92
C PHE D 214 22.39 -9.84 21.11
N ASP D 215 22.50 -10.48 22.27
CA ASP D 215 23.12 -9.89 23.45
C ASP D 215 24.63 -9.85 23.30
N GLU D 216 25.21 -10.97 22.88
CA GLU D 216 26.66 -11.09 22.68
C GLU D 216 27.20 -10.09 21.65
N VAL D 217 26.42 -9.83 20.60
CA VAL D 217 26.77 -8.81 19.62
C VAL D 217 26.65 -7.40 20.23
N LYS D 218 25.61 -7.21 21.05
CA LYS D 218 25.36 -5.94 21.73
C LYS D 218 26.40 -5.70 22.84
N GLU D 219 26.80 -6.77 23.52
CA GLU D 219 27.88 -6.74 24.53
C GLU D 219 29.26 -6.50 23.88
N LEU D 220 29.34 -6.76 22.58
CA LEU D 220 30.57 -6.50 21.79
C LEU D 220 30.49 -5.17 21.02
N GLY D 221 29.29 -4.47 21.25
CA GLY D 221 29.03 -3.19 20.58
C GLY D 221 29.23 -3.26 19.08
N LEU D 222 28.25 -3.84 18.37
CA LEU D 222 28.34 -4.01 16.91
C LEU D 222 27.05 -3.66 16.14
N LEU D 223 25.91 -4.11 16.63
CA LEU D 223 24.62 -4.02 15.89
C LEU D 223 23.97 -2.61 15.91
N GLU D 224 24.54 -1.69 16.70
CA GLU D 224 24.06 -0.31 16.78
C GLU D 224 24.04 0.36 15.41
N ARG D 225 25.06 0.07 14.60
CA ARG D 225 25.23 0.66 13.26
C ARG D 225 24.43 -0.05 12.17
N ILE D 226 24.10 -1.33 12.39
CA ILE D 226 23.62 -2.25 11.33
C ILE D 226 22.68 -1.65 10.26
N GLN D 227 23.21 -1.65 9.04
CA GLN D 227 22.61 -0.95 7.90
C GLN D 227 21.92 -1.91 6.96
N MET D 228 22.45 -3.13 6.91
CA MET D 228 22.00 -4.14 5.95
C MET D 228 22.41 -5.54 6.43
N ILE D 229 21.46 -6.48 6.38
CA ILE D 229 21.75 -7.90 6.58
C ILE D 229 21.70 -8.61 5.23
N ALA D 230 22.78 -9.31 4.90
CA ALA D 230 22.90 -10.01 3.62
C ALA D 230 23.02 -11.51 3.89
N PRO D 231 21.88 -12.27 3.84
CA PRO D 231 21.87 -13.71 4.12
C PRO D 231 22.26 -14.57 2.92
N SER D 232 22.41 -15.87 3.14
CA SER D 232 22.82 -16.82 2.09
C SER D 232 21.66 -17.33 1.23
N HIS D 233 20.44 -16.95 1.58
CA HIS D 233 19.27 -17.30 0.79
C HIS D 233 18.33 -16.14 0.66
N GLY D 234 17.88 -15.86 -0.56
CA GLY D 234 16.82 -14.89 -0.77
C GLY D 234 17.25 -13.45 -0.65
N GLN D 235 16.34 -12.62 -0.16
CA GLN D 235 16.49 -11.16 -0.22
C GLN D 235 17.50 -10.58 0.77
N ILE D 236 18.22 -9.54 0.33
CA ILE D 236 19.08 -8.74 1.20
C ILE D 236 18.22 -7.72 1.93
N TRP D 237 18.35 -7.65 3.26
CA TRP D 237 17.58 -6.70 4.08
C TRP D 237 18.20 -5.30 4.12
N THR D 238 17.62 -4.36 3.37
CA THR D 238 18.04 -2.97 3.45
C THR D 238 17.34 -2.28 4.63
N ASP D 239 16.34 -2.98 5.17
CA ASP D 239 15.66 -2.62 6.41
C ASP D 239 15.83 -3.77 7.41
N PRO D 240 17.04 -3.94 7.95
CA PRO D 240 17.30 -5.08 8.84
C PRO D 240 16.54 -5.12 10.19
N MET D 241 16.22 -3.96 10.76
CA MET D 241 15.46 -3.89 12.01
C MET D 241 14.08 -4.53 11.92
N LYS D 242 13.59 -4.70 10.69
CA LYS D 242 12.31 -5.35 10.43
C LYS D 242 12.39 -6.85 10.72
N ILE D 243 13.46 -7.49 10.25
CA ILE D 243 13.63 -8.93 10.43
C ILE D 243 14.22 -9.31 11.79
N ILE D 244 15.04 -8.43 12.36
CA ILE D 244 15.60 -8.63 13.71
C ILE D 244 14.48 -8.65 14.74
N GLU D 245 13.42 -7.87 14.48
CA GLU D 245 12.27 -7.77 15.38
C GLU D 245 11.29 -8.93 15.21
N ALA D 246 11.21 -9.45 13.98
CA ALA D 246 10.43 -10.65 13.71
C ALA D 246 11.13 -11.83 14.36
N TYR D 247 12.46 -11.84 14.29
CA TYR D 247 13.25 -12.91 14.87
C TYR D 247 13.14 -12.94 16.37
N THR D 248 13.12 -11.77 16.98
CA THR D 248 13.06 -11.64 18.43
C THR D 248 11.69 -12.07 18.97
N GLY D 249 10.63 -11.78 18.22
CA GLY D 249 9.28 -12.20 18.60
C GLY D 249 9.00 -13.68 18.40
N TRP D 250 9.52 -14.25 17.31
CA TRP D 250 9.43 -15.68 17.05
C TRP D 250 10.18 -16.46 18.14
N ALA D 251 11.30 -15.89 18.60
CA ALA D 251 12.15 -16.56 19.59
C ALA D 251 11.59 -16.50 21.01
N THR D 252 10.73 -15.52 21.28
CA THR D 252 10.15 -15.34 22.61
C THR D 252 8.65 -15.69 22.61
N GLY D 253 8.20 -16.35 21.55
CA GLY D 253 6.83 -16.85 21.47
C GLY D 253 5.71 -15.82 21.43
N MET D 254 5.85 -14.78 20.61
CA MET D 254 4.84 -13.71 20.58
C MET D 254 3.41 -14.12 20.13
N VAL D 255 3.21 -14.33 18.83
CA VAL D 255 1.92 -14.83 18.26
C VAL D 255 0.63 -14.01 18.49
N ASP D 256 -0.16 -13.86 17.41
CA ASP D 256 -1.56 -13.40 17.50
C ASP D 256 -2.44 -14.59 17.90
N GLU D 257 -3.71 -14.34 18.21
CA GLU D 257 -4.63 -15.40 18.62
C GLU D 257 -5.00 -16.36 17.46
N ARG D 258 -4.37 -17.53 17.44
CA ARG D 258 -4.48 -18.47 16.32
C ARG D 258 -4.54 -19.92 16.77
N VAL D 259 -5.39 -20.70 16.12
CA VAL D 259 -5.41 -22.16 16.30
C VAL D 259 -5.12 -22.84 14.96
N THR D 260 -4.20 -23.81 14.96
CA THR D 260 -3.98 -24.65 13.81
C THR D 260 -4.50 -26.10 14.03
N VAL D 261 -5.39 -26.54 13.15
CA VAL D 261 -6.00 -27.84 13.26
C VAL D 261 -5.33 -28.73 12.21
N ILE D 262 -4.74 -29.84 12.68
CA ILE D 262 -4.05 -30.82 11.84
C ILE D 262 -4.71 -32.19 12.02
N TYR D 263 -4.95 -32.91 10.94
CA TYR D 263 -5.59 -34.23 11.03
C TYR D 263 -5.22 -35.08 9.84
N ASP D 264 -5.28 -36.39 10.00
CA ASP D 264 -5.43 -37.29 8.86
C ASP D 264 -6.70 -38.16 9.00
N THR D 265 -7.06 -38.85 7.92
CA THR D 265 -8.30 -39.58 7.87
C THR D 265 -8.23 -40.68 6.80
N MET D 266 -9.02 -41.73 6.97
CA MET D 266 -9.16 -42.73 5.93
C MET D 266 -10.57 -42.69 5.35
N HIS D 267 -11.58 -42.67 6.22
CA HIS D 267 -12.98 -42.71 5.80
C HIS D 267 -13.72 -41.42 6.08
N GLY D 268 -13.03 -40.42 6.64
CA GLY D 268 -13.57 -39.07 6.75
C GLY D 268 -14.23 -38.63 8.04
N SER D 269 -14.34 -39.54 9.02
CA SER D 269 -14.96 -39.22 10.31
C SER D 269 -14.11 -38.24 11.13
N THR D 270 -12.79 -38.47 11.16
CA THR D 270 -11.83 -37.56 11.77
C THR D 270 -11.82 -36.20 11.09
N ARG D 271 -12.00 -36.16 9.78
CA ARG D 271 -12.17 -34.87 9.08
C ARG D 271 -13.38 -34.08 9.60
N LYS D 272 -14.53 -34.75 9.71
CA LYS D 272 -15.76 -34.16 10.25
C LYS D 272 -15.47 -33.54 11.61
N MET D 273 -14.79 -34.30 12.46
CA MET D 273 -14.35 -33.85 13.79
C MET D 273 -13.49 -32.59 13.72
N ALA D 274 -12.55 -32.58 12.77
CA ALA D 274 -11.63 -31.47 12.60
C ALA D 274 -12.39 -30.23 12.13
N HIS D 275 -13.40 -30.44 11.28
CA HIS D 275 -14.23 -29.33 10.79
C HIS D 275 -15.02 -28.67 11.91
N ALA D 276 -15.56 -29.49 12.83
CA ALA D 276 -16.25 -29.04 14.04
C ALA D 276 -15.32 -28.35 15.04
N ILE D 277 -14.09 -28.85 15.16
CA ILE D 277 -13.13 -28.24 16.06
C ILE D 277 -12.79 -26.84 15.52
N ALA D 278 -12.59 -26.76 14.21
CA ALA D 278 -12.36 -25.47 13.55
C ALA D 278 -13.52 -24.48 13.73
N GLU D 279 -14.76 -24.95 13.60
CA GLU D 279 -15.99 -24.14 13.84
C GLU D 279 -16.06 -23.57 15.24
N GLY D 280 -15.75 -24.40 16.23
CA GLY D 280 -15.65 -24.00 17.61
C GLY D 280 -14.63 -22.89 17.84
N ALA D 281 -13.43 -23.05 17.28
CA ALA D 281 -12.36 -22.09 17.48
C ALA D 281 -12.69 -20.74 16.85
N MET D 282 -13.30 -20.77 15.67
CA MET D 282 -13.76 -19.56 15.01
C MET D 282 -14.79 -18.77 15.80
N SER D 283 -15.68 -19.44 16.52
CA SER D 283 -16.77 -18.75 17.23
C SER D 283 -16.25 -17.88 18.37
N GLU D 284 -14.96 -18.03 18.65
CA GLU D 284 -14.25 -17.25 19.64
C GLU D 284 -13.46 -16.12 18.98
N GLY D 285 -13.63 -15.97 17.67
CA GLY D 285 -13.08 -14.82 16.91
C GLY D 285 -11.58 -14.85 16.70
N VAL D 286 -11.00 -16.02 16.91
CA VAL D 286 -9.57 -16.28 16.76
C VAL D 286 -9.30 -16.67 15.31
N ASP D 287 -8.06 -16.50 14.81
CA ASP D 287 -7.69 -17.01 13.49
C ASP D 287 -7.52 -18.54 13.51
N VAL D 288 -7.84 -19.21 12.41
CA VAL D 288 -7.76 -20.68 12.31
C VAL D 288 -7.14 -21.14 10.98
N ARG D 289 -6.31 -22.18 11.05
CA ARG D 289 -5.84 -22.89 9.85
C ARG D 289 -6.10 -24.39 10.01
N VAL D 290 -6.34 -25.06 8.91
CA VAL D 290 -6.70 -26.47 8.92
C VAL D 290 -5.92 -27.21 7.85
N TYR D 291 -5.01 -28.08 8.30
CA TYR D 291 -4.18 -28.88 7.42
C TYR D 291 -4.58 -30.33 7.44
N CYS D 292 -4.24 -31.02 6.36
CA CYS D 292 -4.51 -32.43 6.23
C CYS D 292 -3.22 -33.09 5.77
N LEU D 293 -2.73 -34.03 6.58
CA LEU D 293 -1.43 -34.64 6.40
C LEU D 293 -1.28 -35.44 5.10
N HIS D 294 -2.40 -35.77 4.45
CA HIS D 294 -2.34 -36.43 3.13
C HIS D 294 -1.98 -35.45 2.02
N GLU D 295 -2.36 -34.19 2.20
CA GLU D 295 -2.23 -33.19 1.15
C GLU D 295 -1.13 -32.16 1.44
N ASP D 296 -0.84 -31.91 2.71
CA ASP D 296 -0.05 -30.74 3.11
C ASP D 296 1.34 -31.10 3.66
N ASP D 297 2.35 -30.29 3.33
CA ASP D 297 3.74 -30.58 3.67
C ASP D 297 4.03 -30.13 5.09
N ARG D 298 4.92 -30.86 5.78
CA ARG D 298 5.23 -30.58 7.17
C ARG D 298 5.85 -29.20 7.33
N SER D 299 6.63 -28.78 6.33
CA SER D 299 7.29 -27.47 6.35
C SER D 299 6.27 -26.30 6.40
N GLU D 300 5.12 -26.48 5.76
CA GLU D 300 4.04 -25.50 5.75
C GLU D 300 3.23 -25.58 7.05
N ILE D 301 2.95 -26.79 7.51
CA ILE D 301 2.28 -27.00 8.80
C ILE D 301 3.04 -26.32 9.93
N VAL D 302 4.36 -26.49 9.89
CA VAL D 302 5.25 -26.04 10.94
C VAL D 302 5.31 -24.50 10.94
N LYS D 303 5.15 -23.91 9.76
CA LYS D 303 5.07 -22.45 9.57
C LYS D 303 3.91 -21.84 10.35
N ASP D 304 2.74 -22.47 10.34
CA ASP D 304 1.60 -21.96 11.11
C ASP D 304 1.68 -22.29 12.59
N ILE D 305 2.34 -23.39 12.95
CA ILE D 305 2.54 -23.74 14.37
C ILE D 305 3.36 -22.64 15.05
N LEU D 306 4.37 -22.14 14.35
CA LEU D 306 5.11 -20.97 14.78
C LEU D 306 4.15 -19.88 15.23
N GLU D 307 3.14 -19.56 14.43
CA GLU D 307 2.26 -18.44 14.70
C GLU D 307 1.02 -18.77 15.58
N SER D 308 0.98 -19.97 16.15
CA SER D 308 -0.22 -20.41 16.88
C SER D 308 0.05 -20.65 18.33
N GLY D 309 -0.85 -20.15 19.17
CA GLY D 309 -0.83 -20.42 20.62
C GLY D 309 -1.40 -21.80 20.93
N ALA D 310 -2.19 -22.34 20.02
CA ALA D 310 -2.70 -23.72 20.17
C ALA D 310 -2.76 -24.51 18.87
N ILE D 311 -2.65 -25.83 19.00
CA ILE D 311 -2.84 -26.77 17.87
C ILE D 311 -3.82 -27.88 18.25
N ALA D 312 -4.48 -28.45 17.24
CA ALA D 312 -5.23 -29.69 17.43
C ALA D 312 -4.64 -30.77 16.51
N LEU D 313 -4.43 -31.99 17.02
CA LEU D 313 -3.91 -33.06 16.18
C LEU D 313 -4.84 -34.26 16.13
N GLY D 314 -5.23 -34.65 14.92
CA GLY D 314 -6.26 -35.66 14.75
C GLY D 314 -5.81 -36.81 13.88
N ALA D 315 -6.24 -38.02 14.22
CA ALA D 315 -5.91 -39.21 13.42
C ALA D 315 -6.71 -40.40 13.88
N PRO D 316 -7.16 -41.23 12.91
CA PRO D 316 -7.87 -42.45 13.30
C PRO D 316 -6.88 -43.51 13.80
N THR D 317 -7.38 -44.50 14.52
CA THR D 317 -6.50 -45.53 15.05
C THR D 317 -6.44 -46.75 14.13
N ILE D 318 -5.21 -47.24 13.94
CA ILE D 318 -4.92 -48.33 13.04
C ILE D 318 -4.06 -49.35 13.77
N TYR D 319 -4.62 -50.53 13.99
CA TYR D 319 -3.90 -51.60 14.67
C TYR D 319 -3.17 -51.07 15.91
N ASP D 320 -3.96 -50.45 16.79
CA ASP D 320 -3.49 -49.87 18.05
C ASP D 320 -2.64 -48.60 17.94
N GLU D 321 -2.37 -48.11 16.72
CA GLU D 321 -1.50 -46.94 16.52
C GLU D 321 -2.24 -45.75 15.88
N PRO D 322 -1.70 -44.51 16.00
CA PRO D 322 -2.18 -43.41 15.16
C PRO D 322 -1.93 -43.71 13.68
N TYR D 323 -2.83 -43.27 12.79
CA TYR D 323 -2.58 -43.35 11.36
C TYR D 323 -1.14 -42.85 11.18
N PRO D 324 -0.30 -43.59 10.43
CA PRO D 324 1.15 -43.38 10.50
C PRO D 324 1.72 -42.02 10.06
N SER D 325 1.01 -41.26 9.22
CA SER D 325 1.48 -39.93 8.79
C SER D 325 1.82 -38.99 9.97
N VAL D 326 0.98 -39.05 10.99
CA VAL D 326 1.18 -38.35 12.29
C VAL D 326 2.56 -38.66 12.88
N GLY D 327 3.04 -39.88 12.64
CA GLY D 327 4.35 -40.32 13.09
C GLY D 327 5.48 -39.49 12.50
N ASP D 328 5.27 -39.01 11.28
CA ASP D 328 6.24 -38.16 10.57
C ASP D 328 6.35 -36.79 11.26
N LEU D 329 5.24 -36.07 11.31
CA LEU D 329 5.20 -34.74 11.94
C LEU D 329 5.72 -34.76 13.38
N LEU D 330 5.35 -35.76 14.17
CA LEU D 330 5.71 -35.77 15.59
C LEU D 330 7.19 -35.96 15.81
N MET D 331 7.85 -36.71 14.92
CA MET D 331 9.30 -36.87 14.94
C MET D 331 10.00 -35.59 14.54
N TYR D 332 9.35 -34.85 13.65
CA TYR D 332 9.85 -33.57 13.16
C TYR D 332 9.76 -32.50 14.26
N LEU D 333 8.58 -32.40 14.88
CA LEU D 333 8.32 -31.53 16.04
C LEU D 333 9.19 -31.85 17.27
N ARG D 334 9.64 -33.10 17.35
CA ARG D 334 10.53 -33.54 18.42
C ARG D 334 11.90 -32.86 18.30
N GLY D 335 12.38 -32.68 17.08
CA GLY D 335 13.68 -32.05 16.84
C GLY D 335 13.59 -30.52 16.88
N LEU D 336 12.41 -29.99 16.54
CA LEU D 336 12.17 -28.54 16.45
C LEU D 336 12.05 -27.83 17.80
N LYS D 337 11.47 -28.51 18.78
CA LYS D 337 11.31 -28.00 20.15
C LYS D 337 10.68 -26.59 20.25
N PHE D 338 9.42 -26.48 19.84
CA PHE D 338 8.67 -25.23 19.93
C PHE D 338 8.53 -24.68 21.37
N ASN D 339 8.70 -25.55 22.36
CA ASN D 339 8.69 -25.15 23.79
C ASN D 339 9.84 -24.23 24.16
N ARG D 340 10.84 -24.19 23.28
CA ARG D 340 11.94 -23.24 23.40
C ARG D 340 11.45 -21.83 23.12
N THR D 341 10.32 -21.72 22.43
CA THR D 341 9.68 -20.43 22.21
C THR D 341 8.49 -20.28 23.16
N LEU D 342 7.58 -21.26 23.12
CA LEU D 342 6.33 -21.22 23.88
C LEU D 342 5.83 -22.65 24.04
N THR D 343 5.29 -23.00 25.21
CA THR D 343 4.55 -24.26 25.37
C THR D 343 3.13 -24.03 24.86
N ARG D 344 2.89 -24.48 23.64
CA ARG D 344 1.62 -24.34 23.00
C ARG D 344 0.67 -25.38 23.57
N LYS D 345 -0.63 -25.06 23.58
CA LYS D 345 -1.65 -25.99 24.05
C LYS D 345 -2.07 -26.90 22.90
N ALA D 346 -2.27 -28.18 23.18
CA ALA D 346 -2.61 -29.16 22.13
C ALA D 346 -3.86 -29.96 22.45
N LEU D 347 -4.78 -30.01 21.49
CA LEU D 347 -5.94 -30.87 21.56
C LEU D 347 -5.73 -32.06 20.63
N VAL D 348 -6.03 -33.23 21.15
CA VAL D 348 -5.82 -34.48 20.45
C VAL D 348 -7.18 -35.14 20.24
N PHE D 349 -7.46 -35.58 19.02
CA PHE D 349 -8.77 -36.16 18.72
C PHE D 349 -8.67 -37.26 17.70
N GLY D 350 -9.76 -38.01 17.54
CA GLY D 350 -9.82 -39.02 16.47
C GLY D 350 -11.01 -39.95 16.52
N SER D 351 -11.31 -40.54 15.37
CA SER D 351 -12.30 -41.62 15.29
C SER D 351 -11.57 -42.95 15.47
N MET D 352 -12.32 -43.97 15.88
CA MET D 352 -11.82 -45.30 16.19
C MET D 352 -12.93 -46.33 15.99
N GLY D 353 -12.56 -47.61 15.88
CA GLY D 353 -13.53 -48.68 15.59
C GLY D 353 -13.66 -49.72 16.69
N GLY D 354 -12.54 -50.05 17.33
CA GLY D 354 -12.53 -51.05 18.41
C GLY D 354 -12.10 -50.40 19.70
N ASN D 355 -10.90 -50.71 20.14
CA ASN D 355 -10.41 -50.15 21.39
C ASN D 355 -9.93 -48.69 21.33
N GLY D 356 -9.48 -48.24 20.16
CA GLY D 356 -8.88 -46.92 20.06
C GLY D 356 -7.43 -46.93 20.53
N GLY D 357 -6.87 -45.75 20.77
CA GLY D 357 -5.51 -45.60 21.30
C GLY D 357 -4.63 -44.59 20.55
N ALA D 358 -5.13 -44.07 19.44
CA ALA D 358 -4.40 -43.04 18.68
C ALA D 358 -4.23 -41.78 19.52
N THR D 359 -5.33 -41.33 20.13
CA THR D 359 -5.33 -40.14 20.96
C THR D 359 -4.33 -40.24 22.11
N GLY D 360 -4.39 -41.34 22.87
CA GLY D 360 -3.43 -41.61 23.94
C GLY D 360 -1.97 -41.54 23.52
N THR D 361 -1.62 -42.23 22.45
CA THR D 361 -0.24 -42.22 21.96
C THR D 361 0.20 -40.87 21.40
N MET D 362 -0.69 -40.16 20.71
CA MET D 362 -0.39 -38.82 20.20
C MET D 362 -0.15 -37.82 21.34
N LYS D 363 -0.98 -37.92 22.38
CA LYS D 363 -0.87 -37.14 23.60
C LYS D 363 0.49 -37.32 24.26
N GLU D 364 0.89 -38.59 24.41
CA GLU D 364 2.21 -38.99 24.87
C GLU D 364 3.33 -38.32 24.06
N LEU D 365 3.23 -38.36 22.73
CA LEU D 365 4.30 -37.85 21.84
C LEU D 365 4.33 -36.34 21.71
N LEU D 366 3.15 -35.72 21.72
CA LEU D 366 3.01 -34.26 21.76
C LEU D 366 3.63 -33.65 23.01
N ALA D 367 3.46 -34.31 24.15
CA ALA D 367 4.08 -33.88 25.41
C ALA D 367 5.60 -34.03 25.36
N GLU D 368 6.07 -34.94 24.50
CA GLU D 368 7.51 -35.09 24.26
C GLU D 368 8.01 -34.00 23.32
N ALA D 369 7.12 -33.53 22.45
CA ALA D 369 7.46 -32.44 21.53
C ALA D 369 7.29 -31.06 22.19
N GLY D 370 7.07 -31.06 23.49
CA GLY D 370 6.96 -29.82 24.26
C GLY D 370 5.65 -29.09 24.03
N PHE D 371 4.57 -29.86 23.94
CA PHE D 371 3.22 -29.30 23.87
C PHE D 371 2.46 -29.57 25.16
N ASP D 372 1.51 -28.69 25.46
CA ASP D 372 0.77 -28.71 26.72
C ASP D 372 -0.58 -29.37 26.48
N VAL D 373 -0.58 -30.70 26.50
CA VAL D 373 -1.73 -31.47 26.07
C VAL D 373 -2.66 -31.81 27.22
N ALA D 374 -3.88 -31.29 27.16
CA ALA D 374 -4.97 -31.74 27.99
C ALA D 374 -6.21 -31.88 27.12
N CYS D 375 -7.05 -32.84 27.45
CA CYS D 375 -8.28 -33.10 26.70
C CYS D 375 -8.01 -33.86 25.42
N GLU D 376 -8.80 -34.91 25.23
CA GLU D 376 -8.88 -35.61 23.98
C GLU D 376 -10.34 -35.88 23.66
N GLU D 377 -10.71 -35.70 22.39
CA GLU D 377 -12.00 -36.10 21.86
C GLU D 377 -11.86 -37.39 21.08
N GLU D 378 -12.44 -38.46 21.60
CA GLU D 378 -12.43 -39.73 20.88
C GLU D 378 -13.87 -40.15 20.57
N VAL D 379 -14.14 -40.41 19.29
CA VAL D 379 -15.49 -40.80 18.84
C VAL D 379 -15.45 -42.18 18.17
N TYR D 380 -16.51 -42.97 18.36
CA TYR D 380 -16.65 -44.30 17.76
C TYR D 380 -17.30 -44.20 16.39
N TYR D 381 -16.54 -44.60 15.37
CA TYR D 381 -16.96 -44.51 13.98
C TYR D 381 -17.40 -43.11 13.60
N VAL D 382 -18.61 -42.98 13.05
CA VAL D 382 -19.08 -41.71 12.52
C VAL D 382 -19.67 -40.87 13.66
N PRO D 383 -19.18 -39.62 13.85
CA PRO D 383 -19.69 -38.74 14.90
C PRO D 383 -21.15 -38.32 14.65
N THR D 384 -21.99 -38.43 15.67
CA THR D 384 -23.38 -37.94 15.60
C THR D 384 -23.39 -36.43 15.56
N GLY D 385 -24.59 -35.85 15.45
CA GLY D 385 -24.77 -34.42 15.49
C GLY D 385 -24.35 -33.86 16.84
N ASP D 386 -24.69 -34.60 17.90
CA ASP D 386 -24.31 -34.21 19.27
C ASP D 386 -22.82 -34.39 19.56
N GLU D 387 -22.20 -35.43 19.00
CA GLU D 387 -20.75 -35.62 19.15
C GLU D 387 -19.96 -34.53 18.38
N LEU D 388 -20.56 -33.97 17.33
CA LEU D 388 -19.91 -32.86 16.64
C LEU D 388 -20.03 -31.53 17.41
N ASP D 389 -21.20 -31.31 18.02
CA ASP D 389 -21.42 -30.20 18.95
C ASP D 389 -20.37 -30.21 20.06
N ALA D 390 -20.00 -31.42 20.50
CA ALA D 390 -19.00 -31.62 21.55
C ALA D 390 -17.58 -31.29 21.08
N CYS D 391 -17.27 -31.60 19.82
CA CYS D 391 -16.00 -31.19 19.23
C CYS D 391 -15.96 -29.69 19.03
N PHE D 392 -17.07 -29.12 18.56
CA PHE D 392 -17.25 -27.67 18.48
C PHE D 392 -16.83 -27.06 19.82
N GLU D 393 -17.47 -27.53 20.90
CA GLU D 393 -17.20 -27.03 22.26
C GLU D 393 -15.74 -27.18 22.68
N ALA D 394 -15.14 -28.33 22.38
CA ALA D 394 -13.71 -28.54 22.62
C ALA D 394 -12.85 -27.53 21.82
N GLY D 395 -13.26 -27.24 20.58
CA GLY D 395 -12.59 -26.24 19.76
C GLY D 395 -12.71 -24.86 20.39
N ARG D 396 -13.92 -24.56 20.90
CA ARG D 396 -14.22 -23.27 21.54
C ARG D 396 -13.40 -23.05 22.80
N LYS D 397 -13.22 -24.13 23.57
CA LYS D 397 -12.41 -24.14 24.79
C LYS D 397 -10.91 -23.95 24.46
N LEU D 398 -10.48 -24.52 23.35
CA LEU D 398 -9.09 -24.41 22.89
C LEU D 398 -8.76 -22.96 22.52
N ALA D 399 -9.63 -22.35 21.72
CA ALA D 399 -9.51 -20.93 21.36
C ALA D 399 -9.59 -20.02 22.59
N ALA D 400 -10.55 -20.28 23.48
CA ALA D 400 -10.75 -19.48 24.69
C ALA D 400 -9.50 -19.44 25.59
N GLU D 401 -8.85 -20.58 25.78
CA GLU D 401 -7.63 -20.68 26.59
C GLU D 401 -6.44 -19.83 26.06
N ILE D 402 -6.44 -19.54 24.76
CA ILE D 402 -5.33 -18.82 24.11
C ILE D 402 -5.59 -17.34 23.83
N ARG D 403 -6.79 -16.86 24.12
CA ARG D 403 -7.06 -15.44 24.07
C ARG D 403 -6.51 -14.82 25.34
N MET E 1 -29.82 42.04 28.20
CA MET E 1 -28.66 42.86 27.76
C MET E 1 -28.89 44.36 28.02
N LYS E 2 -27.90 45.03 28.61
CA LYS E 2 -27.92 46.47 28.83
C LYS E 2 -27.02 47.15 27.82
N ALA E 3 -27.62 48.01 27.01
CA ALA E 3 -26.89 48.81 26.06
C ALA E 3 -27.54 50.17 25.97
N ALA E 4 -26.81 51.20 26.36
CA ALA E 4 -27.27 52.59 26.35
C ALA E 4 -27.44 53.18 24.96
N ALA E 5 -28.56 53.86 24.77
CA ALA E 5 -28.74 54.78 23.65
C ALA E 5 -27.91 56.03 23.95
N LYS E 6 -27.56 56.80 22.92
CA LYS E 6 -26.91 58.09 23.11
C LYS E 6 -27.75 59.22 22.54
N ARG E 7 -28.11 60.18 23.38
CA ARG E 7 -28.88 61.35 22.95
C ARG E 7 -27.99 62.27 22.14
N ILE E 8 -28.40 62.57 20.92
CA ILE E 8 -27.69 63.55 20.10
C ILE E 8 -28.44 64.89 20.05
N SER E 9 -29.69 64.88 20.45
CA SER E 9 -30.56 66.03 20.33
C SER E 9 -31.81 65.62 21.11
N ASP E 10 -32.68 66.57 21.46
CA ASP E 10 -33.90 66.25 22.23
C ASP E 10 -34.80 65.34 21.41
N GLY E 11 -35.03 64.14 21.93
CA GLY E 11 -35.82 63.13 21.23
C GLY E 11 -35.14 62.51 20.03
N VAL E 12 -33.83 62.65 19.91
CA VAL E 12 -33.08 62.01 18.82
C VAL E 12 -31.90 61.21 19.38
N TYR E 13 -32.00 59.90 19.25
CA TYR E 13 -31.03 58.97 19.85
C TYR E 13 -30.31 58.14 18.81
N TRP E 14 -29.01 57.96 19.03
CA TRP E 14 -28.27 56.89 18.39
C TRP E 14 -28.57 55.58 19.12
N THR E 15 -28.99 54.58 18.36
CA THR E 15 -29.38 53.27 18.86
C THR E 15 -28.83 52.19 17.92
N GLY E 16 -27.59 52.37 17.46
CA GLY E 16 -26.98 51.42 16.53
C GLY E 16 -26.26 50.26 17.20
N VAL E 17 -25.31 49.66 16.48
CA VAL E 17 -24.48 48.59 17.05
C VAL E 17 -22.98 48.82 16.81
N LEU E 18 -22.17 48.41 17.78
CA LEU E 18 -20.71 48.58 17.71
C LEU E 18 -20.04 47.28 17.29
N ASP E 19 -19.48 47.26 16.08
CA ASP E 19 -18.86 46.04 15.59
C ASP E 19 -17.36 46.09 15.81
N TRP E 20 -16.93 45.89 17.05
CA TRP E 20 -15.52 46.01 17.41
C TRP E 20 -14.63 45.08 16.58
N ASP E 21 -15.19 43.96 16.16
CA ASP E 21 -14.42 42.81 15.74
C ASP E 21 -14.08 42.74 14.27
N LEU E 22 -14.98 43.24 13.42
CA LEU E 22 -14.78 43.20 11.98
C LEU E 22 -13.40 43.79 11.62
N ARG E 23 -12.68 43.09 10.75
CA ARG E 23 -11.34 43.48 10.30
C ARG E 23 -11.23 43.54 8.76
N ASN E 24 -12.22 42.95 8.10
CA ASN E 24 -12.24 42.81 6.66
C ASN E 24 -13.70 42.82 6.24
N TYR E 25 -14.16 43.96 5.74
CA TYR E 25 -15.54 44.10 5.35
C TYR E 25 -15.62 43.99 3.84
N HIS E 26 -15.91 42.78 3.37
CA HIS E 26 -15.75 42.38 1.96
C HIS E 26 -14.58 43.04 1.20
N GLY E 27 -13.36 42.64 1.56
CA GLY E 27 -12.13 43.15 0.94
C GLY E 27 -11.74 44.58 1.30
N TYR E 28 -12.50 45.16 2.24
CA TYR E 28 -12.22 46.47 2.79
C TYR E 28 -11.72 46.26 4.22
N THR E 29 -10.44 46.53 4.44
CA THR E 29 -9.84 46.37 5.75
C THR E 29 -10.20 47.52 6.69
N LEU E 30 -10.33 47.18 7.98
CA LEU E 30 -10.71 48.13 9.02
C LEU E 30 -10.38 47.60 10.42
N GLN E 31 -10.47 48.47 11.42
CA GLN E 31 -10.45 48.08 12.83
C GLN E 31 -11.84 48.29 13.44
N GLY E 32 -12.81 47.56 12.93
CA GLY E 32 -14.16 47.64 13.43
C GLY E 32 -14.94 48.71 12.69
N THR E 33 -16.26 48.64 12.83
CA THR E 33 -17.15 49.66 12.31
C THR E 33 -18.42 49.72 13.18
N THR E 34 -19.32 50.65 12.89
CA THR E 34 -20.59 50.70 13.57
C THR E 34 -21.74 50.58 12.57
N TYR E 35 -22.89 50.12 13.04
CA TYR E 35 -24.08 50.18 12.23
C TYR E 35 -24.97 51.17 12.96
N ASN E 36 -25.11 52.35 12.37
CA ASN E 36 -25.80 53.43 13.01
C ASN E 36 -27.28 53.40 12.66
N ALA E 37 -28.11 53.32 13.69
CA ALA E 37 -29.56 53.41 13.57
C ALA E 37 -29.97 54.49 14.56
N TYR E 38 -31.02 55.24 14.23
CA TYR E 38 -31.39 56.40 15.02
C TYR E 38 -32.87 56.38 15.36
N LEU E 39 -33.17 56.73 16.59
CA LEU E 39 -34.57 56.86 16.98
C LEU E 39 -34.98 58.33 17.04
N VAL E 40 -35.93 58.71 16.19
CA VAL E 40 -36.50 60.05 16.26
C VAL E 40 -37.87 59.98 16.95
N CYS E 41 -38.02 60.73 18.05
CA CYS E 41 -39.23 60.73 18.84
C CYS E 41 -39.89 62.10 18.78
N GLY E 42 -41.17 62.13 18.42
CA GLY E 42 -41.93 63.38 18.37
C GLY E 42 -43.00 63.34 19.44
N ASP E 43 -43.96 64.25 19.36
CA ASP E 43 -45.07 64.28 20.33
C ASP E 43 -46.03 63.12 20.13
N GLU E 44 -46.17 62.65 18.89
CA GLU E 44 -47.21 61.67 18.57
C GLU E 44 -46.73 60.31 18.01
N GLY E 45 -45.51 60.26 17.49
CA GLY E 45 -44.95 59.02 16.97
C GLY E 45 -43.45 58.95 17.16
N VAL E 46 -42.90 57.74 17.06
CA VAL E 46 -41.44 57.57 17.00
C VAL E 46 -41.04 56.78 15.76
N ALA E 47 -40.00 57.26 15.08
CA ALA E 47 -39.48 56.59 13.90
C ALA E 47 -38.07 56.12 14.15
N LEU E 48 -37.74 54.99 13.54
CA LEU E 48 -36.43 54.36 13.67
C LEU E 48 -35.77 54.35 12.31
N ILE E 49 -34.68 55.10 12.19
CA ILE E 49 -34.01 55.21 10.90
C ILE E 49 -32.87 54.21 10.80
N ASP E 50 -33.00 53.33 9.79
CA ASP E 50 -32.10 52.20 9.55
C ASP E 50 -32.14 51.20 10.69
N ASN E 51 -31.41 50.11 10.54
CA ASN E 51 -31.15 49.19 11.62
C ASN E 51 -29.71 48.67 11.51
N SER E 52 -29.49 47.37 11.35
CA SER E 52 -28.13 46.83 11.39
C SER E 52 -27.95 45.39 10.90
N TYR E 53 -26.72 44.91 10.96
CA TYR E 53 -26.32 43.59 10.46
C TYR E 53 -27.18 42.46 11.06
N PRO E 54 -27.50 41.40 10.27
CA PRO E 54 -28.27 40.27 10.84
C PRO E 54 -27.61 39.68 12.08
N GLY E 55 -28.43 39.29 13.04
CA GLY E 55 -27.94 38.76 14.31
C GLY E 55 -27.65 39.80 15.38
N THR E 56 -27.75 41.08 15.03
CA THR E 56 -27.42 42.17 15.97
C THR E 56 -28.63 42.77 16.67
N PHE E 57 -29.79 42.17 16.45
CA PHE E 57 -31.06 42.68 17.00
C PHE E 57 -31.07 42.99 18.49
N ASP E 58 -30.43 42.14 19.30
CA ASP E 58 -30.43 42.26 20.76
C ASP E 58 -29.80 43.55 21.26
N GLU E 59 -28.68 43.93 20.63
CA GLU E 59 -28.01 45.21 20.93
C GLU E 59 -28.80 46.40 20.41
N LEU E 60 -29.27 46.34 19.17
CA LEU E 60 -30.12 47.40 18.63
C LEU E 60 -31.31 47.58 19.55
N MET E 61 -32.06 46.49 19.76
CA MET E 61 -33.29 46.55 20.53
C MET E 61 -33.06 47.19 21.89
N ALA E 62 -32.11 46.64 22.65
CA ALA E 62 -31.75 47.17 23.97
C ALA E 62 -31.42 48.67 23.95
N ARG E 63 -30.86 49.17 22.87
CA ARG E 63 -30.62 50.61 22.76
C ARG E 63 -31.92 51.36 22.47
N VAL E 64 -32.76 50.82 21.58
CA VAL E 64 -34.02 51.51 21.29
C VAL E 64 -34.95 51.49 22.51
N GLU E 65 -34.89 50.43 23.32
CA GLU E 65 -35.67 50.29 24.56
C GLU E 65 -35.26 51.37 25.54
N ASP E 66 -33.94 51.53 25.68
CA ASP E 66 -33.33 52.54 26.53
C ASP E 66 -33.78 53.96 26.11
N ALA E 67 -33.62 54.27 24.83
CA ALA E 67 -34.13 55.52 24.23
C ALA E 67 -35.63 55.75 24.51
N LEU E 68 -36.43 54.69 24.38
CA LEU E 68 -37.88 54.79 24.62
C LEU E 68 -38.21 55.00 26.10
N GLN E 69 -37.31 54.59 26.98
CA GLN E 69 -37.51 54.74 28.43
C GLN E 69 -37.25 56.19 28.83
N GLN E 70 -36.09 56.70 28.39
CA GLN E 70 -35.68 58.09 28.59
C GLN E 70 -36.71 59.07 28.03
N VAL E 71 -37.29 58.70 26.89
CA VAL E 71 -38.27 59.55 26.20
C VAL E 71 -39.73 59.38 26.69
N GLY E 72 -40.08 58.19 27.15
CA GLY E 72 -41.41 57.93 27.72
C GLY E 72 -42.47 57.46 26.74
N MET E 73 -42.04 56.88 25.62
CA MET E 73 -42.94 56.30 24.60
C MET E 73 -42.96 54.76 24.67
N GLU E 74 -43.98 54.16 24.09
CA GLU E 74 -44.25 52.71 24.20
C GLU E 74 -43.62 51.82 23.11
N ARG E 75 -43.49 52.36 21.91
CA ARG E 75 -43.13 51.55 20.76
C ARG E 75 -42.54 52.39 19.61
N VAL E 76 -42.13 51.69 18.56
CA VAL E 76 -41.76 52.33 17.29
C VAL E 76 -42.97 52.31 16.37
N ASP E 77 -43.32 53.48 15.84
CA ASP E 77 -44.53 53.64 15.04
C ASP E 77 -44.24 53.64 13.56
N TYR E 78 -42.98 53.90 13.22
CA TYR E 78 -42.54 53.99 11.82
C TYR E 78 -41.16 53.42 11.68
N ILE E 79 -41.02 52.42 10.81
CA ILE E 79 -39.70 51.86 10.51
C ILE E 79 -39.25 52.40 9.15
N ILE E 80 -38.09 53.04 9.15
CA ILE E 80 -37.56 53.70 7.95
C ILE E 80 -36.27 53.05 7.43
N GLN E 81 -36.30 52.62 6.17
CA GLN E 81 -35.14 52.01 5.52
C GLN E 81 -34.55 52.92 4.45
N ASN E 82 -33.41 53.55 4.75
CA ASN E 82 -32.73 54.39 3.75
C ASN E 82 -32.05 53.56 2.64
N HIS E 83 -31.75 52.31 2.98
CA HIS E 83 -30.88 51.44 2.19
C HIS E 83 -31.28 49.98 2.44
N VAL E 84 -31.21 49.17 1.40
CA VAL E 84 -31.53 47.74 1.49
C VAL E 84 -30.32 46.85 1.86
N GLU E 85 -29.11 47.28 1.50
CA GLU E 85 -27.87 46.57 1.85
C GLU E 85 -27.92 46.02 3.30
N LYS E 86 -27.64 44.73 3.49
CA LYS E 86 -27.94 44.01 4.75
C LYS E 86 -27.32 44.52 6.07
N ASP E 87 -26.24 45.29 5.98
CA ASP E 87 -25.65 45.84 7.22
C ASP E 87 -26.50 46.95 7.82
N HIS E 88 -27.56 47.35 7.12
CA HIS E 88 -28.50 48.35 7.58
C HIS E 88 -29.97 47.89 7.55
N SER E 89 -30.23 46.73 6.98
CA SER E 89 -31.59 46.20 6.88
C SER E 89 -31.65 44.78 7.41
N GLY E 90 -30.55 44.33 7.99
CA GLY E 90 -30.39 42.94 8.38
C GLY E 90 -31.24 42.43 9.52
N VAL E 91 -31.82 43.34 10.30
CA VAL E 91 -32.73 42.94 11.39
C VAL E 91 -34.17 43.42 11.17
N LEU E 92 -34.43 43.96 9.98
CA LEU E 92 -35.77 44.45 9.61
C LEU E 92 -36.90 43.44 9.85
N VAL E 93 -36.67 42.17 9.54
CA VAL E 93 -37.66 41.11 9.76
C VAL E 93 -37.90 40.81 11.26
N GLU E 94 -36.92 41.12 12.09
CA GLU E 94 -37.06 40.99 13.53
C GLU E 94 -37.79 42.20 14.08
N LEU E 95 -37.48 43.37 13.50
CA LEU E 95 -38.15 44.60 13.89
C LEU E 95 -39.63 44.56 13.54
N HIS E 96 -39.97 44.03 12.37
CA HIS E 96 -41.37 43.94 11.96
C HIS E 96 -42.20 42.98 12.83
N ARG E 97 -41.56 41.95 13.37
CA ARG E 97 -42.24 41.02 14.29
C ARG E 97 -42.50 41.67 15.64
N ARG E 98 -41.56 42.53 16.07
CA ARG E 98 -41.63 43.22 17.36
C ARG E 98 -42.65 44.36 17.35
N PHE E 99 -42.83 44.99 16.19
CA PHE E 99 -43.73 46.12 16.04
C PHE E 99 -44.67 45.92 14.85
N PRO E 100 -45.62 44.96 14.96
CA PRO E 100 -46.37 44.52 13.79
C PRO E 100 -47.13 45.64 13.04
N GLU E 101 -47.37 46.76 13.74
CA GLU E 101 -48.17 47.87 13.23
C GLU E 101 -47.37 48.94 12.50
N ALA E 102 -46.06 48.98 12.71
CA ALA E 102 -45.19 49.99 12.11
C ALA E 102 -45.00 49.78 10.62
N PRO E 103 -45.43 50.76 9.79
CA PRO E 103 -45.18 50.66 8.36
C PRO E 103 -43.69 50.82 8.04
N ILE E 104 -43.26 50.23 6.93
CA ILE E 104 -41.89 50.38 6.46
C ILE E 104 -41.82 51.50 5.41
N TYR E 105 -40.93 52.46 5.64
CA TYR E 105 -40.81 53.62 4.77
C TYR E 105 -39.52 53.54 3.98
N CYS E 106 -39.66 53.51 2.66
CA CYS E 106 -38.50 53.43 1.76
C CYS E 106 -38.91 53.83 0.35
N THR E 107 -37.90 54.02 -0.50
CA THR E 107 -38.09 54.30 -1.93
C THR E 107 -38.82 53.14 -2.61
N GLU E 108 -39.34 53.40 -3.79
CA GLU E 108 -40.05 52.41 -4.59
C GLU E 108 -39.13 51.26 -5.01
N VAL E 109 -37.91 51.62 -5.44
CA VAL E 109 -36.91 50.63 -5.86
C VAL E 109 -36.57 49.70 -4.69
N ALA E 110 -36.43 50.27 -3.50
CA ALA E 110 -36.11 49.52 -2.28
C ALA E 110 -37.06 48.35 -1.99
N VAL E 111 -38.35 48.54 -2.29
CA VAL E 111 -39.32 47.53 -1.95
C VAL E 111 -38.96 46.21 -2.63
N LYS E 112 -38.66 46.27 -3.92
CA LYS E 112 -38.26 45.10 -4.69
C LYS E 112 -36.96 44.47 -4.14
N GLY E 113 -35.98 45.30 -3.81
CA GLY E 113 -34.73 44.83 -3.19
C GLY E 113 -34.95 44.21 -1.82
N LEU E 114 -35.71 44.88 -0.96
CA LEU E 114 -36.08 44.40 0.37
C LEU E 114 -36.96 43.15 0.36
N LEU E 115 -37.79 43.01 -0.67
CA LEU E 115 -38.59 41.79 -0.83
C LEU E 115 -37.82 40.58 -1.35
N LYS E 116 -36.72 40.84 -2.07
CA LYS E 116 -35.85 39.76 -2.59
C LYS E 116 -34.92 39.24 -1.49
N HIS E 117 -34.49 40.12 -0.58
CA HIS E 117 -33.70 39.73 0.58
C HIS E 117 -34.52 38.96 1.62
N TYR E 118 -35.70 39.49 1.94
CA TYR E 118 -36.53 38.97 3.02
C TYR E 118 -37.97 38.75 2.51
N PRO E 119 -38.21 37.60 1.83
CA PRO E 119 -39.49 37.27 1.23
C PRO E 119 -40.68 37.17 2.20
N SER E 120 -40.41 36.91 3.48
CA SER E 120 -41.47 36.85 4.50
C SER E 120 -42.12 38.23 4.81
N LEU E 121 -41.54 39.29 4.24
CA LEU E 121 -42.11 40.64 4.34
C LEU E 121 -43.12 40.97 3.23
N ARG E 122 -43.67 39.96 2.56
CA ARG E 122 -44.76 40.22 1.61
C ARG E 122 -45.99 40.80 2.31
N GLU E 123 -46.36 40.24 3.46
CA GLU E 123 -47.54 40.70 4.22
C GLU E 123 -47.35 42.09 4.84
N ALA E 124 -46.09 42.53 4.94
CA ALA E 124 -45.75 43.84 5.52
C ALA E 124 -46.37 45.02 4.77
N GLU E 125 -46.70 46.07 5.52
CA GLU E 125 -47.18 47.31 4.94
C GLU E 125 -45.98 48.16 4.61
N PHE E 126 -45.93 48.64 3.38
CA PHE E 126 -44.89 49.57 2.96
C PHE E 126 -45.51 50.91 2.59
N MET E 127 -44.84 51.99 2.99
CA MET E 127 -45.15 53.30 2.47
C MET E 127 -43.98 53.73 1.59
N THR E 128 -44.20 53.62 0.28
CA THR E 128 -43.30 54.16 -0.72
C THR E 128 -43.21 55.68 -0.55
N VAL E 129 -41.99 56.22 -0.58
CA VAL E 129 -41.80 57.68 -0.64
C VAL E 129 -40.83 58.11 -1.77
N LYS E 130 -41.07 59.32 -2.28
CA LYS E 130 -40.21 59.98 -3.26
C LYS E 130 -39.78 61.34 -2.71
N THR E 131 -38.87 62.02 -3.41
CA THR E 131 -38.36 63.34 -3.01
C THR E 131 -39.47 64.36 -2.77
N GLY E 132 -39.44 64.99 -1.60
CA GLY E 132 -40.45 65.98 -1.21
C GLY E 132 -41.45 65.46 -0.18
N ASP E 133 -41.77 64.17 -0.24
CA ASP E 133 -42.66 63.50 0.71
C ASP E 133 -42.27 63.78 2.16
N VAL E 134 -43.27 63.84 3.03
CA VAL E 134 -43.08 64.21 4.44
C VAL E 134 -43.77 63.22 5.39
N LEU E 135 -43.08 62.86 6.47
CA LEU E 135 -43.65 62.06 7.54
C LEU E 135 -43.67 62.86 8.84
N ASP E 136 -44.86 63.28 9.26
CA ASP E 136 -45.03 64.08 10.47
C ASP E 136 -45.02 63.22 11.74
N LEU E 137 -44.15 63.57 12.69
CA LEU E 137 -44.03 62.84 13.96
C LEU E 137 -44.66 63.57 15.14
N GLY E 138 -44.96 64.85 14.97
CA GLY E 138 -45.54 65.67 16.05
C GLY E 138 -44.47 66.57 16.62
N GLY E 139 -44.39 67.78 16.07
CA GLY E 139 -43.33 68.73 16.43
C GLY E 139 -42.03 68.44 15.70
N LYS E 140 -41.94 67.27 15.09
CA LYS E 140 -40.79 66.86 14.28
C LYS E 140 -41.29 66.27 12.96
N THR E 141 -40.58 66.57 11.88
CA THR E 141 -40.98 66.07 10.58
C THR E 141 -39.78 65.56 9.81
N LEU E 142 -39.94 64.37 9.23
CA LEU E 142 -38.95 63.71 8.40
C LEU E 142 -39.26 63.97 6.93
N THR E 143 -38.28 64.51 6.22
CA THR E 143 -38.39 64.82 4.79
C THR E 143 -37.48 63.87 4.02
N PHE E 144 -38.02 63.29 2.95
CA PHE E 144 -37.32 62.28 2.20
C PHE E 144 -36.74 62.85 0.92
N LEU E 145 -35.51 62.46 0.62
CA LEU E 145 -34.80 62.89 -0.59
C LEU E 145 -34.14 61.68 -1.25
N GLU E 146 -34.66 61.30 -2.41
CA GLU E 146 -34.13 60.17 -3.15
C GLU E 146 -32.72 60.48 -3.58
N THR E 147 -31.84 59.50 -3.42
CA THR E 147 -30.45 59.63 -3.84
C THR E 147 -30.05 58.35 -4.57
N PRO E 148 -30.60 58.14 -5.78
CA PRO E 148 -30.25 56.90 -6.47
C PRO E 148 -28.78 56.89 -6.94
N LEU E 149 -28.18 55.70 -6.93
CA LEU E 149 -26.77 55.51 -7.25
C LEU E 149 -25.88 56.31 -6.29
N LEU E 150 -26.34 56.43 -5.03
CA LEU E 150 -25.63 57.21 -4.00
C LEU E 150 -25.69 56.56 -2.58
N HIS E 151 -25.20 55.33 -2.44
CA HIS E 151 -24.41 54.63 -3.47
C HIS E 151 -25.15 53.50 -4.23
N TRP E 152 -26.46 53.36 -3.96
CA TRP E 152 -27.31 52.33 -4.58
C TRP E 152 -28.62 52.93 -5.13
N PRO E 153 -29.18 52.35 -6.23
CA PRO E 153 -30.49 52.71 -6.82
C PRO E 153 -31.66 52.86 -5.82
N ASP E 154 -31.60 52.15 -4.71
CA ASP E 154 -32.63 52.20 -3.67
C ASP E 154 -32.38 53.25 -2.57
N SER E 155 -31.26 53.97 -2.68
CA SER E 155 -30.85 54.91 -1.63
C SER E 155 -31.61 56.24 -1.60
N MET E 156 -31.76 56.76 -0.39
CA MET E 156 -32.33 58.06 -0.13
C MET E 156 -31.70 58.61 1.16
N PHE E 157 -31.77 59.92 1.36
CA PHE E 157 -31.45 60.54 2.65
C PHE E 157 -32.75 60.77 3.41
N THR E 158 -32.67 60.99 4.73
CA THR E 158 -33.79 61.53 5.51
C THR E 158 -33.36 62.80 6.23
N LEU E 159 -34.18 63.83 6.14
CA LEU E 159 -33.89 65.09 6.82
C LEU E 159 -34.95 65.42 7.88
N LEU E 160 -34.49 65.44 9.13
CA LEU E 160 -35.26 65.98 10.23
C LEU E 160 -35.13 67.52 10.21
N ASP E 161 -36.18 68.18 9.76
CA ASP E 161 -36.12 69.62 9.46
C ASP E 161 -35.79 70.48 10.68
N GLU E 162 -36.65 70.43 11.69
CA GLU E 162 -36.56 71.29 12.86
C GLU E 162 -35.22 71.23 13.57
N ASP E 163 -34.61 70.04 13.59
CA ASP E 163 -33.29 69.84 14.23
C ASP E 163 -32.09 70.02 13.28
N GLY E 164 -32.35 70.02 11.96
CA GLY E 164 -31.28 70.12 10.98
C GLY E 164 -30.33 68.93 10.96
N ILE E 165 -30.85 67.74 11.22
CA ILE E 165 -30.09 66.49 11.12
C ILE E 165 -30.31 65.75 9.81
N LEU E 166 -29.28 65.69 8.97
CA LEU E 166 -29.29 64.83 7.78
C LEU E 166 -28.91 63.38 8.14
N PHE E 167 -29.84 62.44 7.92
CA PHE E 167 -29.54 61.00 7.99
C PHE E 167 -29.22 60.54 6.55
N SER E 168 -27.93 60.29 6.31
CA SER E 168 -27.41 60.28 4.96
C SER E 168 -27.02 58.90 4.44
N ASN E 169 -27.36 57.87 5.23
CA ASN E 169 -26.86 56.48 5.06
C ASN E 169 -25.33 56.39 4.85
N ASP E 170 -24.87 55.66 3.83
CA ASP E 170 -23.44 55.49 3.59
C ASP E 170 -22.68 56.80 3.29
N ALA E 171 -23.33 57.75 2.60
CA ALA E 171 -22.72 59.04 2.31
C ALA E 171 -22.14 59.66 3.59
N PHE E 172 -20.90 60.15 3.51
CA PHE E 172 -20.24 60.83 4.63
C PHE E 172 -19.85 59.88 5.75
N GLY E 173 -20.06 58.58 5.52
CA GLY E 173 -19.80 57.61 6.54
C GLY E 173 -18.31 57.34 6.63
N GLN E 174 -17.88 56.71 7.72
CA GLN E 174 -16.51 56.21 7.87
C GLN E 174 -16.55 54.92 8.66
N HIS E 175 -15.68 53.97 8.31
CA HIS E 175 -15.62 52.73 9.03
C HIS E 175 -14.70 52.86 10.22
N LEU E 176 -15.31 53.28 11.35
CA LEU E 176 -14.62 53.41 12.65
C LEU E 176 -15.52 52.88 13.74
N CYS E 177 -14.91 52.24 14.73
CA CYS E 177 -15.63 51.79 15.94
C CYS E 177 -15.01 52.36 17.21
N CYS E 178 -15.61 53.44 17.70
CA CYS E 178 -15.16 54.10 18.94
C CYS E 178 -16.34 54.20 19.91
N PRO E 179 -16.04 54.35 21.21
CA PRO E 179 -17.06 54.62 22.23
C PRO E 179 -17.70 56.00 22.05
N GLN E 180 -16.95 56.93 21.45
CA GLN E 180 -17.44 58.28 21.16
C GLN E 180 -18.25 58.29 19.85
N ARG E 181 -19.34 59.04 19.82
CA ARG E 181 -20.25 59.02 18.68
C ARG E 181 -20.12 60.22 17.75
N LEU E 182 -19.49 61.28 18.26
CA LEU E 182 -19.41 62.53 17.51
C LEU E 182 -18.04 62.72 16.89
N ASP E 183 -18.02 63.40 15.74
CA ASP E 183 -16.77 63.73 15.02
C ASP E 183 -15.71 64.38 15.92
N ARG E 184 -16.15 65.30 16.78
CA ARG E 184 -15.25 66.17 17.56
C ARG E 184 -14.57 65.47 18.75
N GLU E 185 -14.90 64.20 18.97
CA GLU E 185 -14.50 63.49 20.18
C GLU E 185 -13.33 62.53 19.98
N ILE E 186 -12.88 62.44 18.73
CA ILE E 186 -11.78 61.56 18.32
C ILE E 186 -10.71 62.39 17.57
N PRO E 187 -9.49 61.84 17.36
CA PRO E 187 -8.49 62.65 16.64
C PRO E 187 -8.88 62.90 15.19
N GLU E 188 -8.71 64.13 14.72
CA GLU E 188 -9.13 64.49 13.38
C GLU E 188 -8.32 63.79 12.29
N TYR E 189 -7.09 63.38 12.59
CA TYR E 189 -6.37 62.54 11.63
C TYR E 189 -7.16 61.26 11.37
N ILE E 190 -7.45 60.52 12.44
CA ILE E 190 -8.16 59.24 12.39
C ILE E 190 -9.51 59.35 11.68
N LEU E 191 -10.23 60.41 12.00
CA LEU E 191 -11.56 60.67 11.42
C LEU E 191 -11.46 60.97 9.93
N MET E 192 -10.58 61.88 9.56
CA MET E 192 -10.44 62.28 8.18
C MET E 192 -9.79 61.22 7.33
N ASP E 193 -8.81 60.49 7.87
CA ASP E 193 -8.27 59.36 7.10
C ASP E 193 -9.27 58.22 6.87
N ALA E 194 -10.22 58.05 7.80
CA ALA E 194 -11.30 57.08 7.59
C ALA E 194 -12.36 57.60 6.62
N ALA E 195 -12.62 58.90 6.63
CA ALA E 195 -13.58 59.44 5.65
C ALA E 195 -12.99 59.40 4.23
N ARG E 196 -11.70 59.68 4.13
CA ARG E 196 -10.91 59.61 2.90
C ARG E 196 -10.96 58.22 2.24
N LYS E 197 -10.72 57.18 3.04
CA LYS E 197 -10.77 55.80 2.58
C LYS E 197 -12.18 55.38 2.17
N PHE E 198 -13.17 55.83 2.92
CA PHE E 198 -14.55 55.48 2.62
C PHE E 198 -14.87 56.03 1.23
N TYR E 199 -14.58 57.32 1.03
CA TYR E 199 -14.77 57.97 -0.26
C TYR E 199 -14.04 57.24 -1.39
N ALA E 200 -12.74 57.03 -1.20
CA ALA E 200 -11.89 56.44 -2.22
C ALA E 200 -12.41 55.12 -2.75
N ASN E 201 -12.90 54.28 -1.84
CA ASN E 201 -13.36 52.92 -2.14
C ASN E 201 -14.84 52.81 -2.54
N LEU E 202 -15.66 53.78 -2.15
CA LEU E 202 -17.12 53.67 -2.34
C LEU E 202 -17.77 54.79 -3.17
N ILE E 203 -17.19 55.99 -3.16
CA ILE E 203 -17.82 57.16 -3.78
C ILE E 203 -17.13 57.61 -5.07
N THR E 204 -15.85 57.28 -5.22
CA THR E 204 -15.10 57.68 -6.40
C THR E 204 -15.91 57.62 -7.71
N PRO E 205 -16.51 56.43 -8.03
CA PRO E 205 -17.22 56.38 -9.32
C PRO E 205 -18.47 57.27 -9.35
N LEU E 206 -18.96 57.66 -8.18
CA LEU E 206 -20.17 58.46 -8.07
C LEU E 206 -19.92 59.97 -8.02
N SER E 207 -18.66 60.38 -8.22
CA SER E 207 -18.23 61.76 -8.04
C SER E 207 -19.05 62.81 -8.80
N LYS E 208 -19.35 62.51 -10.07
CA LYS E 208 -20.23 63.36 -10.88
C LYS E 208 -21.65 63.46 -10.26
N LEU E 209 -22.21 62.33 -9.82
CA LEU E 209 -23.53 62.32 -9.17
C LEU E 209 -23.51 63.07 -7.84
N VAL E 210 -22.40 62.99 -7.11
CA VAL E 210 -22.23 63.65 -5.82
C VAL E 210 -22.40 65.16 -5.94
N LEU E 211 -21.71 65.75 -6.92
CA LEU E 211 -21.75 67.20 -7.16
C LEU E 211 -23.14 67.67 -7.62
N LYS E 212 -23.81 66.82 -8.42
CA LYS E 212 -25.17 67.11 -8.87
C LYS E 212 -26.17 67.05 -7.71
N LYS E 213 -25.93 66.15 -6.77
CA LYS E 213 -26.74 66.05 -5.58
C LYS E 213 -26.58 67.29 -4.69
N PHE E 214 -25.36 67.79 -4.56
CA PHE E 214 -25.08 68.99 -3.77
C PHE E 214 -25.78 70.22 -4.36
N ASP E 215 -26.06 70.17 -5.66
CA ASP E 215 -26.75 71.26 -6.35
C ASP E 215 -28.27 71.16 -6.21
N GLU E 216 -28.81 69.95 -6.19
CA GLU E 216 -30.23 69.74 -5.91
C GLU E 216 -30.52 70.03 -4.44
N VAL E 217 -29.55 69.73 -3.57
CA VAL E 217 -29.62 70.07 -2.16
C VAL E 217 -29.67 71.60 -1.96
N LYS E 218 -28.81 72.33 -2.70
CA LYS E 218 -28.84 73.80 -2.73
C LYS E 218 -30.13 74.36 -3.35
N GLU E 219 -30.56 73.74 -4.46
CA GLU E 219 -31.81 74.08 -5.17
C GLU E 219 -32.99 74.15 -4.20
N LEU E 220 -33.21 73.07 -3.46
CA LEU E 220 -34.33 72.96 -2.52
C LEU E 220 -34.09 73.75 -1.23
N GLY E 221 -32.89 74.33 -1.11
CA GLY E 221 -32.54 75.19 0.02
C GLY E 221 -32.44 74.47 1.35
N LEU E 222 -31.75 73.34 1.34
CA LEU E 222 -31.67 72.48 2.52
C LEU E 222 -30.29 72.54 3.16
N LEU E 223 -29.30 72.96 2.40
CA LEU E 223 -27.90 72.95 2.85
C LEU E 223 -27.62 73.98 3.95
N GLU E 224 -28.46 75.01 4.03
CA GLU E 224 -28.28 76.04 5.05
C GLU E 224 -28.88 75.63 6.39
N ARG E 225 -29.83 74.71 6.36
CA ARG E 225 -30.46 74.22 7.59
C ARG E 225 -29.72 73.01 8.18
N ILE E 226 -28.80 72.42 7.41
CA ILE E 226 -28.05 71.26 7.89
C ILE E 226 -27.04 71.68 8.97
N GLN E 227 -27.38 71.32 10.21
CA GLN E 227 -26.56 71.55 11.39
C GLN E 227 -25.72 70.30 11.73
N MET E 228 -26.16 69.14 11.23
CA MET E 228 -25.56 67.86 11.60
C MET E 228 -25.78 66.78 10.52
N ILE E 229 -24.76 65.98 10.26
CA ILE E 229 -24.87 64.86 9.33
C ILE E 229 -24.68 63.56 10.08
N ALA E 230 -25.66 62.68 10.00
CA ALA E 230 -25.68 61.44 10.79
C ALA E 230 -25.61 60.20 9.89
N PRO E 231 -24.38 59.72 9.57
CA PRO E 231 -24.26 58.69 8.55
C PRO E 231 -24.43 57.32 9.17
N SER E 232 -24.45 56.26 8.36
CA SER E 232 -24.78 54.95 8.89
C SER E 232 -23.57 54.12 9.37
N HIS E 233 -22.37 54.69 9.20
CA HIS E 233 -21.13 54.08 9.70
C HIS E 233 -20.30 55.19 10.30
N GLY E 234 -19.77 54.97 11.48
CA GLY E 234 -18.83 55.90 12.11
C GLY E 234 -19.44 57.06 12.87
N GLN E 235 -18.77 58.21 12.78
CA GLN E 235 -19.07 59.34 13.63
C GLN E 235 -20.15 60.24 13.08
N ILE E 236 -20.93 60.83 13.97
CA ILE E 236 -21.84 61.90 13.60
C ILE E 236 -21.06 63.20 13.42
N TRP E 237 -21.31 63.91 12.32
CA TRP E 237 -20.67 65.20 12.04
C TRP E 237 -21.42 66.36 12.69
N THR E 238 -20.87 66.88 13.78
CA THR E 238 -21.33 68.16 14.34
C THR E 238 -20.73 69.34 13.56
N ASP E 239 -19.86 69.03 12.62
CA ASP E 239 -19.33 70.04 11.71
C ASP E 239 -19.53 69.53 10.28
N PRO E 240 -20.77 69.67 9.78
CA PRO E 240 -21.19 69.07 8.50
C PRO E 240 -20.39 69.64 7.34
N MET E 241 -20.05 70.92 7.42
CA MET E 241 -19.31 71.61 6.39
C MET E 241 -17.91 71.07 6.15
N LYS E 242 -17.25 70.55 7.19
CA LYS E 242 -15.92 69.92 7.06
C LYS E 242 -15.97 68.78 6.04
N ILE E 243 -16.84 67.81 6.26
CA ILE E 243 -17.00 66.69 5.30
C ILE E 243 -17.63 67.06 3.94
N ILE E 244 -18.60 67.96 3.92
CA ILE E 244 -19.18 68.37 2.62
C ILE E 244 -18.08 68.99 1.78
N GLU E 245 -17.28 69.87 2.39
CA GLU E 245 -16.10 70.47 1.75
C GLU E 245 -15.08 69.44 1.28
N ALA E 246 -14.87 68.41 2.09
CA ALA E 246 -13.94 67.33 1.77
C ALA E 246 -14.43 66.55 0.55
N TYR E 247 -15.73 66.26 0.56
CA TYR E 247 -16.40 65.58 -0.54
C TYR E 247 -16.31 66.34 -1.87
N THR E 248 -16.54 67.66 -1.81
CA THR E 248 -16.40 68.54 -2.96
C THR E 248 -14.97 68.50 -3.50
N GLY E 249 -13.99 68.45 -2.60
CA GLY E 249 -12.60 68.37 -3.01
C GLY E 249 -12.28 67.06 -3.70
N TRP E 250 -12.68 65.96 -3.07
CA TRP E 250 -12.40 64.62 -3.57
C TRP E 250 -13.10 64.40 -4.91
N ALA E 251 -14.32 64.93 -5.04
CA ALA E 251 -15.10 64.78 -6.26
C ALA E 251 -14.61 65.64 -7.44
N THR E 252 -13.74 66.62 -7.19
CA THR E 252 -13.30 67.52 -8.25
C THR E 252 -11.80 67.40 -8.53
N GLY E 253 -11.14 66.51 -7.81
CA GLY E 253 -9.77 66.14 -8.06
C GLY E 253 -8.71 67.01 -7.45
N MET E 254 -8.99 67.57 -6.27
CA MET E 254 -8.09 68.57 -5.66
C MET E 254 -6.61 68.14 -5.48
N VAL E 255 -6.33 67.25 -4.54
CA VAL E 255 -4.96 66.70 -4.30
C VAL E 255 -3.77 67.64 -4.03
N ASP E 256 -2.98 67.28 -3.01
CA ASP E 256 -1.62 67.81 -2.82
C ASP E 256 -0.68 67.19 -3.86
N GLU E 257 0.59 67.61 -3.86
CA GLU E 257 1.59 67.01 -4.72
C GLU E 257 2.03 65.65 -4.18
N ARG E 258 1.55 64.59 -4.82
CA ARG E 258 1.81 63.22 -4.35
C ARG E 258 1.89 62.21 -5.49
N VAL E 259 2.90 61.33 -5.41
CA VAL E 259 3.06 60.21 -6.32
C VAL E 259 2.92 58.93 -5.50
N THR E 260 2.09 58.00 -5.98
CA THR E 260 1.99 56.69 -5.36
C THR E 260 2.58 55.63 -6.27
N VAL E 261 3.54 54.90 -5.72
CA VAL E 261 4.32 53.86 -6.39
C VAL E 261 3.79 52.50 -5.92
N ILE E 262 3.25 51.72 -6.86
CA ILE E 262 2.65 50.42 -6.56
C ILE E 262 3.42 49.40 -7.42
N TYR E 263 3.78 48.27 -6.83
CA TYR E 263 4.58 47.28 -7.54
C TYR E 263 4.46 45.88 -6.93
N ASP E 264 4.73 44.86 -7.74
CA ASP E 264 5.01 43.55 -7.21
C ASP E 264 6.27 42.97 -7.84
N THR E 265 6.85 41.99 -7.18
CA THR E 265 8.10 41.39 -7.60
C THR E 265 8.22 39.91 -7.21
N MET E 266 9.01 39.18 -7.99
CA MET E 266 9.36 37.80 -7.65
C MET E 266 10.80 37.74 -7.13
N HIS E 267 11.78 38.16 -7.94
CA HIS E 267 13.20 38.06 -7.55
C HIS E 267 13.84 39.39 -7.16
N GLY E 268 13.05 40.45 -7.05
CA GLY E 268 13.54 41.71 -6.49
C GLY E 268 13.94 42.83 -7.43
N SER E 269 13.93 42.57 -8.74
CA SER E 269 14.42 43.55 -9.72
C SER E 269 13.45 44.69 -9.93
N THR E 270 12.15 44.40 -9.89
CA THR E 270 11.16 45.46 -10.01
C THR E 270 11.13 46.33 -8.74
N ARG E 271 11.31 45.68 -7.60
CA ARG E 271 11.55 46.35 -6.33
C ARG E 271 12.72 47.37 -6.38
N LYS E 272 13.89 46.98 -6.88
CA LYS E 272 14.96 47.98 -7.11
C LYS E 272 14.47 49.14 -7.98
N MET E 273 13.71 48.84 -9.02
CA MET E 273 13.21 49.84 -9.95
C MET E 273 12.27 50.84 -9.28
N ALA E 274 11.35 50.31 -8.45
CA ALA E 274 10.35 51.11 -7.72
C ALA E 274 11.01 52.03 -6.71
N HIS E 275 11.94 51.48 -5.95
CA HIS E 275 12.74 52.26 -5.03
C HIS E 275 13.42 53.51 -5.65
N ALA E 276 14.01 53.35 -6.83
CA ALA E 276 14.65 54.47 -7.54
C ALA E 276 13.63 55.42 -8.17
N ILE E 277 12.51 54.88 -8.65
CA ILE E 277 11.35 55.72 -9.05
C ILE E 277 10.90 56.59 -7.88
N ALA E 278 10.80 55.98 -6.69
CA ALA E 278 10.45 56.70 -5.47
C ALA E 278 11.46 57.77 -5.08
N GLU E 279 12.75 57.52 -5.31
CA GLU E 279 13.80 58.51 -5.03
C GLU E 279 13.72 59.69 -5.99
N GLY E 280 13.41 59.38 -7.25
CA GLY E 280 13.22 60.39 -8.28
C GLY E 280 12.16 61.37 -7.86
N ALA E 281 10.99 60.84 -7.50
CA ALA E 281 9.86 61.67 -7.07
C ALA E 281 10.13 62.46 -5.79
N MET E 282 10.89 61.88 -4.86
CA MET E 282 11.24 62.55 -3.62
C MET E 282 12.18 63.73 -3.82
N SER E 283 13.09 63.62 -4.79
CA SER E 283 14.08 64.67 -5.10
C SER E 283 13.41 65.97 -5.53
N GLU E 284 12.20 65.84 -6.08
CA GLU E 284 11.38 66.97 -6.51
C GLU E 284 10.56 67.59 -5.37
N GLY E 285 10.65 67.04 -4.17
CA GLY E 285 10.01 67.64 -2.99
C GLY E 285 8.55 67.25 -2.85
N VAL E 286 8.16 66.20 -3.55
CA VAL E 286 6.78 65.73 -3.58
C VAL E 286 6.59 64.64 -2.54
N ASP E 287 5.41 64.56 -1.92
CA ASP E 287 5.08 63.43 -1.05
C ASP E 287 5.03 62.13 -1.87
N VAL E 288 5.59 61.07 -1.31
CA VAL E 288 5.61 59.76 -1.95
C VAL E 288 5.20 58.67 -0.97
N ARG E 289 4.45 57.70 -1.49
CA ARG E 289 4.06 56.52 -0.73
C ARG E 289 4.43 55.35 -1.63
N VAL E 290 4.89 54.26 -1.02
CA VAL E 290 5.22 53.05 -1.76
C VAL E 290 4.43 51.85 -1.24
N TYR E 291 3.77 51.14 -2.16
CA TYR E 291 3.05 49.90 -1.84
C TYR E 291 3.57 48.66 -2.60
N CYS E 292 3.60 47.53 -1.92
CA CYS E 292 3.85 46.23 -2.56
C CYS E 292 2.58 45.40 -2.47
N LEU E 293 2.11 44.91 -3.62
CA LEU E 293 0.87 44.14 -3.69
C LEU E 293 0.93 42.76 -3.01
N HIS E 294 2.12 42.22 -2.84
CA HIS E 294 2.31 41.00 -2.05
C HIS E 294 1.81 41.20 -0.60
N GLU E 295 2.09 42.36 -0.04
CA GLU E 295 1.83 42.67 1.37
C GLU E 295 0.65 43.62 1.63
N ASP E 296 0.28 44.46 0.64
CA ASP E 296 -0.60 45.61 0.90
C ASP E 296 -2.01 45.50 0.31
N ASP E 297 -2.98 46.12 0.99
CA ASP E 297 -4.41 46.01 0.65
C ASP E 297 -4.87 46.98 -0.45
N ARG E 298 -5.72 46.51 -1.36
CA ARG E 298 -6.22 47.35 -2.45
C ARG E 298 -7.02 48.54 -1.95
N SER E 299 -7.70 48.39 -0.82
CA SER E 299 -8.48 49.48 -0.23
C SER E 299 -7.60 50.62 0.34
N GLU E 300 -6.42 50.28 0.84
CA GLU E 300 -5.50 51.26 1.37
C GLU E 300 -4.76 51.97 0.24
N ILE E 301 -4.47 51.20 -0.82
CA ILE E 301 -3.72 51.70 -1.96
C ILE E 301 -4.57 52.76 -2.66
N VAL E 302 -5.84 52.44 -2.79
CA VAL E 302 -6.81 53.27 -3.49
C VAL E 302 -7.08 54.56 -2.72
N LYS E 303 -7.00 54.49 -1.39
CA LYS E 303 -7.09 55.69 -0.55
C LYS E 303 -6.03 56.75 -0.91
N ASP E 304 -4.81 56.29 -1.17
CA ASP E 304 -3.73 57.20 -1.55
C ASP E 304 -3.79 57.64 -3.01
N ILE E 305 -4.24 56.76 -3.90
CA ILE E 305 -4.50 57.16 -5.28
C ILE E 305 -5.43 58.38 -5.31
N LEU E 306 -6.43 58.43 -4.42
CA LEU E 306 -7.35 59.55 -4.34
C LEU E 306 -6.63 60.87 -4.10
N GLU E 307 -5.54 60.82 -3.35
CA GLU E 307 -4.79 62.01 -2.97
C GLU E 307 -3.53 62.18 -3.81
N SER E 308 -3.43 61.40 -4.90
CA SER E 308 -2.23 61.42 -5.73
C SER E 308 -2.54 62.04 -7.08
N GLY E 309 -1.61 62.83 -7.59
CA GLY E 309 -1.70 63.36 -8.96
C GLY E 309 -1.15 62.37 -9.99
N ALA E 310 -0.35 61.43 -9.51
CA ALA E 310 0.26 60.45 -10.39
C ALA E 310 0.46 59.12 -9.68
N ILE E 311 0.60 58.04 -10.45
CA ILE E 311 1.01 56.75 -9.90
C ILE E 311 2.11 56.14 -10.76
N ALA E 312 2.78 55.16 -10.20
CA ALA E 312 3.71 54.34 -10.94
C ALA E 312 3.29 52.93 -10.57
N LEU E 313 3.08 52.08 -11.57
CA LEU E 313 2.73 50.68 -11.35
C LEU E 313 3.72 49.73 -12.07
N GLY E 314 4.28 48.80 -11.30
CA GLY E 314 5.30 47.90 -11.81
C GLY E 314 5.05 46.43 -11.48
N ALA E 315 5.43 45.54 -12.39
CA ALA E 315 5.31 44.11 -12.23
C ALA E 315 6.24 43.43 -13.21
N PRO E 316 6.84 42.30 -12.80
CA PRO E 316 7.60 41.49 -13.74
C PRO E 316 6.67 40.80 -14.73
N THR E 317 7.22 40.32 -15.84
CA THR E 317 6.36 39.60 -16.76
C THR E 317 6.52 38.10 -16.50
N ILE E 318 5.37 37.44 -16.42
CA ILE E 318 5.26 35.98 -16.29
C ILE E 318 4.55 35.50 -17.56
N TYR E 319 5.18 34.59 -18.29
CA TYR E 319 4.58 34.02 -19.50
C TYR E 319 3.77 35.07 -20.27
N ASP E 320 4.42 36.21 -20.57
CA ASP E 320 3.86 37.31 -21.39
C ASP E 320 2.77 38.19 -20.77
N GLU E 321 2.59 38.10 -19.45
CA GLU E 321 1.56 38.85 -18.71
C GLU E 321 2.19 39.54 -17.51
N PRO E 322 1.49 40.54 -16.94
CA PRO E 322 2.01 41.09 -15.67
C PRO E 322 1.86 40.04 -14.60
N TYR E 323 2.72 40.06 -13.59
CA TYR E 323 2.51 39.25 -12.39
C TYR E 323 1.05 39.45 -12.04
N PRO E 324 0.30 38.36 -11.79
CA PRO E 324 -1.18 38.41 -11.71
C PRO E 324 -1.83 39.33 -10.65
N SER E 325 -1.14 39.60 -9.54
CA SER E 325 -1.70 40.42 -8.43
C SER E 325 -2.15 41.79 -8.93
N VAL E 326 -1.36 42.33 -9.84
CA VAL E 326 -1.63 43.59 -10.51
C VAL E 326 -2.99 43.54 -11.22
N GLY E 327 -3.44 42.34 -11.57
CA GLY E 327 -4.71 42.16 -12.25
C GLY E 327 -5.91 42.45 -11.37
N ASP E 328 -5.73 42.20 -10.06
CA ASP E 328 -6.74 42.46 -9.04
C ASP E 328 -6.96 43.98 -8.91
N LEU E 329 -5.88 44.70 -8.60
CA LEU E 329 -5.93 46.16 -8.54
C LEU E 329 -6.59 46.80 -9.78
N LEU E 330 -6.14 46.38 -10.96
CA LEU E 330 -6.57 47.00 -12.19
C LEU E 330 -8.05 46.84 -12.47
N MET E 331 -8.64 45.72 -12.03
CA MET E 331 -10.06 45.49 -12.21
C MET E 331 -10.88 46.30 -11.20
N TYR E 332 -10.31 46.49 -10.02
CA TYR E 332 -10.88 47.38 -9.01
C TYR E 332 -10.92 48.82 -9.56
N LEU E 333 -9.79 49.32 -10.05
CA LEU E 333 -9.69 50.66 -10.61
C LEU E 333 -10.59 50.87 -11.83
N ARG E 334 -10.86 49.79 -12.56
CA ARG E 334 -11.75 49.87 -13.71
C ARG E 334 -13.17 50.18 -13.21
N GLY E 335 -13.51 49.66 -12.03
CA GLY E 335 -14.79 49.95 -11.39
C GLY E 335 -14.85 51.33 -10.78
N LEU E 336 -13.81 51.71 -10.05
CA LEU E 336 -13.73 53.03 -9.40
C LEU E 336 -13.71 54.26 -10.35
N LYS E 337 -13.12 54.12 -11.53
CA LYS E 337 -13.06 55.21 -12.52
C LYS E 337 -12.63 56.57 -11.91
N PHE E 338 -11.40 56.59 -11.39
CA PHE E 338 -10.80 57.80 -10.84
C PHE E 338 -10.79 59.01 -11.80
N ASN E 339 -10.84 58.72 -13.10
CA ASN E 339 -10.98 59.75 -14.15
C ASN E 339 -12.22 60.63 -13.98
N ARG E 340 -13.20 60.17 -13.22
CA ARG E 340 -14.42 60.96 -12.97
C ARG E 340 -14.12 62.07 -12.00
N THR E 341 -13.02 61.95 -11.24
CA THR E 341 -12.50 63.07 -10.44
C THR E 341 -11.32 63.80 -11.12
N LEU E 342 -10.38 63.04 -11.67
CA LEU E 342 -9.18 63.62 -12.28
C LEU E 342 -8.43 62.53 -13.04
N THR E 343 -8.10 62.80 -14.30
CA THR E 343 -7.31 61.86 -15.10
C THR E 343 -5.88 61.99 -14.62
N ARG E 344 -5.42 60.98 -13.89
CA ARG E 344 -4.09 60.99 -13.29
C ARG E 344 -3.05 60.37 -14.22
N LYS E 345 -1.85 60.90 -14.16
CA LYS E 345 -0.69 60.39 -14.88
C LYS E 345 -0.30 59.03 -14.33
N ALA E 346 0.21 58.16 -15.19
CA ALA E 346 0.70 56.85 -14.76
C ALA E 346 2.06 56.56 -15.42
N LEU E 347 2.97 56.00 -14.63
CA LEU E 347 4.21 55.42 -15.12
C LEU E 347 4.11 53.90 -14.99
N VAL E 348 4.45 53.18 -16.04
CA VAL E 348 4.43 51.72 -16.01
C VAL E 348 5.87 51.23 -16.10
N PHE E 349 6.18 50.19 -15.35
CA PHE E 349 7.55 49.74 -15.25
C PHE E 349 7.61 48.31 -14.78
N GLY E 350 8.76 47.68 -15.00
CA GLY E 350 8.99 46.32 -14.55
C GLY E 350 10.19 45.70 -15.20
N SER E 351 10.68 44.62 -14.60
CA SER E 351 11.73 43.83 -15.19
C SER E 351 11.15 42.65 -15.99
N MET E 352 11.93 42.12 -16.93
CA MET E 352 11.53 40.99 -17.75
C MET E 352 12.71 40.16 -18.22
N GLY E 353 12.45 38.95 -18.69
CA GLY E 353 13.53 38.03 -19.04
C GLY E 353 13.68 37.75 -20.52
N GLY E 354 12.58 37.85 -21.26
CA GLY E 354 12.56 37.51 -22.68
C GLY E 354 11.95 38.60 -23.52
N ASN E 355 10.83 38.29 -24.14
CA ASN E 355 10.10 39.29 -24.93
C ASN E 355 9.54 40.48 -24.13
N GLY E 356 9.21 40.24 -22.85
CA GLY E 356 8.52 41.25 -22.04
C GLY E 356 7.01 41.11 -22.16
N GLY E 357 6.28 42.18 -21.88
CA GLY E 357 4.82 42.15 -22.01
C GLY E 357 3.95 42.65 -20.85
N ALA E 358 4.51 42.78 -19.65
CA ALA E 358 3.75 43.31 -18.52
C ALA E 358 3.45 44.81 -18.64
N THR E 359 4.40 45.58 -19.16
CA THR E 359 4.22 47.03 -19.25
C THR E 359 3.21 47.38 -20.34
N GLY E 360 3.25 46.64 -21.44
CA GLY E 360 2.26 46.79 -22.49
C GLY E 360 0.84 46.51 -22.03
N THR E 361 0.64 45.40 -21.33
CA THR E 361 -0.68 44.97 -20.82
C THR E 361 -1.25 45.90 -19.73
N MET E 362 -0.44 46.20 -18.72
CA MET E 362 -0.77 47.23 -17.71
C MET E 362 -1.15 48.60 -18.31
N LYS E 363 -0.43 49.01 -19.36
CA LYS E 363 -0.71 50.24 -20.10
C LYS E 363 -2.11 50.22 -20.68
N GLU E 364 -2.51 49.09 -21.28
CA GLU E 364 -3.89 48.91 -21.76
C GLU E 364 -4.91 49.06 -20.61
N LEU E 365 -4.74 48.28 -19.55
CA LEU E 365 -5.74 48.24 -18.48
C LEU E 365 -5.78 49.55 -17.68
N LEU E 366 -4.65 50.24 -17.54
CA LEU E 366 -4.64 51.60 -16.95
C LEU E 366 -5.39 52.64 -17.81
N ALA E 367 -5.25 52.54 -19.13
CA ALA E 367 -5.97 53.43 -20.04
C ALA E 367 -7.47 53.21 -19.85
N GLU E 368 -7.86 51.93 -19.79
CA GLU E 368 -9.24 51.54 -19.53
C GLU E 368 -9.78 52.01 -18.18
N ALA E 369 -8.92 51.98 -17.16
CA ALA E 369 -9.27 52.44 -15.82
C ALA E 369 -9.31 53.96 -15.68
N GLY E 370 -8.89 54.69 -16.72
CA GLY E 370 -8.94 56.17 -16.69
C GLY E 370 -7.66 56.87 -16.29
N PHE E 371 -6.53 56.25 -16.59
CA PHE E 371 -5.25 56.88 -16.33
C PHE E 371 -4.54 57.26 -17.63
N ASP E 372 -3.70 58.28 -17.54
CA ASP E 372 -2.90 58.76 -18.68
C ASP E 372 -1.48 58.19 -18.56
N VAL E 373 -1.20 57.09 -19.27
CA VAL E 373 0.14 56.52 -19.13
C VAL E 373 1.12 57.08 -20.15
N ALA E 374 1.94 58.00 -19.65
CA ALA E 374 3.06 58.58 -20.41
C ALA E 374 4.31 57.88 -19.90
N CYS E 375 5.07 57.32 -20.84
CA CYS E 375 6.24 56.49 -20.52
C CYS E 375 6.14 55.27 -19.60
N GLU E 376 7.15 54.43 -19.79
CA GLU E 376 7.31 53.17 -19.15
C GLU E 376 8.81 53.01 -19.00
N GLU E 377 9.23 52.23 -18.02
CA GLU E 377 10.63 51.83 -17.90
C GLU E 377 10.65 50.32 -17.86
N GLU E 378 11.33 49.71 -18.83
CA GLU E 378 11.50 48.26 -18.93
C GLU E 378 12.98 47.86 -18.80
N VAL E 379 13.23 46.75 -18.12
CA VAL E 379 14.59 46.31 -17.80
C VAL E 379 14.78 44.79 -17.99
N TYR E 380 15.88 44.41 -18.61
CA TYR E 380 16.28 43.00 -18.73
C TYR E 380 16.92 42.55 -17.42
N TYR E 381 16.26 41.62 -16.73
CA TYR E 381 16.68 41.12 -15.42
C TYR E 381 17.04 42.20 -14.40
N VAL E 382 18.26 42.14 -13.88
CA VAL E 382 18.71 43.02 -12.82
C VAL E 382 19.13 44.36 -13.42
N PRO E 383 18.59 45.47 -12.89
CA PRO E 383 19.02 46.81 -13.35
C PRO E 383 20.45 47.11 -12.99
N THR E 384 21.22 47.66 -13.94
CA THR E 384 22.52 48.26 -13.68
C THR E 384 22.35 49.67 -13.10
N GLY E 385 23.46 50.22 -12.62
CA GLY E 385 23.52 51.61 -12.14
C GLY E 385 22.85 52.56 -13.11
N ASP E 386 23.33 52.54 -14.36
CA ASP E 386 22.74 53.31 -15.46
C ASP E 386 21.22 53.17 -15.60
N GLU E 387 20.71 51.94 -15.55
CA GLU E 387 19.27 51.68 -15.62
C GLU E 387 18.58 52.17 -14.36
N LEU E 388 19.26 52.03 -13.22
CA LEU E 388 18.69 52.55 -11.97
C LEU E 388 18.58 54.06 -12.00
N ASP E 389 19.53 54.73 -12.66
CA ASP E 389 19.49 56.18 -12.83
C ASP E 389 18.36 56.61 -13.75
N ALA E 390 18.05 55.79 -14.75
CA ALA E 390 16.94 56.06 -15.66
C ALA E 390 15.58 55.92 -14.97
N CYS E 391 15.47 55.07 -13.97
CA CYS E 391 14.22 54.95 -13.17
C CYS E 391 14.04 56.16 -12.27
N PHE E 392 15.15 56.59 -11.67
CA PHE E 392 15.17 57.80 -10.87
C PHE E 392 14.68 58.98 -11.72
N GLU E 393 15.25 59.15 -12.91
CA GLU E 393 14.87 60.25 -13.77
C GLU E 393 13.39 60.21 -14.16
N ALA E 394 12.84 59.00 -14.32
CA ALA E 394 11.44 58.84 -14.71
C ALA E 394 10.51 59.16 -13.56
N GLY E 395 10.98 58.90 -12.33
CA GLY E 395 10.26 59.31 -11.12
C GLY E 395 10.31 60.82 -10.96
N ARG E 396 11.50 61.40 -11.19
CA ARG E 396 11.71 62.85 -11.19
C ARG E 396 10.77 63.55 -12.15
N LYS E 397 10.80 63.15 -13.41
CA LYS E 397 9.97 63.74 -14.47
C LYS E 397 8.47 63.64 -14.16
N LEU E 398 8.06 62.50 -13.60
CA LEU E 398 6.64 62.24 -13.25
C LEU E 398 6.21 63.12 -12.09
N ALA E 399 7.13 63.32 -11.16
CA ALA E 399 6.92 64.21 -10.02
C ALA E 399 6.81 65.64 -10.50
N ALA E 400 7.72 66.03 -11.39
CA ALA E 400 7.78 67.38 -11.97
C ALA E 400 6.53 67.77 -12.74
N GLU E 401 5.92 66.81 -13.43
CA GLU E 401 4.69 67.09 -14.17
C GLU E 401 3.47 67.32 -13.26
N ILE E 402 3.46 66.75 -12.07
CA ILE E 402 2.29 66.96 -11.18
C ILE E 402 2.41 68.18 -10.28
N ARG E 403 3.59 68.84 -10.29
CA ARG E 403 3.84 70.06 -9.52
C ARG E 403 3.12 71.30 -10.06
N MET F 1 31.51 23.25 8.03
CA MET F 1 30.07 22.97 8.28
C MET F 1 29.70 21.54 7.86
N LYS F 2 28.96 20.85 8.72
CA LYS F 2 28.62 19.43 8.53
C LYS F 2 27.35 19.21 7.72
N ALA F 3 27.51 18.88 6.44
CA ALA F 3 26.39 18.54 5.53
C ALA F 3 26.82 17.49 4.50
N ALA F 4 26.11 16.37 4.47
CA ALA F 4 26.51 15.19 3.71
C ALA F 4 25.96 15.14 2.28
N ALA F 5 26.76 14.62 1.37
CA ALA F 5 26.33 14.33 -0.01
C ALA F 5 25.61 12.98 -0.07
N LYS F 6 24.86 12.76 -1.15
CA LYS F 6 24.17 11.48 -1.35
C LYS F 6 24.53 10.82 -2.68
N ARG F 7 25.23 9.69 -2.60
CA ARG F 7 25.50 8.87 -3.77
C ARG F 7 24.21 8.30 -4.36
N ILE F 8 23.82 8.80 -5.53
CA ILE F 8 22.58 8.39 -6.19
C ILE F 8 22.82 7.41 -7.35
N SER F 9 24.08 7.31 -7.77
CA SER F 9 24.53 6.40 -8.82
C SER F 9 26.08 6.43 -8.94
N ASP F 10 26.63 5.59 -9.81
CA ASP F 10 28.09 5.47 -10.00
C ASP F 10 28.71 6.78 -10.50
N GLY F 11 29.41 7.48 -9.60
CA GLY F 11 30.02 8.77 -9.90
C GLY F 11 29.11 9.97 -9.71
N VAL F 12 27.82 9.73 -9.49
CA VAL F 12 26.85 10.82 -9.31
C VAL F 12 26.36 10.96 -7.84
N TYR F 13 26.43 12.19 -7.34
CA TYR F 13 26.04 12.54 -5.98
C TYR F 13 25.13 13.78 -6.00
N TRP F 14 24.14 13.81 -5.11
CA TRP F 14 23.32 15.00 -4.91
C TRP F 14 24.08 15.90 -3.95
N THR F 15 24.19 17.18 -4.32
CA THR F 15 24.96 18.15 -3.54
C THR F 15 24.23 19.49 -3.36
N GLY F 16 22.90 19.45 -3.35
CA GLY F 16 22.06 20.65 -3.22
C GLY F 16 21.73 21.12 -1.80
N VAL F 17 20.62 21.85 -1.65
CA VAL F 17 20.27 22.41 -0.33
C VAL F 17 18.80 22.27 0.06
N LEU F 18 18.58 22.10 1.36
CA LEU F 18 17.25 21.87 1.90
C LEU F 18 16.67 23.17 2.46
N ASP F 19 15.81 23.82 1.68
CA ASP F 19 15.20 25.05 2.14
C ASP F 19 13.96 24.71 2.93
N TRP F 20 14.17 24.35 4.19
CA TRP F 20 13.10 23.87 5.07
C TRP F 20 11.97 24.86 5.22
N ASP F 21 12.30 26.15 5.11
CA ASP F 21 11.43 27.24 5.59
C ASP F 21 10.56 27.98 4.57
N LEU F 22 10.90 27.91 3.29
CA LEU F 22 10.11 28.62 2.27
C LEU F 22 8.62 28.26 2.36
N ARG F 23 7.75 29.25 2.25
CA ARG F 23 6.28 29.05 2.33
C ARG F 23 5.55 29.65 1.13
N ASN F 24 6.12 30.71 0.56
CA ASN F 24 5.65 31.22 -0.71
C ASN F 24 6.80 31.53 -1.66
N TYR F 25 6.86 30.79 -2.76
CA TYR F 25 7.82 31.09 -3.80
C TYR F 25 7.11 31.86 -4.93
N HIS F 26 7.07 33.17 -4.73
CA HIS F 26 6.37 34.15 -5.58
C HIS F 26 5.01 33.72 -6.15
N GLY F 27 3.98 33.84 -5.32
CA GLY F 27 2.63 33.44 -5.72
C GLY F 27 2.58 31.96 -6.10
N TYR F 28 3.31 31.17 -5.32
CA TYR F 28 3.28 29.72 -5.39
C TYR F 28 3.52 29.25 -3.96
N THR F 29 2.51 28.67 -3.34
CA THR F 29 2.64 28.22 -1.96
C THR F 29 3.22 26.80 -1.91
N LEU F 30 3.96 26.51 -0.84
CA LEU F 30 4.69 25.26 -0.66
C LEU F 30 5.11 25.10 0.80
N GLN F 31 5.60 23.90 1.14
CA GLN F 31 6.10 23.56 2.48
C GLN F 31 7.58 23.21 2.41
N GLY F 32 8.40 24.21 2.09
CA GLY F 32 9.83 24.01 1.89
C GLY F 32 10.08 23.52 0.48
N THR F 33 11.28 23.75 -0.01
CA THR F 33 11.70 23.19 -1.27
C THR F 33 13.18 22.78 -1.20
N THR F 34 13.70 22.19 -2.29
CA THR F 34 15.13 21.92 -2.43
C THR F 34 15.74 22.61 -3.64
N TYR F 35 17.03 22.86 -3.57
CA TYR F 35 17.78 23.31 -4.72
C TYR F 35 18.76 22.20 -5.02
N ASN F 36 18.41 21.38 -6.01
CA ASN F 36 19.21 20.22 -6.33
C ASN F 36 20.38 20.56 -7.25
N ALA F 37 21.56 20.30 -6.75
CA ALA F 37 22.79 20.36 -7.51
C ALA F 37 23.32 18.95 -7.52
N TYR F 38 23.92 18.56 -8.64
CA TYR F 38 24.42 17.20 -8.81
C TYR F 38 25.89 17.25 -9.20
N LEU F 39 26.68 16.34 -8.61
CA LEU F 39 28.10 16.25 -8.88
C LEU F 39 28.40 15.00 -9.67
N VAL F 40 29.10 15.17 -10.79
CA VAL F 40 29.39 14.07 -11.70
C VAL F 40 30.89 13.93 -11.86
N CYS F 41 31.41 12.77 -11.48
CA CYS F 41 32.84 12.53 -11.51
C CYS F 41 33.16 11.41 -12.49
N GLY F 42 34.28 11.54 -13.18
CA GLY F 42 34.76 10.49 -14.07
C GLY F 42 36.02 9.84 -13.52
N ASP F 43 37.05 9.78 -14.36
CA ASP F 43 38.37 9.31 -13.95
C ASP F 43 39.34 10.48 -13.98
N GLU F 44 39.02 11.45 -14.86
CA GLU F 44 39.91 12.57 -15.12
C GLU F 44 39.35 13.89 -14.59
N GLY F 45 38.03 14.03 -14.56
CA GLY F 45 37.40 15.30 -14.17
C GLY F 45 36.07 15.20 -13.46
N VAL F 46 35.59 16.35 -12.97
CA VAL F 46 34.31 16.42 -12.30
C VAL F 46 33.51 17.71 -12.60
N ALA F 47 32.29 17.49 -13.09
CA ALA F 47 31.33 18.56 -13.35
C ALA F 47 30.31 18.71 -12.23
N LEU F 48 29.92 19.95 -11.98
CA LEU F 48 28.86 20.27 -11.04
C LEU F 48 27.69 20.81 -11.84
N ILE F 49 26.56 20.11 -11.82
CA ILE F 49 25.39 20.56 -12.57
C ILE F 49 24.45 21.36 -11.66
N ASP F 50 24.32 22.66 -11.96
CA ASP F 50 23.55 23.63 -11.18
C ASP F 50 24.17 23.96 -9.82
N ASN F 51 23.59 24.95 -9.15
CA ASN F 51 23.91 25.25 -7.76
C ASN F 51 22.65 25.63 -6.95
N SER F 52 22.65 26.77 -6.25
CA SER F 52 21.48 27.10 -5.41
C SER F 52 21.23 28.59 -5.20
N TYR F 53 20.27 28.87 -4.33
CA TYR F 53 19.85 30.22 -3.97
C TYR F 53 20.99 31.05 -3.37
N PRO F 54 21.00 32.39 -3.57
CA PRO F 54 22.03 33.19 -2.91
C PRO F 54 21.95 33.09 -1.39
N GLY F 55 23.09 33.04 -0.73
CA GLY F 55 23.15 32.90 0.71
C GLY F 55 23.23 31.46 1.17
N THR F 56 23.32 30.52 0.24
CA THR F 56 23.37 29.10 0.61
C THR F 56 24.66 28.37 0.19
N PHE F 57 25.74 29.12 0.07
CA PHE F 57 27.02 28.56 -0.41
C PHE F 57 27.67 27.57 0.59
N ASP F 58 27.49 27.79 1.88
CA ASP F 58 28.10 26.92 2.89
C ASP F 58 27.58 25.49 2.74
N GLU F 59 26.25 25.35 2.65
CA GLU F 59 25.61 24.05 2.52
C GLU F 59 26.11 23.31 1.28
N LEU F 60 26.05 23.97 0.14
CA LEU F 60 26.44 23.34 -1.12
C LEU F 60 27.92 22.90 -1.06
N MET F 61 28.77 23.80 -0.59
CA MET F 61 30.21 23.55 -0.46
C MET F 61 30.57 22.39 0.46
N ALA F 62 29.87 22.30 1.59
CA ALA F 62 30.01 21.19 2.51
C ALA F 62 29.73 19.86 1.81
N ARG F 63 28.68 19.83 0.99
CA ARG F 63 28.30 18.63 0.26
C ARG F 63 29.26 18.24 -0.88
N VAL F 64 29.56 19.18 -1.78
CA VAL F 64 30.55 18.89 -2.84
C VAL F 64 31.89 18.41 -2.25
N GLU F 65 32.33 19.04 -1.14
CA GLU F 65 33.55 18.63 -0.43
C GLU F 65 33.44 17.18 0.02
N ASP F 66 32.27 16.81 0.51
CA ASP F 66 32.01 15.46 0.99
C ASP F 66 31.93 14.44 -0.15
N ALA F 67 31.30 14.84 -1.27
CA ALA F 67 31.24 14.00 -2.47
C ALA F 67 32.63 13.73 -3.03
N LEU F 68 33.44 14.79 -3.14
CA LEU F 68 34.83 14.72 -3.64
C LEU F 68 35.71 13.93 -2.69
N GLN F 69 35.28 13.85 -1.42
CA GLN F 69 35.97 13.09 -0.38
C GLN F 69 35.67 11.61 -0.57
N GLN F 70 34.43 11.30 -0.94
CA GLN F 70 34.01 9.94 -1.22
C GLN F 70 34.68 9.36 -2.46
N VAL F 71 34.91 10.18 -3.47
CA VAL F 71 35.49 9.73 -4.74
C VAL F 71 37.02 9.80 -4.72
N GLY F 72 37.56 10.68 -3.87
CA GLY F 72 39.00 10.91 -3.79
C GLY F 72 39.48 12.01 -4.73
N MET F 73 38.54 12.80 -5.23
CA MET F 73 38.86 13.91 -6.14
C MET F 73 39.22 15.15 -5.33
N GLU F 74 39.83 16.13 -6.00
CA GLU F 74 40.34 17.32 -5.31
C GLU F 74 39.53 18.60 -5.55
N ARG F 75 38.79 18.65 -6.66
CA ARG F 75 38.18 19.89 -7.11
C ARG F 75 37.02 19.65 -8.07
N VAL F 76 36.22 20.68 -8.29
CA VAL F 76 35.26 20.73 -9.40
C VAL F 76 36.00 21.31 -10.61
N ASP F 77 36.05 20.53 -11.70
CA ASP F 77 36.78 20.93 -12.89
C ASP F 77 35.89 21.72 -13.86
N TYR F 78 34.58 21.47 -13.83
CA TYR F 78 33.65 22.15 -14.73
C TYR F 78 32.35 22.55 -14.00
N ILE F 79 31.97 23.82 -14.13
CA ILE F 79 30.74 24.32 -13.52
C ILE F 79 29.67 24.43 -14.59
N ILE F 80 28.59 23.68 -14.43
CA ILE F 80 27.52 23.66 -15.44
C ILE F 80 26.29 24.43 -14.96
N GLN F 81 25.77 25.26 -15.86
CA GLN F 81 24.52 25.99 -15.64
C GLN F 81 23.44 25.60 -16.66
N ASN F 82 22.50 24.76 -16.23
CA ASN F 82 21.35 24.39 -17.06
C ASN F 82 20.33 25.53 -17.21
N HIS F 83 20.40 26.51 -16.31
CA HIS F 83 19.33 27.51 -16.13
C HIS F 83 19.84 28.75 -15.38
N VAL F 84 19.49 29.96 -15.85
CA VAL F 84 20.03 31.18 -15.25
C VAL F 84 19.32 31.68 -13.99
N GLU F 85 18.11 31.21 -13.74
CA GLU F 85 17.31 31.69 -12.60
C GLU F 85 18.10 31.62 -11.29
N LYS F 86 17.83 32.56 -10.38
CA LYS F 86 18.64 32.76 -9.18
C LYS F 86 18.58 31.66 -8.13
N ASP F 87 17.56 30.80 -8.15
CA ASP F 87 17.58 29.69 -7.21
C ASP F 87 18.43 28.50 -7.67
N HIS F 88 18.98 28.60 -8.89
CA HIS F 88 19.95 27.62 -9.43
C HIS F 88 21.25 28.27 -9.87
N SER F 89 21.37 29.59 -9.71
CA SER F 89 22.59 30.28 -10.13
C SER F 89 23.10 31.24 -9.08
N GLY F 90 22.50 31.20 -7.88
CA GLY F 90 22.78 32.16 -6.84
C GLY F 90 24.10 32.05 -6.08
N VAL F 91 24.87 30.98 -6.30
CA VAL F 91 26.19 30.89 -5.65
C VAL F 91 27.28 30.66 -6.70
N LEU F 92 26.90 30.86 -7.97
CA LEU F 92 27.79 30.73 -9.11
C LEU F 92 29.04 31.61 -9.01
N VAL F 93 28.89 32.84 -8.50
CA VAL F 93 30.05 33.72 -8.33
C VAL F 93 30.97 33.30 -7.17
N GLU F 94 30.38 32.69 -6.16
CA GLU F 94 31.14 32.18 -5.00
C GLU F 94 31.85 30.89 -5.38
N LEU F 95 31.17 30.08 -6.21
CA LEU F 95 31.78 28.94 -6.91
C LEU F 95 32.97 29.35 -7.81
N HIS F 96 32.77 30.33 -8.71
CA HIS F 96 33.86 30.80 -9.59
C HIS F 96 35.05 31.36 -8.79
N ARG F 97 34.75 31.98 -7.65
CA ARG F 97 35.79 32.39 -6.69
C ARG F 97 36.48 31.17 -6.08
N ARG F 98 35.72 30.11 -5.80
CA ARG F 98 36.26 28.88 -5.22
C ARG F 98 37.09 28.07 -6.22
N PHE F 99 36.59 27.93 -7.46
CA PHE F 99 37.33 27.24 -8.53
C PHE F 99 37.69 28.20 -9.69
N PRO F 100 38.78 28.97 -9.54
CA PRO F 100 39.11 30.03 -10.53
C PRO F 100 39.53 29.52 -11.95
N GLU F 101 39.79 28.17 -11.99
CA GLU F 101 40.19 27.54 -13.24
C GLU F 101 39.04 26.81 -13.95
N ALA F 102 37.92 26.61 -13.24
CA ALA F 102 36.77 25.90 -13.81
C ALA F 102 35.91 26.76 -14.76
N PRO F 103 35.84 26.37 -16.04
CA PRO F 103 35.00 27.06 -17.02
C PRO F 103 33.50 26.81 -16.77
N ILE F 104 32.65 27.74 -17.22
CA ILE F 104 31.19 27.63 -17.04
C ILE F 104 30.50 27.19 -18.34
N TYR F 105 29.80 26.05 -18.27
CA TYR F 105 29.06 25.49 -19.41
C TYR F 105 27.59 25.85 -19.32
N CYS F 106 27.11 26.55 -20.34
CA CYS F 106 25.70 26.95 -20.44
C CYS F 106 25.43 27.23 -21.91
N THR F 107 24.17 27.50 -22.28
CA THR F 107 23.86 27.88 -23.66
C THR F 107 24.33 29.31 -23.94
N GLU F 108 24.28 29.72 -25.20
CA GLU F 108 24.66 31.07 -25.59
C GLU F 108 23.74 32.16 -25.04
N VAL F 109 22.43 31.89 -25.00
CA VAL F 109 21.47 32.83 -24.39
C VAL F 109 21.65 32.93 -22.86
N ALA F 110 22.00 31.81 -22.23
CA ALA F 110 22.33 31.80 -20.81
C ALA F 110 23.53 32.69 -20.41
N VAL F 111 24.49 32.87 -21.33
CA VAL F 111 25.68 33.67 -21.05
C VAL F 111 25.34 35.15 -20.81
N LYS F 112 24.58 35.77 -21.71
CA LYS F 112 24.03 37.12 -21.49
C LYS F 112 23.17 37.18 -20.23
N GLY F 113 22.32 36.17 -20.04
CA GLY F 113 21.43 36.09 -18.88
C GLY F 113 22.18 36.12 -17.56
N LEU F 114 23.26 35.36 -17.49
CA LEU F 114 24.07 35.24 -16.27
C LEU F 114 24.90 36.47 -16.03
N LEU F 115 25.32 37.11 -17.12
CA LEU F 115 26.09 38.34 -17.07
C LEU F 115 25.27 39.53 -16.55
N LYS F 116 24.02 39.63 -17.01
CA LYS F 116 23.09 40.67 -16.54
C LYS F 116 22.72 40.48 -15.05
N HIS F 117 22.79 39.24 -14.58
CA HIS F 117 22.57 38.91 -13.17
C HIS F 117 23.81 39.14 -12.31
N TYR F 118 24.96 38.74 -12.84
CA TYR F 118 26.22 38.72 -12.09
C TYR F 118 27.38 39.31 -12.90
N PRO F 119 27.52 40.65 -12.86
CA PRO F 119 28.51 41.40 -13.66
C PRO F 119 29.99 41.10 -13.35
N SER F 120 30.25 40.52 -12.18
CA SER F 120 31.63 40.17 -11.78
C SER F 120 32.21 39.05 -12.66
N LEU F 121 31.34 38.31 -13.33
CA LEU F 121 31.74 37.20 -14.19
C LEU F 121 32.16 37.64 -15.59
N ARG F 122 32.64 38.89 -15.67
CA ARG F 122 33.22 39.45 -16.88
C ARG F 122 34.45 38.64 -17.32
N GLU F 123 35.28 38.23 -16.36
CA GLU F 123 36.54 37.55 -16.65
C GLU F 123 36.50 36.01 -16.60
N ALA F 124 35.35 35.46 -16.20
CA ALA F 124 35.16 34.01 -16.25
C ALA F 124 35.28 33.50 -17.69
N GLU F 125 35.79 32.28 -17.84
CA GLU F 125 35.73 31.59 -19.13
C GLU F 125 34.36 30.90 -19.25
N PHE F 126 33.60 31.28 -20.27
CA PHE F 126 32.32 30.66 -20.58
C PHE F 126 32.46 29.70 -21.76
N MET F 127 31.75 28.58 -21.66
CA MET F 127 31.78 27.56 -22.73
C MET F 127 30.37 27.33 -23.28
N THR F 128 30.04 28.09 -24.30
CA THR F 128 28.78 27.99 -25.04
C THR F 128 28.59 26.57 -25.59
N VAL F 129 27.37 26.03 -25.46
CA VAL F 129 27.03 24.68 -25.93
C VAL F 129 25.67 24.63 -26.61
N LYS F 130 25.52 23.72 -27.58
CA LYS F 130 24.24 23.48 -28.24
C LYS F 130 23.86 21.98 -28.25
N THR F 131 22.64 21.68 -28.69
CA THR F 131 22.12 20.30 -28.75
C THR F 131 23.12 19.37 -29.42
N GLY F 132 23.50 18.31 -28.72
CA GLY F 132 24.43 17.32 -29.26
C GLY F 132 25.83 17.42 -28.69
N ASP F 133 26.16 18.60 -28.14
CA ASP F 133 27.48 18.83 -27.53
C ASP F 133 27.75 17.89 -26.35
N VAL F 134 29.02 17.51 -26.22
CA VAL F 134 29.45 16.44 -25.32
C VAL F 134 30.62 16.95 -24.48
N LEU F 135 30.55 16.74 -23.16
CA LEU F 135 31.70 16.95 -22.28
C LEU F 135 32.27 15.61 -21.84
N ASP F 136 33.57 15.41 -22.01
CA ASP F 136 34.23 14.17 -21.60
C ASP F 136 34.89 14.34 -20.22
N LEU F 137 34.54 13.47 -19.27
CA LEU F 137 35.10 13.54 -17.91
C LEU F 137 36.06 12.39 -17.60
N GLY F 138 36.22 11.49 -18.58
CA GLY F 138 37.04 10.28 -18.40
C GLY F 138 36.17 9.09 -18.05
N GLY F 139 35.69 8.38 -19.08
CA GLY F 139 34.75 7.28 -18.90
C GLY F 139 33.31 7.74 -18.95
N LYS F 140 33.03 8.89 -18.32
CA LYS F 140 31.72 9.52 -18.35
C LYS F 140 31.67 10.71 -19.30
N THR F 141 30.64 10.75 -20.14
CA THR F 141 30.44 11.88 -21.05
C THR F 141 29.01 12.44 -20.95
N LEU F 142 28.93 13.75 -20.70
CA LEU F 142 27.66 14.51 -20.61
C LEU F 142 27.24 15.06 -21.96
N THR F 143 26.03 14.71 -22.39
CA THR F 143 25.42 15.30 -23.60
C THR F 143 24.42 16.42 -23.25
N PHE F 144 24.64 17.59 -23.84
CA PHE F 144 23.77 18.75 -23.63
C PHE F 144 22.66 18.81 -24.66
N LEU F 145 21.45 19.07 -24.18
CA LEU F 145 20.28 19.24 -25.02
C LEU F 145 19.59 20.56 -24.68
N GLU F 146 19.57 21.46 -25.65
CA GLU F 146 18.90 22.75 -25.52
C GLU F 146 17.38 22.62 -25.37
N THR F 147 16.82 23.36 -24.42
CA THR F 147 15.37 23.41 -24.22
C THR F 147 14.86 24.85 -24.04
N PRO F 148 14.83 25.64 -25.13
CA PRO F 148 14.42 27.04 -24.98
C PRO F 148 12.92 27.14 -24.76
N LEU F 149 12.50 28.22 -24.09
CA LEU F 149 11.13 28.41 -23.60
C LEU F 149 10.60 27.14 -22.94
N LEU F 150 11.52 26.42 -22.28
CA LEU F 150 11.22 25.18 -21.54
C LEU F 150 12.34 24.90 -20.52
N HIS F 151 12.35 25.60 -19.39
CA HIS F 151 11.28 26.50 -18.97
C HIS F 151 11.54 27.98 -19.36
N TRP F 152 12.82 28.36 -19.44
CA TRP F 152 13.26 29.70 -19.89
C TRP F 152 14.02 29.63 -21.23
N PRO F 153 14.16 30.77 -21.94
CA PRO F 153 14.91 30.81 -23.22
C PRO F 153 16.39 30.36 -23.15
N ASP F 154 16.94 30.39 -21.94
CA ASP F 154 18.34 30.06 -21.66
C ASP F 154 18.59 28.56 -21.41
N SER F 155 17.52 27.85 -21.04
CA SER F 155 17.58 26.50 -20.47
C SER F 155 18.17 25.40 -21.34
N MET F 156 18.70 24.38 -20.67
CA MET F 156 19.11 23.14 -21.31
C MET F 156 19.00 21.96 -20.33
N PHE F 157 18.93 20.75 -20.87
CA PHE F 157 19.06 19.51 -20.08
C PHE F 157 20.52 19.07 -20.09
N THR F 158 20.91 18.21 -19.16
CA THR F 158 22.20 17.53 -19.24
C THR F 158 21.98 16.01 -19.11
N LEU F 159 22.32 15.26 -20.15
CA LEU F 159 22.13 13.81 -20.20
C LEU F 159 23.41 13.04 -19.92
N LEU F 160 23.27 11.97 -19.14
CA LEU F 160 24.33 10.99 -18.97
C LEU F 160 23.82 9.71 -19.64
N ASP F 161 24.12 9.58 -20.93
CA ASP F 161 23.46 8.61 -21.81
C ASP F 161 23.78 7.13 -21.57
N GLU F 162 25.01 6.83 -21.12
CA GLU F 162 25.33 5.46 -20.67
C GLU F 162 24.60 5.11 -19.36
N ASP F 163 24.63 6.03 -18.39
CA ASP F 163 23.96 5.87 -17.09
C ASP F 163 22.44 6.05 -17.17
N GLY F 164 21.94 6.48 -18.33
CA GLY F 164 20.51 6.74 -18.48
C GLY F 164 19.94 7.79 -17.55
N ILE F 165 20.79 8.70 -17.07
CA ILE F 165 20.37 9.78 -16.17
C ILE F 165 20.11 11.06 -16.94
N LEU F 166 18.95 11.66 -16.68
CA LEU F 166 18.61 12.96 -17.24
C LEU F 166 18.65 13.98 -16.12
N PHE F 167 19.42 15.05 -16.32
CA PHE F 167 19.39 16.19 -15.41
C PHE F 167 18.50 17.24 -16.08
N SER F 168 17.23 17.29 -15.66
CA SER F 168 16.18 18.02 -16.38
C SER F 168 15.97 19.46 -15.94
N ASN F 169 16.78 19.93 -14.99
CA ASN F 169 16.56 21.22 -14.34
C ASN F 169 15.13 21.33 -13.77
N ASP F 170 14.35 22.34 -14.15
CA ASP F 170 13.02 22.57 -13.56
C ASP F 170 12.00 21.50 -13.94
N ALA F 171 12.07 21.04 -15.19
CA ALA F 171 11.16 20.00 -15.71
C ALA F 171 11.14 18.74 -14.83
N PHE F 172 9.93 18.20 -14.60
CA PHE F 172 9.72 17.02 -13.71
C PHE F 172 9.98 17.30 -12.23
N GLY F 173 10.25 18.55 -11.88
CA GLY F 173 10.49 18.92 -10.49
C GLY F 173 9.22 19.01 -9.67
N GLN F 174 9.37 19.09 -8.35
CA GLN F 174 8.28 19.33 -7.41
C GLN F 174 8.89 20.10 -6.26
N HIS F 175 8.09 20.97 -5.64
CA HIS F 175 8.53 21.72 -4.47
C HIS F 175 8.21 20.97 -3.20
N LEU F 176 9.11 20.09 -2.78
CA LEU F 176 8.99 19.39 -1.52
C LEU F 176 10.34 19.41 -0.83
N CYS F 177 10.34 19.52 0.50
CA CYS F 177 11.60 19.44 1.24
C CYS F 177 11.61 18.28 2.21
N CYS F 178 12.16 17.16 1.75
CA CYS F 178 12.19 15.95 2.52
C CYS F 178 13.64 15.55 2.78
N PRO F 179 13.88 14.85 3.91
CA PRO F 179 15.17 14.25 4.22
C PRO F 179 15.53 13.15 3.21
N GLN F 180 14.50 12.52 2.63
CA GLN F 180 14.71 11.48 1.62
C GLN F 180 14.83 12.12 0.26
N ARG F 181 15.75 11.62 -0.55
CA ARG F 181 16.01 12.22 -1.85
C ARG F 181 15.26 11.56 -3.01
N LEU F 182 14.72 10.37 -2.77
CA LEU F 182 14.17 9.57 -3.87
C LEU F 182 12.66 9.62 -3.93
N ASP F 183 12.13 9.51 -5.15
CA ASP F 183 10.70 9.45 -5.41
C ASP F 183 10.01 8.32 -4.63
N ARG F 184 10.69 7.18 -4.51
CA ARG F 184 10.13 5.95 -3.90
C ARG F 184 10.16 5.92 -2.38
N GLU F 185 10.86 6.89 -1.78
CA GLU F 185 11.03 6.95 -0.33
C GLU F 185 9.95 7.76 0.41
N ILE F 186 9.01 8.38 -0.32
CA ILE F 186 7.92 9.22 0.26
C ILE F 186 6.53 8.74 -0.25
N PRO F 187 5.42 9.09 0.44
CA PRO F 187 4.11 8.62 -0.08
C PRO F 187 3.86 9.07 -1.53
N GLU F 188 3.20 8.25 -2.34
CA GLU F 188 3.06 8.59 -3.77
C GLU F 188 2.07 9.72 -4.02
N TYR F 189 1.11 9.87 -3.11
CA TYR F 189 0.15 10.96 -3.23
C TYR F 189 0.83 12.33 -3.06
N ILE F 190 1.69 12.48 -2.05
CA ILE F 190 2.44 13.72 -1.82
C ILE F 190 3.23 14.08 -3.08
N LEU F 191 4.03 13.13 -3.52
CA LEU F 191 4.89 13.26 -4.68
C LEU F 191 4.12 13.70 -5.91
N MET F 192 3.12 12.93 -6.30
CA MET F 192 2.41 13.23 -7.54
C MET F 192 1.63 14.54 -7.45
N ASP F 193 1.08 14.83 -6.27
CA ASP F 193 0.37 16.07 -6.04
C ASP F 193 1.27 17.28 -6.23
N ALA F 194 2.45 17.24 -5.64
CA ALA F 194 3.44 18.30 -5.77
C ALA F 194 3.94 18.42 -7.21
N ALA F 195 3.96 17.31 -7.93
CA ALA F 195 4.38 17.26 -9.33
C ALA F 195 3.27 17.80 -10.23
N ARG F 196 2.04 17.50 -9.85
CA ARG F 196 0.83 18.05 -10.47
C ARG F 196 0.81 19.57 -10.35
N LYS F 197 1.00 20.07 -9.12
CA LYS F 197 0.99 21.51 -8.85
C LYS F 197 2.10 22.25 -9.61
N PHE F 198 3.28 21.64 -9.67
CA PHE F 198 4.42 22.19 -10.42
C PHE F 198 4.05 22.23 -11.92
N TYR F 199 3.55 21.13 -12.47
CA TYR F 199 3.09 21.13 -13.87
C TYR F 199 2.11 22.30 -14.15
N ALA F 200 1.03 22.34 -13.36
CA ALA F 200 -0.05 23.30 -13.53
C ALA F 200 0.41 24.73 -13.58
N ASN F 201 1.32 25.08 -12.67
CA ASN F 201 1.79 26.44 -12.54
C ASN F 201 2.96 26.80 -13.42
N LEU F 202 3.74 25.82 -13.86
CA LEU F 202 4.98 26.16 -14.55
C LEU F 202 5.11 25.61 -15.96
N ILE F 203 4.46 24.48 -16.24
CA ILE F 203 4.67 23.82 -17.52
C ILE F 203 3.49 24.01 -18.50
N THR F 204 2.33 24.35 -17.96
CA THR F 204 1.10 24.37 -18.75
C THR F 204 1.21 25.10 -20.10
N PRO F 205 1.65 26.38 -20.10
CA PRO F 205 1.72 27.06 -21.38
C PRO F 205 2.82 26.50 -22.31
N LEU F 206 3.64 25.57 -21.81
CA LEU F 206 4.78 25.01 -22.57
C LEU F 206 4.45 23.61 -23.12
N SER F 207 3.27 23.11 -22.77
CA SER F 207 2.80 21.77 -23.17
C SER F 207 3.14 21.30 -24.57
N LYS F 208 2.91 22.15 -25.58
CA LYS F 208 3.17 21.78 -26.97
C LYS F 208 4.67 21.64 -27.24
N LEU F 209 5.46 22.49 -26.61
CA LEU F 209 6.92 22.36 -26.62
C LEU F 209 7.39 21.10 -25.89
N VAL F 210 6.71 20.75 -24.80
CA VAL F 210 7.03 19.53 -24.05
C VAL F 210 6.88 18.26 -24.89
N LEU F 211 5.77 18.15 -25.63
CA LEU F 211 5.48 16.97 -26.43
C LEU F 211 6.44 16.85 -27.61
N LYS F 212 6.71 17.98 -28.26
CA LYS F 212 7.73 18.09 -29.30
C LYS F 212 9.11 17.74 -28.74
N LYS F 213 9.45 18.23 -27.55
CA LYS F 213 10.73 17.92 -26.93
C LYS F 213 10.94 16.42 -26.78
N PHE F 214 9.88 15.70 -26.39
CA PHE F 214 9.93 14.24 -26.29
C PHE F 214 10.26 13.58 -27.64
N ASP F 215 9.75 14.15 -28.73
CA ASP F 215 9.96 13.62 -30.09
C ASP F 215 11.38 13.85 -30.63
N GLU F 216 11.94 15.00 -30.30
CA GLU F 216 13.30 15.36 -30.69
C GLU F 216 14.33 14.45 -29.98
N VAL F 217 14.09 14.16 -28.71
CA VAL F 217 14.94 13.22 -27.96
C VAL F 217 14.77 11.79 -28.51
N LYS F 218 13.60 11.50 -29.04
CA LYS F 218 13.32 10.19 -29.63
C LYS F 218 13.94 10.10 -31.03
N GLU F 219 13.86 11.19 -31.79
CA GLU F 219 14.51 11.30 -33.10
C GLU F 219 16.03 11.17 -32.99
N LEU F 220 16.61 11.83 -31.99
CA LEU F 220 18.05 11.82 -31.79
C LEU F 220 18.53 10.48 -31.24
N GLY F 221 17.57 9.65 -30.82
CA GLY F 221 17.86 8.30 -30.33
C GLY F 221 18.58 8.27 -29.00
N LEU F 222 18.22 9.21 -28.13
CA LEU F 222 18.78 9.31 -26.78
C LEU F 222 17.78 8.82 -25.74
N LEU F 223 18.28 8.12 -24.72
CA LEU F 223 17.50 7.76 -23.53
C LEU F 223 16.37 6.73 -23.75
N GLU F 224 16.68 5.62 -24.41
CA GLU F 224 15.73 4.50 -24.50
C GLU F 224 15.94 3.54 -23.34
N ARG F 225 17.08 3.68 -22.66
CA ARG F 225 17.27 3.09 -21.34
C ARG F 225 17.31 4.24 -20.33
N ILE F 226 16.16 4.91 -20.18
CA ILE F 226 16.01 5.98 -19.19
C ILE F 226 15.90 5.36 -17.80
N GLN F 227 16.92 5.61 -16.98
CA GLN F 227 17.02 4.99 -15.66
C GLN F 227 16.62 5.93 -14.53
N MET F 228 16.89 7.22 -14.71
CA MET F 228 16.68 8.22 -13.67
C MET F 228 16.44 9.64 -14.26
N ILE F 229 15.48 10.36 -13.68
CA ILE F 229 15.32 11.79 -13.93
C ILE F 229 15.68 12.59 -12.66
N ALA F 230 16.62 13.52 -12.80
CA ALA F 230 17.13 14.25 -11.66
C ALA F 230 16.85 15.74 -11.82
N PRO F 231 15.73 16.22 -11.25
CA PRO F 231 15.33 17.61 -11.42
C PRO F 231 16.03 18.54 -10.43
N SER F 232 15.91 19.84 -10.66
CA SER F 232 16.52 20.83 -9.79
C SER F 232 15.67 21.14 -8.55
N HIS F 233 14.49 20.53 -8.46
CA HIS F 233 13.62 20.66 -7.28
C HIS F 233 13.01 19.33 -6.90
N GLY F 234 13.00 19.04 -5.59
CA GLY F 234 12.29 17.87 -5.05
C GLY F 234 13.00 16.54 -5.21
N GLN F 235 12.21 15.46 -5.22
CA GLN F 235 12.66 14.07 -5.34
C GLN F 235 13.23 13.69 -6.71
N ILE F 236 14.25 12.83 -6.66
CA ILE F 236 14.83 12.24 -7.86
C ILE F 236 13.95 11.07 -8.28
N TRP F 237 13.62 11.03 -9.57
CA TRP F 237 12.76 9.98 -10.11
C TRP F 237 13.57 8.74 -10.43
N THR F 238 13.47 7.73 -9.57
CA THR F 238 14.11 6.44 -9.84
C THR F 238 13.14 5.59 -10.65
N ASP F 239 11.90 6.07 -10.76
CA ASP F 239 10.89 5.51 -11.65
C ASP F 239 10.47 6.58 -12.66
N PRO F 240 11.38 6.91 -13.61
CA PRO F 240 11.17 8.04 -14.55
C PRO F 240 9.91 7.94 -15.43
N MET F 241 9.48 6.73 -15.79
CA MET F 241 8.30 6.56 -16.66
C MET F 241 7.00 6.98 -15.98
N LYS F 242 7.00 7.01 -14.65
CA LYS F 242 5.86 7.45 -13.86
C LYS F 242 5.55 8.94 -14.07
N ILE F 243 6.59 9.77 -14.06
CA ILE F 243 6.43 11.18 -14.29
C ILE F 243 6.30 11.52 -15.77
N ILE F 244 6.93 10.72 -16.64
CA ILE F 244 6.88 10.99 -18.08
C ILE F 244 5.48 10.71 -18.67
N GLU F 245 4.81 9.71 -18.13
CA GLU F 245 3.46 9.37 -18.55
C GLU F 245 2.50 10.41 -18.01
N ALA F 246 2.76 10.87 -16.79
CA ALA F 246 1.97 11.93 -16.18
C ALA F 246 2.08 13.23 -16.98
N TYR F 247 3.31 13.61 -17.35
CA TYR F 247 3.61 14.77 -18.20
C TYR F 247 2.98 14.67 -19.59
N THR F 248 2.95 13.47 -20.15
CA THR F 248 2.26 13.24 -21.42
C THR F 248 0.75 13.43 -21.25
N GLY F 249 0.21 12.94 -20.14
CA GLY F 249 -1.20 13.08 -19.81
C GLY F 249 -1.61 14.52 -19.61
N TRP F 250 -0.80 15.26 -18.84
CA TRP F 250 -1.05 16.68 -18.60
C TRP F 250 -0.93 17.54 -19.87
N ALA F 251 0.11 17.29 -20.66
CA ALA F 251 0.34 18.02 -21.90
C ALA F 251 -0.68 17.72 -23.00
N THR F 252 -1.35 16.58 -22.93
CA THR F 252 -2.33 16.20 -23.94
C THR F 252 -3.75 16.41 -23.43
N GLY F 253 -3.85 16.73 -22.15
CA GLY F 253 -5.13 17.11 -21.54
C GLY F 253 -6.05 15.96 -21.25
N MET F 254 -5.52 14.94 -20.60
CA MET F 254 -6.27 13.72 -20.27
C MET F 254 -7.42 13.92 -19.28
N VAL F 255 -7.13 14.14 -18.01
CA VAL F 255 -8.20 14.40 -16.99
C VAL F 255 -9.27 13.32 -16.75
N ASP F 256 -9.58 13.13 -15.47
CA ASP F 256 -10.77 12.39 -15.05
C ASP F 256 -11.97 13.32 -15.13
N GLU F 257 -13.14 12.79 -14.84
CA GLU F 257 -14.37 13.58 -14.85
C GLU F 257 -14.44 14.42 -13.57
N ARG F 258 -14.27 15.74 -13.72
CA ARG F 258 -14.13 16.64 -12.58
C ARG F 258 -14.49 18.08 -12.95
N VAL F 259 -15.30 18.69 -12.09
CA VAL F 259 -15.70 20.08 -12.23
C VAL F 259 -15.12 20.90 -11.06
N THR F 260 -14.46 22.01 -11.39
CA THR F 260 -13.88 22.90 -10.38
C THR F 260 -14.70 24.19 -10.33
N VAL F 261 -15.22 24.49 -9.15
CA VAL F 261 -16.08 25.63 -8.95
C VAL F 261 -15.25 26.67 -8.18
N ILE F 262 -15.17 27.87 -8.73
CA ILE F 262 -14.39 28.95 -8.15
C ILE F 262 -15.29 30.18 -8.06
N TYR F 263 -15.24 30.90 -6.94
CA TYR F 263 -16.13 32.05 -6.81
C TYR F 263 -15.63 33.04 -5.78
N ASP F 264 -16.13 34.27 -5.85
CA ASP F 264 -15.99 35.18 -4.71
C ASP F 264 -17.36 35.72 -4.28
N THR F 265 -17.45 36.25 -3.06
CA THR F 265 -18.70 36.78 -2.56
C THR F 265 -18.52 37.91 -1.57
N MET F 266 -19.51 38.80 -1.46
CA MET F 266 -19.52 39.83 -0.39
C MET F 266 -20.57 39.54 0.69
N HIS F 267 -21.80 39.30 0.26
CA HIS F 267 -22.93 39.11 1.16
C HIS F 267 -23.47 37.67 1.11
N GLY F 268 -22.84 36.79 0.34
CA GLY F 268 -23.12 35.34 0.37
C GLY F 268 -24.07 34.75 -0.66
N SER F 269 -24.63 35.59 -1.52
CA SER F 269 -25.57 35.13 -2.52
C SER F 269 -24.86 34.31 -3.61
N THR F 270 -23.71 34.82 -4.08
CA THR F 270 -22.90 34.11 -5.07
C THR F 270 -22.41 32.78 -4.49
N ARG F 271 -22.09 32.78 -3.19
CA ARG F 271 -21.71 31.52 -2.50
C ARG F 271 -22.80 30.47 -2.60
N LYS F 272 -24.03 30.83 -2.26
CA LYS F 272 -25.17 29.90 -2.38
C LYS F 272 -25.28 29.34 -3.80
N MET F 273 -25.13 30.20 -4.80
CA MET F 273 -25.12 29.75 -6.18
C MET F 273 -24.01 28.72 -6.44
N ALA F 274 -22.78 29.02 -6.03
CA ALA F 274 -21.65 28.11 -6.20
C ALA F 274 -21.91 26.75 -5.58
N HIS F 275 -22.49 26.75 -4.38
CA HIS F 275 -22.92 25.52 -3.69
C HIS F 275 -23.97 24.73 -4.48
N ALA F 276 -24.89 25.43 -5.13
CA ALA F 276 -25.99 24.77 -5.86
C ALA F 276 -25.46 24.14 -7.16
N ILE F 277 -24.49 24.82 -7.78
CA ILE F 277 -23.84 24.36 -9.00
C ILE F 277 -23.04 23.10 -8.73
N ALA F 278 -22.30 23.08 -7.60
CA ALA F 278 -21.57 21.90 -7.14
C ALA F 278 -22.51 20.73 -6.85
N GLU F 279 -23.65 21.03 -6.24
CA GLU F 279 -24.65 20.01 -5.95
C GLU F 279 -25.15 19.36 -7.25
N GLY F 280 -25.44 20.19 -8.26
CA GLY F 280 -25.88 19.71 -9.57
C GLY F 280 -24.81 18.92 -10.31
N ALA F 281 -23.57 19.39 -10.26
CA ALA F 281 -22.42 18.65 -10.76
C ALA F 281 -22.24 17.30 -10.05
N MET F 282 -22.48 17.26 -8.75
CA MET F 282 -22.32 16.02 -7.99
C MET F 282 -23.39 15.00 -8.31
N SER F 283 -24.61 15.46 -8.63
CA SER F 283 -25.69 14.54 -9.00
C SER F 283 -25.32 13.69 -10.22
N GLU F 284 -24.59 14.27 -11.16
CA GLU F 284 -24.06 13.51 -12.32
C GLU F 284 -22.95 12.52 -11.96
N GLY F 285 -22.47 12.58 -10.72
CA GLY F 285 -21.53 11.58 -10.22
C GLY F 285 -20.11 11.81 -10.70
N VAL F 286 -19.83 13.06 -11.04
CA VAL F 286 -18.52 13.56 -11.40
C VAL F 286 -17.82 14.06 -10.12
N ASP F 287 -16.49 14.11 -10.11
CA ASP F 287 -15.78 14.68 -8.96
C ASP F 287 -15.86 16.21 -9.00
N VAL F 288 -15.84 16.85 -7.83
CA VAL F 288 -16.11 18.27 -7.72
C VAL F 288 -15.24 18.89 -6.64
N ARG F 289 -14.65 20.05 -6.94
CA ARG F 289 -13.88 20.85 -5.97
C ARG F 289 -14.36 22.29 -5.98
N VAL F 290 -14.41 22.90 -4.80
CA VAL F 290 -14.94 24.25 -4.63
C VAL F 290 -13.94 25.19 -3.97
N TYR F 291 -13.61 26.28 -4.67
CA TYR F 291 -12.66 27.27 -4.16
C TYR F 291 -13.27 28.64 -3.96
N CYS F 292 -12.87 29.28 -2.86
CA CYS F 292 -13.15 30.70 -2.66
C CYS F 292 -11.88 31.55 -2.88
N LEU F 293 -12.03 32.60 -3.68
CA LEU F 293 -10.89 33.48 -4.02
C LEU F 293 -10.44 34.33 -2.82
N HIS F 294 -11.28 34.44 -1.79
CA HIS F 294 -10.92 35.09 -0.54
C HIS F 294 -9.90 34.28 0.30
N GLU F 295 -9.95 32.96 0.18
CA GLU F 295 -9.30 32.05 1.12
C GLU F 295 -8.09 31.35 0.50
N ASP F 296 -8.20 31.02 -0.78
CA ASP F 296 -7.34 30.02 -1.40
C ASP F 296 -6.34 30.64 -2.41
N ASP F 297 -5.16 30.05 -2.52
CA ASP F 297 -4.15 30.52 -3.45
C ASP F 297 -4.46 30.15 -4.90
N ARG F 298 -4.07 31.04 -5.83
CA ARG F 298 -4.17 30.74 -7.26
C ARG F 298 -3.38 29.51 -7.75
N SER F 299 -2.32 29.14 -7.03
CA SER F 299 -1.48 27.99 -7.39
C SER F 299 -2.15 26.64 -7.06
N GLU F 300 -3.00 26.62 -6.03
CA GLU F 300 -3.83 25.46 -5.72
C GLU F 300 -5.03 25.31 -6.65
N ILE F 301 -5.69 26.43 -6.93
CA ILE F 301 -6.85 26.45 -7.84
C ILE F 301 -6.45 25.93 -9.22
N VAL F 302 -5.31 26.41 -9.70
CA VAL F 302 -4.76 25.99 -10.97
C VAL F 302 -4.35 24.50 -11.01
N LYS F 303 -3.71 24.00 -9.96
CA LYS F 303 -3.53 22.54 -9.77
C LYS F 303 -4.80 21.71 -10.10
N ASP F 304 -5.95 22.15 -9.57
CA ASP F 304 -7.24 21.52 -9.84
C ASP F 304 -7.81 21.75 -11.25
N ILE F 305 -7.68 22.95 -11.78
CA ILE F 305 -8.06 23.21 -13.16
C ILE F 305 -7.36 22.27 -14.14
N LEU F 306 -6.10 21.95 -13.84
CA LEU F 306 -5.32 21.04 -14.67
C LEU F 306 -6.03 19.70 -14.84
N GLU F 307 -6.62 19.24 -13.73
CA GLU F 307 -7.23 17.91 -13.61
C GLU F 307 -8.74 17.89 -13.88
N SER F 308 -9.27 19.03 -14.31
CA SER F 308 -10.72 19.21 -14.51
C SER F 308 -11.08 19.42 -15.98
N GLY F 309 -12.24 18.93 -16.38
CA GLY F 309 -12.68 19.11 -17.75
C GLY F 309 -13.45 20.40 -17.92
N ALA F 310 -13.97 20.88 -16.78
CA ALA F 310 -14.83 22.06 -16.72
C ALA F 310 -14.59 22.83 -15.43
N ILE F 311 -14.87 24.13 -15.49
CA ILE F 311 -14.82 25.01 -14.35
C ILE F 311 -16.10 25.81 -14.30
N ALA F 312 -16.40 26.32 -13.11
CA ALA F 312 -17.47 27.30 -12.96
C ALA F 312 -16.86 28.50 -12.23
N LEU F 313 -17.05 29.70 -12.77
CA LEU F 313 -16.50 30.89 -12.14
C LEU F 313 -17.58 31.89 -11.74
N GLY F 314 -17.56 32.32 -10.47
CA GLY F 314 -18.64 33.17 -9.97
C GLY F 314 -18.19 34.40 -9.21
N ALA F 315 -18.82 35.54 -9.47
CA ALA F 315 -18.49 36.75 -8.70
C ALA F 315 -19.68 37.69 -8.65
N PRO F 316 -19.83 38.45 -7.54
CA PRO F 316 -20.81 39.53 -7.54
C PRO F 316 -20.36 40.66 -8.46
N THR F 317 -21.28 41.51 -8.89
CA THR F 317 -20.87 42.71 -9.61
C THR F 317 -20.76 43.91 -8.65
N ILE F 318 -19.73 44.71 -8.90
CA ILE F 318 -19.44 45.88 -8.10
C ILE F 318 -19.05 46.93 -9.12
N TYR F 319 -19.80 48.02 -9.17
CA TYR F 319 -19.48 49.13 -10.06
C TYR F 319 -19.32 48.73 -11.53
N ASP F 320 -20.25 47.88 -11.99
CA ASP F 320 -20.27 47.37 -13.38
C ASP F 320 -19.15 46.39 -13.71
N GLU F 321 -18.38 45.98 -12.69
CA GLU F 321 -17.29 45.02 -12.88
C GLU F 321 -17.51 43.78 -12.00
N PRO F 322 -16.83 42.65 -12.31
CA PRO F 322 -16.80 41.56 -11.34
C PRO F 322 -15.96 41.94 -10.14
N TYR F 323 -16.29 41.40 -8.98
CA TYR F 323 -15.44 41.50 -7.79
C TYR F 323 -13.96 41.40 -8.19
N PRO F 324 -13.11 42.33 -7.69
CA PRO F 324 -11.72 42.45 -8.17
C PRO F 324 -10.82 41.20 -8.16
N SER F 325 -10.99 40.29 -7.20
CA SER F 325 -10.07 39.15 -7.10
C SER F 325 -10.12 38.25 -8.35
N VAL F 326 -11.27 38.30 -9.02
CA VAL F 326 -11.52 37.62 -10.30
C VAL F 326 -10.43 37.97 -11.32
N GLY F 327 -9.91 39.19 -11.21
CA GLY F 327 -8.96 39.75 -12.16
C GLY F 327 -7.57 39.19 -12.02
N ASP F 328 -7.16 38.96 -10.78
CA ASP F 328 -5.92 38.24 -10.48
C ASP F 328 -5.96 36.83 -11.11
N LEU F 329 -7.01 36.06 -10.83
CA LEU F 329 -7.13 34.70 -11.35
C LEU F 329 -7.05 34.67 -12.87
N LEU F 330 -7.85 35.53 -13.53
CA LEU F 330 -7.95 35.59 -14.99
C LEU F 330 -6.76 36.25 -15.69
N MET F 331 -5.95 37.03 -14.97
CA MET F 331 -4.68 37.43 -15.53
C MET F 331 -3.70 36.26 -15.51
N TYR F 332 -3.73 35.48 -14.43
CA TYR F 332 -2.90 34.27 -14.32
C TYR F 332 -3.30 33.24 -15.38
N LEU F 333 -4.59 32.93 -15.49
CA LEU F 333 -5.05 31.98 -16.52
C LEU F 333 -4.65 32.34 -17.96
N ARG F 334 -4.64 33.63 -18.25
CA ARG F 334 -4.32 34.14 -19.57
C ARG F 334 -2.88 33.81 -19.89
N GLY F 335 -2.01 33.92 -18.88
CA GLY F 335 -0.61 33.51 -19.03
C GLY F 335 -0.40 32.01 -19.14
N LEU F 336 -1.23 31.23 -18.44
CA LEU F 336 -1.15 29.77 -18.42
C LEU F 336 -1.62 29.06 -19.70
N LYS F 337 -2.59 29.62 -20.41
CA LYS F 337 -3.03 29.10 -21.69
C LYS F 337 -3.36 27.60 -21.63
N PHE F 338 -4.33 27.26 -20.79
CA PHE F 338 -4.76 25.87 -20.62
C PHE F 338 -5.23 25.25 -21.93
N ASN F 339 -5.79 26.08 -22.80
CA ASN F 339 -6.28 25.60 -24.10
C ASN F 339 -5.21 24.93 -24.97
N ARG F 340 -3.95 25.02 -24.55
CA ARG F 340 -2.86 24.35 -25.24
C ARG F 340 -2.80 22.88 -24.88
N THR F 341 -3.57 22.49 -23.86
CA THR F 341 -3.79 21.10 -23.52
C THR F 341 -5.20 20.67 -23.95
N LEU F 342 -6.22 21.30 -23.36
CA LEU F 342 -7.62 21.02 -23.59
C LEU F 342 -8.34 22.36 -23.49
N THR F 343 -9.24 22.65 -24.42
CA THR F 343 -10.15 23.77 -24.26
C THR F 343 -11.28 23.33 -23.28
N ARG F 344 -11.07 23.63 -22.01
CA ARG F 344 -12.00 23.18 -20.97
C ARG F 344 -13.31 23.98 -21.01
N LYS F 345 -14.42 23.32 -20.63
CA LYS F 345 -15.72 23.99 -20.61
C LYS F 345 -15.78 24.87 -19.37
N ALA F 346 -16.67 25.86 -19.36
CA ALA F 346 -16.81 26.85 -18.28
C ALA F 346 -18.25 27.34 -18.12
N LEU F 347 -18.66 27.54 -16.87
CA LEU F 347 -19.92 28.20 -16.54
C LEU F 347 -19.58 29.48 -15.77
N VAL F 348 -20.20 30.60 -16.14
CA VAL F 348 -20.00 31.84 -15.42
C VAL F 348 -21.28 32.19 -14.66
N PHE F 349 -21.14 32.78 -13.47
CA PHE F 349 -22.30 33.12 -12.63
C PHE F 349 -22.06 34.24 -11.61
N GLY F 350 -23.14 34.74 -11.01
CA GLY F 350 -23.02 35.70 -9.91
C GLY F 350 -24.32 36.38 -9.52
N SER F 351 -24.35 36.95 -8.31
CA SER F 351 -25.47 37.80 -7.90
C SER F 351 -25.22 39.26 -8.22
N MET F 352 -26.27 40.06 -8.21
CA MET F 352 -26.16 41.49 -8.52
C MET F 352 -27.37 42.22 -7.98
N GLY F 353 -27.29 43.55 -7.93
CA GLY F 353 -28.38 44.35 -7.39
C GLY F 353 -28.95 45.40 -8.31
N GLY F 354 -28.40 45.50 -9.52
CA GLY F 354 -28.83 46.51 -10.50
C GLY F 354 -28.75 45.98 -11.92
N ASN F 355 -27.85 46.55 -12.73
CA ASN F 355 -27.66 46.11 -14.12
C ASN F 355 -26.63 44.96 -14.29
N GLY F 356 -25.98 44.59 -13.21
CA GLY F 356 -25.04 43.47 -13.25
C GLY F 356 -23.88 43.76 -14.18
N GLY F 357 -23.30 42.72 -14.79
CA GLY F 357 -22.20 42.92 -15.73
C GLY F 357 -20.97 42.07 -15.49
N ALA F 358 -20.81 41.58 -14.26
CA ALA F 358 -19.69 40.67 -13.92
C ALA F 358 -19.60 39.48 -14.88
N THR F 359 -20.73 38.86 -15.13
CA THR F 359 -20.80 37.61 -15.87
C THR F 359 -20.44 37.82 -17.32
N GLY F 360 -20.92 38.92 -17.90
CA GLY F 360 -20.58 39.30 -19.28
C GLY F 360 -19.09 39.49 -19.45
N THR F 361 -18.47 40.23 -18.53
CA THR F 361 -17.03 40.41 -18.52
C THR F 361 -16.30 39.09 -18.26
N MET F 362 -16.76 38.32 -17.28
CA MET F 362 -16.09 37.06 -16.94
C MET F 362 -16.10 36.11 -18.13
N LYS F 363 -17.27 35.95 -18.74
CA LYS F 363 -17.44 35.18 -19.97
C LYS F 363 -16.48 35.62 -21.10
N GLU F 364 -16.27 36.93 -21.25
CA GLU F 364 -15.34 37.45 -22.24
C GLU F 364 -13.91 37.01 -21.95
N LEU F 365 -13.49 37.13 -20.69
CA LEU F 365 -12.10 36.93 -20.27
C LEU F 365 -11.68 35.47 -20.20
N LEU F 366 -12.58 34.61 -19.73
CA LEU F 366 -12.37 33.17 -19.76
C LEU F 366 -12.17 32.65 -21.18
N ALA F 367 -12.91 33.21 -22.13
CA ALA F 367 -12.76 32.86 -23.53
C ALA F 367 -11.39 33.29 -24.05
N GLU F 368 -10.95 34.49 -23.69
CA GLU F 368 -9.63 35.00 -24.00
C GLU F 368 -8.55 34.17 -23.34
N ALA F 369 -8.89 33.57 -22.21
CA ALA F 369 -7.96 32.73 -21.46
C ALA F 369 -7.97 31.27 -21.92
N GLY F 370 -8.86 30.93 -22.84
CA GLY F 370 -8.87 29.63 -23.51
C GLY F 370 -9.92 28.63 -23.07
N PHE F 371 -11.03 29.13 -22.56
CA PHE F 371 -12.13 28.28 -22.13
C PHE F 371 -13.31 28.32 -23.11
N ASP F 372 -14.14 27.29 -23.06
CA ASP F 372 -15.31 27.18 -23.94
C ASP F 372 -16.49 27.67 -23.11
N VAL F 373 -16.64 28.98 -23.07
CA VAL F 373 -17.56 29.57 -22.10
C VAL F 373 -18.89 29.85 -22.75
N ALA F 374 -19.88 29.04 -22.38
CA ALA F 374 -21.24 29.34 -22.76
C ALA F 374 -22.13 29.13 -21.54
N CYS F 375 -23.16 29.97 -21.44
CA CYS F 375 -24.11 29.93 -20.35
C CYS F 375 -23.61 30.66 -19.11
N GLU F 376 -24.46 31.57 -18.65
CA GLU F 376 -24.23 32.26 -17.41
C GLU F 376 -25.48 32.21 -16.56
N GLU F 377 -25.28 32.18 -15.25
CA GLU F 377 -26.38 32.30 -14.32
C GLU F 377 -26.25 33.61 -13.54
N GLU F 378 -27.24 34.48 -13.70
CA GLU F 378 -27.23 35.78 -13.06
C GLU F 378 -28.49 35.97 -12.21
N VAL F 379 -28.33 36.49 -11.01
CA VAL F 379 -29.42 36.55 -10.06
C VAL F 379 -29.51 37.88 -9.32
N TYR F 380 -30.73 38.44 -9.27
CA TYR F 380 -31.03 39.64 -8.47
C TYR F 380 -30.99 39.32 -6.99
N TYR F 381 -30.03 39.93 -6.28
CA TYR F 381 -29.81 39.77 -4.85
C TYR F 381 -29.81 38.32 -4.34
N VAL F 382 -30.78 37.97 -3.50
CA VAL F 382 -30.79 36.65 -2.86
C VAL F 382 -31.50 35.63 -3.75
N PRO F 383 -30.85 34.47 -4.02
CA PRO F 383 -31.48 33.47 -4.87
C PRO F 383 -32.77 32.92 -4.23
N THR F 384 -33.85 32.83 -5.02
CA THR F 384 -35.06 32.17 -4.54
C THR F 384 -34.86 30.66 -4.60
N GLY F 385 -35.85 29.88 -4.18
CA GLY F 385 -35.77 28.42 -4.26
C GLY F 385 -35.55 27.95 -5.69
N ASP F 386 -36.37 28.49 -6.58
CA ASP F 386 -36.35 28.23 -8.01
C ASP F 386 -35.04 28.62 -8.71
N GLU F 387 -34.41 29.71 -8.26
CA GLU F 387 -33.16 30.18 -8.88
C GLU F 387 -31.98 29.29 -8.48
N LEU F 388 -32.06 28.69 -7.30
CA LEU F 388 -31.06 27.69 -6.92
C LEU F 388 -31.21 26.40 -7.72
N ASP F 389 -32.45 25.99 -8.01
CA ASP F 389 -32.71 24.83 -8.88
C ASP F 389 -32.23 25.07 -10.31
N ALA F 390 -32.39 26.30 -10.79
CA ALA F 390 -31.74 26.76 -12.03
C ALA F 390 -30.22 26.61 -11.98
N CYS F 391 -29.60 27.06 -10.89
CA CYS F 391 -28.15 26.92 -10.68
C CYS F 391 -27.72 25.46 -10.68
N PHE F 392 -28.41 24.64 -9.87
CA PHE F 392 -28.22 23.19 -9.82
C PHE F 392 -28.21 22.61 -11.21
N GLU F 393 -29.28 22.89 -11.94
CA GLU F 393 -29.45 22.45 -13.33
C GLU F 393 -28.31 22.87 -14.27
N ALA F 394 -27.83 24.10 -14.12
CA ALA F 394 -26.66 24.55 -14.87
C ALA F 394 -25.43 23.70 -14.52
N GLY F 395 -25.31 23.31 -13.25
CA GLY F 395 -24.18 22.50 -12.75
C GLY F 395 -24.22 21.08 -13.27
N ARG F 396 -25.41 20.52 -13.29
CA ARG F 396 -25.68 19.21 -13.86
C ARG F 396 -25.37 19.15 -15.35
N LYS F 397 -25.76 20.20 -16.06
CA LYS F 397 -25.56 20.29 -17.52
C LYS F 397 -24.08 20.42 -17.90
N LEU F 398 -23.35 21.24 -17.14
CA LEU F 398 -21.87 21.39 -17.26
C LEU F 398 -21.17 20.07 -17.02
N ALA F 399 -21.63 19.33 -16.00
CA ALA F 399 -21.04 18.06 -15.60
C ALA F 399 -21.37 16.96 -16.62
N ALA F 400 -22.60 16.93 -17.11
CA ALA F 400 -23.01 15.94 -18.12
C ALA F 400 -22.20 16.06 -19.42
N GLU F 401 -21.98 17.30 -19.87
CA GLU F 401 -21.22 17.60 -21.08
C GLU F 401 -19.74 17.14 -21.03
N ILE F 402 -19.21 16.91 -19.83
CA ILE F 402 -17.80 16.46 -19.72
C ILE F 402 -17.66 14.99 -19.35
N ARG F 403 -18.79 14.29 -19.28
CA ARG F 403 -18.80 12.83 -19.17
C ARG F 403 -18.68 12.21 -20.56
N MET G 1 24.68 54.85 -8.25
CA MET G 1 23.28 54.94 -7.74
C MET G 1 22.91 56.40 -7.47
N LYS G 2 21.62 56.69 -7.48
CA LYS G 2 21.15 58.05 -7.29
C LYS G 2 20.34 58.19 -6.00
N ALA G 3 21.01 58.65 -4.94
CA ALA G 3 20.34 58.90 -3.66
C ALA G 3 21.00 60.04 -2.87
N ALA G 4 20.20 60.99 -2.44
CA ALA G 4 20.71 62.21 -1.85
C ALA G 4 20.66 62.16 -0.34
N ALA G 5 21.70 62.69 0.28
CA ALA G 5 21.72 62.94 1.72
C ALA G 5 20.86 64.15 2.07
N LYS G 6 20.52 64.28 3.34
CA LYS G 6 19.80 65.44 3.83
C LYS G 6 20.61 66.17 4.90
N ARG G 7 20.95 67.42 4.61
CA ARG G 7 21.58 68.31 5.58
C ARG G 7 20.56 68.66 6.68
N ILE G 8 20.79 68.15 7.88
CA ILE G 8 19.94 68.42 9.06
C ILE G 8 20.55 69.46 10.03
N SER G 9 21.85 69.75 9.88
CA SER G 9 22.58 70.80 10.62
C SER G 9 23.90 71.14 9.90
N ASP G 10 24.60 72.17 10.37
CA ASP G 10 25.92 72.52 9.84
C ASP G 10 26.89 71.36 10.06
N GLY G 11 27.29 70.74 8.95
CA GLY G 11 28.17 69.57 8.96
C GLY G 11 27.55 68.25 9.40
N VAL G 12 26.24 68.23 9.65
CA VAL G 12 25.54 66.98 10.00
C VAL G 12 24.52 66.58 8.94
N TYR G 13 24.79 65.45 8.29
CA TYR G 13 23.98 64.99 7.18
C TYR G 13 23.31 63.67 7.51
N TRP G 14 22.02 63.55 7.19
CA TRP G 14 21.35 62.26 7.27
C TRP G 14 21.72 61.47 6.01
N THR G 15 22.25 60.27 6.24
CA THR G 15 22.70 59.40 5.15
C THR G 15 22.24 57.98 5.43
N GLY G 16 20.94 57.79 5.62
CA GLY G 16 20.40 56.48 6.02
C GLY G 16 19.71 55.71 4.92
N VAL G 17 18.87 54.76 5.30
CA VAL G 17 18.11 54.05 4.28
C VAL G 17 16.62 53.94 4.59
N LEU G 18 15.82 54.14 3.53
CA LEU G 18 14.37 54.00 3.60
C LEU G 18 13.96 52.56 3.27
N ASP G 19 13.46 51.85 4.27
CA ASP G 19 12.96 50.49 4.08
C ASP G 19 11.46 50.52 3.86
N TRP G 20 11.07 50.81 2.61
CA TRP G 20 9.67 50.99 2.24
C TRP G 20 8.84 49.74 2.49
N ASP G 21 9.44 48.56 2.29
CA ASP G 21 8.66 47.32 2.09
C ASP G 21 8.44 46.42 3.30
N LEU G 22 9.08 46.77 4.41
CA LEU G 22 8.94 46.01 5.65
C LEU G 22 7.53 46.15 6.21
N ARG G 23 6.91 45.02 6.53
CA ARG G 23 5.57 45.01 7.16
C ARG G 23 5.58 44.42 8.58
N ASN G 24 6.58 43.59 8.86
CA ASN G 24 6.71 42.91 10.15
C ASN G 24 8.18 42.83 10.53
N TYR G 25 8.54 43.48 11.63
CA TYR G 25 9.90 43.50 12.13
C TYR G 25 9.99 42.71 13.44
N HIS G 26 10.14 41.40 13.28
CA HIS G 26 10.17 40.41 14.37
C HIS G 26 9.00 40.49 15.38
N GLY G 27 7.78 40.30 14.88
CA GLY G 27 6.56 40.31 15.72
C GLY G 27 6.12 41.71 16.11
N TYR G 28 6.58 42.68 15.31
CA TYR G 28 6.24 44.08 15.44
C TYR G 28 5.77 44.49 14.04
N THR G 29 4.49 44.84 13.92
CA THR G 29 3.88 45.11 12.61
C THR G 29 3.83 46.60 12.27
N LEU G 30 4.46 46.98 11.16
CA LEU G 30 4.69 48.37 10.78
C LEU G 30 4.35 48.61 9.30
N GLN G 31 4.48 49.84 8.85
CA GLN G 31 4.32 50.19 7.43
C GLN G 31 5.65 50.72 6.91
N GLY G 32 6.68 49.88 6.98
CA GLY G 32 8.03 50.30 6.63
C GLY G 32 8.78 50.92 7.79
N THR G 33 10.10 50.93 7.71
CA THR G 33 10.91 51.75 8.62
C THR G 33 12.12 52.39 7.92
N THR G 34 13.01 53.00 8.69
CA THR G 34 14.25 53.55 8.19
C THR G 34 15.40 53.08 9.10
N TYR G 35 16.60 53.13 8.56
CA TYR G 35 17.80 52.84 9.32
C TYR G 35 18.58 54.13 9.16
N ASN G 36 18.66 54.89 10.24
CA ASN G 36 19.26 56.23 10.22
C ASN G 36 20.76 56.23 10.48
N ALA G 37 21.53 56.67 9.49
CA ALA G 37 22.96 56.91 9.68
C ALA G 37 23.21 58.38 9.47
N TYR G 38 24.13 58.91 10.26
CA TYR G 38 24.42 60.33 10.23
C TYR G 38 25.90 60.57 9.98
N LEU G 39 26.19 61.42 9.02
CA LEU G 39 27.58 61.79 8.75
C LEU G 39 27.87 63.14 9.40
N VAL G 40 28.84 63.16 10.31
CA VAL G 40 29.27 64.40 10.98
C VAL G 40 30.62 64.87 10.44
N CYS G 41 30.69 66.14 10.07
CA CYS G 41 31.86 66.67 9.39
C CYS G 41 32.47 67.89 10.08
N GLY G 42 33.62 67.68 10.72
CA GLY G 42 34.42 68.76 11.27
C GLY G 42 35.33 69.32 10.21
N ASP G 43 36.38 70.01 10.63
CA ASP G 43 37.29 70.71 9.72
C ASP G 43 38.45 69.85 9.20
N GLU G 44 38.69 68.72 9.87
CA GLU G 44 39.78 67.83 9.45
C GLU G 44 39.30 66.41 9.16
N GLY G 45 38.31 65.94 9.92
CA GLY G 45 37.88 64.54 9.83
C GLY G 45 36.37 64.37 9.92
N VAL G 46 35.85 63.31 9.31
CA VAL G 46 34.41 63.07 9.31
C VAL G 46 34.02 61.71 9.88
N ALA G 47 32.90 61.68 10.60
CA ALA G 47 32.44 60.45 11.22
C ALA G 47 31.10 59.98 10.67
N LEU G 48 30.98 58.67 10.52
CA LEU G 48 29.72 58.05 10.22
C LEU G 48 29.17 57.43 11.51
N ILE G 49 27.99 57.89 11.91
CA ILE G 49 27.32 57.33 13.07
C ILE G 49 26.31 56.28 12.60
N ASP G 50 26.57 55.04 12.98
CA ASP G 50 25.76 53.87 12.62
C ASP G 50 25.68 53.63 11.12
N ASN G 51 25.07 52.50 10.74
CA ASN G 51 24.81 52.21 9.33
C ASN G 51 23.42 51.60 9.04
N SER G 52 23.35 50.43 8.40
CA SER G 52 22.04 49.87 8.03
C SER G 52 21.97 48.35 7.97
N TYR G 53 20.75 47.84 7.77
CA TYR G 53 20.46 46.42 7.58
C TYR G 53 21.27 45.87 6.42
N PRO G 54 21.79 44.63 6.55
CA PRO G 54 22.61 44.06 5.51
C PRO G 54 21.94 44.09 4.14
N GLY G 55 22.76 44.19 3.08
CA GLY G 55 22.28 44.27 1.70
C GLY G 55 21.87 45.66 1.25
N THR G 56 22.14 46.69 2.06
CA THR G 56 21.70 48.06 1.76
C THR G 56 22.86 49.03 1.56
N PHE G 57 24.06 48.50 1.33
CA PHE G 57 25.28 49.31 1.22
C PHE G 57 25.27 50.23 -0.01
N ASP G 58 24.57 49.81 -1.05
CA ASP G 58 24.38 50.62 -2.26
C ASP G 58 23.68 51.94 -1.95
N GLU G 59 22.67 51.90 -1.08
CA GLU G 59 21.94 53.10 -0.71
C GLU G 59 22.69 53.99 0.28
N LEU G 60 23.14 53.40 1.40
CA LEU G 60 23.90 54.14 2.41
C LEU G 60 25.10 54.82 1.75
N MET G 61 25.88 54.04 1.00
CA MET G 61 27.12 54.53 0.39
C MET G 61 26.90 55.62 -0.66
N ALA G 62 25.82 55.50 -1.45
CA ALA G 62 25.40 56.56 -2.38
C ALA G 62 25.13 57.87 -1.64
N ARG G 63 24.45 57.76 -0.49
CA ARG G 63 24.10 58.91 0.34
C ARG G 63 25.30 59.57 0.97
N VAL G 64 26.27 58.78 1.46
CA VAL G 64 27.45 59.39 2.06
C VAL G 64 28.36 60.00 0.99
N GLU G 65 28.42 59.38 -0.20
CA GLU G 65 29.11 59.98 -1.35
C GLU G 65 28.56 61.40 -1.62
N ASP G 66 27.22 61.52 -1.59
CA ASP G 66 26.53 62.80 -1.78
C ASP G 66 26.82 63.82 -0.68
N ALA G 67 26.90 63.35 0.57
CA ALA G 67 27.14 64.24 1.71
C ALA G 67 28.57 64.76 1.75
N LEU G 68 29.52 63.90 1.39
CA LEU G 68 30.92 64.28 1.24
C LEU G 68 31.09 65.30 0.12
N GLN G 69 30.29 65.17 -0.93
CA GLN G 69 30.37 66.10 -2.06
C GLN G 69 29.88 67.51 -1.72
N GLN G 70 28.87 67.60 -0.86
CA GLN G 70 28.33 68.90 -0.46
C GLN G 70 29.21 69.60 0.56
N VAL G 71 29.94 68.82 1.36
CA VAL G 71 30.85 69.36 2.38
C VAL G 71 32.31 69.45 1.87
N GLY G 72 32.59 68.84 0.72
CA GLY G 72 33.92 68.90 0.10
C GLY G 72 35.00 68.06 0.76
N MET G 73 34.58 66.96 1.38
CA MET G 73 35.49 66.02 2.05
C MET G 73 35.81 64.81 1.17
N GLU G 74 36.96 64.19 1.44
CA GLU G 74 37.44 63.04 0.68
C GLU G 74 36.78 61.71 1.06
N ARG G 75 36.82 61.37 2.35
CA ARG G 75 36.42 60.04 2.83
C ARG G 75 35.96 60.05 4.29
N VAL G 76 35.24 58.99 4.68
CA VAL G 76 34.88 58.76 6.09
C VAL G 76 36.12 58.37 6.90
N ASP G 77 36.42 59.17 7.92
CA ASP G 77 37.63 58.99 8.72
C ASP G 77 37.42 58.13 9.98
N TYR G 78 36.25 58.27 10.60
CA TYR G 78 35.92 57.47 11.79
C TYR G 78 34.54 56.85 11.64
N ILE G 79 34.42 55.56 11.98
CA ILE G 79 33.14 54.81 11.94
C ILE G 79 32.71 54.52 13.37
N ILE G 80 31.48 54.89 13.72
CA ILE G 80 30.99 54.78 15.09
C ILE G 80 29.82 53.81 15.18
N GLN G 81 29.89 52.88 16.14
CA GLN G 81 28.78 51.94 16.40
C GLN G 81 28.13 52.21 17.76
N ASN G 82 26.91 52.70 17.72
CA ASN G 82 26.12 52.93 18.93
C ASN G 82 25.43 51.65 19.44
N HIS G 83 25.25 50.70 18.54
CA HIS G 83 24.48 49.47 18.77
C HIS G 83 24.99 48.40 17.80
N VAL G 84 24.94 47.13 18.23
CA VAL G 84 25.38 46.02 17.36
C VAL G 84 24.25 45.39 16.56
N GLU G 85 23.01 45.68 16.94
CA GLU G 85 21.83 45.21 16.19
C GLU G 85 22.02 45.20 14.68
N LYS G 86 21.80 44.02 14.09
CA LYS G 86 21.82 43.76 12.65
C LYS G 86 21.39 44.94 11.77
N ASP G 87 20.34 45.64 12.18
CA ASP G 87 19.79 46.74 11.39
C ASP G 87 20.63 48.03 11.43
N HIS G 88 21.60 48.10 12.35
CA HIS G 88 22.49 49.27 12.45
C HIS G 88 23.93 48.96 12.12
N SER G 89 24.27 47.68 12.07
CA SER G 89 25.65 47.30 11.83
C SER G 89 25.78 46.27 10.71
N GLY G 90 24.73 46.11 9.92
CA GLY G 90 24.69 45.10 8.86
C GLY G 90 25.55 45.33 7.62
N VAL G 91 26.08 46.55 7.46
CA VAL G 91 27.05 46.88 6.40
C VAL G 91 28.43 47.38 6.93
N LEU G 92 28.71 47.09 8.20
CA LEU G 92 29.99 47.49 8.79
C LEU G 92 31.17 46.88 8.03
N VAL G 93 31.08 45.59 7.73
CA VAL G 93 32.11 44.86 6.99
C VAL G 93 32.42 45.49 5.62
N GLU G 94 31.39 45.96 4.94
CA GLU G 94 31.52 46.62 3.65
C GLU G 94 32.09 48.05 3.83
N LEU G 95 31.71 48.69 4.93
CA LEU G 95 32.22 50.01 5.29
C LEU G 95 33.71 49.95 5.54
N HIS G 96 34.14 48.94 6.29
CA HIS G 96 35.55 48.78 6.62
C HIS G 96 36.38 48.49 5.35
N ARG G 97 35.78 47.79 4.38
CA ARG G 97 36.45 47.47 3.12
C ARG G 97 36.54 48.73 2.25
N ARG G 98 35.53 49.58 2.36
CA ARG G 98 35.46 50.85 1.67
C ARG G 98 36.45 51.86 2.29
N PHE G 99 36.54 51.88 3.63
CA PHE G 99 37.45 52.78 4.34
C PHE G 99 38.38 52.02 5.30
N PRO G 100 39.46 51.41 4.75
CA PRO G 100 40.39 50.60 5.56
C PRO G 100 41.12 51.35 6.67
N GLU G 101 41.28 52.66 6.53
CA GLU G 101 42.00 53.48 7.52
C GLU G 101 41.12 54.03 8.65
N ALA G 102 39.85 53.63 8.69
CA ALA G 102 38.92 54.09 9.70
C ALA G 102 38.93 53.14 10.91
N PRO G 103 39.00 53.71 12.13
CA PRO G 103 38.73 52.92 13.32
C PRO G 103 37.23 52.82 13.60
N ILE G 104 36.82 51.74 14.26
CA ILE G 104 35.43 51.55 14.68
C ILE G 104 35.27 51.89 16.18
N TYR G 105 34.60 53.01 16.45
CA TYR G 105 34.37 53.50 17.81
C TYR G 105 33.09 52.92 18.42
N CYS G 106 33.26 52.11 19.47
CA CYS G 106 32.15 51.45 20.15
C CYS G 106 32.50 51.15 21.62
N THR G 107 31.52 50.69 22.41
CA THR G 107 31.75 50.33 23.81
C THR G 107 32.57 49.04 23.87
N GLU G 108 33.22 48.78 25.01
CA GLU G 108 33.96 47.53 25.20
C GLU G 108 33.10 46.32 24.94
N VAL G 109 31.92 46.31 25.56
CA VAL G 109 30.95 45.23 25.37
C VAL G 109 30.67 44.99 23.88
N ALA G 110 30.28 46.06 23.17
CA ALA G 110 30.01 46.01 21.72
C ALA G 110 31.09 45.37 20.83
N VAL G 111 32.34 45.36 21.28
CA VAL G 111 33.45 44.73 20.53
C VAL G 111 33.24 43.21 20.37
N LYS G 112 33.10 42.48 21.48
CA LYS G 112 32.86 41.03 21.47
C LYS G 112 31.56 40.65 20.75
N GLY G 113 30.50 41.44 20.98
CA GLY G 113 29.24 41.29 20.27
C GLY G 113 29.45 41.48 18.78
N LEU G 114 30.17 42.55 18.43
CA LEU G 114 30.44 42.86 17.04
C LEU G 114 31.20 41.73 16.37
N LEU G 115 32.28 41.28 17.01
CA LEU G 115 33.12 40.23 16.45
C LEU G 115 32.40 38.91 16.23
N LYS G 116 31.43 38.61 17.08
CA LYS G 116 30.64 37.40 16.96
C LYS G 116 29.79 37.46 15.69
N HIS G 117 29.21 38.63 15.43
CA HIS G 117 28.46 38.86 14.20
C HIS G 117 29.29 38.75 12.94
N TYR G 118 30.51 39.30 12.94
CA TYR G 118 31.37 39.32 11.75
C TYR G 118 32.84 38.97 12.07
N PRO G 119 33.17 37.66 12.02
CA PRO G 119 34.53 37.15 12.30
C PRO G 119 35.64 37.76 11.45
N SER G 120 35.30 38.28 10.28
CA SER G 120 36.29 38.86 9.37
C SER G 120 36.84 40.20 9.88
N LEU G 121 36.28 40.70 10.99
CA LEU G 121 36.75 41.96 11.60
C LEU G 121 37.75 41.77 12.75
N ARG G 122 38.40 40.61 12.76
CA ARG G 122 39.45 40.33 13.74
C ARG G 122 40.64 41.28 13.56
N GLU G 123 41.06 41.48 12.31
CA GLU G 123 42.18 42.39 12.00
C GLU G 123 41.73 43.83 11.75
N ALA G 124 40.47 44.13 12.06
CA ALA G 124 39.98 45.52 12.04
C ALA G 124 40.52 46.30 13.24
N GLU G 125 40.43 47.62 13.19
CA GLU G 125 40.94 48.44 14.30
C GLU G 125 39.78 49.04 15.09
N PHE G 126 39.70 48.68 16.37
CA PHE G 126 38.65 49.16 17.24
C PHE G 126 39.16 50.22 18.19
N MET G 127 38.48 51.36 18.24
CA MET G 127 38.73 52.31 19.31
C MET G 127 37.63 52.19 20.35
N THR G 128 38.03 51.72 21.53
CA THR G 128 37.15 51.49 22.65
C THR G 128 36.79 52.82 23.35
N VAL G 129 35.46 53.03 23.58
CA VAL G 129 35.01 54.26 24.24
C VAL G 129 34.07 54.01 25.46
N LYS G 130 34.27 54.86 26.47
CA LYS G 130 33.37 54.88 27.64
C LYS G 130 32.62 56.23 27.80
N THR G 131 31.83 56.34 28.87
CA THR G 131 31.06 57.57 29.18
C THR G 131 32.03 58.76 29.51
N GLY G 132 31.92 59.87 28.70
CA GLY G 132 32.73 61.12 28.91
C GLY G 132 33.80 61.29 27.83
N ASP G 133 34.34 60.17 27.35
CA ASP G 133 35.33 60.18 26.25
C ASP G 133 34.90 61.03 25.04
N VAL G 134 35.89 61.51 24.28
CA VAL G 134 35.66 62.49 23.21
C VAL G 134 36.37 62.12 21.91
N LEU G 135 35.80 62.55 20.79
CA LEU G 135 36.45 62.44 19.50
C LEU G 135 36.27 63.77 18.76
N ASP G 136 37.32 64.59 18.74
CA ASP G 136 37.25 65.87 18.01
C ASP G 136 37.45 65.64 16.51
N LEU G 137 36.76 66.45 15.72
CA LEU G 137 36.83 66.35 14.27
C LEU G 137 37.41 67.63 13.69
N GLY G 138 37.89 68.50 14.58
CA GLY G 138 38.32 69.85 14.20
C GLY G 138 37.13 70.78 14.20
N GLY G 139 36.93 71.48 15.32
CA GLY G 139 35.80 72.41 15.45
C GLY G 139 34.46 71.75 15.74
N LYS G 140 34.46 70.43 15.88
CA LYS G 140 33.28 69.66 16.30
C LYS G 140 33.74 68.48 17.15
N THR G 141 33.12 68.28 18.31
CA THR G 141 33.51 67.15 19.16
C THR G 141 32.35 66.24 19.56
N LEU G 142 32.59 64.94 19.44
CA LEU G 142 31.63 63.89 19.74
C LEU G 142 31.93 63.30 21.13
N THR G 143 30.94 63.34 22.01
CA THR G 143 31.04 62.72 23.34
C THR G 143 30.24 61.43 23.32
N PHE G 144 30.75 60.41 23.99
CA PHE G 144 30.07 59.14 24.12
C PHE G 144 29.57 58.94 25.54
N LEU G 145 28.33 58.48 25.66
CA LEU G 145 27.72 58.15 26.93
C LEU G 145 27.19 56.72 26.84
N GLU G 146 27.75 55.83 27.66
CA GLU G 146 27.35 54.42 27.68
C GLU G 146 25.96 54.26 28.26
N THR G 147 25.10 53.52 27.56
CA THR G 147 23.73 53.26 28.01
C THR G 147 23.37 51.76 28.00
N PRO G 148 23.98 50.96 28.91
CA PRO G 148 23.70 49.51 28.90
C PRO G 148 22.23 49.17 29.16
N LEU G 149 21.78 48.10 28.52
CA LEU G 149 20.39 47.64 28.58
C LEU G 149 19.40 48.67 28.03
N LEU G 150 19.86 49.51 27.08
CA LEU G 150 19.07 50.64 26.57
C LEU G 150 19.55 51.14 25.19
N HIS G 151 19.28 50.41 24.09
CA HIS G 151 18.41 49.24 24.00
C HIS G 151 19.02 47.95 24.55
N TRP G 152 20.28 47.66 24.20
CA TRP G 152 20.97 46.42 24.61
C TRP G 152 22.12 46.66 25.59
N PRO G 153 22.76 45.58 26.11
CA PRO G 153 23.98 45.70 26.93
C PRO G 153 25.13 46.49 26.28
N ASP G 154 25.18 46.48 24.95
CA ASP G 154 26.25 47.12 24.17
C ASP G 154 25.96 48.58 23.75
N SER G 155 24.90 49.18 24.29
CA SER G 155 24.44 50.47 23.77
C SER G 155 25.22 51.70 24.24
N MET G 156 25.11 52.76 23.45
CA MET G 156 25.69 54.06 23.79
C MET G 156 25.04 55.19 23.00
N PHE G 157 25.07 56.39 23.57
CA PHE G 157 24.66 57.60 22.86
C PHE G 157 25.91 58.37 22.41
N THR G 158 25.88 58.89 21.20
CA THR G 158 26.91 59.81 20.74
C THR G 158 26.28 61.21 20.65
N LEU G 159 27.01 62.17 21.19
CA LEU G 159 26.43 63.46 21.51
C LEU G 159 27.37 64.57 21.02
N LEU G 160 26.79 65.44 20.21
CA LEU G 160 27.44 66.63 19.73
C LEU G 160 26.95 67.73 20.66
N ASP G 161 27.68 67.97 21.74
CA ASP G 161 27.30 68.97 22.75
C ASP G 161 27.45 70.43 22.23
N GLU G 162 28.10 70.54 21.07
CA GLU G 162 28.25 71.77 20.30
C GLU G 162 26.89 72.33 19.85
N ASP G 163 26.15 71.46 19.16
CA ASP G 163 24.83 71.79 18.59
C ASP G 163 23.71 71.31 19.50
N GLY G 164 24.08 70.60 20.56
CA GLY G 164 23.10 69.83 21.33
C GLY G 164 22.38 68.79 20.48
N ILE G 165 23.10 68.09 19.62
CA ILE G 165 22.50 66.97 18.86
C ILE G 165 22.81 65.65 19.54
N LEU G 166 21.77 64.89 19.84
CA LEU G 166 21.94 63.58 20.44
C LEU G 166 21.62 62.52 19.40
N PHE G 167 22.61 61.68 19.12
CA PHE G 167 22.41 60.53 18.29
C PHE G 167 22.12 59.38 19.28
N SER G 168 20.83 59.10 19.45
CA SER G 168 20.33 58.33 20.60
C SER G 168 20.08 56.85 20.30
N ASN G 169 20.51 56.39 19.13
CA ASN G 169 20.29 55.01 18.72
C ASN G 169 18.77 54.68 18.68
N ASP G 170 18.35 53.51 19.21
CA ASP G 170 16.94 53.09 19.18
C ASP G 170 16.01 54.01 19.99
N ALA G 171 16.50 54.55 21.11
CA ALA G 171 15.70 55.41 22.01
C ALA G 171 15.12 56.60 21.26
N PHE G 172 13.87 56.94 21.59
CA PHE G 172 13.13 58.02 20.88
C PHE G 172 12.83 57.71 19.39
N GLY G 173 13.23 56.51 18.94
CA GLY G 173 12.90 56.05 17.59
C GLY G 173 11.42 55.76 17.38
N GLN G 174 11.05 55.61 16.12
CA GLN G 174 9.70 55.25 15.70
C GLN G 174 9.86 54.51 14.38
N HIS G 175 9.03 53.49 14.13
CA HIS G 175 9.14 52.79 12.87
C HIS G 175 8.19 53.44 11.86
N LEU G 176 8.74 54.35 11.07
CA LEU G 176 8.02 55.06 10.03
C LEU G 176 8.96 55.20 8.83
N CYS G 177 8.41 55.08 7.63
CA CYS G 177 9.16 55.33 6.41
C CYS G 177 8.48 56.44 5.60
N CYS G 178 8.98 57.67 5.76
CA CYS G 178 8.46 58.87 5.10
C CYS G 178 9.51 59.44 4.16
N PRO G 179 9.08 60.14 3.10
CA PRO G 179 9.96 61.08 2.40
C PRO G 179 10.51 62.17 3.33
N GLN G 180 9.68 62.62 4.27
CA GLN G 180 9.97 63.69 5.21
C GLN G 180 10.79 63.23 6.40
N ARG G 181 11.91 63.91 6.68
CA ARG G 181 12.90 63.45 7.67
C ARG G 181 12.74 63.94 9.11
N LEU G 182 12.00 65.03 9.30
CA LEU G 182 11.88 65.65 10.61
C LEU G 182 10.51 65.41 11.24
N ASP G 183 10.44 65.47 12.57
CA ASP G 183 9.20 65.27 13.30
C ASP G 183 8.03 66.15 12.82
N ARG G 184 8.31 67.45 12.62
CA ARG G 184 7.26 68.45 12.35
C ARG G 184 6.70 68.42 10.93
N GLU G 185 7.31 67.60 10.08
CA GLU G 185 6.98 67.60 8.65
C GLU G 185 5.89 66.56 8.33
N ILE G 186 5.43 65.86 9.37
CA ILE G 186 4.44 64.78 9.28
C ILE G 186 3.34 65.00 10.37
N PRO G 187 2.16 64.33 10.24
CA PRO G 187 1.09 64.57 11.23
C PRO G 187 1.46 64.11 12.64
N GLU G 188 1.13 64.91 13.65
CA GLU G 188 1.51 64.62 15.03
C GLU G 188 0.90 63.30 15.55
N TYR G 189 -0.34 63.01 15.16
CA TYR G 189 -0.95 61.76 15.56
C TYR G 189 -0.11 60.57 15.10
N ILE G 190 0.22 60.56 13.80
CA ILE G 190 1.00 59.47 13.21
C ILE G 190 2.37 59.33 13.90
N LEU G 191 3.05 60.47 14.06
CA LEU G 191 4.36 60.56 14.73
C LEU G 191 4.36 60.01 16.15
N MET G 192 3.36 60.41 16.95
CA MET G 192 3.34 60.07 18.36
C MET G 192 2.86 58.65 18.65
N ASP G 193 1.89 58.18 17.86
CA ASP G 193 1.38 56.82 18.01
C ASP G 193 2.48 55.79 17.73
N ALA G 194 3.22 56.02 16.64
CA ALA G 194 4.37 55.20 16.26
C ALA G 194 5.46 55.19 17.33
N ALA G 195 5.69 56.34 17.97
CA ALA G 195 6.64 56.44 19.09
C ALA G 195 6.07 55.80 20.36
N ARG G 196 4.75 55.84 20.50
CA ARG G 196 4.05 55.19 21.61
C ARG G 196 4.22 53.68 21.47
N LYS G 197 3.98 53.19 20.25
CA LYS G 197 4.10 51.78 19.96
C LYS G 197 5.50 51.28 20.21
N PHE G 198 6.49 52.04 19.75
CA PHE G 198 7.91 51.72 19.89
C PHE G 198 8.30 51.65 21.37
N TYR G 199 7.86 52.61 22.17
CA TYR G 199 8.09 52.59 23.62
C TYR G 199 7.46 51.36 24.28
N ALA G 200 6.20 51.08 23.97
CA ALA G 200 5.51 49.96 24.62
C ALA G 200 6.18 48.60 24.36
N ASN G 201 6.69 48.42 23.15
CA ASN G 201 7.24 47.13 22.70
C ASN G 201 8.71 47.01 22.95
N LEU G 202 9.42 48.14 22.96
CA LEU G 202 10.87 48.08 23.16
C LEU G 202 11.37 48.66 24.50
N ILE G 203 10.67 49.63 25.07
CA ILE G 203 11.19 50.35 26.22
C ILE G 203 10.58 50.00 27.58
N THR G 204 9.35 49.48 27.61
CA THR G 204 8.62 49.27 28.87
C THR G 204 9.37 48.56 29.99
N PRO G 205 10.04 47.42 29.70
CA PRO G 205 10.83 46.80 30.79
C PRO G 205 12.01 47.67 31.26
N LEU G 206 12.46 48.59 30.42
CA LEU G 206 13.60 49.44 30.70
C LEU G 206 13.22 50.77 31.33
N SER G 207 11.96 50.87 31.78
CA SER G 207 11.40 52.13 32.27
C SER G 207 12.18 52.82 33.41
N LYS G 208 12.45 52.07 34.48
CA LYS G 208 13.20 52.63 35.62
C LYS G 208 14.64 53.02 35.27
N LEU G 209 15.16 52.45 34.19
CA LEU G 209 16.48 52.81 33.67
C LEU G 209 16.41 54.02 32.76
N VAL G 210 15.26 54.23 32.11
CA VAL G 210 15.06 55.43 31.31
C VAL G 210 15.18 56.69 32.17
N LEU G 211 14.54 56.67 33.35
CA LEU G 211 14.53 57.79 34.27
C LEU G 211 15.89 58.01 34.92
N LYS G 212 16.50 56.92 35.39
CA LYS G 212 17.86 56.93 35.92
C LYS G 212 18.86 57.52 34.92
N LYS G 213 18.61 57.32 33.63
CA LYS G 213 19.49 57.85 32.59
C LYS G 213 19.27 59.35 32.41
N PHE G 214 18.02 59.80 32.55
CA PHE G 214 17.68 61.23 32.38
C PHE G 214 18.29 62.07 33.50
N ASP G 215 18.29 61.55 34.72
CA ASP G 215 18.85 62.24 35.89
C ASP G 215 20.37 62.19 35.93
N GLU G 216 20.96 61.25 35.19
CA GLU G 216 22.40 61.08 35.10
C GLU G 216 23.00 61.97 33.98
N VAL G 217 22.22 62.17 32.90
CA VAL G 217 22.53 63.18 31.88
C VAL G 217 22.38 64.58 32.50
N LYS G 218 21.34 64.74 33.33
CA LYS G 218 21.04 65.99 34.03
C LYS G 218 22.14 66.43 35.00
N GLU G 219 22.85 65.48 35.60
CA GLU G 219 23.93 65.75 36.55
C GLU G 219 25.24 66.12 35.88
N LEU G 220 25.55 65.49 34.75
CA LEU G 220 26.77 65.80 34.01
C LEU G 220 26.59 67.08 33.18
N GLY G 221 25.38 67.63 33.25
CA GLY G 221 25.03 68.93 32.62
C GLY G 221 25.10 68.92 31.11
N LEU G 222 24.12 68.27 30.48
CA LEU G 222 24.15 68.06 29.03
C LEU G 222 22.80 68.30 28.33
N LEU G 223 21.69 67.95 29.02
CA LEU G 223 20.33 67.96 28.43
C LEU G 223 19.61 69.33 28.41
N GLU G 224 20.26 70.34 28.97
CA GLU G 224 19.74 71.72 28.97
C GLU G 224 20.01 72.40 27.63
N ARG G 225 20.91 71.82 26.86
CA ARG G 225 21.36 72.38 25.59
C ARG G 225 20.63 71.73 24.42
N ILE G 226 20.15 70.51 24.63
CA ILE G 226 19.59 69.66 23.56
C ILE G 226 18.54 70.34 22.67
N GLN G 227 18.93 70.48 21.41
CA GLN G 227 18.12 71.11 20.39
C GLN G 227 17.47 70.07 19.48
N MET G 228 18.06 68.87 19.42
CA MET G 228 17.63 67.85 18.47
C MET G 228 18.03 66.43 18.90
N ILE G 229 17.06 65.51 18.83
CA ILE G 229 17.30 64.07 19.00
C ILE G 229 17.24 63.36 17.66
N ALA G 230 18.35 62.72 17.30
CA ALA G 230 18.45 61.98 16.03
C ALA G 230 18.50 60.47 16.23
N PRO G 231 17.32 59.80 16.27
CA PRO G 231 17.27 58.36 16.55
C PRO G 231 17.60 57.50 15.32
N SER G 232 17.76 56.20 15.50
CA SER G 232 18.15 55.32 14.40
C SER G 232 16.97 54.79 13.55
N HIS G 233 15.74 55.01 14.04
CA HIS G 233 14.55 54.70 13.26
C HIS G 233 13.59 55.88 13.21
N GLY G 234 13.07 56.18 12.03
CA GLY G 234 12.06 57.22 11.86
C GLY G 234 12.51 58.67 11.95
N GLN G 235 11.56 59.51 12.35
CA GLN G 235 11.69 60.96 12.30
C GLN G 235 12.73 61.53 13.27
N ILE G 236 13.40 62.60 12.85
CA ILE G 236 14.35 63.33 13.71
C ILE G 236 13.60 64.38 14.52
N TRP G 237 13.84 64.41 15.82
CA TRP G 237 13.17 65.35 16.70
C TRP G 237 13.85 66.70 16.65
N THR G 238 13.17 67.68 16.04
CA THR G 238 13.56 69.08 16.12
C THR G 238 12.94 69.71 17.37
N ASP G 239 11.87 69.09 17.86
CA ASP G 239 11.31 69.39 19.18
C ASP G 239 11.63 68.26 20.16
N PRO G 240 12.88 68.21 20.65
CA PRO G 240 13.30 67.09 21.50
C PRO G 240 12.52 66.96 22.81
N MET G 241 12.10 68.07 23.40
CA MET G 241 11.35 68.04 24.64
C MET G 241 9.97 67.39 24.56
N LYS G 242 9.36 67.37 23.37
CA LYS G 242 8.05 66.73 23.16
C LYS G 242 8.05 65.23 23.50
N ILE G 243 9.00 64.52 22.91
CA ILE G 243 9.14 63.09 23.12
C ILE G 243 9.76 62.76 24.50
N ILE G 244 10.57 63.67 25.03
CA ILE G 244 11.23 63.45 26.33
C ILE G 244 10.20 63.48 27.43
N GLU G 245 9.25 64.41 27.33
CA GLU G 245 8.10 64.45 28.24
C GLU G 245 7.16 63.28 28.00
N ALA G 246 7.02 62.84 26.75
CA ALA G 246 6.20 61.68 26.44
C ALA G 246 6.79 60.43 27.10
N TYR G 247 8.10 60.22 26.91
CA TYR G 247 8.83 59.09 27.48
C TYR G 247 8.78 59.06 29.01
N THR G 248 8.90 60.24 29.62
CA THR G 248 8.83 60.43 31.06
C THR G 248 7.46 60.06 31.61
N GLY G 249 6.41 60.39 30.87
CA GLY G 249 5.05 60.01 31.22
C GLY G 249 4.79 58.52 31.02
N TRP G 250 5.48 57.93 30.05
CA TRP G 250 5.35 56.49 29.80
C TRP G 250 6.14 55.64 30.79
N ALA G 251 7.17 56.23 31.40
CA ALA G 251 8.05 55.57 32.40
C ALA G 251 7.57 55.71 33.84
N THR G 252 6.72 56.71 34.08
CA THR G 252 6.12 56.91 35.39
C THR G 252 4.67 56.43 35.34
N GLY G 253 4.33 55.76 34.25
CA GLY G 253 3.00 55.22 34.01
C GLY G 253 1.88 56.22 34.26
N MET G 254 1.86 57.31 33.50
CA MET G 254 0.85 58.34 33.70
C MET G 254 -0.59 57.93 33.33
N VAL G 255 -0.88 57.84 32.03
CA VAL G 255 -2.17 57.31 31.47
C VAL G 255 -3.47 58.11 31.68
N ASP G 256 -4.30 58.15 30.64
CA ASP G 256 -5.68 58.66 30.75
C ASP G 256 -6.58 57.51 31.19
N GLU G 257 -7.83 57.82 31.54
CA GLU G 257 -8.78 56.80 31.96
C GLU G 257 -9.15 55.95 30.76
N ARG G 258 -8.62 54.73 30.73
CA ARG G 258 -8.75 53.86 29.58
C ARG G 258 -8.69 52.40 30.02
N VAL G 259 -9.61 51.61 29.49
CA VAL G 259 -9.65 50.16 29.68
C VAL G 259 -9.41 49.44 28.35
N THR G 260 -8.45 48.53 28.33
CA THR G 260 -8.22 47.70 27.16
C THR G 260 -8.81 46.27 27.31
N VAL G 261 -9.74 45.90 26.45
CA VAL G 261 -10.38 44.58 26.48
C VAL G 261 -9.74 43.72 25.40
N ILE G 262 -9.27 42.54 25.79
CA ILE G 262 -8.57 41.61 24.92
C ILE G 262 -9.21 40.24 25.16
N TYR G 263 -9.58 39.54 24.08
CA TYR G 263 -10.25 38.23 24.21
C TYR G 263 -9.93 37.31 23.05
N ASP G 264 -10.28 36.04 23.22
CA ASP G 264 -10.38 35.09 22.11
C ASP G 264 -11.60 34.21 22.37
N THR G 265 -12.06 33.54 21.33
CA THR G 265 -13.32 32.82 21.38
C THR G 265 -13.22 31.74 20.32
N MET G 266 -14.10 30.75 20.40
CA MET G 266 -14.22 29.76 19.34
C MET G 266 -15.62 29.75 18.72
N HIS G 267 -16.63 29.87 19.58
CA HIS G 267 -18.03 29.82 19.17
C HIS G 267 -18.79 31.12 19.45
N GLY G 268 -18.08 32.16 19.90
CA GLY G 268 -18.67 33.49 20.06
C GLY G 268 -19.19 33.93 21.43
N SER G 269 -19.27 33.02 22.40
CA SER G 269 -19.81 33.34 23.72
C SER G 269 -18.88 34.25 24.54
N THR G 270 -17.58 33.95 24.52
CA THR G 270 -16.58 34.82 25.15
C THR G 270 -16.57 36.19 24.47
N ARG G 271 -16.76 36.23 23.16
CA ARG G 271 -16.94 37.50 22.45
C ARG G 271 -18.13 38.30 23.00
N LYS G 272 -19.31 37.69 23.14
CA LYS G 272 -20.46 38.39 23.71
C LYS G 272 -20.13 39.00 25.09
N MET G 273 -19.48 38.22 25.94
CA MET G 273 -18.99 38.72 27.23
C MET G 273 -18.04 39.89 27.06
N ALA G 274 -17.12 39.80 26.12
CA ALA G 274 -16.17 40.88 25.86
C ALA G 274 -16.89 42.18 25.47
N HIS G 275 -17.97 42.08 24.70
CA HIS G 275 -18.76 43.26 24.28
C HIS G 275 -19.48 43.95 25.43
N ALA G 276 -20.08 43.14 26.31
CA ALA G 276 -20.84 43.64 27.47
C ALA G 276 -19.90 44.22 28.53
N ILE G 277 -18.75 43.59 28.73
CA ILE G 277 -17.72 44.19 29.58
C ILE G 277 -17.47 45.59 29.05
N ALA G 278 -17.12 45.69 27.76
CA ALA G 278 -16.84 46.96 27.08
C ALA G 278 -17.98 48.00 27.15
N GLU G 279 -19.23 47.55 27.14
CA GLU G 279 -20.36 48.45 27.34
C GLU G 279 -20.30 49.03 28.73
N GLY G 280 -20.02 48.16 29.69
CA GLY G 280 -19.93 48.53 31.10
C GLY G 280 -18.91 49.61 31.34
N ALA G 281 -17.68 49.34 30.92
CA ALA G 281 -16.59 50.33 31.03
C ALA G 281 -16.91 51.64 30.30
N MET G 282 -17.66 51.56 29.20
CA MET G 282 -18.10 52.74 28.46
C MET G 282 -19.09 53.61 29.23
N SER G 283 -20.01 52.99 29.96
CA SER G 283 -21.03 53.71 30.70
C SER G 283 -20.45 54.59 31.82
N GLU G 284 -19.24 54.25 32.28
CA GLU G 284 -18.49 55.08 33.24
C GLU G 284 -17.73 56.21 32.55
N GLY G 285 -18.02 56.43 31.27
CA GLY G 285 -17.46 57.56 30.51
C GLY G 285 -15.98 57.47 30.19
N VAL G 286 -15.42 56.28 30.39
CA VAL G 286 -14.01 56.00 30.18
C VAL G 286 -13.80 55.60 28.72
N ASP G 287 -12.56 55.69 28.24
CA ASP G 287 -12.22 55.21 26.91
C ASP G 287 -12.04 53.70 26.90
N VAL G 288 -12.47 53.07 25.81
CA VAL G 288 -12.41 51.63 25.67
C VAL G 288 -11.74 51.16 24.35
N ARG G 289 -10.88 50.15 24.45
CA ARG G 289 -10.40 49.43 23.28
C ARG G 289 -10.84 47.96 23.38
N VAL G 290 -11.17 47.35 22.25
CA VAL G 290 -11.47 45.92 22.21
C VAL G 290 -10.64 45.18 21.16
N TYR G 291 -9.81 44.25 21.60
CA TYR G 291 -8.92 43.52 20.71
C TYR G 291 -9.26 42.04 20.71
N CYS G 292 -8.98 41.39 19.58
CA CYS G 292 -9.24 39.98 19.42
C CYS G 292 -7.96 39.31 19.04
N LEU G 293 -7.61 38.27 19.81
CA LEU G 293 -6.34 37.61 19.65
C LEU G 293 -6.21 36.78 18.37
N HIS G 294 -7.33 36.49 17.71
CA HIS G 294 -7.32 35.80 16.41
C HIS G 294 -6.97 36.75 15.26
N GLU G 295 -7.15 38.05 15.49
CA GLU G 295 -7.11 39.07 14.45
C GLU G 295 -6.02 40.12 14.68
N ASP G 296 -5.73 40.39 15.95
CA ASP G 296 -4.88 41.52 16.34
C ASP G 296 -3.49 41.10 16.83
N ASP G 297 -2.47 41.85 16.42
CA ASP G 297 -1.09 41.53 16.72
C ASP G 297 -0.73 41.98 18.13
N ARG G 298 0.11 41.22 18.82
CA ARG G 298 0.44 41.54 20.22
C ARG G 298 1.06 42.91 20.36
N SER G 299 1.79 43.32 19.32
CA SER G 299 2.51 44.59 19.34
C SER G 299 1.56 45.79 19.32
N GLU G 300 0.40 45.61 18.69
CA GLU G 300 -0.64 46.63 18.71
C GLU G 300 -1.34 46.60 20.08
N ILE G 301 -1.76 45.42 20.52
CA ILE G 301 -2.34 45.25 21.86
C ILE G 301 -1.50 45.95 22.95
N VAL G 302 -0.20 45.66 22.98
CA VAL G 302 0.73 46.24 23.95
C VAL G 302 0.80 47.79 23.89
N LYS G 303 0.68 48.32 22.68
CA LYS G 303 0.63 49.77 22.45
C LYS G 303 -0.48 50.46 23.26
N ASP G 304 -1.64 49.81 23.32
CA ASP G 304 -2.76 50.35 24.09
C ASP G 304 -2.78 49.93 25.55
N ILE G 305 -2.04 48.87 25.91
CA ILE G 305 -1.83 48.52 27.32
C ILE G 305 -1.01 49.61 27.99
N LEU G 306 -0.06 50.18 27.24
CA LEU G 306 0.76 51.28 27.77
C LEU G 306 -0.12 52.41 28.24
N GLU G 307 -1.13 52.77 27.43
CA GLU G 307 -1.99 53.91 27.74
C GLU G 307 -3.22 53.57 28.61
N SER G 308 -3.29 52.35 29.12
CA SER G 308 -4.46 51.86 29.86
C SER G 308 -4.14 51.65 31.33
N GLY G 309 -5.10 52.03 32.19
CA GLY G 309 -5.00 51.82 33.63
C GLY G 309 -5.57 50.46 33.98
N ALA G 310 -6.36 49.90 33.07
CA ALA G 310 -7.00 48.60 33.29
C ALA G 310 -7.15 47.76 32.01
N ILE G 311 -7.06 46.44 32.16
CA ILE G 311 -7.30 45.51 31.05
C ILE G 311 -8.29 44.40 31.46
N ALA G 312 -8.85 43.73 30.46
CA ALA G 312 -9.76 42.62 30.66
C ALA G 312 -9.37 41.52 29.71
N LEU G 313 -8.97 40.38 30.25
CA LEU G 313 -8.49 39.28 29.43
C LEU G 313 -9.51 38.16 29.43
N GLY G 314 -9.99 37.82 28.23
CA GLY G 314 -11.00 36.76 28.07
C GLY G 314 -10.52 35.62 27.20
N ALA G 315 -11.02 34.42 27.49
CA ALA G 315 -10.72 33.21 26.73
C ALA G 315 -11.63 32.09 27.21
N PRO G 316 -12.08 31.23 26.27
CA PRO G 316 -12.75 30.01 26.68
C PRO G 316 -11.74 28.97 27.18
N THR G 317 -12.24 27.92 27.81
CA THR G 317 -11.37 26.84 28.24
C THR G 317 -11.40 25.65 27.31
N ILE G 318 -10.21 25.17 27.01
CA ILE G 318 -9.96 24.07 26.12
C ILE G 318 -9.07 23.14 26.91
N TYR G 319 -9.58 21.92 27.16
CA TYR G 319 -8.91 20.90 27.98
C TYR G 319 -8.18 21.42 29.21
N ASP G 320 -8.92 22.09 30.09
CA ASP G 320 -8.42 22.59 31.39
C ASP G 320 -7.41 23.74 31.28
N GLU G 321 -7.23 24.26 30.06
CA GLU G 321 -6.30 25.37 29.83
C GLU G 321 -7.05 26.50 29.18
N PRO G 322 -6.52 27.74 29.26
CA PRO G 322 -7.09 28.78 28.39
C PRO G 322 -6.75 28.53 26.92
N TYR G 323 -7.60 29.03 26.03
CA TYR G 323 -7.38 28.93 24.60
C TYR G 323 -5.97 29.48 24.35
N PRO G 324 -5.13 28.73 23.60
CA PRO G 324 -3.67 28.89 23.64
C PRO G 324 -3.09 30.23 23.18
N SER G 325 -3.83 31.02 22.39
CA SER G 325 -3.33 32.33 21.93
C SER G 325 -3.02 33.28 23.07
N VAL G 326 -3.76 33.11 24.18
CA VAL G 326 -3.49 33.79 25.47
C VAL G 326 -2.05 33.55 25.97
N GLY G 327 -1.49 32.39 25.64
CA GLY G 327 -0.16 31.98 26.08
C GLY G 327 0.94 32.77 25.41
N ASP G 328 0.67 33.22 24.19
CA ASP G 328 1.58 34.11 23.47
C ASP G 328 1.64 35.47 24.17
N LEU G 329 0.50 36.15 24.30
CA LEU G 329 0.43 37.49 24.90
C LEU G 329 0.90 37.51 26.35
N LEU G 330 0.52 36.50 27.12
CA LEU G 330 0.92 36.43 28.53
C LEU G 330 2.41 36.31 28.71
N MET G 331 3.06 35.52 27.86
CA MET G 331 4.52 35.38 27.87
C MET G 331 5.26 36.65 27.44
N TYR G 332 4.61 37.41 26.55
CA TYR G 332 5.11 38.68 26.06
C TYR G 332 4.96 39.76 27.14
N LEU G 333 3.85 39.73 27.87
CA LEU G 333 3.66 40.61 29.01
C LEU G 333 4.60 40.29 30.18
N ARG G 334 5.04 39.03 30.28
CA ARG G 334 6.02 38.63 31.27
C ARG G 334 7.37 39.31 31.04
N GLY G 335 7.76 39.46 29.77
CA GLY G 335 9.03 40.09 29.41
C GLY G 335 8.98 41.61 29.37
N LEU G 336 7.79 42.18 29.16
CA LEU G 336 7.63 43.64 29.13
C LEU G 336 7.60 44.28 30.51
N LYS G 337 7.02 43.57 31.48
CA LYS G 337 6.96 44.03 32.87
C LYS G 337 6.37 45.44 33.00
N PHE G 338 5.08 45.54 32.73
CA PHE G 338 4.37 46.82 32.85
C PHE G 338 4.32 47.42 34.26
N ASN G 339 4.40 46.56 35.27
CA ASN G 339 4.39 46.98 36.69
C ASN G 339 5.53 47.93 37.04
N ARG G 340 6.61 47.88 36.27
CA ARG G 340 7.74 48.81 36.40
C ARG G 340 7.30 50.24 36.07
N THR G 341 6.11 50.40 35.51
CA THR G 341 5.55 51.74 35.30
C THR G 341 4.30 52.02 36.13
N LEU G 342 3.43 51.02 36.26
CA LEU G 342 2.15 51.18 36.93
C LEU G 342 1.52 49.81 37.01
N THR G 343 1.11 49.43 38.22
CA THR G 343 0.38 48.18 38.44
C THR G 343 -1.07 48.31 37.95
N ARG G 344 -1.32 47.79 36.75
CA ARG G 344 -2.63 47.88 36.11
C ARG G 344 -3.60 46.88 36.72
N LYS G 345 -4.85 47.30 36.87
CA LYS G 345 -5.90 46.40 37.29
C LYS G 345 -6.39 45.51 36.13
N ALA G 346 -6.79 44.28 36.48
CA ALA G 346 -7.16 43.29 35.49
C ALA G 346 -8.39 42.48 35.90
N LEU G 347 -9.31 42.35 34.95
CA LEU G 347 -10.47 41.49 35.06
C LEU G 347 -10.26 40.33 34.07
N VAL G 348 -10.56 39.12 34.50
CA VAL G 348 -10.35 37.93 33.70
C VAL G 348 -11.71 37.26 33.43
N PHE G 349 -11.95 36.79 32.21
CA PHE G 349 -13.25 36.22 31.91
C PHE G 349 -13.25 35.07 30.90
N GLY G 350 -14.37 34.36 30.79
CA GLY G 350 -14.56 33.37 29.74
C GLY G 350 -15.83 32.52 29.77
N SER G 351 -16.13 31.86 28.66
CA SER G 351 -17.17 30.85 28.62
C SER G 351 -16.53 29.47 28.86
N MET G 352 -17.35 28.51 29.27
CA MET G 352 -16.89 27.15 29.53
C MET G 352 -18.01 26.13 29.34
N GLY G 353 -17.63 24.88 29.13
CA GLY G 353 -18.58 23.81 28.91
C GLY G 353 -18.67 22.77 30.01
N GLY G 354 -17.78 22.85 31.00
CA GLY G 354 -17.67 21.82 32.03
C GLY G 354 -17.13 22.36 33.33
N ASN G 355 -15.92 21.95 33.69
CA ASN G 355 -15.34 22.42 34.94
C ASN G 355 -14.63 23.78 34.86
N GLY G 356 -14.35 24.22 33.64
CA GLY G 356 -13.69 25.49 33.39
C GLY G 356 -12.19 25.44 33.67
N GLY G 357 -11.60 26.61 33.94
CA GLY G 357 -10.19 26.71 34.33
C GLY G 357 -9.34 27.77 33.65
N ALA G 358 -9.83 28.33 32.55
CA ALA G 358 -9.14 29.42 31.86
C ALA G 358 -8.97 30.65 32.73
N THR G 359 -10.03 31.04 33.44
CA THR G 359 -9.99 32.26 34.28
C THR G 359 -9.02 32.11 35.43
N GLY G 360 -9.11 30.98 36.14
CA GLY G 360 -8.17 30.64 37.22
C GLY G 360 -6.73 30.73 36.78
N THR G 361 -6.42 30.18 35.62
CA THR G 361 -5.06 30.12 35.09
C THR G 361 -4.53 31.45 34.56
N MET G 362 -5.39 32.21 33.88
CA MET G 362 -5.02 33.55 33.40
C MET G 362 -4.80 34.51 34.56
N LYS G 363 -5.50 34.28 35.67
CA LYS G 363 -5.35 35.07 36.88
C LYS G 363 -3.92 34.96 37.43
N GLU G 364 -3.40 33.73 37.49
CA GLU G 364 -2.04 33.53 38.00
C GLU G 364 -0.98 34.07 37.05
N LEU G 365 -1.15 33.84 35.75
CA LEU G 365 -0.15 34.26 34.78
C LEU G 365 -0.08 35.78 34.58
N LEU G 366 -1.23 36.46 34.76
CA LEU G 366 -1.27 37.93 34.76
C LEU G 366 -0.65 38.51 36.03
N ALA G 367 -0.95 37.89 37.19
CA ALA G 367 -0.31 38.28 38.45
C ALA G 367 1.22 38.23 38.31
N GLU G 368 1.73 37.14 37.75
CA GLU G 368 3.16 37.01 37.43
C GLU G 368 3.63 38.06 36.41
N ALA G 369 2.74 38.50 35.53
CA ALA G 369 3.09 39.51 34.53
C ALA G 369 3.09 40.93 35.11
N GLY G 370 2.65 41.07 36.36
CA GLY G 370 2.66 42.36 37.05
C GLY G 370 1.33 43.09 36.96
N PHE G 371 0.25 42.32 37.06
CA PHE G 371 -1.11 42.87 37.05
C PHE G 371 -1.83 42.64 38.39
N ASP G 372 -2.40 43.71 38.91
CA ASP G 372 -3.33 43.67 40.02
C ASP G 372 -4.61 43.01 39.50
N VAL G 373 -4.83 41.75 39.89
CA VAL G 373 -5.96 41.01 39.36
C VAL G 373 -6.92 40.51 40.46
N ALA G 374 -8.12 41.07 40.45
CA ALA G 374 -9.22 40.57 41.27
C ALA G 374 -10.47 40.42 40.41
N CYS G 375 -11.33 39.46 40.79
CA CYS G 375 -12.60 39.17 40.09
C CYS G 375 -12.42 38.40 38.77
N GLU G 376 -13.19 37.33 38.64
CA GLU G 376 -13.27 36.60 37.40
C GLU G 376 -14.74 36.37 37.05
N GLU G 377 -15.04 36.46 35.75
CA GLU G 377 -16.38 36.19 35.25
C GLU G 377 -16.35 34.92 34.42
N GLU G 378 -17.07 33.91 34.90
CA GLU G 378 -17.15 32.61 34.23
C GLU G 378 -18.61 32.25 33.96
N VAL G 379 -18.89 31.81 32.73
CA VAL G 379 -20.25 31.54 32.28
C VAL G 379 -20.30 30.17 31.60
N TYR G 380 -21.42 29.45 31.78
CA TYR G 380 -21.66 28.18 31.12
C TYR G 380 -22.29 28.37 29.75
N TYR G 381 -21.54 28.00 28.70
CA TYR G 381 -21.99 28.13 27.31
C TYR G 381 -22.44 29.54 26.96
N VAL G 382 -23.61 29.66 26.32
CA VAL G 382 -24.10 30.94 25.81
C VAL G 382 -24.63 31.80 26.97
N PRO G 383 -23.97 32.95 27.25
CA PRO G 383 -24.44 33.78 28.35
C PRO G 383 -25.83 34.34 28.09
N THR G 384 -26.75 34.11 29.03
CA THR G 384 -28.08 34.72 28.99
C THR G 384 -28.00 36.25 29.03
N GLY G 385 -29.17 36.90 28.92
CA GLY G 385 -29.26 38.35 29.05
C GLY G 385 -28.75 38.84 30.40
N ASP G 386 -29.04 38.09 31.46
CA ASP G 386 -28.67 38.47 32.83
C ASP G 386 -27.20 38.23 33.14
N GLU G 387 -26.64 37.17 32.57
CA GLU G 387 -25.19 36.95 32.65
C GLU G 387 -24.42 38.08 31.95
N LEU G 388 -25.01 38.63 30.87
CA LEU G 388 -24.45 39.81 30.20
C LEU G 388 -24.64 41.11 31.01
N ASP G 389 -25.70 41.19 31.79
CA ASP G 389 -25.88 42.28 32.75
C ASP G 389 -24.78 42.24 33.82
N ALA G 390 -24.43 41.03 34.26
CA ALA G 390 -23.35 40.83 35.23
C ALA G 390 -21.98 41.20 34.65
N CYS G 391 -21.81 40.96 33.35
CA CYS G 391 -20.59 41.36 32.63
C CYS G 391 -20.52 42.86 32.52
N PHE G 392 -21.65 43.46 32.16
CA PHE G 392 -21.80 44.89 32.16
C PHE G 392 -21.31 45.44 33.50
N GLU G 393 -21.88 44.94 34.61
CA GLU G 393 -21.48 45.37 35.96
C GLU G 393 -19.98 45.19 36.24
N ALA G 394 -19.42 44.05 35.80
CA ALA G 394 -17.98 43.79 35.90
C ALA G 394 -17.13 44.82 35.14
N GLY G 395 -17.60 45.23 33.96
CA GLY G 395 -16.92 46.24 33.14
C GLY G 395 -17.04 47.63 33.73
N ARG G 396 -18.20 47.91 34.33
CA ARG G 396 -18.48 49.19 34.95
C ARG G 396 -17.60 49.37 36.19
N LYS G 397 -17.54 48.34 37.03
CA LYS G 397 -16.70 48.31 38.23
C LYS G 397 -15.22 48.46 37.88
N LEU G 398 -14.78 47.76 36.83
CA LEU G 398 -13.40 47.86 36.33
C LEU G 398 -13.02 49.32 36.04
N ALA G 399 -13.85 49.99 35.22
CA ALA G 399 -13.61 51.38 34.84
C ALA G 399 -13.81 52.38 35.99
N ALA G 400 -14.72 52.08 36.92
CA ALA G 400 -14.90 52.90 38.13
C ALA G 400 -13.64 52.95 38.99
N GLU G 401 -12.93 51.83 39.07
CA GLU G 401 -11.73 51.68 39.88
C GLU G 401 -10.55 52.47 39.33
N ILE G 402 -10.52 52.69 38.02
CA ILE G 402 -9.40 53.43 37.39
C ILE G 402 -9.72 54.89 37.06
N ARG G 403 -10.85 55.38 37.56
CA ARG G 403 -11.18 56.80 37.50
C ARG G 403 -10.59 57.55 38.70
N MET H 1 -35.04 23.74 -2.29
CA MET H 1 -33.67 23.48 -2.77
C MET H 1 -33.51 22.00 -3.11
N LYS H 2 -32.68 21.70 -4.12
CA LYS H 2 -32.38 20.31 -4.49
C LYS H 2 -31.04 19.88 -3.91
N ALA H 3 -31.10 18.95 -2.99
CA ALA H 3 -29.93 18.30 -2.46
C ALA H 3 -30.34 16.86 -2.20
N ALA H 4 -29.50 15.92 -2.65
CA ALA H 4 -29.76 14.49 -2.53
C ALA H 4 -29.15 13.89 -1.27
N ALA H 5 -29.89 12.99 -0.61
CA ALA H 5 -29.35 12.14 0.44
C ALA H 5 -28.59 10.96 -0.17
N LYS H 6 -27.58 10.45 0.53
CA LYS H 6 -26.89 9.25 0.11
C LYS H 6 -27.24 8.04 0.98
N ARG H 7 -27.81 7.01 0.38
CA ARG H 7 -28.12 5.76 1.09
C ARG H 7 -26.85 5.01 1.44
N ILE H 8 -26.63 4.73 2.73
CA ILE H 8 -25.45 3.95 3.14
C ILE H 8 -25.76 2.54 3.62
N SER H 9 -27.04 2.26 3.88
CA SER H 9 -27.56 0.90 4.09
C SER H 9 -29.09 0.90 4.04
N ASP H 10 -29.72 -0.28 4.08
CA ASP H 10 -31.20 -0.36 4.02
C ASP H 10 -31.83 0.56 5.08
N GLY H 11 -32.59 1.54 4.59
CA GLY H 11 -33.24 2.53 5.46
C GLY H 11 -32.33 3.53 6.18
N VAL H 12 -31.06 3.63 5.78
CA VAL H 12 -30.10 4.53 6.43
C VAL H 12 -29.40 5.45 5.43
N TYR H 13 -29.51 6.74 5.69
CA TYR H 13 -29.07 7.78 4.78
C TYR H 13 -28.26 8.83 5.48
N TRP H 14 -27.30 9.35 4.72
CA TRP H 14 -26.59 10.56 5.07
C TRP H 14 -27.42 11.74 4.58
N THR H 15 -27.63 12.69 5.48
CA THR H 15 -28.46 13.83 5.19
C THR H 15 -27.79 15.05 5.83
N GLY H 16 -26.48 15.15 5.69
CA GLY H 16 -25.72 16.23 6.32
C GLY H 16 -25.51 17.42 5.42
N VAL H 17 -24.50 18.21 5.75
CA VAL H 17 -24.18 19.37 4.96
C VAL H 17 -22.69 19.39 4.66
N LEU H 18 -22.33 19.92 3.50
CA LEU H 18 -20.93 20.00 3.04
C LEU H 18 -20.45 21.42 3.20
N ASP H 19 -19.46 21.61 4.05
CA ASP H 19 -18.94 22.95 4.28
C ASP H 19 -17.66 23.16 3.48
N TRP H 20 -17.84 23.49 2.21
CA TRP H 20 -16.78 23.64 1.23
C TRP H 20 -15.78 24.76 1.54
N ASP H 21 -16.27 25.84 2.16
CA ASP H 21 -15.50 27.10 2.29
C ASP H 21 -14.76 27.34 3.60
N LEU H 22 -15.04 26.54 4.61
CA LEU H 22 -14.42 26.73 5.90
C LEU H 22 -12.92 26.44 5.83
N ARG H 23 -12.12 27.32 6.43
CA ARG H 23 -10.66 27.19 6.41
C ARG H 23 -10.05 27.13 7.80
N ASN H 24 -10.78 27.64 8.79
CA ASN H 24 -10.30 27.65 10.15
C ASN H 24 -11.46 27.40 11.09
N TYR H 25 -11.42 26.24 11.74
CA TYR H 25 -12.41 25.91 12.73
C TYR H 25 -11.71 25.94 14.08
N HIS H 26 -11.88 27.08 14.76
CA HIS H 26 -11.25 27.42 16.05
C HIS H 26 -9.76 27.05 16.21
N GLY H 27 -8.93 27.69 15.38
CA GLY H 27 -7.47 27.54 15.40
C GLY H 27 -6.98 26.30 14.66
N TYR H 28 -7.93 25.48 14.21
CA TYR H 28 -7.67 24.24 13.50
C TYR H 28 -7.83 24.53 12.01
N THR H 29 -6.74 24.51 11.25
CA THR H 29 -6.84 24.78 9.83
C THR H 29 -7.27 23.54 9.05
N LEU H 30 -8.04 23.75 8.00
CA LEU H 30 -8.66 22.68 7.23
C LEU H 30 -9.11 23.24 5.87
N GLN H 31 -9.33 22.37 4.89
CA GLN H 31 -9.81 22.76 3.58
C GLN H 31 -11.22 22.23 3.41
N GLY H 32 -12.14 22.74 4.22
CA GLY H 32 -13.50 22.22 4.26
C GLY H 32 -13.75 21.14 5.28
N THR H 33 -15.02 21.01 5.66
CA THR H 33 -15.47 19.94 6.55
C THR H 33 -16.92 19.58 6.24
N THR H 34 -17.44 18.56 6.90
CA THR H 34 -18.84 18.19 6.71
C THR H 34 -19.53 18.15 8.04
N TYR H 35 -20.84 18.41 8.05
CA TYR H 35 -21.60 18.12 9.26
C TYR H 35 -22.49 16.95 8.93
N ASN H 36 -22.11 15.78 9.44
CA ASN H 36 -22.83 14.53 9.13
C ASN H 36 -23.99 14.27 10.08
N ALA H 37 -25.19 14.24 9.49
CA ALA H 37 -26.39 13.83 10.17
C ALA H 37 -26.89 12.62 9.39
N TYR H 38 -27.67 11.76 10.04
CA TYR H 38 -28.10 10.49 9.45
C TYR H 38 -29.56 10.20 9.74
N LEU H 39 -30.33 9.89 8.71
CA LEU H 39 -31.71 9.56 8.87
C LEU H 39 -31.80 8.03 8.94
N VAL H 40 -32.47 7.52 9.97
CA VAL H 40 -32.63 6.10 10.17
C VAL H 40 -34.13 5.75 10.15
N CYS H 41 -34.50 4.81 9.29
CA CYS H 41 -35.91 4.56 8.95
C CYS H 41 -36.32 3.10 9.18
N GLY H 42 -37.12 2.87 10.21
CA GLY H 42 -37.67 1.54 10.45
C GLY H 42 -39.09 1.48 9.91
N ASP H 43 -39.77 0.36 10.21
CA ASP H 43 -41.14 0.10 9.78
C ASP H 43 -42.08 1.17 10.34
N GLU H 44 -41.82 1.60 11.58
CA GLU H 44 -42.74 2.46 12.32
C GLU H 44 -42.32 3.92 12.41
N GLY H 45 -41.06 4.16 12.77
CA GLY H 45 -40.59 5.51 13.03
C GLY H 45 -39.33 5.83 12.27
N VAL H 46 -39.02 7.12 12.15
CA VAL H 46 -37.72 7.54 11.65
C VAL H 46 -37.04 8.47 12.65
N ALA H 47 -35.77 8.19 12.93
CA ALA H 47 -34.95 9.03 13.78
C ALA H 47 -34.06 9.89 12.91
N LEU H 48 -33.83 11.13 13.32
CA LEU H 48 -32.73 11.93 12.76
C LEU H 48 -31.58 11.98 13.78
N ILE H 49 -30.40 11.53 13.37
CA ILE H 49 -29.24 11.45 14.25
C ILE H 49 -28.31 12.62 13.96
N ASP H 50 -28.25 13.57 14.91
CA ASP H 50 -27.52 14.84 14.80
C ASP H 50 -28.03 15.72 13.64
N ASN H 51 -27.56 16.97 13.59
CA ASN H 51 -27.85 17.88 12.47
C ASN H 51 -26.61 18.70 12.01
N SER H 52 -26.67 20.03 12.03
CA SER H 52 -25.57 20.87 11.44
C SER H 52 -25.45 22.30 11.97
N TYR H 53 -24.44 23.02 11.48
CA TYR H 53 -24.08 24.33 11.95
C TYR H 53 -25.18 25.37 11.64
N PRO H 54 -25.28 26.46 12.44
CA PRO H 54 -26.34 27.45 12.21
C PRO H 54 -26.45 27.97 10.78
N GLY H 55 -27.68 28.20 10.34
CA GLY H 55 -27.97 28.72 8.99
C GLY H 55 -27.85 27.70 7.85
N THR H 56 -27.53 26.44 8.16
CA THR H 56 -27.43 25.39 7.13
C THR H 56 -28.70 24.53 7.02
N PHE H 57 -29.78 24.95 7.69
CA PHE H 57 -31.01 24.18 7.71
C PHE H 57 -31.56 23.84 6.32
N ASP H 58 -31.59 24.82 5.42
CA ASP H 58 -32.10 24.61 4.06
C ASP H 58 -31.51 23.37 3.39
N GLU H 59 -30.19 23.19 3.52
CA GLU H 59 -29.48 22.09 2.89
C GLU H 59 -29.82 20.78 3.57
N LEU H 60 -29.68 20.74 4.90
CA LEU H 60 -30.06 19.55 5.65
C LEU H 60 -31.51 19.12 5.39
N MET H 61 -32.45 20.07 5.45
CA MET H 61 -33.87 19.75 5.27
C MET H 61 -34.18 19.18 3.91
N ALA H 62 -33.47 19.67 2.89
CA ALA H 62 -33.61 19.18 1.52
C ALA H 62 -33.14 17.73 1.41
N ARG H 63 -32.05 17.39 2.09
CA ARG H 63 -31.56 16.02 2.08
C ARG H 63 -32.46 15.05 2.86
N VAL H 64 -33.01 15.48 4.01
CA VAL H 64 -33.94 14.62 4.74
C VAL H 64 -35.23 14.43 3.95
N GLU H 65 -35.71 15.48 3.29
CA GLU H 65 -36.87 15.35 2.41
C GLU H 65 -36.63 14.36 1.27
N ASP H 66 -35.48 14.44 0.61
CA ASP H 66 -35.10 13.46 -0.39
C ASP H 66 -35.04 12.02 0.17
N ALA H 67 -34.49 11.86 1.37
CA ALA H 67 -34.40 10.57 2.05
C ALA H 67 -35.78 10.02 2.45
N LEU H 68 -36.65 10.88 2.98
CA LEU H 68 -38.02 10.50 3.32
C LEU H 68 -38.78 10.01 2.11
N GLN H 69 -38.68 10.75 1.01
CA GLN H 69 -39.35 10.41 -0.22
C GLN H 69 -38.77 9.12 -0.81
N GLN H 70 -37.49 8.86 -0.56
CA GLN H 70 -36.90 7.61 -1.03
C GLN H 70 -37.45 6.40 -0.27
N VAL H 71 -37.63 6.54 1.04
CA VAL H 71 -38.08 5.44 1.89
C VAL H 71 -39.59 5.35 1.91
N GLY H 72 -40.24 6.40 1.42
CA GLY H 72 -41.69 6.49 1.50
C GLY H 72 -42.19 6.72 2.91
N MET H 73 -41.54 7.63 3.63
CA MET H 73 -41.99 8.06 4.95
C MET H 73 -42.30 9.55 4.89
N GLU H 74 -43.00 10.05 5.89
CA GLU H 74 -43.57 11.39 5.85
C GLU H 74 -42.89 12.39 6.77
N ARG H 75 -42.24 11.90 7.81
CA ARG H 75 -41.71 12.80 8.83
C ARG H 75 -40.60 12.16 9.64
N VAL H 76 -39.87 13.01 10.34
CA VAL H 76 -38.94 12.61 11.37
C VAL H 76 -39.75 12.51 12.66
N ASP H 77 -39.69 11.34 13.27
CA ASP H 77 -40.44 11.03 14.48
C ASP H 77 -39.61 11.26 15.74
N TYR H 78 -38.29 11.17 15.64
CA TYR H 78 -37.41 11.32 16.80
C TYR H 78 -36.12 12.04 16.40
N ILE H 79 -35.73 13.04 17.18
CA ILE H 79 -34.51 13.78 16.94
C ILE H 79 -33.47 13.32 17.99
N ILE H 80 -32.30 12.93 17.53
CA ILE H 80 -31.22 12.49 18.41
C ILE H 80 -30.04 13.47 18.35
N GLN H 81 -29.64 13.96 19.52
CA GLN H 81 -28.43 14.76 19.64
C GLN H 81 -27.45 13.94 20.46
N ASN H 82 -26.45 13.43 19.75
CA ASN H 82 -25.32 12.72 20.35
C ASN H 82 -24.39 13.66 21.11
N HIS H 83 -24.46 14.96 20.76
CA HIS H 83 -23.54 16.00 21.26
C HIS H 83 -24.19 17.40 21.10
N VAL H 84 -23.88 18.34 22.00
CA VAL H 84 -24.50 19.68 21.98
C VAL H 84 -23.77 20.78 21.22
N GLU H 85 -22.53 20.55 20.78
CA GLU H 85 -21.78 21.61 20.09
C GLU H 85 -22.57 22.19 18.88
N LYS H 86 -22.36 23.47 18.65
CA LYS H 86 -22.94 24.27 17.55
C LYS H 86 -22.96 23.59 16.17
N ASP H 87 -21.89 22.86 15.87
CA ASP H 87 -21.72 22.28 14.54
C ASP H 87 -22.52 21.02 14.33
N HIS H 88 -23.13 20.52 15.41
CA HIS H 88 -23.98 19.32 15.36
C HIS H 88 -25.39 19.56 15.88
N SER H 89 -25.58 20.69 16.55
CA SER H 89 -26.90 21.04 17.13
C SER H 89 -27.50 22.33 16.58
N GLY H 90 -26.78 22.99 15.68
CA GLY H 90 -27.11 24.33 15.20
C GLY H 90 -28.41 24.55 14.45
N VAL H 91 -29.08 23.48 14.02
CA VAL H 91 -30.39 23.63 13.35
C VAL H 91 -31.52 22.86 14.05
N LEU H 92 -31.35 22.66 15.34
CA LEU H 92 -32.29 21.94 16.18
C LEU H 92 -33.65 22.62 16.32
N VAL H 93 -33.64 23.94 16.54
CA VAL H 93 -34.90 24.67 16.74
C VAL H 93 -35.74 24.81 15.45
N GLU H 94 -35.12 24.91 14.28
CA GLU H 94 -35.92 24.80 13.04
C GLU H 94 -36.37 23.36 12.79
N LEU H 95 -35.54 22.39 13.13
CA LEU H 95 -35.96 20.98 13.08
C LEU H 95 -37.15 20.71 14.01
N HIS H 96 -37.15 21.36 15.17
CA HIS H 96 -38.26 21.23 16.12
C HIS H 96 -39.55 21.92 15.66
N ARG H 97 -39.41 23.07 15.04
CA ARG H 97 -40.54 23.82 14.48
C ARG H 97 -41.13 23.09 13.25
N ARG H 98 -40.27 22.50 12.44
CA ARG H 98 -40.67 21.67 11.31
C ARG H 98 -41.32 20.38 11.81
N PHE H 99 -40.84 19.86 12.92
CA PHE H 99 -41.31 18.57 13.46
C PHE H 99 -41.73 18.66 14.93
N PRO H 100 -42.85 19.34 15.24
CA PRO H 100 -43.11 19.71 16.64
C PRO H 100 -43.47 18.55 17.58
N GLU H 101 -43.83 17.41 17.01
CA GLU H 101 -44.15 16.22 17.80
C GLU H 101 -42.97 15.26 18.01
N ALA H 102 -41.83 15.52 17.38
CA ALA H 102 -40.68 14.66 17.53
C ALA H 102 -39.93 14.93 18.87
N PRO H 103 -39.89 13.94 19.78
CA PRO H 103 -39.10 14.15 21.00
C PRO H 103 -37.60 14.26 20.68
N ILE H 104 -36.88 15.00 21.52
CA ILE H 104 -35.44 15.10 21.39
C ILE H 104 -34.81 14.11 22.36
N TYR H 105 -33.98 13.22 21.82
CA TYR H 105 -33.29 12.18 22.59
C TYR H 105 -31.83 12.59 22.83
N CYS H 106 -31.42 12.59 24.10
CA CYS H 106 -30.05 13.01 24.42
C CYS H 106 -29.74 12.67 25.88
N THR H 107 -28.48 12.85 26.29
CA THR H 107 -28.06 12.51 27.66
C THR H 107 -28.59 13.55 28.59
N GLU H 108 -28.49 13.28 29.88
CA GLU H 108 -28.97 14.22 30.89
C GLU H 108 -28.29 15.60 30.82
N VAL H 109 -26.98 15.64 30.64
CA VAL H 109 -26.24 16.90 30.57
C VAL H 109 -26.55 17.64 29.25
N ALA H 110 -26.78 16.89 28.19
CA ALA H 110 -27.25 17.45 26.91
C ALA H 110 -28.53 18.27 27.07
N VAL H 111 -29.51 17.81 27.83
CA VAL H 111 -30.75 18.58 28.06
C VAL H 111 -30.47 20.01 28.57
N LYS H 112 -29.68 20.12 29.64
CA LYS H 112 -29.27 21.40 30.20
C LYS H 112 -28.44 22.26 29.22
N GLY H 113 -27.40 21.71 28.62
CA GLY H 113 -26.58 22.44 27.65
C GLY H 113 -27.36 22.87 26.40
N LEU H 114 -28.36 22.08 26.04
CA LEU H 114 -29.20 22.35 24.87
C LEU H 114 -30.21 23.46 25.20
N LEU H 115 -30.63 23.55 26.45
CA LEU H 115 -31.46 24.66 26.90
C LEU H 115 -30.66 25.97 27.07
N LYS H 116 -29.41 25.86 27.50
CA LYS H 116 -28.54 27.02 27.59
C LYS H 116 -28.23 27.57 26.17
N HIS H 117 -27.93 26.69 25.21
CA HIS H 117 -27.68 27.15 23.86
C HIS H 117 -28.93 27.75 23.22
N TYR H 118 -30.08 27.09 23.39
CA TYR H 118 -31.31 27.49 22.71
C TYR H 118 -32.55 27.56 23.60
N PRO H 119 -32.82 28.72 24.23
CA PRO H 119 -33.96 28.86 25.15
C PRO H 119 -35.33 28.60 24.51
N SER H 120 -35.45 28.75 23.20
CA SER H 120 -36.74 28.55 22.52
C SER H 120 -37.21 27.10 22.56
N LEU H 121 -36.27 26.17 22.77
CA LEU H 121 -36.61 24.75 23.01
C LEU H 121 -37.17 24.46 24.40
N ARG H 122 -37.47 25.49 25.18
CA ARG H 122 -38.00 25.33 26.53
C ARG H 122 -39.29 24.51 26.62
N GLU H 123 -40.07 24.49 25.55
CA GLU H 123 -41.33 23.74 25.54
C GLU H 123 -41.28 22.46 24.71
N ALA H 124 -40.08 22.09 24.25
CA ALA H 124 -39.90 20.84 23.54
C ALA H 124 -39.97 19.65 24.50
N GLU H 125 -40.36 18.51 23.95
CA GLU H 125 -40.33 17.24 24.66
C GLU H 125 -38.90 16.67 24.63
N PHE H 126 -38.32 16.46 25.80
CA PHE H 126 -37.04 15.82 25.88
C PHE H 126 -37.20 14.40 26.41
N MET H 127 -36.45 13.50 25.83
CA MET H 127 -36.49 12.14 26.26
C MET H 127 -35.04 11.82 26.64
N THR H 128 -34.77 11.92 27.95
CA THR H 128 -33.42 11.73 28.49
C THR H 128 -33.06 10.27 28.39
N VAL H 129 -31.97 9.99 27.70
CA VAL H 129 -31.47 8.63 27.58
C VAL H 129 -30.16 8.44 28.37
N LYS H 130 -29.92 7.20 28.81
CA LYS H 130 -28.65 6.79 29.38
C LYS H 130 -28.15 5.50 28.70
N THR H 131 -27.03 4.98 29.19
CA THR H 131 -26.38 3.79 28.62
C THR H 131 -27.24 2.52 28.77
N GLY H 132 -27.50 1.86 27.64
CA GLY H 132 -28.35 0.68 27.59
C GLY H 132 -29.77 0.95 27.10
N ASP H 133 -30.13 2.22 27.01
CA ASP H 133 -31.47 2.57 26.52
C ASP H 133 -31.65 2.26 25.05
N VAL H 134 -32.84 1.80 24.70
CA VAL H 134 -33.10 1.40 23.33
C VAL H 134 -34.24 2.23 22.76
N LEU H 135 -34.06 2.70 21.53
CA LEU H 135 -35.14 3.29 20.76
C LEU H 135 -35.52 2.37 19.59
N ASP H 136 -36.64 1.67 19.74
CA ASP H 136 -37.17 0.75 18.72
C ASP H 136 -38.00 1.46 17.65
N LEU H 137 -37.55 1.41 16.41
CA LEU H 137 -38.20 2.07 15.28
C LEU H 137 -39.06 1.12 14.46
N GLY H 138 -39.11 -0.15 14.88
CA GLY H 138 -39.75 -1.22 14.11
C GLY H 138 -38.74 -1.84 13.16
N GLY H 139 -38.10 -2.93 13.58
CA GLY H 139 -37.09 -3.61 12.77
C GLY H 139 -35.74 -2.94 12.82
N LYS H 140 -35.69 -1.77 13.44
CA LYS H 140 -34.44 -1.06 13.67
C LYS H 140 -34.44 -0.65 15.15
N THR H 141 -33.33 -0.87 15.83
CA THR H 141 -33.26 -0.50 17.24
C THR H 141 -31.98 0.25 17.47
N LEU H 142 -32.12 1.46 18.00
CA LEU H 142 -30.96 2.28 18.37
C LEU H 142 -30.67 2.08 19.86
N THR H 143 -29.44 1.71 20.20
CA THR H 143 -28.99 1.65 21.59
C THR H 143 -28.02 2.82 21.88
N PHE H 144 -28.27 3.52 22.98
CA PHE H 144 -27.41 4.64 23.39
C PHE H 144 -26.27 4.23 24.32
N LEU H 145 -25.07 4.72 24.03
CA LEU H 145 -23.88 4.49 24.84
C LEU H 145 -23.22 5.83 25.23
N GLU H 146 -23.29 6.15 26.54
CA GLU H 146 -22.73 7.37 27.09
C GLU H 146 -21.22 7.42 26.95
N THR H 147 -20.71 8.54 26.46
CA THR H 147 -19.27 8.73 26.30
C THR H 147 -18.82 10.03 26.94
N PRO H 148 -18.90 10.11 28.29
CA PRO H 148 -18.56 11.35 28.97
C PRO H 148 -17.09 11.69 28.76
N LEU H 149 -16.77 12.98 28.82
CA LEU H 149 -15.40 13.46 28.64
C LEU H 149 -14.63 12.59 27.66
N LEU H 150 -15.14 12.57 26.43
CA LEU H 150 -14.61 11.82 25.30
C LEU H 150 -15.72 11.80 24.26
N HIS H 151 -15.95 12.92 23.55
CA HIS H 151 -15.11 14.14 23.58
C HIS H 151 -15.57 15.20 24.61
N TRP H 152 -16.87 15.19 24.94
CA TRP H 152 -17.50 16.15 25.87
C TRP H 152 -18.29 15.41 26.98
N PRO H 153 -18.67 16.12 28.07
CA PRO H 153 -19.51 15.54 29.13
C PRO H 153 -20.90 15.09 28.66
N ASP H 154 -21.46 15.80 27.69
CA ASP H 154 -22.80 15.53 27.18
C ASP H 154 -22.86 14.47 26.08
N SER H 155 -21.68 14.06 25.59
CA SER H 155 -21.54 13.13 24.45
C SER H 155 -22.10 11.72 24.65
N MET H 156 -22.59 11.15 23.55
CA MET H 156 -22.90 9.72 23.49
C MET H 156 -22.69 9.13 22.08
N PHE H 157 -22.52 7.81 22.00
CA PHE H 157 -22.57 7.10 20.74
C PHE H 157 -24.00 6.56 20.59
N THR H 158 -24.42 6.34 19.35
CA THR H 158 -25.65 5.58 19.09
C THR H 158 -25.26 4.38 18.26
N LEU H 159 -25.76 3.21 18.65
CA LEU H 159 -25.55 1.98 17.92
C LEU H 159 -26.85 1.44 17.29
N LEU H 160 -26.80 1.22 15.98
CA LEU H 160 -27.85 0.54 15.23
C LEU H 160 -27.47 -0.92 15.04
N ASP H 161 -28.24 -1.83 15.65
CA ASP H 161 -27.86 -3.25 15.68
C ASP H 161 -27.91 -3.98 14.34
N GLU H 162 -29.06 -3.93 13.67
CA GLU H 162 -29.29 -4.72 12.46
C GLU H 162 -28.33 -4.41 11.35
N ASP H 163 -27.83 -3.18 11.33
CA ASP H 163 -26.92 -2.73 10.29
C ASP H 163 -25.46 -2.78 10.78
N GLY H 164 -25.26 -2.93 12.08
CA GLY H 164 -23.91 -2.83 12.65
C GLY H 164 -23.28 -1.46 12.44
N ILE H 165 -24.09 -0.41 12.60
CA ILE H 165 -23.58 0.94 12.40
C ILE H 165 -23.41 1.69 13.72
N LEU H 166 -22.18 2.17 13.93
CA LEU H 166 -21.84 2.99 15.08
C LEU H 166 -21.80 4.45 14.68
N PHE H 167 -22.76 5.20 15.22
CA PHE H 167 -22.81 6.63 15.05
C PHE H 167 -21.99 7.19 16.21
N SER H 168 -20.76 7.63 15.89
CA SER H 168 -19.70 7.85 16.88
C SER H 168 -19.47 9.29 17.32
N ASN H 169 -20.33 10.22 16.92
CA ASN H 169 -20.07 11.66 17.08
C ASN H 169 -18.69 12.13 16.54
N ASP H 170 -17.92 12.90 17.32
CA ASP H 170 -16.61 13.38 16.87
C ASP H 170 -15.55 12.27 16.73
N ALA H 171 -15.69 11.20 17.51
CA ALA H 171 -14.75 10.06 17.47
C ALA H 171 -14.63 9.49 16.07
N PHE H 172 -13.39 9.29 15.65
CA PHE H 172 -13.09 8.74 14.34
C PHE H 172 -13.46 9.73 13.20
N GLY H 173 -13.64 11.00 13.55
CA GLY H 173 -13.93 12.03 12.57
C GLY H 173 -12.67 12.48 11.85
N GLN H 174 -12.88 13.09 10.68
CA GLN H 174 -11.85 13.84 9.98
C GLN H 174 -12.50 15.07 9.35
N HIS H 175 -11.76 16.17 9.34
CA HIS H 175 -12.26 17.37 8.71
C HIS H 175 -11.95 17.36 7.22
N LEU H 176 -12.89 16.84 6.46
CA LEU H 176 -12.76 16.70 5.02
C LEU H 176 -14.10 16.97 4.38
N CYS H 177 -14.07 17.61 3.21
CA CYS H 177 -15.28 17.92 2.45
C CYS H 177 -15.21 17.42 1.02
N CYS H 178 -15.61 16.18 0.80
CA CYS H 178 -15.54 15.54 -0.50
C CYS H 178 -16.93 15.27 -1.03
N PRO H 179 -17.09 15.21 -2.36
CA PRO H 179 -18.34 14.68 -2.96
C PRO H 179 -18.61 13.24 -2.55
N GLN H 180 -17.53 12.46 -2.39
CA GLN H 180 -17.58 11.06 -1.96
C GLN H 180 -17.73 10.95 -0.45
N ARG H 181 -18.67 10.11 -0.02
CA ARG H 181 -19.07 9.97 1.38
C ARG H 181 -18.34 8.90 2.19
N LEU H 182 -17.68 7.95 1.52
CA LEU H 182 -17.07 6.78 2.19
C LEU H 182 -15.55 6.82 2.24
N ASP H 183 -14.99 6.13 3.22
CA ASP H 183 -13.55 6.08 3.38
C ASP H 183 -12.80 5.52 2.14
N ARG H 184 -13.34 4.47 1.54
CA ARG H 184 -12.75 3.78 0.39
C ARG H 184 -12.88 4.53 -0.95
N GLU H 185 -13.61 5.66 -0.97
CA GLU H 185 -13.78 6.42 -2.22
C GLU H 185 -12.78 7.59 -2.42
N ILE H 186 -11.78 7.73 -1.54
CA ILE H 186 -10.81 8.84 -1.60
C ILE H 186 -9.39 8.32 -1.35
N PRO H 187 -8.34 9.07 -1.76
CA PRO H 187 -6.99 8.57 -1.49
C PRO H 187 -6.84 8.24 0.01
N GLU H 188 -6.23 7.11 0.33
CA GLU H 188 -6.11 6.71 1.74
C GLU H 188 -5.11 7.60 2.49
N TYR H 189 -4.14 8.14 1.76
CA TYR H 189 -3.20 9.11 2.34
C TYR H 189 -3.93 10.28 2.93
N ILE H 190 -4.78 10.89 2.12
CA ILE H 190 -5.48 12.10 2.51
C ILE H 190 -6.40 11.77 3.68
N LEU H 191 -7.09 10.62 3.58
CA LEU H 191 -8.05 10.15 4.60
C LEU H 191 -7.39 9.93 5.96
N MET H 192 -6.25 9.23 5.97
CA MET H 192 -5.58 8.91 7.22
C MET H 192 -4.86 10.13 7.80
N ASP H 193 -4.29 10.97 6.95
CA ASP H 193 -3.63 12.18 7.45
C ASP H 193 -4.60 13.15 8.15
N ALA H 194 -5.82 13.26 7.65
CA ALA H 194 -6.86 14.06 8.28
C ALA H 194 -7.36 13.41 9.58
N ALA H 195 -7.49 12.08 9.59
CA ALA H 195 -7.83 11.31 10.81
C ALA H 195 -6.79 11.52 11.91
N ARG H 196 -5.52 11.51 11.49
CA ARG H 196 -4.36 11.73 12.34
C ARG H 196 -4.44 13.11 13.01
N LYS H 197 -4.70 14.15 12.21
CA LYS H 197 -4.75 15.54 12.66
C LYS H 197 -5.88 15.76 13.65
N PHE H 198 -7.04 15.21 13.31
CA PHE H 198 -8.17 15.17 14.23
C PHE H 198 -7.74 14.54 15.55
N TYR H 199 -7.15 13.34 15.49
CA TYR H 199 -6.70 12.65 16.71
C TYR H 199 -5.76 13.49 17.53
N ALA H 200 -4.67 13.94 16.90
CA ALA H 200 -3.66 14.79 17.54
C ALA H 200 -4.25 16.00 18.27
N ASN H 201 -5.15 16.72 17.60
CA ASN H 201 -5.68 17.98 18.12
C ASN H 201 -6.87 17.81 19.08
N LEU H 202 -7.60 16.71 18.97
CA LEU H 202 -8.88 16.62 19.69
C LEU H 202 -8.99 15.41 20.60
N ILE H 203 -8.23 14.37 20.33
CA ILE H 203 -8.29 13.13 21.10
C ILE H 203 -7.07 12.85 21.99
N THR H 204 -5.94 13.50 21.75
CA THR H 204 -4.73 13.22 22.56
C THR H 204 -4.90 13.16 24.08
N PRO H 205 -5.53 14.19 24.69
CA PRO H 205 -5.65 14.12 26.16
C PRO H 205 -6.61 13.02 26.67
N LEU H 206 -7.44 12.53 25.76
CA LEU H 206 -8.49 11.57 26.09
C LEU H 206 -8.05 10.14 25.84
N SER H 207 -6.79 9.97 25.41
CA SER H 207 -6.22 8.68 25.02
C SER H 207 -6.48 7.53 25.98
N LYS H 208 -6.22 7.74 27.28
CA LYS H 208 -6.45 6.68 28.28
C LYS H 208 -7.93 6.31 28.39
N LEU H 209 -8.79 7.28 28.12
CA LEU H 209 -10.23 7.11 28.20
C LEU H 209 -10.77 6.52 26.89
N VAL H 210 -10.02 6.69 25.81
CA VAL H 210 -10.33 6.08 24.52
C VAL H 210 -10.27 4.56 24.67
N LEU H 211 -9.24 4.09 25.36
CA LEU H 211 -8.99 2.67 25.57
C LEU H 211 -10.01 2.01 26.51
N LYS H 212 -10.20 2.59 27.70
CA LYS H 212 -11.25 2.16 28.64
C LYS H 212 -12.62 2.06 27.95
N LYS H 213 -12.85 2.95 26.99
CA LYS H 213 -14.05 2.97 26.18
C LYS H 213 -14.08 1.76 25.25
N PHE H 214 -12.90 1.37 24.73
CA PHE H 214 -12.76 0.23 23.81
C PHE H 214 -13.10 -1.06 24.53
N ASP H 215 -12.66 -1.17 25.77
CA ASP H 215 -12.86 -2.40 26.57
C ASP H 215 -14.20 -2.43 27.32
N GLU H 216 -15.06 -1.44 27.04
CA GLU H 216 -16.44 -1.41 27.53
C GLU H 216 -17.36 -1.74 26.34
N VAL H 217 -16.91 -1.33 25.14
CA VAL H 217 -17.51 -1.75 23.85
C VAL H 217 -17.21 -3.25 23.61
N LYS H 218 -16.27 -3.80 24.38
CA LYS H 218 -15.96 -5.22 24.37
C LYS H 218 -16.90 -6.01 25.31
N GLU H 219 -16.93 -5.61 26.59
CA GLU H 219 -17.65 -6.33 27.65
C GLU H 219 -19.16 -6.35 27.49
N LEU H 220 -19.71 -5.37 26.78
CA LEU H 220 -21.14 -5.36 26.49
C LEU H 220 -21.48 -6.28 25.32
N GLY H 221 -20.45 -6.62 24.54
CA GLY H 221 -20.55 -7.56 23.40
C GLY H 221 -20.93 -6.85 22.12
N LEU H 222 -20.21 -5.77 21.79
CA LEU H 222 -20.66 -4.82 20.78
C LEU H 222 -19.65 -4.52 19.66
N LEU H 223 -18.38 -4.93 19.81
CA LEU H 223 -17.37 -4.60 18.79
C LEU H 223 -17.22 -5.69 17.73
N GLU H 224 -17.86 -6.83 17.97
CA GLU H 224 -17.91 -7.89 16.97
C GLU H 224 -18.86 -7.49 15.85
N ARG H 225 -19.93 -6.80 16.22
CA ARG H 225 -21.00 -6.46 15.29
C ARG H 225 -20.90 -5.01 14.78
N ILE H 226 -19.68 -4.47 14.72
CA ILE H 226 -19.46 -3.15 14.09
C ILE H 226 -19.02 -3.34 12.63
N GLN H 227 -19.94 -3.02 11.72
CA GLN H 227 -19.74 -3.13 10.28
C GLN H 227 -19.31 -1.80 9.68
N MET H 228 -19.74 -0.72 10.34
CA MET H 228 -19.53 0.62 9.83
C MET H 228 -19.47 1.62 10.99
N ILE H 229 -18.55 2.58 10.86
CA ILE H 229 -18.44 3.70 11.80
C ILE H 229 -18.81 4.99 11.07
N ALA H 230 -19.82 5.67 11.60
CA ALA H 230 -20.43 6.83 10.95
C ALA H 230 -20.24 8.06 11.83
N PRO H 231 -19.13 8.80 11.60
CA PRO H 231 -18.85 9.91 12.50
C PRO H 231 -19.57 11.16 12.03
N SER H 232 -19.50 12.18 12.87
CA SER H 232 -20.06 13.50 12.64
C SER H 232 -19.32 14.39 11.63
N HIS H 233 -18.05 14.09 11.33
CA HIS H 233 -17.31 14.86 10.29
C HIS H 233 -16.61 13.94 9.32
N GLY H 234 -16.59 14.33 8.06
CA GLY H 234 -15.84 13.62 7.00
C GLY H 234 -16.39 12.25 6.60
N GLN H 235 -15.47 11.34 6.33
CA GLN H 235 -15.74 10.04 5.68
C GLN H 235 -16.32 8.99 6.61
N ILE H 236 -17.26 8.20 6.07
CA ILE H 236 -17.87 7.07 6.76
C ILE H 236 -16.95 5.86 6.58
N TRP H 237 -16.63 5.17 7.66
CA TRP H 237 -15.73 4.00 7.61
C TRP H 237 -16.49 2.73 7.23
N THR H 238 -16.31 2.26 6.01
CA THR H 238 -16.76 0.92 5.61
C THR H 238 -15.77 -0.15 6.12
N ASP H 239 -14.54 0.27 6.45
CA ASP H 239 -13.53 -0.58 7.11
C ASP H 239 -13.33 0.02 8.49
N PRO H 240 -14.24 -0.28 9.43
CA PRO H 240 -14.15 0.34 10.74
C PRO H 240 -12.89 -0.06 11.51
N MET H 241 -12.29 -1.19 11.17
CA MET H 241 -11.10 -1.66 11.88
C MET H 241 -9.83 -0.89 11.50
N LYS H 242 -9.87 -0.20 10.36
CA LYS H 242 -8.74 0.63 9.94
C LYS H 242 -8.55 1.82 10.89
N ILE H 243 -9.65 2.48 11.25
CA ILE H 243 -9.59 3.62 12.17
C ILE H 243 -9.45 3.21 13.66
N ILE H 244 -9.96 2.05 14.03
CA ILE H 244 -9.81 1.56 15.40
C ILE H 244 -8.35 1.17 15.66
N GLU H 245 -7.72 0.46 14.74
CA GLU H 245 -6.30 0.18 14.86
C GLU H 245 -5.48 1.46 14.93
N ALA H 246 -5.71 2.38 13.98
CA ALA H 246 -5.07 3.70 14.00
C ALA H 246 -5.12 4.30 15.41
N TYR H 247 -6.35 4.42 15.92
CA TYR H 247 -6.64 5.03 17.22
C TYR H 247 -5.96 4.32 18.36
N THR H 248 -5.87 2.99 18.26
CA THR H 248 -5.21 2.16 19.27
C THR H 248 -3.73 2.50 19.32
N GLY H 249 -3.10 2.61 18.15
CA GLY H 249 -1.70 2.96 18.04
C GLY H 249 -1.39 4.39 18.47
N TRP H 250 -2.27 5.33 18.16
CA TRP H 250 -2.08 6.72 18.62
C TRP H 250 -2.26 6.88 20.14
N ALA H 251 -3.18 6.09 20.72
CA ALA H 251 -3.51 6.17 22.14
C ALA H 251 -2.44 5.54 23.03
N THR H 252 -1.67 4.61 22.46
CA THR H 252 -0.62 3.92 23.19
C THR H 252 0.76 4.42 22.78
N GLY H 253 0.79 5.22 21.71
CA GLY H 253 1.98 5.97 21.34
C GLY H 253 2.97 5.17 20.54
N MET H 254 2.51 4.62 19.41
CA MET H 254 3.34 3.73 18.64
C MET H 254 4.51 4.38 17.90
N VAL H 255 4.24 5.31 16.99
CA VAL H 255 5.27 6.15 16.28
C VAL H 255 6.38 5.45 15.43
N ASP H 256 6.66 5.99 14.25
CA ASP H 256 7.87 5.65 13.49
C ASP H 256 9.00 6.58 13.96
N GLU H 257 10.21 6.32 13.47
CA GLU H 257 11.40 7.10 13.85
C GLU H 257 11.38 8.49 13.21
N ARG H 258 11.07 9.50 14.02
CA ARG H 258 10.81 10.85 13.53
C ARG H 258 11.14 11.91 14.58
N VAL H 259 11.86 12.94 14.14
CA VAL H 259 12.16 14.13 14.94
C VAL H 259 11.40 15.31 14.35
N THR H 260 10.60 16.00 15.17
CA THR H 260 9.98 17.25 14.74
C THR H 260 10.71 18.48 15.28
N VAL H 261 11.18 19.33 14.38
CA VAL H 261 11.94 20.52 14.79
C VAL H 261 11.06 21.75 14.62
N ILE H 262 10.84 22.44 15.75
CA ILE H 262 9.99 23.62 15.84
C ILE H 262 10.86 24.75 16.39
N TYR H 263 10.73 25.94 15.82
CA TYR H 263 11.57 27.06 16.22
C TYR H 263 10.92 28.38 15.80
N ASP H 264 11.28 29.47 16.47
CA ASP H 264 11.06 30.81 15.96
C ASP H 264 12.39 31.60 15.99
N THR H 265 12.42 32.75 15.33
CA THR H 265 13.66 33.50 15.17
C THR H 265 13.39 34.97 14.81
N MET H 266 14.34 35.85 15.13
CA MET H 266 14.22 37.23 14.70
C MET H 266 15.26 37.56 13.62
N HIS H 267 16.52 37.25 13.89
CA HIS H 267 17.61 37.61 12.99
C HIS H 267 18.18 36.40 12.24
N GLY H 268 17.67 35.21 12.56
CA GLY H 268 18.06 34.01 11.83
C GLY H 268 19.02 33.05 12.50
N SER H 269 19.67 33.45 13.59
CA SER H 269 20.70 32.62 14.23
C SER H 269 20.13 31.30 14.75
N THR H 270 18.92 31.35 15.31
CA THR H 270 18.23 30.16 15.83
C THR H 270 17.73 29.27 14.69
N ARG H 271 17.36 29.87 13.57
CA ARG H 271 16.99 29.15 12.36
C ARG H 271 18.19 28.38 11.81
N LYS H 272 19.36 29.04 11.79
CA LYS H 272 20.61 28.34 11.46
C LYS H 272 20.78 27.12 12.34
N MET H 273 20.42 27.26 13.61
CA MET H 273 20.59 26.19 14.60
C MET H 273 19.65 25.02 14.34
N ALA H 274 18.41 25.33 13.95
CA ALA H 274 17.44 24.29 13.66
C ALA H 274 17.81 23.52 12.39
N HIS H 275 18.46 24.21 11.46
CA HIS H 275 18.95 23.61 10.22
C HIS H 275 20.07 22.60 10.47
N ALA H 276 20.99 22.95 11.36
CA ALA H 276 22.04 22.04 11.82
C ALA H 276 21.44 20.86 12.60
N ILE H 277 20.53 21.15 13.53
CA ILE H 277 19.83 20.11 14.30
C ILE H 277 19.17 19.07 13.39
N ALA H 278 18.41 19.54 12.40
CA ALA H 278 17.74 18.66 11.41
C ALA H 278 18.74 17.86 10.57
N GLU H 279 19.87 18.47 10.23
CA GLU H 279 20.94 17.79 9.53
C GLU H 279 21.55 16.64 10.35
N GLY H 280 21.70 16.88 11.65
CA GLY H 280 22.21 15.86 12.56
C GLY H 280 21.28 14.68 12.66
N ALA H 281 20.00 14.95 12.93
CA ALA H 281 19.00 13.90 13.08
C ALA H 281 18.89 13.11 11.78
N MET H 282 18.87 13.81 10.66
CA MET H 282 18.81 13.20 9.33
C MET H 282 19.88 12.17 9.03
N SER H 283 21.10 12.37 9.56
CA SER H 283 22.23 11.49 9.29
C SER H 283 22.05 10.14 9.97
N GLU H 284 21.31 10.16 11.07
CA GLU H 284 20.84 8.95 11.77
C GLU H 284 19.68 8.26 11.04
N GLY H 285 19.28 8.79 9.88
CA GLY H 285 18.29 8.12 9.03
C GLY H 285 16.89 8.07 9.58
N VAL H 286 16.61 9.00 10.49
CA VAL H 286 15.31 9.17 11.10
C VAL H 286 14.50 10.13 10.22
N ASP H 287 13.18 10.08 10.25
CA ASP H 287 12.39 11.07 9.52
C ASP H 287 12.45 12.43 10.22
N VAL H 288 12.39 13.50 9.44
CA VAL H 288 12.58 14.84 9.97
C VAL H 288 11.54 15.81 9.43
N ARG H 289 11.02 16.66 10.32
CA ARG H 289 10.09 17.74 9.98
C ARG H 289 10.58 19.04 10.64
N VAL H 290 10.65 20.12 9.87
CA VAL H 290 11.06 21.42 10.43
C VAL H 290 9.90 22.43 10.35
N TYR H 291 9.57 23.04 11.49
CA TYR H 291 8.49 24.02 11.56
C TYR H 291 8.92 25.36 12.12
N CYS H 292 8.43 26.43 11.50
CA CYS H 292 8.66 27.78 12.00
C CYS H 292 7.34 28.36 12.48
N LEU H 293 7.37 28.94 13.68
CA LEU H 293 6.15 29.45 14.33
C LEU H 293 5.56 30.73 13.71
N HIS H 294 6.40 31.49 13.00
CA HIS H 294 5.95 32.67 12.27
C HIS H 294 5.01 32.27 11.13
N GLU H 295 5.13 31.02 10.68
CA GLU H 295 4.48 30.59 9.44
C GLU H 295 3.50 29.45 9.65
N ASP H 296 3.78 28.57 10.62
CA ASP H 296 3.05 27.30 10.72
C ASP H 296 2.02 27.23 11.85
N ASP H 297 0.83 26.73 11.53
CA ASP H 297 -0.28 26.62 12.47
C ASP H 297 -0.01 25.59 13.56
N ARG H 298 -0.46 25.87 14.77
CA ARG H 298 -0.29 24.90 15.85
C ARG H 298 -0.90 23.51 15.58
N SER H 299 -2.06 23.46 14.92
CA SER H 299 -2.72 22.17 14.64
C SER H 299 -1.93 21.26 13.70
N GLU H 300 -1.16 21.87 12.82
CA GLU H 300 -0.33 21.12 11.88
C GLU H 300 0.88 20.55 12.61
N ILE H 301 1.51 21.38 13.43
CA ILE H 301 2.69 21.01 14.25
C ILE H 301 2.42 19.87 15.20
N VAL H 302 1.25 19.90 15.82
CA VAL H 302 0.83 18.90 16.82
C VAL H 302 0.53 17.53 16.18
N LYS H 303 0.08 17.58 14.93
CA LYS H 303 -0.14 16.38 14.10
C LYS H 303 1.18 15.61 13.93
N ASP H 304 2.26 16.34 13.71
CA ASP H 304 3.54 15.69 13.57
C ASP H 304 4.19 15.36 14.89
N ILE H 305 3.75 16.02 15.95
CA ILE H 305 4.22 15.65 17.30
C ILE H 305 3.65 14.29 17.63
N LEU H 306 2.40 14.04 17.24
CA LEU H 306 1.76 12.75 17.41
C LEU H 306 2.57 11.58 16.82
N GLU H 307 3.17 11.78 15.64
CA GLU H 307 3.94 10.72 14.97
C GLU H 307 5.45 10.81 15.26
N SER H 308 5.81 11.49 16.36
CA SER H 308 7.22 11.76 16.71
C SER H 308 7.61 11.25 18.10
N GLY H 309 8.79 10.65 18.21
CA GLY H 309 9.32 10.21 19.48
C GLY H 309 10.10 11.32 20.17
N ALA H 310 10.49 12.32 19.38
CA ALA H 310 11.34 13.42 19.84
C ALA H 310 11.00 14.74 19.16
N ILE H 311 11.18 15.82 19.90
CA ILE H 311 11.02 17.13 19.31
C ILE H 311 12.21 18.01 19.65
N ALA H 312 12.36 19.08 18.87
CA ALA H 312 13.30 20.12 19.20
C ALA H 312 12.57 21.45 19.14
N LEU H 313 12.72 22.23 20.21
CA LEU H 313 12.07 23.53 20.33
C LEU H 313 13.11 24.65 20.51
N GLY H 314 13.14 25.58 19.56
CA GLY H 314 14.12 26.66 19.57
C GLY H 314 13.50 28.04 19.55
N ALA H 315 14.11 28.96 20.30
CA ALA H 315 13.65 30.36 20.31
C ALA H 315 14.72 31.26 20.90
N PRO H 316 14.89 32.47 20.32
CA PRO H 316 15.74 33.47 20.96
C PRO H 316 15.09 34.05 22.23
N THR H 317 15.93 34.63 23.09
CA THR H 317 15.45 35.26 24.31
C THR H 317 15.17 36.77 24.10
N ILE H 318 13.98 37.18 24.57
CA ILE H 318 13.55 38.57 24.49
C ILE H 318 13.17 39.00 25.89
N TYR H 319 13.95 39.94 26.43
CA TYR H 319 13.78 40.47 27.77
C TYR H 319 13.60 39.35 28.81
N ASP H 320 14.56 38.40 28.79
CA ASP H 320 14.63 37.24 29.68
C ASP H 320 13.60 36.11 29.47
N GLU H 321 12.67 36.29 28.53
CA GLU H 321 11.69 35.26 28.22
C GLU H 321 12.03 34.61 26.87
N PRO H 322 11.33 33.52 26.51
CA PRO H 322 11.48 33.09 25.12
C PRO H 322 10.61 33.95 24.19
N TYR H 323 10.93 33.90 22.90
CA TYR H 323 10.15 34.60 21.88
C TYR H 323 8.68 34.16 22.03
N PRO H 324 7.75 35.13 22.16
CA PRO H 324 6.42 34.85 22.72
C PRO H 324 5.50 33.84 21.99
N SER H 325 5.82 33.51 20.73
CA SER H 325 4.98 32.62 19.92
C SER H 325 5.01 31.22 20.52
N VAL H 326 6.16 30.91 21.11
CA VAL H 326 6.41 29.67 21.84
C VAL H 326 5.49 29.48 23.06
N GLY H 327 4.98 30.59 23.60
CA GLY H 327 3.99 30.56 24.69
C GLY H 327 2.66 30.00 24.22
N ASP H 328 2.34 30.22 22.95
CA ASP H 328 1.10 29.70 22.34
C ASP H 328 1.13 28.17 22.30
N LEU H 329 2.10 27.62 21.58
CA LEU H 329 2.25 26.20 21.39
C LEU H 329 2.36 25.47 22.74
N LEU H 330 3.11 26.03 23.68
CA LEU H 330 3.29 25.41 25.00
C LEU H 330 2.01 25.37 25.82
N MET H 331 1.19 26.41 25.73
CA MET H 331 -0.11 26.36 26.38
C MET H 331 -1.04 25.32 25.74
N TYR H 332 -0.95 25.19 24.41
CA TYR H 332 -1.64 24.14 23.65
C TYR H 332 -1.20 22.75 24.13
N LEU H 333 0.09 22.45 24.05
CA LEU H 333 0.66 21.18 24.52
C LEU H 333 0.29 20.81 25.95
N ARG H 334 0.16 21.80 26.82
CA ARG H 334 -0.16 21.58 28.24
C ARG H 334 -1.57 21.05 28.43
N GLY H 335 -2.47 21.41 27.53
CA GLY H 335 -3.82 20.85 27.55
C GLY H 335 -3.96 19.54 26.79
N LEU H 336 -3.10 19.34 25.77
CA LEU H 336 -3.08 18.12 24.96
C LEU H 336 -2.59 16.88 25.71
N LYS H 337 -1.56 17.05 26.54
CA LYS H 337 -1.08 16.00 27.45
C LYS H 337 -0.53 14.76 26.76
N PHE H 338 0.41 14.97 25.83
CA PHE H 338 1.03 13.89 25.05
C PHE H 338 1.66 12.76 25.89
N ASN H 339 2.02 13.06 27.13
CA ASN H 339 2.50 12.05 28.06
C ASN H 339 1.48 10.95 28.33
N ARG H 340 0.22 11.23 28.05
CA ARG H 340 -0.83 10.22 28.24
C ARG H 340 -0.75 9.13 27.20
N THR H 341 -0.10 9.44 26.08
CA THR H 341 0.23 8.45 25.05
C THR H 341 1.67 7.96 25.24
N LEU H 342 2.60 8.89 25.41
CA LEU H 342 4.03 8.62 25.37
C LEU H 342 4.78 9.91 25.79
N THR H 343 5.70 9.78 26.75
CA THR H 343 6.60 10.86 27.10
C THR H 343 7.70 10.91 26.04
N ARG H 344 7.64 11.94 25.20
CA ARG H 344 8.56 12.10 24.08
C ARG H 344 9.80 12.85 24.58
N LYS H 345 10.92 12.62 23.92
CA LYS H 345 12.16 13.33 24.25
C LYS H 345 12.09 14.70 23.61
N ALA H 346 12.92 15.61 24.10
CA ALA H 346 12.92 16.99 23.65
C ALA H 346 14.31 17.62 23.80
N LEU H 347 14.69 18.39 22.79
CA LEU H 347 15.90 19.22 22.88
C LEU H 347 15.47 20.67 22.78
N VAL H 348 15.88 21.46 23.77
CA VAL H 348 15.61 22.88 23.77
C VAL H 348 16.88 23.63 23.32
N PHE H 349 16.74 24.58 22.40
CA PHE H 349 17.89 25.33 21.90
C PHE H 349 17.53 26.80 21.67
N GLY H 350 18.54 27.65 21.46
CA GLY H 350 18.28 29.07 21.18
C GLY H 350 19.51 29.96 21.13
N SER H 351 19.38 31.10 20.44
CA SER H 351 20.43 32.12 20.38
C SER H 351 20.14 33.20 21.40
N MET H 352 21.19 33.83 21.93
CA MET H 352 21.01 34.90 22.90
C MET H 352 22.04 36.04 22.76
N GLY H 353 21.79 37.18 23.40
CA GLY H 353 22.68 38.34 23.30
C GLY H 353 23.31 38.81 24.60
N GLY H 354 22.78 38.30 25.73
CA GLY H 354 23.34 38.60 27.07
C GLY H 354 23.33 37.37 27.97
N ASN H 355 22.45 37.39 28.96
CA ASN H 355 22.31 36.30 29.94
C ASN H 355 21.35 35.17 29.52
N GLY H 356 20.50 35.44 28.54
CA GLY H 356 19.59 34.41 28.05
C GLY H 356 18.48 34.05 29.01
N GLY H 357 18.06 32.78 28.97
CA GLY H 357 16.95 32.32 29.79
C GLY H 357 15.73 31.83 29.01
N ALA H 358 15.83 31.84 27.68
CA ALA H 358 14.76 31.26 26.87
C ALA H 358 14.78 29.74 27.01
N THR H 359 15.95 29.14 26.86
CA THR H 359 16.12 27.68 26.93
C THR H 359 15.68 27.07 28.26
N GLY H 360 16.13 27.66 29.37
CA GLY H 360 15.70 27.28 30.71
C GLY H 360 14.20 27.35 30.92
N THR H 361 13.58 28.44 30.47
CA THR H 361 12.13 28.61 30.55
C THR H 361 11.39 27.54 29.77
N MET H 362 11.76 27.40 28.50
CA MET H 362 11.18 26.39 27.63
C MET H 362 11.37 24.97 28.18
N LYS H 363 12.54 24.70 28.76
CA LYS H 363 12.85 23.42 29.37
C LYS H 363 11.87 23.10 30.51
N GLU H 364 11.53 24.12 31.30
CA GLU H 364 10.57 24.01 32.40
C GLU H 364 9.15 23.78 31.89
N LEU H 365 8.75 24.47 30.82
CA LEU H 365 7.37 24.40 30.30
C LEU H 365 7.10 23.13 29.49
N LEU H 366 8.14 22.59 28.85
CA LEU H 366 8.03 21.33 28.16
C LEU H 366 7.91 20.16 29.14
N ALA H 367 8.48 20.30 30.33
CA ALA H 367 8.35 19.27 31.37
C ALA H 367 6.91 19.22 31.87
N GLU H 368 6.35 20.37 32.20
CA GLU H 368 4.97 20.47 32.68
C GLU H 368 3.95 20.17 31.58
N ALA H 369 4.43 20.04 30.33
CA ALA H 369 3.60 19.58 29.22
C ALA H 369 3.78 18.08 28.96
N GLY H 370 4.57 17.43 29.81
CA GLY H 370 4.82 16.00 29.69
C GLY H 370 5.82 15.62 28.61
N PHE H 371 6.90 16.41 28.49
CA PHE H 371 8.06 16.00 27.68
C PHE H 371 9.28 15.79 28.60
N ASP H 372 10.10 14.80 28.27
CA ASP H 372 11.37 14.56 28.96
C ASP H 372 12.45 15.29 28.20
N VAL H 373 12.74 16.51 28.66
CA VAL H 373 13.67 17.39 27.95
C VAL H 373 15.10 17.06 28.36
N ALA H 374 15.93 16.80 27.35
CA ALA H 374 17.30 16.38 27.58
C ALA H 374 18.27 17.40 27.01
N CYS H 375 18.72 18.30 27.88
CA CYS H 375 19.80 19.24 27.59
C CYS H 375 19.40 20.33 26.61
N GLU H 376 20.23 21.38 26.56
CA GLU H 376 19.98 22.52 25.71
C GLU H 376 21.18 22.91 24.86
N GLU H 377 20.94 23.58 23.74
CA GLU H 377 22.00 24.24 22.99
C GLU H 377 21.77 25.76 23.02
N GLU H 378 22.67 26.50 23.67
CA GLU H 378 22.47 27.94 23.85
C GLU H 378 23.64 28.80 23.33
N VAL H 379 23.46 29.35 22.13
CA VAL H 379 24.56 29.96 21.39
C VAL H 379 24.54 31.50 21.33
N TYR H 380 25.58 32.13 21.89
CA TYR H 380 25.74 33.60 21.89
C TYR H 380 25.82 34.21 20.48
N TYR H 381 24.76 34.93 20.12
CA TYR H 381 24.55 35.59 18.82
C TYR H 381 24.54 34.63 17.62
N VAL H 382 25.38 34.92 16.62
CA VAL H 382 25.51 34.05 15.45
C VAL H 382 26.37 32.82 15.80
N PRO H 383 25.84 31.62 15.55
CA PRO H 383 26.64 30.41 15.77
C PRO H 383 27.90 30.33 14.91
N THR H 384 29.00 29.92 15.51
CA THR H 384 30.23 29.65 14.75
C THR H 384 30.10 28.28 14.06
N GLY H 385 31.12 27.92 13.29
CA GLY H 385 31.20 26.61 12.65
C GLY H 385 31.26 25.48 13.65
N ASP H 386 31.97 25.69 14.77
CA ASP H 386 32.03 24.69 15.84
C ASP H 386 30.74 24.62 16.65
N GLU H 387 29.99 25.73 16.68
CA GLU H 387 28.74 25.80 17.41
C GLU H 387 27.62 25.13 16.63
N LEU H 388 27.76 25.14 15.30
CA LEU H 388 26.79 24.48 14.43
C LEU H 388 27.07 22.98 14.37
N ASP H 389 28.31 22.60 14.65
CA ASP H 389 28.67 21.20 14.78
C ASP H 389 28.10 20.60 16.07
N ALA H 390 28.18 21.35 17.16
CA ALA H 390 27.54 20.99 18.42
C ALA H 390 26.03 20.77 18.23
N CYS H 391 25.38 21.70 17.53
CA CYS H 391 23.96 21.58 17.19
C CYS H 391 23.68 20.33 16.36
N PHE H 392 24.53 20.08 15.36
CA PHE H 392 24.49 18.85 14.57
C PHE H 392 24.53 17.62 15.50
N GLU H 393 25.51 17.56 16.39
CA GLU H 393 25.65 16.41 17.31
C GLU H 393 24.45 16.25 18.26
N ALA H 394 23.88 17.37 18.71
CA ALA H 394 22.71 17.35 19.57
C ALA H 394 21.52 16.65 18.87
N GLY H 395 21.26 17.06 17.63
CA GLY H 395 20.24 16.46 16.78
C GLY H 395 20.52 15.02 16.39
N ARG H 396 21.79 14.72 16.13
CA ARG H 396 22.23 13.33 15.94
C ARG H 396 22.01 12.48 17.21
N LYS H 397 22.25 13.08 18.37
CA LYS H 397 22.01 12.42 19.66
C LYS H 397 20.52 12.20 19.91
N LEU H 398 19.72 13.22 19.66
CA LEU H 398 18.27 13.12 19.83
C LEU H 398 17.68 11.97 18.99
N ALA H 399 18.14 11.87 17.74
CA ALA H 399 17.61 10.91 16.79
C ALA H 399 18.02 9.49 17.13
N ALA H 400 19.25 9.33 17.63
CA ALA H 400 19.78 8.04 18.03
C ALA H 400 18.99 7.45 19.20
N GLU H 401 18.63 8.32 20.13
CA GLU H 401 17.93 7.95 21.36
C GLU H 401 16.48 7.47 21.14
N ILE H 402 15.89 7.83 19.99
CA ILE H 402 14.55 7.33 19.63
C ILE H 402 14.56 6.19 18.58
N ARG H 403 15.75 5.86 18.07
CA ARG H 403 15.91 4.69 17.21
C ARG H 403 15.67 3.42 18.01
FE FE I . 19.50 -45.73 -22.94
FE FE J . 18.91 -43.61 -25.61
N1 FMN K . -19.21 -26.93 -21.97
C2 FMN K . -19.37 -26.61 -23.29
O2 FMN K . -20.14 -27.25 -23.99
N3 FMN K . -18.63 -25.58 -23.82
C4 FMN K . -17.75 -24.85 -23.08
O4 FMN K . -16.88 -24.30 -23.75
C4A FMN K . -17.57 -25.17 -21.74
N5 FMN K . -16.70 -24.48 -20.89
C5A FMN K . -16.57 -24.85 -19.56
C6 FMN K . -15.70 -24.19 -18.69
C7 FMN K . -15.55 -24.54 -17.34
C7M FMN K . -14.27 -24.21 -16.65
C8 FMN K . -16.31 -25.60 -16.84
C8M FMN K . -16.35 -25.89 -15.37
C9 FMN K . -17.19 -26.28 -17.69
C9A FMN K . -17.32 -25.91 -19.05
N10 FMN K . -18.19 -26.60 -19.88
C10 FMN K . -18.33 -26.22 -21.19
C1' FMN K . -19.19 -27.57 -19.32
C2' FMN K . -18.68 -28.99 -19.21
O2' FMN K . -18.34 -29.50 -20.48
C3' FMN K . -19.80 -29.81 -18.56
O3' FMN K . -20.11 -29.25 -17.31
C4' FMN K . -19.55 -31.33 -18.47
O4' FMN K . -20.72 -31.96 -17.97
C5' FMN K . -18.36 -31.76 -17.61
O5' FMN K . -18.23 -33.16 -17.71
P FMN K . -17.56 -33.99 -16.54
O1P FMN K . -18.61 -34.23 -15.49
O2P FMN K . -17.08 -35.35 -17.01
O3P FMN K . -16.40 -33.20 -16.02
FE FE L . -18.23 -21.94 -8.70
FE FE M . -19.04 -22.28 -12.34
N1 FMN N . 16.06 -34.93 -31.47
C2 FMN N . 15.68 -34.55 -32.75
O2 FMN N . 16.23 -33.58 -33.26
N3 FMN N . 14.69 -35.26 -33.41
C4 FMN N . 14.10 -36.36 -32.79
O4 FMN N . 13.22 -37.00 -33.41
C4A FMN N . 14.51 -36.74 -31.50
N5 FMN N . 13.95 -37.85 -30.86
C5A FMN N . 14.36 -38.20 -29.57
C6 FMN N . 13.79 -39.29 -28.92
C7 FMN N . 14.18 -39.64 -27.62
C7M FMN N . 13.12 -40.27 -26.75
C8 FMN N . 15.20 -38.89 -26.98
C8M FMN N . 15.39 -38.92 -25.49
C9 FMN N . 15.75 -37.81 -27.65
C9A FMN N . 15.34 -37.45 -28.94
N10 FMN N . 15.93 -36.36 -29.57
C10 FMN N . 15.50 -36.02 -30.84
C1' FMN N . 17.24 -35.84 -29.05
C2' FMN N . 16.96 -34.71 -28.09
O2' FMN N . 16.02 -33.84 -28.66
C3' FMN N . 18.25 -33.95 -27.72
O3' FMN N . 19.08 -34.79 -26.94
C4' FMN N . 17.97 -32.65 -27.00
O4' FMN N . 19.16 -31.94 -26.89
C5' FMN N . 17.40 -32.84 -25.59
O5' FMN N . 17.37 -31.57 -24.96
P FMN N . 17.17 -31.45 -23.36
O1P FMN N . 18.51 -31.51 -22.69
O2P FMN N . 16.46 -30.15 -23.00
O3P FMN N . 16.27 -32.58 -22.92
FE FE O . -12.51 -54.20 2.28
FE FE P . -12.05 -54.06 6.00
CL CL Q . 3.23 -59.33 20.60
N1 FMN R . 23.87 -33.39 12.13
C2 FMN R . 24.00 -33.76 13.46
O2 FMN R . 24.87 -34.55 13.82
N3 FMN R . 23.12 -33.29 14.41
C4 FMN R . 22.13 -32.41 14.04
O4 FMN R . 21.32 -32.09 14.90
C4A FMN R . 21.98 -32.02 12.70
N5 FMN R . 20.96 -31.14 12.32
C5A FMN R . 20.84 -30.76 10.98
C6 FMN R . 19.82 -29.89 10.59
C7 FMN R . 19.70 -29.52 9.25
C7M FMN R . 18.42 -28.87 8.79
C8 FMN R . 20.59 -30.02 8.29
C8M FMN R . 20.45 -29.70 6.83
C9 FMN R . 21.59 -30.91 8.69
C9A FMN R . 21.73 -31.28 10.02
N10 FMN R . 22.74 -32.15 10.40
C10 FMN R . 22.86 -32.51 11.74
C1' FMN R . 23.84 -32.51 9.45
C2' FMN R . 23.44 -33.65 8.52
O2' FMN R . 22.97 -34.77 9.26
C3' FMN R . 24.66 -34.00 7.64
O3' FMN R . 24.98 -32.92 6.76
C4' FMN R . 24.54 -35.29 6.84
O4' FMN R . 25.66 -35.36 5.97
C5' FMN R . 23.27 -35.43 6.00
O5' FMN R . 23.22 -36.76 5.48
P FMN R . 22.69 -37.09 4.01
O1P FMN R . 23.72 -36.83 2.91
O2P FMN R . 22.23 -38.52 3.91
O3P FMN R . 21.51 -36.15 3.78
FE FE S . 21.73 -22.68 3.42
FE FE T . 22.88 -24.72 6.49
N1 FMN U . -9.94 -49.07 15.34
C2 FMN U . -9.50 -49.33 16.62
O2 FMN U . -10.14 -48.92 17.56
N3 FMN U . -8.35 -50.06 16.81
C4 FMN U . -7.61 -50.54 15.75
O4 FMN U . -6.72 -51.35 16.00
C4A FMN U . -8.04 -50.29 14.44
N5 FMN U . -7.35 -50.74 13.32
C5A FMN U . -7.81 -50.47 12.04
C6 FMN U . -7.11 -50.93 10.91
C7 FMN U . -7.59 -50.63 9.62
C7M FMN U . -6.89 -51.19 8.42
C8 FMN U . -8.77 -49.90 9.47
C8M FMN U . -9.23 -49.40 8.11
C9 FMN U . -9.45 -49.45 10.60
C9A FMN U . -8.98 -49.73 11.87
N10 FMN U . -9.68 -49.28 12.98
C10 FMN U . -9.22 -49.55 14.25
C1' FMN U . -11.03 -48.63 12.87
C2' FMN U . -10.83 -47.17 12.51
O2' FMN U . -10.23 -46.46 13.55
C3' FMN U . -12.20 -46.61 12.16
O3' FMN U . -12.58 -47.11 10.89
C4' FMN U . -12.21 -45.09 12.18
O4' FMN U . -13.53 -44.72 12.48
C5' FMN U . -11.83 -44.50 10.82
O5' FMN U . -11.79 -43.10 11.01
P FMN U . -11.63 -42.09 9.80
O1P FMN U . -12.98 -41.97 9.13
O2P FMN U . -11.30 -40.72 10.35
O3P FMN U . -10.56 -42.54 8.86
FE FE V . -23.21 50.60 4.70
FE FE W . -24.45 50.28 1.24
N1 FMN X . 10.06 37.13 -18.82
C2 FMN X . 9.59 37.45 -20.08
O2 FMN X . 10.11 38.38 -20.67
N3 FMN X . 8.55 36.75 -20.67
C4 FMN X . 7.98 35.69 -20.00
O4 FMN X . 7.21 34.94 -20.62
C4A FMN X . 8.46 35.35 -18.73
N5 FMN X . 7.90 34.27 -18.03
C5A FMN X . 8.35 33.93 -16.78
C6 FMN X . 7.78 32.86 -16.08
C7 FMN X . 8.24 32.53 -14.81
C7M FMN X . 7.64 31.35 -14.10
C8 FMN X . 9.30 33.27 -14.25
C8M FMN X . 9.88 32.98 -12.88
C9 FMN X . 9.85 34.33 -14.95
C9A FMN X . 9.40 34.66 -16.22
N10 FMN X . 9.98 35.71 -16.91
C10 FMN X . 9.50 36.06 -18.15
C1' FMN X . 11.33 36.21 -16.48
C2' FMN X . 11.14 37.30 -15.44
O2' FMN X . 10.18 38.21 -15.93
C3' FMN X . 12.49 37.99 -15.08
O3' FMN X . 13.30 37.11 -14.35
C4' FMN X . 12.35 39.29 -14.29
O4' FMN X . 13.62 39.88 -14.12
C5' FMN X . 11.76 39.10 -12.90
O5' FMN X . 11.62 40.38 -12.32
P FMN X . 11.54 40.50 -10.74
O1P FMN X . 12.89 40.21 -10.13
O2P FMN X . 11.11 41.87 -10.27
O3P FMN X . 10.56 39.43 -10.28
FE FE Y . 13.73 26.39 -10.32
FE FE Z . 12.79 28.43 -13.26
CL CL AA . -7.42 31.77 -26.60
N1 FMN BA . -24.74 45.65 -8.35
C2 FMN BA . -24.85 45.94 -9.69
O2 FMN BA . -25.67 45.36 -10.39
N3 FMN BA . -24.04 46.90 -10.24
C4 FMN BA . -23.12 47.58 -9.48
O4 FMN BA . -22.30 48.28 -10.08
C4A FMN BA . -22.99 47.28 -8.12
N5 FMN BA . -22.06 47.94 -7.32
C5A FMN BA . -21.96 47.63 -5.96
C6 FMN BA . -21.03 48.28 -5.14
C7 FMN BA . -20.94 47.93 -3.78
C7M FMN BA . -19.87 48.49 -2.91
C8 FMN BA . -21.77 46.95 -3.24
C8M FMN BA . -21.39 46.25 -1.97
C9 FMN BA . -22.69 46.32 -4.07
C9A FMN BA . -22.80 46.64 -5.42
N10 FMN BA . -23.73 45.97 -6.21
C10 FMN BA . -23.82 46.30 -7.55
C1' FMN BA . -24.75 45.06 -5.58
C2' FMN BA . -24.23 43.63 -5.41
O2' FMN BA . -23.91 43.03 -6.68
C3' FMN BA . -25.27 42.81 -4.63
O3' FMN BA . -25.11 43.03 -3.23
C4' FMN BA . -25.14 41.30 -4.88
O4' FMN BA . -26.35 40.69 -4.50
C5' FMN BA . -23.98 40.71 -4.09
O5' FMN BA . -23.89 39.31 -4.17
P FMN BA . -23.02 38.51 -3.07
O1P FMN BA . -23.92 38.12 -1.92
O2P FMN BA . -22.48 37.23 -3.70
O3P FMN BA . -21.88 39.34 -2.60
FE FE CA . 17.04 49.40 15.74
FE FE DA . 18.01 47.46 19.07
N1 FMN EA . -15.13 23.40 28.40
C2 FMN EA . -14.76 23.18 29.73
O2 FMN EA . -15.43 23.68 30.65
N3 FMN EA . -13.63 22.40 30.01
C4 FMN EA . -12.89 21.85 28.98
O4 FMN EA . -11.87 21.20 29.20
C4A FMN EA . -13.26 22.09 27.65
N5 FMN EA . -12.52 21.53 26.63
C5A FMN EA . -12.87 21.75 25.31
C6 FMN EA . -12.09 21.20 24.29
C7 FMN EA . -12.43 21.42 22.97
C7M FMN EA . -11.46 21.02 21.89
C8 FMN EA . -13.55 22.20 22.64
C8M FMN EA . -13.55 22.90 21.33
C9 FMN EA . -14.33 22.74 23.67
C9A FMN EA . -13.99 22.52 25.01
N10 FMN EA . -14.74 23.08 26.04
C10 FMN EA . -14.38 22.87 27.37
C1' FMN EA . -16.03 23.79 25.77
C2' FMN EA . -15.88 25.32 25.68
O2' FMN EA . -15.07 25.84 26.72
C3' FMN EA . -17.27 25.96 25.73
O3' FMN EA . -18.00 25.50 24.61
C4' FMN EA . -17.27 27.48 25.72
O4' FMN EA . -18.63 27.86 25.80
C5' FMN EA . -16.60 28.05 24.46
O5' FMN EA . -16.51 29.45 24.51
P FMN EA . -16.50 30.34 23.17
O1P FMN EA . -17.82 30.23 22.44
O2P FMN EA . -16.23 31.78 23.55
O3P FMN EA . -15.38 29.91 22.28
FE FE FA . -17.82 18.35 15.67
FE FE GA . -17.73 18.49 19.03
CL CL HA . -1.34 13.17 33.54
CL CL IA . -22.57 13.58 -1.10
N1 FMN JA . 19.17 38.70 24.86
C2 FMN JA . 19.32 38.28 26.17
O2 FMN JA . 20.22 37.51 26.51
N3 FMN JA . 18.43 38.71 27.14
C4 FMN JA . 17.41 39.57 26.80
O4 FMN JA . 16.63 39.95 27.67
C4A FMN JA . 17.24 39.99 25.49
N5 FMN JA . 16.20 40.85 25.17
C5A FMN JA . 16.03 41.28 23.87
C6 FMN JA . 14.98 42.14 23.56
C7 FMN JA . 14.79 42.58 22.25
C7M FMN JA . 13.61 43.44 21.92
C8 FMN JA . 15.65 42.16 21.24
C8M FMN JA . 15.26 42.27 19.79
C9 FMN JA . 16.69 41.30 21.57
C9A FMN JA . 16.91 40.85 22.88
N10 FMN JA . 17.97 39.98 23.18
C10 FMN JA . 18.13 39.56 24.50
C1' FMN JA . 19.03 39.63 22.15
C2' FMN JA . 18.72 38.39 21.30
O2' FMN JA . 18.38 37.28 22.13
C3' FMN JA . 19.88 38.03 20.35
O3' FMN JA . 20.02 39.06 19.40
C4' FMN JA . 19.72 36.69 19.60
O4' FMN JA . 20.91 36.44 18.85
C5' FMN JA . 18.53 36.61 18.65
O5' FMN JA . 18.47 35.35 18.00
P FMN JA . 17.80 35.12 16.53
O1P FMN JA . 18.81 35.40 15.46
O2P FMN JA . 17.35 33.69 16.38
O3P FMN JA . 16.63 36.04 16.33
#